data_6WA9
#
_entry.id   6WA9
#
_cell.length_a   156.410
_cell.length_b   206.610
_cell.length_c   280.590
_cell.angle_alpha   90.00
_cell.angle_beta   90.00
_cell.angle_gamma   90.00
#
_symmetry.space_group_name_H-M   'P 21 21 21'
#
loop_
_entity.id
_entity.type
_entity.pdbx_description
1 polymer 'Low calcium response locus protein D'
2 polymer CdsO
#
loop_
_entity_poly.entity_id
_entity_poly.type
_entity_poly.pdbx_seq_one_letter_code
_entity_poly.pdbx_strand_id
1 'polypeptide(L)'
;MGSSHHHHHHSSGLVPRGSHMASTTVGAAGDGAATVGDNPDDYSLTLPVILELGKDLSKLIQHKTKSGQSFVDDMIPKMR
QALYQDIGIRYPGIHVRTDSPSLEGYDYMILLNEVPYVRGKIPPHHVLTNEVEDNLSRYNLPFITYKNAAGLPSAWVSED
AKAILEKAAIKYWTPLEVIILHLSYFFHKSSQEFLGIQEVRSMIEFMERSFPDLVKEVTRLIPLQKLTEIFKRLVQEQIS
IKDLRTILESLSEWAQTEKDTVLLTEYVRSSLKLYISFKFSQGQSAISVYLLDPEIEEMIRGAIKQTSAGSYLALDPDSV
NLILKSMRNTITPTPAGGQPPVLLTAIDVRRYVRKLIETEFPDIAVISYQEILPEIRIQPLGRIQIF
;
A,B,C,D,E,F,G,H,I
2 'polypeptide(L)'
;MGSSHHHHHHSSGLVPRGSHMKEKRRLLEIEQEKLREKEAERDKVKNHYMQKIQQLRDLLDEGTTSDAVLQIKSYIKVVA
VQLSEEEEKVNKQKEVVLAASKELEKA
;
L,M,N,O,P,Q,R,S,T
#
# COMPACT_ATOMS: atom_id res chain seq x y z
N ASP A 41 40.41 -12.38 -30.16
CA ASP A 41 40.90 -11.10 -29.68
C ASP A 41 39.87 -10.42 -28.79
N ASP A 42 40.34 -9.92 -27.65
CA ASP A 42 39.49 -9.69 -26.50
C ASP A 42 40.04 -8.47 -25.77
N TYR A 43 39.71 -8.32 -24.49
CA TYR A 43 40.29 -7.27 -23.67
C TYR A 43 41.47 -7.78 -22.86
N SER A 44 42.30 -6.84 -22.42
CA SER A 44 43.53 -7.11 -21.70
C SER A 44 43.51 -6.34 -20.39
N LEU A 45 44.15 -6.91 -19.37
CA LEU A 45 44.26 -6.28 -18.07
C LEU A 45 45.53 -5.45 -17.98
N THR A 46 45.44 -4.30 -17.31
CA THR A 46 46.62 -3.49 -17.05
C THR A 46 47.54 -4.19 -16.06
N LEU A 47 48.81 -4.32 -16.42
CA LEU A 47 49.77 -5.08 -15.62
C LEU A 47 50.32 -4.21 -14.49
N PRO A 48 50.13 -4.61 -13.21
CA PRO A 48 50.41 -3.67 -12.10
C PRO A 48 51.88 -3.29 -12.01
N VAL A 49 52.75 -4.30 -11.90
CA VAL A 49 54.13 -4.10 -11.48
C VAL A 49 55.02 -4.88 -12.44
N ILE A 50 55.80 -4.16 -13.24
CA ILE A 50 56.68 -4.77 -14.25
C ILE A 50 58.11 -4.46 -13.86
N LEU A 51 58.97 -5.47 -13.93
CA LEU A 51 60.41 -5.30 -13.85
C LEU A 51 61.00 -5.66 -15.21
N GLU A 52 61.47 -4.65 -15.92
CA GLU A 52 62.25 -4.85 -17.13
C GLU A 52 63.72 -4.96 -16.77
N LEU A 53 64.40 -5.93 -17.38
CA LEU A 53 65.80 -6.19 -17.07
C LEU A 53 66.62 -6.18 -18.35
N GLY A 54 67.83 -5.63 -18.26
CA GLY A 54 68.84 -5.84 -19.29
C GLY A 54 69.48 -7.20 -19.21
N LYS A 55 70.35 -7.47 -20.19
CA LYS A 55 70.69 -8.85 -20.53
C LYS A 55 71.48 -9.53 -19.40
N ASP A 56 72.44 -8.81 -18.81
CA ASP A 56 73.27 -9.40 -17.75
C ASP A 56 72.46 -9.62 -16.48
N LEU A 57 71.66 -8.63 -16.09
CA LEU A 57 70.79 -8.80 -14.94
C LEU A 57 69.75 -9.90 -15.20
N SER A 58 69.29 -10.02 -16.44
CA SER A 58 68.38 -11.10 -16.81
C SER A 58 69.05 -12.47 -16.71
N LYS A 59 70.35 -12.54 -16.99
CA LYS A 59 71.07 -13.78 -16.78
C LYS A 59 71.32 -14.06 -15.30
N LEU A 60 71.39 -13.00 -14.49
CA LEU A 60 71.75 -13.19 -13.08
C LEU A 60 70.67 -13.96 -12.32
N ILE A 61 69.40 -13.75 -12.65
CA ILE A 61 68.31 -14.42 -11.95
C ILE A 61 68.16 -15.88 -12.36
N GLN A 62 68.94 -16.36 -13.31
CA GLN A 62 68.89 -17.78 -13.66
C GLN A 62 69.52 -18.63 -12.56
N HIS A 63 70.57 -18.14 -11.91
CA HIS A 63 71.38 -18.91 -10.98
C HIS A 63 70.99 -18.60 -9.54
N LYS A 64 71.34 -19.51 -8.66
CA LYS A 64 71.03 -19.35 -7.24
C LYS A 64 71.98 -18.34 -6.60
N THR A 65 71.57 -17.80 -5.46
CA THR A 65 72.38 -16.82 -4.76
C THR A 65 73.26 -17.52 -3.71
N LYS A 66 73.87 -16.71 -2.82
CA LYS A 66 74.74 -17.27 -1.80
C LYS A 66 73.98 -18.21 -0.87
N SER A 67 72.79 -17.82 -0.44
CA SER A 67 72.00 -18.60 0.51
C SER A 67 71.26 -19.77 -0.15
N GLY A 68 71.64 -20.12 -1.38
CA GLY A 68 71.08 -21.22 -2.13
C GLY A 68 69.71 -20.94 -2.74
N GLN A 69 69.26 -19.68 -2.71
CA GLN A 69 67.84 -19.37 -2.70
C GLN A 69 67.48 -18.58 -3.94
N SER A 70 66.23 -18.69 -4.35
CA SER A 70 65.90 -18.16 -5.67
C SER A 70 65.41 -16.72 -5.60
N PHE A 71 65.74 -15.95 -6.65
CA PHE A 71 65.25 -14.58 -6.75
C PHE A 71 63.73 -14.56 -6.89
N VAL A 72 63.18 -15.30 -7.85
CA VAL A 72 61.76 -15.16 -8.15
C VAL A 72 60.91 -16.01 -7.24
N ASP A 73 61.46 -17.12 -6.73
CA ASP A 73 60.69 -18.11 -6.00
C ASP A 73 60.83 -17.96 -4.49
N ASP A 74 61.90 -17.33 -4.02
CA ASP A 74 62.05 -17.00 -2.61
C ASP A 74 62.08 -15.50 -2.36
N MET A 75 62.95 -14.76 -3.05
CA MET A 75 63.24 -13.38 -2.62
C MET A 75 62.06 -12.46 -2.89
N ILE A 76 61.38 -12.62 -4.02
CA ILE A 76 60.17 -11.83 -4.27
C ILE A 76 59.05 -12.24 -3.32
N PRO A 77 58.75 -13.54 -3.14
CA PRO A 77 57.75 -13.89 -2.11
C PRO A 77 58.11 -13.45 -0.70
N LYS A 78 59.38 -13.54 -0.31
CA LYS A 78 59.76 -13.08 1.02
C LYS A 78 59.67 -11.57 1.14
N MET A 79 60.02 -10.84 0.08
CA MET A 79 59.77 -9.41 0.04
C MET A 79 58.29 -9.10 0.24
N ARG A 80 57.42 -9.82 -0.47
CA ARG A 80 55.98 -9.57 -0.34
C ARG A 80 55.50 -9.87 1.08
N GLN A 81 55.96 -10.98 1.66
CA GLN A 81 55.53 -11.33 3.01
C GLN A 81 56.02 -10.31 4.04
N ALA A 82 57.26 -9.85 3.90
CA ALA A 82 57.78 -8.85 4.82
C ALA A 82 57.04 -7.53 4.68
N LEU A 83 56.75 -7.12 3.44
CA LEU A 83 55.97 -5.90 3.23
C LEU A 83 54.58 -6.01 3.85
N TYR A 84 53.94 -7.18 3.69
CA TYR A 84 52.63 -7.38 4.31
C TYR A 84 52.71 -7.35 5.83
N GLN A 85 53.78 -7.91 6.40
CA GLN A 85 53.96 -7.84 7.84
C GLN A 85 54.21 -6.41 8.32
N ASP A 86 54.86 -5.59 7.49
CA ASP A 86 55.22 -4.24 7.92
C ASP A 86 54.07 -3.27 7.80
N ILE A 87 53.38 -3.28 6.65
CA ILE A 87 52.14 -2.54 6.47
C ILE A 87 51.10 -3.51 5.89
N GLY A 88 49.83 -3.27 6.23
CA GLY A 88 48.84 -4.33 6.19
C GLY A 88 48.31 -4.57 4.79
N ILE A 89 49.19 -4.44 3.80
CA ILE A 89 48.83 -4.37 2.39
C ILE A 89 49.48 -5.53 1.68
N ARG A 90 48.70 -6.30 0.93
CA ARG A 90 49.22 -7.40 0.12
C ARG A 90 49.53 -6.86 -1.28
N TYR A 91 50.82 -6.64 -1.56
CA TYR A 91 51.22 -6.07 -2.84
C TYR A 91 51.31 -7.16 -3.90
N PRO A 92 50.93 -6.95 -5.20
CA PRO A 92 50.91 -8.07 -6.18
C PRO A 92 52.27 -8.59 -6.68
N GLY A 93 52.24 -9.57 -7.58
CA GLY A 93 53.49 -10.16 -8.12
C GLY A 93 54.14 -9.27 -9.16
N ILE A 94 55.38 -9.60 -9.54
CA ILE A 94 56.13 -8.73 -10.50
C ILE A 94 56.16 -9.40 -11.88
N HIS A 95 55.62 -8.72 -12.91
CA HIS A 95 55.70 -9.24 -14.29
C HIS A 95 57.13 -9.03 -14.77
N VAL A 96 57.98 -10.06 -14.66
CA VAL A 96 59.39 -9.87 -14.97
C VAL A 96 59.59 -10.12 -16.46
N ARG A 97 60.07 -9.12 -17.18
CA ARG A 97 60.49 -9.29 -18.56
C ARG A 97 62.00 -9.13 -18.66
N THR A 98 62.65 -10.15 -19.19
CA THR A 98 64.08 -10.18 -19.44
C THR A 98 64.41 -9.56 -20.80
N ASP A 99 65.67 -9.18 -20.95
CA ASP A 99 66.25 -8.83 -22.25
C ASP A 99 65.52 -7.64 -22.88
N SER A 100 65.51 -6.54 -22.15
CA SER A 100 64.85 -5.34 -22.63
C SER A 100 65.60 -4.80 -23.84
N PRO A 101 64.90 -4.44 -24.92
CA PRO A 101 65.53 -3.56 -25.92
C PRO A 101 66.01 -2.23 -25.36
N SER A 102 65.36 -1.73 -24.32
CA SER A 102 65.53 -0.36 -23.87
C SER A 102 66.52 -0.23 -22.70
N LEU A 103 67.20 -1.30 -22.34
CA LEU A 103 68.17 -1.27 -21.24
C LEU A 103 69.50 -1.85 -21.69
N GLU A 104 70.58 -1.27 -21.19
CA GLU A 104 71.86 -1.96 -21.10
C GLU A 104 71.82 -3.03 -20.01
N GLY A 105 72.85 -3.88 -20.01
CA GLY A 105 72.74 -5.18 -19.36
C GLY A 105 72.71 -5.10 -17.85
N TYR A 106 73.33 -4.07 -17.26
CA TYR A 106 73.28 -3.84 -15.82
C TYR A 106 72.32 -2.74 -15.44
N ASP A 107 71.36 -2.41 -16.30
CA ASP A 107 70.32 -1.45 -16.00
C ASP A 107 68.99 -2.16 -15.82
N TYR A 108 68.09 -1.54 -15.04
CA TYR A 108 66.80 -2.14 -14.74
C TYR A 108 65.75 -1.05 -14.67
N MET A 109 64.50 -1.44 -14.86
CA MET A 109 63.44 -0.46 -14.99
C MET A 109 62.16 -1.00 -14.33
N ILE A 110 61.44 -0.12 -13.65
CA ILE A 110 60.25 -0.48 -12.90
C ILE A 110 59.04 0.22 -13.52
N LEU A 111 57.97 -0.53 -13.73
CA LEU A 111 56.75 -0.03 -14.36
C LEU A 111 55.59 -0.18 -13.40
N LEU A 112 54.89 0.93 -13.16
CA LEU A 112 53.62 0.94 -12.45
C LEU A 112 52.48 1.04 -13.46
N ASN A 113 51.67 -0.01 -13.56
CA ASN A 113 50.51 -0.04 -14.44
C ASN A 113 50.90 0.24 -15.89
N GLU A 114 51.93 -0.47 -16.36
CA GLU A 114 52.47 -0.36 -17.72
C GLU A 114 53.00 1.04 -18.05
N VAL A 115 53.31 1.84 -17.03
CA VAL A 115 54.06 3.08 -17.19
C VAL A 115 55.35 2.96 -16.37
N PRO A 116 56.52 3.09 -17.00
CA PRO A 116 57.76 3.14 -16.23
C PRO A 116 57.79 4.31 -15.27
N TYR A 117 58.31 4.06 -14.07
CA TYR A 117 58.33 5.03 -12.99
C TYR A 117 59.72 5.61 -12.73
N VAL A 118 60.72 4.75 -12.57
CA VAL A 118 62.09 5.19 -12.37
C VAL A 118 63.02 4.11 -12.91
N ARG A 119 64.11 4.53 -13.54
CA ARG A 119 65.18 3.63 -13.94
C ARG A 119 66.20 3.50 -12.82
N GLY A 120 66.91 2.38 -12.81
CA GLY A 120 68.12 2.26 -12.03
C GLY A 120 69.24 1.64 -12.82
N LYS A 121 70.46 1.87 -12.34
CA LYS A 121 71.68 1.38 -12.94
C LYS A 121 72.54 0.72 -11.86
N ILE A 122 73.31 -0.27 -12.25
CA ILE A 122 74.20 -0.99 -11.36
C ILE A 122 75.61 -0.92 -11.93
N PRO A 123 76.59 -0.41 -11.18
CA PRO A 123 77.99 -0.62 -11.56
C PRO A 123 78.34 -2.09 -11.63
N PRO A 124 79.03 -2.53 -12.69
CA PRO A 124 79.34 -3.95 -12.83
C PRO A 124 80.24 -4.44 -11.71
N HIS A 125 79.91 -5.62 -11.18
CA HIS A 125 80.77 -6.33 -10.22
C HIS A 125 81.00 -5.50 -8.96
N HIS A 126 79.93 -4.81 -8.54
CA HIS A 126 79.99 -3.96 -7.33
C HIS A 126 78.77 -4.25 -6.44
N VAL A 127 78.94 -4.27 -5.12
CA VAL A 127 77.87 -4.50 -4.16
C VAL A 127 77.69 -3.25 -3.32
N LEU A 128 76.45 -3.04 -2.87
CA LEU A 128 76.00 -1.77 -2.32
C LEU A 128 76.02 -1.85 -0.80
N THR A 129 76.81 -0.98 -0.18
CA THR A 129 76.99 -0.98 1.27
C THR A 129 76.73 0.41 1.81
N ASN A 130 76.58 0.49 3.12
CA ASN A 130 76.28 1.76 3.77
C ASN A 130 77.51 2.66 3.75
N GLU A 131 77.27 3.96 3.95
CA GLU A 131 78.29 4.97 3.70
C GLU A 131 78.35 5.91 4.90
N VAL A 132 79.53 5.96 5.54
CA VAL A 132 79.93 7.15 6.30
C VAL A 132 80.41 8.28 5.42
N GLU A 133 80.48 8.03 4.09
CA GLU A 133 80.95 9.04 3.11
C GLU A 133 82.39 9.44 3.45
N ASP A 134 83.14 8.52 4.06
CA ASP A 134 84.55 8.78 4.44
C ASP A 134 85.28 7.44 4.52
N ASN A 135 86.58 7.42 4.84
CA ASN A 135 87.36 6.17 5.01
C ASN A 135 87.03 5.14 3.92
N LEU A 136 86.55 3.95 4.32
CA LEU A 136 86.18 2.87 3.37
C LEU A 136 87.33 2.63 2.38
N SER A 137 88.58 2.78 2.83
CA SER A 137 89.76 2.58 1.94
C SER A 137 90.95 2.16 2.80
N ARG A 138 90.71 1.88 4.08
CA ARG A 138 91.79 1.38 4.97
C ARG A 138 92.07 -0.06 4.56
N TYR A 139 91.02 -0.81 4.25
CA TYR A 139 91.17 -2.20 3.77
C TYR A 139 91.49 -2.15 2.27
N ASN A 140 91.89 -0.97 1.77
CA ASN A 140 92.23 -0.80 0.33
C ASN A 140 91.06 -1.31 -0.53
N LEU A 141 89.85 -0.81 -0.27
CA LEU A 141 88.66 -1.32 -1.00
C LEU A 141 88.20 -0.25 -2.01
N PRO A 142 87.95 -0.61 -3.28
CA PRO A 142 87.47 0.34 -4.29
C PRO A 142 86.05 0.82 -3.98
N PHE A 143 85.93 1.85 -3.14
CA PHE A 143 84.59 2.39 -2.75
C PHE A 143 84.23 3.53 -3.71
N ILE A 144 83.08 3.40 -4.38
CA ILE A 144 82.61 4.46 -5.32
C ILE A 144 81.37 5.11 -4.73
N THR A 145 80.71 6.00 -5.48
CA THR A 145 79.55 6.74 -4.98
C THR A 145 78.48 6.79 -6.07
N TYR A 146 77.33 6.17 -5.78
CA TYR A 146 76.17 6.25 -6.70
C TYR A 146 74.91 5.95 -5.89
N LYS A 147 73.99 6.92 -5.80
CA LYS A 147 72.72 6.70 -5.06
C LYS A 147 71.68 6.10 -6.00
N ASN A 148 71.50 4.77 -5.95
CA ASN A 148 70.47 4.10 -6.79
C ASN A 148 69.09 4.64 -6.38
N ALA A 149 68.78 4.75 -5.09
CA ALA A 149 67.49 5.42 -4.74
C ALA A 149 67.78 6.64 -3.86
N ALA A 150 66.82 7.56 -3.78
CA ALA A 150 66.98 8.79 -2.96
C ALA A 150 67.31 8.40 -1.52
N GLY A 151 66.53 7.47 -0.94
CA GLY A 151 66.80 7.01 0.43
C GLY A 151 67.53 5.67 0.43
N LEU A 152 68.31 5.39 -0.62
CA LEU A 152 69.11 4.12 -0.64
C LEU A 152 70.61 4.42 -0.46
N PRO A 153 71.51 3.48 -0.04
CA PRO A 153 72.92 3.80 0.18
C PRO A 153 73.62 4.17 -1.12
N SER A 154 74.84 4.71 -0.96
CA SER A 154 75.53 5.42 -2.02
C SER A 154 76.98 4.98 -2.13
N ALA A 155 77.26 3.72 -1.78
CA ALA A 155 78.64 3.25 -1.62
C ALA A 155 78.74 1.88 -2.28
N TRP A 156 79.34 1.84 -3.47
CA TRP A 156 79.52 0.61 -4.24
C TRP A 156 80.96 0.15 -4.10
N VAL A 157 81.14 -1.12 -3.74
CA VAL A 157 82.47 -1.68 -3.48
C VAL A 157 82.60 -2.98 -4.27
N SER A 158 83.78 -3.20 -4.85
CA SER A 158 83.94 -4.26 -5.86
C SER A 158 83.69 -5.62 -5.24
N GLU A 159 82.92 -6.45 -5.94
CA GLU A 159 82.38 -7.68 -5.36
C GLU A 159 83.45 -8.74 -5.13
N ASP A 160 84.68 -8.51 -5.59
CA ASP A 160 85.79 -9.40 -5.29
C ASP A 160 86.19 -9.34 -3.82
N ALA A 161 85.68 -8.37 -3.06
CA ALA A 161 86.15 -8.09 -1.71
C ALA A 161 85.38 -8.83 -0.63
N LYS A 162 84.79 -9.99 -0.96
CA LYS A 162 83.72 -10.55 -0.14
C LYS A 162 84.25 -11.00 1.22
N ALA A 163 85.39 -11.70 1.23
CA ALA A 163 85.93 -12.19 2.51
C ALA A 163 86.35 -11.04 3.41
N ILE A 164 86.85 -9.95 2.83
CA ILE A 164 87.19 -8.76 3.62
C ILE A 164 85.97 -8.25 4.36
N LEU A 165 84.85 -8.11 3.64
CA LEU A 165 83.63 -7.58 4.26
C LEU A 165 83.02 -8.57 5.24
N GLU A 166 83.17 -9.88 4.99
CA GLU A 166 82.69 -10.87 5.94
C GLU A 166 83.50 -10.83 7.24
N LYS A 167 84.82 -10.65 7.14
CA LYS A 167 85.63 -10.54 8.34
C LYS A 167 85.38 -9.23 9.09
N ALA A 168 85.17 -8.14 8.35
CA ALA A 168 85.11 -6.81 8.94
C ALA A 168 83.70 -6.44 9.42
N ALA A 169 82.74 -7.35 9.31
CA ALA A 169 81.41 -7.18 9.88
C ALA A 169 80.71 -5.95 9.35
N ILE A 170 80.95 -5.61 8.08
CA ILE A 170 80.30 -4.48 7.41
C ILE A 170 79.30 -5.05 6.41
N LYS A 171 78.03 -4.73 6.60
CA LYS A 171 76.96 -5.45 5.93
C LYS A 171 76.89 -5.05 4.46
N TYR A 172 76.77 -6.03 3.59
CA TYR A 172 76.66 -5.81 2.15
C TYR A 172 75.39 -6.46 1.63
N TRP A 173 74.94 -5.98 0.46
CA TRP A 173 73.81 -6.56 -0.24
C TRP A 173 74.25 -7.01 -1.63
N THR A 174 73.88 -8.25 -1.98
CA THR A 174 73.85 -8.72 -3.36
C THR A 174 73.11 -7.72 -4.23
N PRO A 175 73.50 -7.53 -5.49
CA PRO A 175 72.70 -6.65 -6.37
C PRO A 175 71.26 -7.11 -6.55
N LEU A 176 71.00 -8.41 -6.45
CA LEU A 176 69.62 -8.88 -6.38
C LEU A 176 68.93 -8.37 -5.11
N GLU A 177 69.63 -8.42 -3.98
CA GLU A 177 69.10 -7.83 -2.76
C GLU A 177 68.97 -6.31 -2.88
N VAL A 178 69.82 -5.68 -3.69
CA VAL A 178 69.68 -4.24 -3.96
C VAL A 178 68.39 -3.97 -4.74
N ILE A 179 68.10 -4.80 -5.73
CA ILE A 179 66.81 -4.71 -6.43
C ILE A 179 65.66 -4.88 -5.44
N ILE A 180 65.79 -5.85 -4.53
CA ILE A 180 64.75 -6.06 -3.51
C ILE A 180 64.56 -4.80 -2.67
N LEU A 181 65.67 -4.20 -2.23
CA LEU A 181 65.60 -3.00 -1.39
C LEU A 181 64.96 -1.84 -2.15
N HIS A 182 65.31 -1.67 -3.42
CA HIS A 182 64.77 -0.55 -4.17
C HIS A 182 63.29 -0.74 -4.47
N LEU A 183 62.87 -1.99 -4.74
CA LEU A 183 61.44 -2.28 -4.82
C LEU A 183 60.74 -1.97 -3.51
N SER A 184 61.35 -2.33 -2.38
CA SER A 184 60.73 -2.04 -1.09
C SER A 184 60.57 -0.53 -0.89
N TYR A 185 61.60 0.24 -1.25
CA TYR A 185 61.51 1.70 -1.13
C TYR A 185 60.41 2.25 -2.03
N PHE A 186 60.30 1.73 -3.26
CA PHE A 186 59.17 2.10 -4.12
C PHE A 186 57.84 1.85 -3.42
N PHE A 187 57.64 0.64 -2.91
CA PHE A 187 56.31 0.26 -2.44
C PHE A 187 55.95 0.95 -1.14
N HIS A 188 56.94 1.30 -0.31
CA HIS A 188 56.69 2.28 0.75
C HIS A 188 56.29 3.63 0.18
N LYS A 189 57.08 4.16 -0.76
CA LYS A 189 56.83 5.51 -1.24
C LYS A 189 55.69 5.58 -2.25
N SER A 190 55.22 4.45 -2.74
CA SER A 190 54.04 4.38 -3.59
C SER A 190 52.96 3.51 -2.96
N SER A 191 52.72 3.70 -1.66
CA SER A 191 51.65 2.98 -0.98
C SER A 191 50.30 3.25 -1.63
N GLN A 192 50.05 4.50 -2.04
CA GLN A 192 48.70 4.94 -2.34
C GLN A 192 48.10 4.16 -3.51
N GLU A 193 48.92 3.75 -4.46
CA GLU A 193 48.43 3.22 -5.72
C GLU A 193 47.99 1.76 -5.64
N PHE A 194 48.20 1.10 -4.50
CA PHE A 194 47.84 -0.29 -4.35
C PHE A 194 46.70 -0.52 -3.36
N LEU A 195 46.25 0.51 -2.65
CA LEU A 195 45.19 0.37 -1.66
C LEU A 195 43.89 0.88 -2.28
N GLY A 196 43.27 0.02 -3.08
CA GLY A 196 42.00 0.32 -3.71
C GLY A 196 40.86 -0.53 -3.20
N ILE A 197 39.70 -0.32 -3.81
CA ILE A 197 38.46 -0.66 -3.15
C ILE A 197 38.23 -2.16 -3.14
N GLN A 198 38.66 -2.87 -4.19
CA GLN A 198 38.40 -4.31 -4.25
C GLN A 198 39.31 -5.08 -3.30
N GLU A 199 40.54 -4.63 -3.10
CA GLU A 199 41.39 -5.22 -2.06
C GLU A 199 40.84 -4.93 -0.68
N VAL A 200 40.25 -3.74 -0.48
CA VAL A 200 39.52 -3.46 0.75
C VAL A 200 38.40 -4.47 0.93
N ARG A 201 37.65 -4.75 -0.13
CA ARG A 201 36.59 -5.75 -0.06
C ARG A 201 37.12 -7.12 0.33
N SER A 202 38.23 -7.53 -0.29
CA SER A 202 38.79 -8.85 0.00
C SER A 202 39.25 -8.96 1.45
N MET A 203 39.93 -7.94 1.95
CA MET A 203 40.39 -8.00 3.35
C MET A 203 39.22 -7.88 4.32
N ILE A 204 38.19 -7.11 3.95
CA ILE A 204 37.00 -7.04 4.79
C ILE A 204 36.33 -8.41 4.88
N GLU A 205 36.28 -9.16 3.78
CA GLU A 205 35.64 -10.47 3.88
C GLU A 205 36.53 -11.51 4.56
N PHE A 206 37.85 -11.35 4.45
CA PHE A 206 38.73 -12.18 5.27
C PHE A 206 38.51 -11.93 6.75
N MET A 207 38.29 -10.67 7.13
CA MET A 207 37.86 -10.39 8.49
C MET A 207 36.48 -10.97 8.77
N GLU A 208 35.57 -10.90 7.79
CA GLU A 208 34.22 -11.43 7.98
C GLU A 208 34.24 -12.91 8.32
N ARG A 209 35.27 -13.62 7.87
CA ARG A 209 35.41 -15.03 8.25
C ARG A 209 35.49 -15.20 9.77
N SER A 210 35.97 -14.19 10.49
CA SER A 210 36.20 -14.31 11.93
C SER A 210 35.32 -13.39 12.76
N PHE A 211 35.08 -12.16 12.29
CA PHE A 211 34.46 -11.09 13.05
C PHE A 211 33.24 -10.53 12.32
N PRO A 212 32.29 -11.40 11.95
CA PRO A 212 31.30 -10.96 10.93
C PRO A 212 30.37 -9.90 11.46
N ASP A 213 29.98 -10.00 12.74
CA ASP A 213 29.06 -9.03 13.30
C ASP A 213 29.75 -7.69 13.54
N LEU A 214 31.03 -7.70 13.90
CA LEU A 214 31.83 -6.48 13.88
C LEU A 214 31.83 -5.84 12.50
N VAL A 215 32.07 -6.65 11.46
CA VAL A 215 32.13 -6.10 10.12
C VAL A 215 30.78 -5.49 9.75
N LYS A 216 29.70 -6.20 10.07
CA LYS A 216 28.38 -5.72 9.71
C LYS A 216 28.03 -4.44 10.45
N GLU A 217 28.42 -4.35 11.74
CA GLU A 217 28.22 -3.12 12.50
C GLU A 217 28.99 -1.97 11.88
N VAL A 218 30.24 -2.20 11.48
CA VAL A 218 31.03 -1.14 10.86
C VAL A 218 30.38 -0.70 9.55
N THR A 219 29.95 -1.64 8.72
CA THR A 219 29.46 -1.33 7.39
C THR A 219 28.02 -0.82 7.37
N ARG A 220 27.27 -0.98 8.46
CA ARG A 220 26.01 -0.27 8.59
C ARG A 220 26.24 1.23 8.74
N LEU A 221 27.32 1.61 9.42
CA LEU A 221 27.61 3.01 9.69
C LEU A 221 28.36 3.67 8.55
N ILE A 222 29.18 2.92 7.82
CA ILE A 222 30.23 3.48 6.99
C ILE A 222 30.12 2.85 5.60
N PRO A 223 29.93 3.64 4.54
CA PRO A 223 30.03 3.09 3.19
C PRO A 223 31.47 2.71 2.84
N LEU A 224 31.58 1.78 1.88
CA LEU A 224 32.87 1.17 1.60
C LEU A 224 33.86 2.17 1.02
N GLN A 225 33.37 3.09 0.19
CA GLN A 225 34.26 4.07 -0.43
C GLN A 225 34.88 4.98 0.63
N LYS A 226 34.10 5.42 1.60
CA LYS A 226 34.65 6.25 2.65
C LYS A 226 35.61 5.45 3.53
N LEU A 227 35.36 4.15 3.72
CA LEU A 227 36.32 3.30 4.43
C LEU A 227 37.66 3.22 3.69
N THR A 228 37.60 3.07 2.37
CA THR A 228 38.83 3.06 1.58
C THR A 228 39.55 4.41 1.67
N GLU A 229 38.79 5.50 1.67
CA GLU A 229 39.41 6.83 1.81
C GLU A 229 40.07 6.99 3.19
N ILE A 230 39.43 6.47 4.24
CA ILE A 230 40.04 6.47 5.57
C ILE A 230 41.33 5.67 5.56
N PHE A 231 41.32 4.49 4.93
CA PHE A 231 42.53 3.68 4.86
C PHE A 231 43.66 4.41 4.12
N LYS A 232 43.33 5.07 3.00
CA LYS A 232 44.34 5.80 2.25
C LYS A 232 44.91 6.96 3.06
N ARG A 233 44.06 7.72 3.74
CA ARG A 233 44.56 8.82 4.56
C ARG A 233 45.30 8.33 5.80
N LEU A 234 45.05 7.11 6.26
CA LEU A 234 45.96 6.49 7.23
C LEU A 234 47.31 6.19 6.61
N VAL A 235 47.33 5.44 5.50
CA VAL A 235 48.58 4.92 4.96
C VAL A 235 49.39 5.97 4.22
N GLN A 236 48.87 7.19 4.10
CA GLN A 236 49.71 8.32 3.69
C GLN A 236 50.89 8.51 4.63
N GLU A 237 50.66 8.43 5.94
CA GLU A 237 51.70 8.64 6.95
C GLU A 237 52.36 7.34 7.39
N GLN A 238 52.38 6.33 6.53
CA GLN A 238 53.12 5.08 6.75
C GLN A 238 52.63 4.33 7.98
N ILE A 239 51.38 4.56 8.38
CA ILE A 239 50.79 3.86 9.52
C ILE A 239 50.31 2.49 9.06
N SER A 240 50.84 1.43 9.66
CA SER A 240 50.47 0.09 9.27
C SER A 240 49.00 -0.17 9.57
N ILE A 241 48.37 -0.97 8.70
CA ILE A 241 46.98 -1.36 8.89
C ILE A 241 46.89 -2.88 8.95
N LYS A 242 47.93 -3.52 9.47
CA LYS A 242 47.82 -4.93 9.81
C LYS A 242 46.81 -5.15 10.92
N ASP A 243 46.81 -4.27 11.93
CA ASP A 243 46.06 -4.51 13.17
C ASP A 243 44.61 -4.08 12.97
N LEU A 244 43.88 -4.90 12.21
CA LEU A 244 42.52 -4.54 11.82
C LEU A 244 41.58 -4.54 13.00
N ARG A 245 41.83 -5.37 14.01
CA ARG A 245 40.85 -5.54 15.09
C ARG A 245 40.65 -4.25 15.86
N THR A 246 41.75 -3.62 16.28
CA THR A 246 41.65 -2.37 17.03
C THR A 246 41.08 -1.26 16.17
N ILE A 247 41.48 -1.20 14.90
CA ILE A 247 40.97 -0.17 14.00
C ILE A 247 39.46 -0.28 13.84
N LEU A 248 38.96 -1.50 13.65
CA LEU A 248 37.53 -1.71 13.47
C LEU A 248 36.77 -1.46 14.76
N GLU A 249 37.35 -1.84 15.91
CA GLU A 249 36.72 -1.51 17.18
C GLU A 249 36.61 0.00 17.37
N SER A 250 37.67 0.74 17.03
CA SER A 250 37.63 2.19 17.15
C SER A 250 36.59 2.79 16.21
N LEU A 251 36.51 2.27 14.98
CA LEU A 251 35.47 2.73 14.06
C LEU A 251 34.08 2.47 14.63
N SER A 252 33.83 1.26 15.13
CA SER A 252 32.50 0.91 15.59
C SER A 252 32.11 1.66 16.85
N GLU A 253 33.09 2.12 17.64
CA GLU A 253 32.80 3.13 18.66
C GLU A 253 32.45 4.47 18.02
N TRP A 254 33.36 5.02 17.20
CA TRP A 254 33.30 6.44 16.90
C TRP A 254 32.26 6.78 15.84
N ALA A 255 31.88 5.82 15.00
CA ALA A 255 31.07 6.13 13.83
C ALA A 255 29.57 6.18 14.13
N GLN A 256 29.16 5.94 15.38
CA GLN A 256 27.78 6.26 15.77
C GLN A 256 27.43 7.71 15.48
N THR A 257 28.38 8.63 15.69
CA THR A 257 28.08 10.05 15.77
C THR A 257 28.63 10.86 14.61
N GLU A 258 29.84 10.55 14.13
CA GLU A 258 30.59 11.42 13.24
C GLU A 258 30.78 10.73 11.90
N LYS A 259 30.51 11.45 10.81
CA LYS A 259 30.58 10.88 9.48
C LYS A 259 31.69 11.47 8.63
N ASP A 260 32.36 12.53 9.09
CA ASP A 260 33.49 13.08 8.34
C ASP A 260 34.63 12.08 8.31
N THR A 261 35.21 11.88 7.12
CA THR A 261 36.24 10.86 6.96
C THR A 261 37.51 11.20 7.74
N VAL A 262 37.89 12.49 7.76
CA VAL A 262 39.21 12.87 8.25
C VAL A 262 39.25 12.86 9.77
N LEU A 263 38.17 13.32 10.41
CA LEU A 263 38.09 13.24 11.87
C LEU A 263 38.05 11.79 12.35
N LEU A 264 37.39 10.91 11.60
CA LEU A 264 37.43 9.48 11.91
C LEU A 264 38.84 8.92 11.75
N THR A 265 39.57 9.37 10.73
CA THR A 265 40.98 8.99 10.61
C THR A 265 41.78 9.44 11.83
N GLU A 266 41.55 10.67 12.28
CA GLU A 266 42.24 11.17 13.47
C GLU A 266 41.91 10.34 14.71
N TYR A 267 40.65 9.95 14.88
CA TYR A 267 40.27 9.15 16.05
C TYR A 267 40.85 7.74 15.98
N VAL A 268 40.93 7.15 14.79
CA VAL A 268 41.61 5.86 14.66
C VAL A 268 43.09 5.98 15.01
N ARG A 269 43.73 7.06 14.55
CA ARG A 269 45.12 7.30 14.91
C ARG A 269 45.29 7.42 16.42
N SER A 270 44.40 8.18 17.07
CA SER A 270 44.47 8.36 18.52
C SER A 270 44.06 7.11 19.29
N SER A 271 43.41 6.14 18.63
CA SER A 271 43.19 4.83 19.23
C SER A 271 44.31 3.84 18.94
N LEU A 272 45.20 4.14 18.00
CA LEU A 272 46.42 3.37 17.80
C LEU A 272 47.65 3.99 18.47
N LYS A 273 47.44 4.62 19.63
CA LYS A 273 48.53 5.08 20.49
C LYS A 273 49.67 4.07 20.61
N LEU A 274 49.32 2.82 20.93
CA LEU A 274 50.32 1.82 21.29
C LEU A 274 51.24 1.51 20.11
N TYR A 275 50.64 1.25 18.94
CA TYR A 275 51.45 0.97 17.76
C TYR A 275 52.29 2.19 17.35
N ILE A 276 51.71 3.39 17.42
CA ILE A 276 52.49 4.57 17.04
C ILE A 276 53.69 4.74 17.96
N SER A 277 53.47 4.57 19.27
CA SER A 277 54.56 4.73 20.22
C SER A 277 55.65 3.69 20.00
N PHE A 278 55.27 2.42 19.80
CA PHE A 278 56.29 1.40 19.57
C PHE A 278 57.03 1.63 18.26
N LYS A 279 56.33 2.09 17.22
CA LYS A 279 57.00 2.37 15.96
C LYS A 279 58.03 3.48 16.12
N PHE A 280 57.68 4.54 16.85
CA PHE A 280 58.44 5.78 16.74
C PHE A 280 59.43 5.99 17.88
N SER A 281 59.21 5.41 19.05
CA SER A 281 60.25 5.39 20.08
C SER A 281 61.11 4.14 20.04
N GLN A 282 60.82 3.20 19.14
CA GLN A 282 61.64 2.01 18.87
C GLN A 282 61.97 1.24 20.16
N GLY A 283 60.99 1.20 21.07
CA GLY A 283 61.08 0.37 22.25
C GLY A 283 61.69 1.02 23.47
N GLN A 284 61.87 2.34 23.46
CA GLN A 284 62.58 3.04 24.52
C GLN A 284 61.61 3.65 25.51
N SER A 285 62.16 4.09 26.65
CA SER A 285 61.37 4.79 27.66
C SER A 285 60.84 6.13 27.16
N ALA A 286 61.45 6.71 26.14
CA ALA A 286 61.44 8.16 25.97
C ALA A 286 61.44 8.49 24.49
N ILE A 287 60.99 9.70 24.17
CA ILE A 287 61.07 10.22 22.82
C ILE A 287 61.85 11.53 22.77
N LEU A 291 59.19 19.07 19.28
CA LEU A 291 58.23 20.10 19.69
C LEU A 291 58.11 21.18 18.61
N LEU A 292 56.97 21.87 18.61
CA LEU A 292 56.82 23.10 17.85
C LEU A 292 57.39 24.28 18.64
N ASP A 293 57.16 25.49 18.14
CA ASP A 293 57.11 26.73 18.91
C ASP A 293 55.66 27.16 19.14
N PRO A 294 55.34 27.69 20.32
CA PRO A 294 53.94 28.06 20.60
C PRO A 294 53.38 29.10 19.64
N GLU A 295 54.22 29.96 19.07
CA GLU A 295 53.76 30.84 17.99
C GLU A 295 53.34 30.03 16.77
N ILE A 296 54.07 28.96 16.45
CA ILE A 296 53.72 28.12 15.31
C ILE A 296 52.35 27.49 15.52
N GLU A 297 52.08 27.00 16.74
CA GLU A 297 50.73 26.51 17.04
C GLU A 297 49.69 27.62 16.96
N GLU A 298 49.99 28.79 17.52
CA GLU A 298 49.11 29.94 17.40
C GLU A 298 49.42 30.77 16.16
N MET A 299 49.66 30.13 15.02
CA MET A 299 50.00 30.82 13.78
C MET A 299 48.88 30.78 12.74
N ILE A 300 47.83 29.98 12.95
CA ILE A 300 46.79 29.77 11.95
C ILE A 300 45.42 30.00 12.58
N ARG A 301 45.41 30.15 13.91
CA ARG A 301 44.23 29.79 14.71
C ARG A 301 43.01 30.63 14.36
N GLY A 302 43.19 31.76 13.68
CA GLY A 302 42.16 32.77 13.57
C GLY A 302 40.93 32.33 12.81
N SER A 311 40.95 24.34 5.82
CA SER A 311 39.88 25.28 6.09
C SER A 311 40.34 26.71 5.82
N TYR A 312 41.66 26.90 5.70
CA TYR A 312 42.25 28.24 5.40
C TYR A 312 41.76 29.30 6.39
N LEU A 313 41.99 29.07 7.69
CA LEU A 313 41.61 30.09 8.71
C LEU A 313 42.57 31.27 8.58
N ALA A 314 43.87 31.04 8.76
CA ALA A 314 44.89 32.11 8.58
C ALA A 314 46.14 31.51 7.96
N LEU A 315 46.07 31.09 6.69
CA LEU A 315 47.23 30.43 6.02
C LEU A 315 48.04 31.46 5.22
N ASP A 316 48.95 32.17 5.88
CA ASP A 316 49.82 33.17 5.19
C ASP A 316 50.65 32.45 4.13
N PRO A 317 50.62 32.90 2.85
CA PRO A 317 51.42 32.28 1.81
C PRO A 317 52.92 32.23 2.11
N ASP A 318 53.52 33.38 2.47
CA ASP A 318 54.96 33.43 2.68
C ASP A 318 55.43 32.51 3.79
N SER A 319 54.53 32.12 4.70
CA SER A 319 54.91 31.20 5.77
C SER A 319 55.32 29.83 5.24
N VAL A 320 54.94 29.48 4.01
CA VAL A 320 55.42 28.23 3.44
C VAL A 320 56.93 28.24 3.27
N ASN A 321 57.54 29.43 3.26
CA ASN A 321 58.98 29.56 3.35
C ASN A 321 59.46 29.67 4.80
N LEU A 322 58.67 30.27 5.67
CA LEU A 322 59.23 30.87 6.89
C LEU A 322 59.63 29.79 7.90
N ILE A 323 58.86 28.71 7.95
CA ILE A 323 59.21 27.57 8.84
C ILE A 323 59.83 26.44 8.01
N LEU A 324 59.95 26.63 6.68
CA LEU A 324 60.63 25.62 5.83
C LEU A 324 62.12 25.92 5.80
N LYS A 325 62.49 27.19 5.71
CA LYS A 325 63.93 27.55 5.81
C LYS A 325 64.36 27.14 7.22
N SER A 326 63.53 27.44 8.22
CA SER A 326 63.83 27.02 9.61
C SER A 326 63.89 25.49 9.68
N MET A 327 62.97 24.79 9.02
CA MET A 327 62.95 23.30 9.01
C MET A 327 64.34 22.81 8.57
N ARG A 328 64.88 23.34 7.47
CA ARG A 328 66.15 22.84 6.99
C ARG A 328 67.28 23.11 7.98
N ASN A 329 67.21 24.22 8.72
CA ASN A 329 68.22 24.54 9.73
C ASN A 329 67.95 23.89 11.08
N THR A 330 66.83 23.18 11.24
CA THR A 330 66.51 22.48 12.49
C THR A 330 66.71 20.98 12.40
N ILE A 331 66.50 20.38 11.22
CA ILE A 331 66.64 18.94 11.09
C ILE A 331 68.08 18.53 11.34
N THR A 332 68.26 17.49 12.12
CA THR A 332 69.54 16.78 12.17
C THR A 332 69.64 15.82 10.98
N PRO A 333 70.71 15.90 10.18
CA PRO A 333 70.81 14.99 9.03
C PRO A 333 71.11 13.56 9.47
N THR A 334 70.04 12.81 9.74
CA THR A 334 70.18 11.40 10.05
C THR A 334 70.62 10.61 8.81
N PRO A 335 71.36 9.53 8.99
CA PRO A 335 71.60 8.61 7.87
C PRO A 335 70.32 7.90 7.46
N ALA A 336 70.32 7.43 6.22
CA ALA A 336 69.52 6.28 5.83
C ALA A 336 70.16 4.99 6.34
N GLY A 337 69.32 3.98 6.56
CA GLY A 337 69.60 2.93 7.51
C GLY A 337 68.85 3.04 8.82
N GLY A 338 68.30 4.21 9.13
CA GLY A 338 67.94 4.53 10.50
C GLY A 338 66.51 5.01 10.64
N GLN A 339 66.33 6.18 11.26
CA GLN A 339 65.03 6.65 11.72
C GLN A 339 65.07 8.16 11.87
N PRO A 340 64.38 8.89 11.00
CA PRO A 340 64.51 10.35 10.96
C PRO A 340 63.89 10.98 12.20
N PRO A 341 64.26 12.22 12.53
CA PRO A 341 63.81 12.82 13.78
C PRO A 341 62.33 13.16 13.73
N VAL A 342 61.80 13.58 14.89
CA VAL A 342 60.38 13.51 15.17
C VAL A 342 59.92 14.88 15.62
N LEU A 343 58.78 15.32 15.09
CA LEU A 343 58.15 16.58 15.45
C LEU A 343 56.89 16.32 16.26
N LEU A 344 56.79 16.95 17.42
CA LEU A 344 55.60 16.84 18.26
C LEU A 344 54.78 18.11 18.13
N THR A 345 53.51 17.97 17.75
CA THR A 345 52.66 19.09 17.38
C THR A 345 51.37 19.05 18.21
N ALA A 346 50.55 20.08 18.05
CA ALA A 346 49.22 20.07 18.64
C ALA A 346 48.32 19.09 17.90
N ILE A 347 47.20 18.72 18.55
CA ILE A 347 46.45 17.54 18.13
C ILE A 347 45.78 17.78 16.78
N ASP A 348 45.15 18.94 16.60
CA ASP A 348 44.27 19.15 15.45
C ASP A 348 45.03 19.63 14.21
N VAL A 349 46.30 20.00 14.33
CA VAL A 349 47.07 20.57 13.23
C VAL A 349 48.22 19.64 12.81
N ARG A 350 48.26 18.42 13.34
CA ARG A 350 49.28 17.46 12.92
C ARG A 350 49.19 17.16 11.44
N ARG A 351 47.96 16.90 10.96
CA ARG A 351 47.77 16.47 9.58
C ARG A 351 48.07 17.60 8.60
N TYR A 352 47.80 18.84 8.97
CA TYR A 352 48.14 19.98 8.12
C TYR A 352 49.65 20.14 8.02
N VAL A 353 50.37 19.91 9.12
CA VAL A 353 51.83 19.91 9.09
C VAL A 353 52.35 18.83 8.15
N ARG A 354 51.80 17.62 8.27
CA ARG A 354 52.26 16.52 7.43
C ARG A 354 51.98 16.80 5.95
N LYS A 355 50.80 17.35 5.66
CA LYS A 355 50.47 17.73 4.28
C LYS A 355 51.35 18.85 3.78
N LEU A 356 51.79 19.75 4.66
CA LEU A 356 52.67 20.84 4.22
C LEU A 356 54.07 20.32 3.91
N ILE A 357 54.64 19.49 4.79
CA ILE A 357 56.05 19.18 4.72
C ILE A 357 56.34 17.94 3.89
N GLU A 358 55.30 17.28 3.36
CA GLU A 358 55.52 16.11 2.53
C GLU A 358 56.21 16.45 1.21
N THR A 359 56.15 17.70 0.77
CA THR A 359 56.52 18.03 -0.60
C THR A 359 58.04 17.93 -0.81
N GLU A 360 58.82 18.43 0.15
CA GLU A 360 60.27 18.38 0.07
C GLU A 360 60.89 17.26 0.91
N PHE A 361 60.40 17.06 2.13
CA PHE A 361 60.91 16.05 3.05
C PHE A 361 59.80 15.06 3.34
N PRO A 362 59.56 14.10 2.44
CA PRO A 362 58.52 13.09 2.68
C PRO A 362 58.82 12.20 3.88
N ASP A 363 60.08 12.10 4.28
CA ASP A 363 60.53 11.04 5.19
C ASP A 363 60.52 11.50 6.64
N ILE A 364 59.41 12.12 7.05
CA ILE A 364 59.29 12.76 8.35
C ILE A 364 58.05 12.22 9.03
N ALA A 365 58.19 11.78 10.28
CA ALA A 365 57.03 11.51 11.13
C ALA A 365 56.74 12.78 11.94
N VAL A 366 55.63 13.43 11.62
CA VAL A 366 54.90 14.29 12.55
C VAL A 366 53.86 13.46 13.27
N ILE A 367 53.89 13.49 14.60
CA ILE A 367 52.77 13.06 15.43
C ILE A 367 52.48 14.12 16.50
N SER A 368 51.33 13.98 17.14
CA SER A 368 50.83 14.97 18.09
C SER A 368 50.54 14.33 19.44
N TYR A 369 49.97 15.10 20.37
CA TYR A 369 50.07 14.74 21.78
C TYR A 369 49.26 13.49 22.09
N GLN A 370 48.12 13.31 21.42
CA GLN A 370 47.18 12.25 21.79
C GLN A 370 47.64 10.89 21.29
N GLU A 371 48.57 10.84 20.35
CA GLU A 371 48.86 9.65 19.58
C GLU A 371 50.06 8.87 20.13
N ILE A 372 50.60 9.29 21.26
CA ILE A 372 51.64 8.54 21.95
C ILE A 372 51.06 7.97 23.24
N LEU A 373 51.75 6.95 23.77
CA LEU A 373 51.39 6.41 25.07
C LEU A 373 51.52 7.49 26.14
N PRO A 374 50.54 7.64 27.03
CA PRO A 374 50.64 8.65 28.08
C PRO A 374 51.59 8.25 29.19
N GLU A 375 52.45 7.27 28.91
CA GLU A 375 53.51 6.84 29.82
C GLU A 375 54.90 7.08 29.25
N ILE A 376 55.01 7.57 28.03
CA ILE A 376 56.29 7.70 27.33
C ILE A 376 56.86 9.08 27.64
N ARG A 377 58.18 9.16 27.74
CA ARG A 377 58.81 10.37 28.26
C ARG A 377 59.10 11.36 27.13
N ASN B 39 21.88 -11.29 -47.99
CA ASN B 39 20.51 -11.75 -47.81
C ASN B 39 19.54 -10.58 -47.83
N PRO B 40 18.90 -10.33 -48.98
CA PRO B 40 17.92 -9.23 -49.07
C PRO B 40 16.60 -9.52 -48.39
N ASP B 41 16.45 -10.68 -47.74
CA ASP B 41 15.23 -11.05 -47.04
C ASP B 41 15.35 -10.79 -45.54
N ASP B 42 16.06 -9.73 -45.16
CA ASP B 42 16.57 -9.53 -43.81
C ASP B 42 17.13 -8.12 -43.77
N TYR B 43 17.59 -7.71 -42.59
CA TYR B 43 18.29 -6.44 -42.44
C TYR B 43 19.80 -6.67 -42.54
N SER B 44 20.52 -5.58 -42.78
CA SER B 44 21.98 -5.59 -42.80
C SER B 44 22.51 -4.55 -41.83
N LEU B 45 23.64 -4.87 -41.22
CA LEU B 45 24.26 -4.01 -40.23
C LEU B 45 25.28 -3.10 -40.91
N THR B 46 25.37 -1.86 -40.41
CA THR B 46 26.26 -0.87 -41.02
C THR B 46 27.72 -1.26 -40.81
N LEU B 47 28.47 -1.33 -41.90
CA LEU B 47 29.82 -1.89 -41.86
C LEU B 47 30.84 -0.83 -41.44
N PRO B 48 31.61 -1.07 -40.37
CA PRO B 48 32.31 0.05 -39.70
C PRO B 48 33.36 0.71 -40.55
N VAL B 49 34.32 -0.09 -41.03
CA VAL B 49 35.54 0.41 -41.64
C VAL B 49 35.80 -0.38 -42.92
N ILE B 50 35.70 0.28 -44.07
CA ILE B 50 35.88 -0.35 -45.37
C ILE B 50 37.10 0.24 -46.04
N LEU B 51 37.94 -0.62 -46.61
CA LEU B 51 39.09 -0.23 -47.41
C LEU B 51 38.86 -0.63 -48.85
N GLU B 52 38.65 0.35 -49.72
CA GLU B 52 38.54 0.14 -51.15
C GLU B 52 39.91 0.21 -51.80
N LEU B 53 40.18 -0.70 -52.73
CA LEU B 53 41.44 -0.75 -53.44
C LEU B 53 41.21 -0.75 -54.94
N GLY B 54 42.10 -0.09 -55.66
CA GLY B 54 42.26 -0.33 -57.08
C GLY B 54 43.00 -1.62 -57.38
N LYS B 55 43.14 -1.89 -58.68
CA LYS B 55 43.50 -3.23 -59.13
C LYS B 55 44.91 -3.60 -58.66
N ASP B 56 45.86 -2.66 -58.74
CA ASP B 56 47.25 -2.99 -58.47
C ASP B 56 47.47 -3.27 -56.99
N LEU B 57 46.93 -2.44 -56.11
CA LEU B 57 47.03 -2.71 -54.68
C LEU B 57 46.29 -3.98 -54.30
N SER B 58 45.17 -4.26 -54.96
CA SER B 58 44.41 -5.47 -54.69
C SER B 58 45.19 -6.73 -55.09
N LYS B 59 46.00 -6.64 -56.14
CA LYS B 59 46.94 -7.72 -56.41
C LYS B 59 48.13 -7.72 -55.46
N LEU B 60 48.53 -6.55 -54.95
CA LEU B 60 49.67 -6.50 -54.03
C LEU B 60 49.35 -7.12 -52.68
N ILE B 61 48.10 -7.00 -52.22
CA ILE B 61 47.69 -7.67 -50.99
C ILE B 61 47.46 -9.16 -51.18
N GLN B 62 47.66 -9.68 -52.39
CA GLN B 62 47.77 -11.12 -52.56
C GLN B 62 49.07 -11.66 -51.97
N HIS B 63 50.14 -10.87 -52.01
CA HIS B 63 51.50 -11.40 -51.93
C HIS B 63 52.01 -11.26 -50.51
N LYS B 64 53.01 -12.07 -50.18
CA LYS B 64 53.69 -11.86 -48.93
C LYS B 64 54.66 -10.68 -49.05
N THR B 65 55.00 -10.10 -47.91
CA THR B 65 55.86 -8.94 -47.86
C THR B 65 57.31 -9.39 -47.67
N LYS B 66 58.20 -8.43 -47.36
CA LYS B 66 59.61 -8.75 -47.22
C LYS B 66 59.84 -9.76 -46.11
N SER B 67 59.22 -9.55 -44.95
CA SER B 67 59.34 -10.44 -43.81
C SER B 67 58.39 -11.64 -43.88
N GLY B 68 57.74 -11.87 -45.02
CA GLY B 68 56.91 -13.05 -45.20
C GLY B 68 55.57 -12.99 -44.51
N GLN B 69 55.17 -11.84 -43.98
CA GLN B 69 53.91 -11.69 -43.28
C GLN B 69 52.83 -11.14 -44.22
N SER B 70 51.59 -11.44 -43.89
CA SER B 70 50.47 -11.09 -44.75
C SER B 70 49.94 -9.71 -44.39
N PHE B 71 49.46 -8.99 -45.42
CA PHE B 71 48.67 -7.80 -45.17
C PHE B 71 47.39 -8.13 -44.40
N VAL B 72 46.63 -9.10 -44.88
CA VAL B 72 45.28 -9.28 -44.39
C VAL B 72 45.26 -10.10 -43.11
N ASP B 73 46.23 -11.00 -42.94
CA ASP B 73 46.24 -11.91 -41.80
C ASP B 73 47.16 -11.47 -40.67
N ASP B 74 48.16 -10.64 -40.97
CA ASP B 74 49.14 -10.23 -39.99
C ASP B 74 49.10 -8.74 -39.68
N MET B 75 49.16 -7.89 -40.70
CA MET B 75 49.40 -6.47 -40.46
C MET B 75 48.20 -5.79 -39.81
N ILE B 76 47.00 -6.14 -40.25
CA ILE B 76 45.77 -5.56 -39.70
C ILE B 76 45.58 -6.01 -38.26
N PRO B 77 45.71 -7.30 -37.92
CA PRO B 77 45.66 -7.68 -36.50
C PRO B 77 46.73 -7.01 -35.66
N LYS B 78 47.95 -6.85 -36.19
CA LYS B 78 48.98 -6.18 -35.42
C LYS B 78 48.66 -4.69 -35.22
N MET B 79 48.08 -4.04 -36.23
CA MET B 79 47.60 -2.68 -36.05
C MET B 79 46.56 -2.59 -34.94
N ARG B 80 45.58 -3.49 -34.95
CA ARG B 80 44.54 -3.46 -33.92
C ARG B 80 45.14 -3.67 -32.54
N GLN B 81 46.04 -4.64 -32.40
CA GLN B 81 46.64 -4.94 -31.11
C GLN B 81 47.48 -3.77 -30.61
N ALA B 82 48.25 -3.14 -31.51
CA ALA B 82 49.05 -1.99 -31.12
C ALA B 82 48.18 -0.80 -30.74
N LEU B 83 47.10 -0.57 -31.48
CA LEU B 83 46.19 0.51 -31.10
C LEU B 83 45.59 0.26 -29.72
N TYR B 84 45.19 -0.98 -29.44
CA TYR B 84 44.59 -1.26 -28.14
C TYR B 84 45.59 -1.11 -27.01
N GLN B 85 46.85 -1.52 -27.23
CA GLN B 85 47.86 -1.34 -26.20
C GLN B 85 48.24 0.13 -26.00
N ASP B 86 48.20 0.94 -27.06
CA ASP B 86 48.60 2.34 -26.94
C ASP B 86 47.46 3.20 -26.40
N ILE B 87 46.26 3.01 -26.94
CA ILE B 87 45.13 3.86 -26.65
C ILE B 87 43.98 2.94 -26.24
N GLY B 88 43.11 3.44 -25.37
CA GLY B 88 42.19 2.56 -24.69
C GLY B 88 40.96 2.23 -25.51
N ILE B 89 41.10 2.10 -26.83
CA ILE B 89 40.00 1.73 -27.71
C ILE B 89 40.37 0.43 -28.41
N ARG B 90 39.49 -0.56 -28.33
CA ARG B 90 39.64 -1.80 -29.07
C ARG B 90 38.94 -1.64 -30.41
N TYR B 91 39.71 -1.42 -31.49
CA TYR B 91 39.11 -1.00 -32.75
C TYR B 91 38.61 -2.20 -33.55
N PRO B 92 37.46 -2.07 -34.21
CA PRO B 92 36.82 -3.23 -34.81
C PRO B 92 37.57 -3.70 -36.04
N GLY B 93 37.28 -4.94 -36.44
CA GLY B 93 37.97 -5.53 -37.56
C GLY B 93 37.52 -4.95 -38.89
N ILE B 94 38.34 -5.20 -39.91
CA ILE B 94 38.43 -4.33 -41.08
C ILE B 94 37.88 -5.07 -42.28
N HIS B 95 37.06 -4.38 -43.07
CA HIS B 95 36.50 -4.92 -44.30
C HIS B 95 37.30 -4.37 -45.47
N VAL B 96 37.95 -5.25 -46.22
CA VAL B 96 38.72 -4.88 -47.40
C VAL B 96 37.99 -5.40 -48.62
N ARG B 97 37.64 -4.48 -49.53
CA ARG B 97 37.08 -4.82 -50.83
C ARG B 97 38.12 -4.54 -51.90
N THR B 98 38.43 -5.55 -52.71
CA THR B 98 39.38 -5.40 -53.80
C THR B 98 38.67 -4.88 -55.05
N ASP B 99 39.47 -4.33 -55.97
CA ASP B 99 39.05 -4.06 -57.34
C ASP B 99 37.87 -3.08 -57.37
N SER B 100 38.12 -1.90 -56.82
CA SER B 100 37.12 -0.83 -56.85
C SER B 100 36.88 -0.37 -58.28
N PRO B 101 35.62 -0.22 -58.69
CA PRO B 101 35.36 0.53 -59.94
C PRO B 101 35.88 1.96 -59.90
N SER B 102 35.90 2.60 -58.73
CA SER B 102 36.02 4.05 -58.65
C SER B 102 37.44 4.51 -58.36
N LEU B 103 38.42 3.60 -58.36
CA LEU B 103 39.82 3.96 -58.16
C LEU B 103 40.70 3.33 -59.24
N GLU B 104 41.76 4.04 -59.61
CA GLU B 104 42.90 3.43 -60.28
C GLU B 104 43.67 2.54 -59.31
N GLY B 105 44.61 1.77 -59.88
CA GLY B 105 45.15 0.63 -59.17
C GLY B 105 46.03 1.00 -58.00
N TYR B 106 46.63 2.19 -58.03
CA TYR B 106 47.46 2.70 -56.94
C TYR B 106 46.74 3.71 -56.07
N ASP B 107 45.41 3.71 -56.07
CA ASP B 107 44.62 4.56 -55.19
C ASP B 107 43.96 3.71 -54.11
N TYR B 108 43.64 4.37 -53.01
CA TYR B 108 42.87 3.63 -52.00
C TYR B 108 41.88 4.62 -51.42
N MET B 109 41.01 4.13 -50.57
CA MET B 109 39.94 4.95 -50.01
C MET B 109 39.44 4.29 -48.74
N ILE B 110 39.12 5.12 -47.74
CA ILE B 110 38.73 4.64 -46.43
C ILE B 110 37.29 5.06 -46.16
N LEU B 111 36.51 4.15 -45.60
CA LEU B 111 35.09 4.36 -45.35
C LEU B 111 34.82 4.32 -43.86
N LEU B 112 34.15 5.35 -43.34
CA LEU B 112 33.58 5.34 -42.00
C LEU B 112 32.10 5.06 -42.07
N ASN B 113 31.68 3.89 -41.57
CA ASN B 113 30.28 3.49 -41.53
C ASN B 113 29.65 3.53 -42.91
N GLU B 114 30.34 2.92 -43.88
CA GLU B 114 29.93 2.88 -45.29
C GLU B 114 29.82 4.27 -45.92
N VAL B 115 30.45 5.27 -45.32
CA VAL B 115 30.60 6.59 -45.93
C VAL B 115 32.07 6.88 -46.09
N PRO B 116 32.56 7.13 -47.31
CA PRO B 116 34.00 7.39 -47.49
C PRO B 116 34.46 8.62 -46.72
N TYR B 117 35.65 8.51 -46.13
CA TYR B 117 36.18 9.56 -45.27
C TYR B 117 37.32 10.34 -45.90
N VAL B 118 38.36 9.65 -46.39
CA VAL B 118 39.43 10.30 -47.14
C VAL B 118 40.02 9.29 -48.12
N ARG B 119 40.36 9.76 -49.32
CA ARG B 119 41.16 8.99 -50.26
C ARG B 119 42.65 9.27 -50.07
N GLY B 120 43.46 8.29 -50.44
CA GLY B 120 44.88 8.51 -50.63
C GLY B 120 45.37 7.88 -51.91
N LYS B 121 46.54 8.35 -52.35
CA LYS B 121 47.18 7.85 -53.56
C LYS B 121 48.63 7.51 -53.25
N ILE B 122 49.17 6.54 -53.98
CA ILE B 122 50.54 6.08 -53.81
C ILE B 122 51.27 6.26 -55.14
N PRO B 123 52.37 7.01 -55.18
CA PRO B 123 53.19 7.06 -56.40
C PRO B 123 53.70 5.68 -56.77
N PRO B 124 53.61 5.30 -58.04
CA PRO B 124 53.90 3.91 -58.42
C PRO B 124 55.35 3.55 -58.13
N HIS B 125 55.54 2.37 -57.55
CA HIS B 125 56.87 1.78 -57.41
C HIS B 125 57.80 2.69 -56.61
N HIS B 126 57.23 3.27 -55.54
CA HIS B 126 58.01 4.19 -54.66
C HIS B 126 57.71 3.84 -53.19
N VAL B 127 58.73 3.81 -52.32
CA VAL B 127 58.54 3.55 -50.91
C VAL B 127 58.82 4.82 -50.12
N LEU B 128 58.13 4.96 -48.99
CA LEU B 128 58.07 6.21 -48.25
C LEU B 128 59.04 6.14 -47.08
N THR B 129 60.03 7.03 -47.08
CA THR B 129 60.83 7.28 -45.90
C THR B 129 60.89 8.78 -45.63
N ASN B 130 60.73 9.16 -44.37
CA ASN B 130 60.98 10.53 -43.96
C ASN B 130 62.48 10.77 -43.91
N GLU B 131 62.98 11.63 -44.81
CA GLU B 131 64.31 12.20 -44.70
C GLU B 131 64.26 13.69 -45.03
N VAL B 132 65.19 14.43 -44.44
CA VAL B 132 65.31 15.85 -44.72
C VAL B 132 65.91 16.03 -46.11
N GLU B 133 65.54 17.14 -46.76
CA GLU B 133 66.03 17.42 -48.11
C GLU B 133 67.55 17.44 -48.17
N ASP B 134 68.20 17.80 -47.05
CA ASP B 134 69.66 17.84 -47.02
C ASP B 134 70.25 16.47 -47.30
N ASN B 135 69.72 15.43 -46.65
CA ASN B 135 70.22 14.09 -46.90
C ASN B 135 69.70 13.52 -48.22
N LEU B 136 68.40 13.69 -48.50
CA LEU B 136 67.84 13.28 -49.77
C LEU B 136 68.57 13.84 -50.99
N SER B 137 69.33 14.92 -50.82
CA SER B 137 70.20 15.41 -51.90
C SER B 137 71.68 15.32 -51.56
N ARG B 138 72.02 14.79 -50.38
CA ARG B 138 73.37 14.42 -50.01
C ARG B 138 73.72 12.99 -50.38
N TYR B 139 72.73 12.21 -50.80
CA TYR B 139 72.96 10.95 -51.49
C TYR B 139 72.55 11.03 -52.95
N ASN B 140 72.05 12.19 -53.38
CA ASN B 140 71.65 12.44 -54.77
C ASN B 140 70.56 11.45 -55.18
N LEU B 141 69.39 11.59 -54.53
CA LEU B 141 68.25 10.73 -54.78
C LEU B 141 67.03 11.56 -55.19
N PRO B 142 66.22 11.08 -56.15
CA PRO B 142 64.97 11.75 -56.51
C PRO B 142 63.81 11.44 -55.59
N PHE B 143 63.68 12.19 -54.49
CA PHE B 143 62.50 12.11 -53.64
C PHE B 143 61.31 12.79 -54.30
N ILE B 144 60.15 12.14 -54.29
CA ILE B 144 58.88 12.78 -54.59
C ILE B 144 58.30 13.35 -53.30
N THR B 145 57.92 14.63 -53.35
CA THR B 145 57.13 15.22 -52.29
C THR B 145 55.67 14.81 -52.45
N TYR B 146 55.14 14.04 -51.49
CA TYR B 146 53.72 13.78 -51.41
C TYR B 146 53.34 13.52 -49.97
N LYS B 147 52.29 14.20 -49.48
CA LYS B 147 51.81 13.95 -48.10
C LYS B 147 50.52 13.12 -48.16
N ASN B 148 50.51 11.96 -47.50
CA ASN B 148 49.27 11.14 -47.45
C ASN B 148 48.36 11.69 -46.36
N ALA B 149 48.92 12.01 -45.18
CA ALA B 149 48.13 12.64 -44.10
C ALA B 149 48.91 13.82 -43.50
N ALA B 150 48.29 14.55 -42.58
CA ALA B 150 48.94 15.71 -41.97
C ALA B 150 49.95 15.32 -40.89
N GLY B 151 49.94 14.08 -40.43
CA GLY B 151 50.98 13.61 -39.54
C GLY B 151 51.78 12.45 -40.08
N LEU B 152 52.13 12.47 -41.36
CA LEU B 152 52.84 11.38 -42.00
C LEU B 152 53.91 11.93 -42.94
N PRO B 153 54.96 11.14 -43.23
CA PRO B 153 56.11 11.66 -43.98
C PRO B 153 55.79 11.99 -45.42
N SER B 154 56.78 12.58 -46.12
CA SER B 154 56.51 13.32 -47.34
C SER B 154 57.58 13.08 -48.40
N ALA B 155 58.22 11.92 -48.37
CA ALA B 155 59.39 11.66 -49.23
C ALA B 155 59.27 10.24 -49.80
N TRP B 156 58.88 10.16 -51.07
CA TRP B 156 58.74 8.90 -51.79
C TRP B 156 59.94 8.74 -52.73
N VAL B 157 60.59 7.58 -52.65
CA VAL B 157 61.84 7.33 -53.36
C VAL B 157 61.73 5.99 -54.07
N SER B 158 62.31 5.92 -55.28
CA SER B 158 61.97 4.86 -56.22
C SER B 158 62.34 3.49 -55.67
N GLU B 159 61.43 2.54 -55.83
CA GLU B 159 61.51 1.25 -55.14
C GLU B 159 62.64 0.38 -55.67
N ASP B 160 63.28 0.78 -56.78
CA ASP B 160 64.58 0.25 -57.14
C ASP B 160 65.69 0.71 -56.21
N ALA B 161 65.44 1.68 -55.34
CA ALA B 161 66.43 2.16 -54.39
C ALA B 161 66.35 1.47 -53.03
N LYS B 162 65.87 0.22 -52.99
CA LYS B 162 65.79 -0.49 -51.72
C LYS B 162 67.17 -0.75 -51.14
N ALA B 163 68.09 -1.23 -51.96
CA ALA B 163 69.43 -1.52 -51.46
C ALA B 163 70.14 -0.25 -50.99
N ILE B 164 69.88 0.88 -51.66
CA ILE B 164 70.47 2.16 -51.24
C ILE B 164 70.05 2.48 -49.81
N LEU B 165 68.76 2.34 -49.53
CA LEU B 165 68.22 2.86 -48.27
C LEU B 165 68.68 2.03 -47.07
N GLU B 166 68.95 0.74 -47.28
CA GLU B 166 69.61 -0.06 -46.25
C GLU B 166 71.05 0.40 -46.02
N LYS B 167 71.74 0.80 -47.09
CA LYS B 167 73.16 1.11 -46.98
C LYS B 167 73.39 2.36 -46.14
N ALA B 168 72.50 3.35 -46.26
CA ALA B 168 72.54 4.55 -45.41
C ALA B 168 71.84 4.36 -44.09
N ALA B 169 71.36 3.14 -43.81
CA ALA B 169 70.67 2.82 -42.56
C ALA B 169 69.40 3.65 -42.39
N ILE B 170 68.70 3.90 -43.49
CA ILE B 170 67.51 4.74 -43.50
C ILE B 170 66.29 3.84 -43.64
N LYS B 171 65.40 3.87 -42.64
CA LYS B 171 64.20 3.03 -42.68
C LYS B 171 63.17 3.59 -43.65
N TYR B 172 62.60 2.71 -44.46
CA TYR B 172 61.54 3.02 -45.40
C TYR B 172 60.35 2.12 -45.11
N TRP B 173 59.17 2.54 -45.59
CA TRP B 173 57.97 1.72 -45.48
C TRP B 173 57.43 1.40 -46.86
N THR B 174 57.21 0.11 -47.13
CA THR B 174 56.44 -0.40 -48.26
C THR B 174 55.07 0.26 -48.29
N PRO B 175 54.48 0.41 -49.49
CA PRO B 175 53.18 1.09 -49.57
C PRO B 175 52.09 0.43 -48.74
N LEU B 176 52.16 -0.89 -48.55
CA LEU B 176 51.25 -1.56 -47.62
C LEU B 176 51.44 -1.06 -46.19
N GLU B 177 52.71 -0.90 -45.77
CA GLU B 177 52.98 -0.30 -44.48
C GLU B 177 52.52 1.16 -44.41
N VAL B 178 52.52 1.86 -45.56
CA VAL B 178 51.98 3.21 -45.60
C VAL B 178 50.47 3.19 -45.36
N ILE B 179 49.77 2.22 -45.96
CA ILE B 179 48.36 2.02 -45.68
C ILE B 179 48.15 1.77 -44.20
N ILE B 180 49.00 0.92 -43.61
CA ILE B 180 48.87 0.61 -42.18
C ILE B 180 49.01 1.89 -41.36
N LEU B 181 50.01 2.71 -41.68
CA LEU B 181 50.23 3.94 -40.94
C LEU B 181 49.05 4.90 -41.09
N HIS B 182 48.50 5.00 -42.30
CA HIS B 182 47.41 5.95 -42.52
C HIS B 182 46.13 5.50 -41.83
N LEU B 183 45.87 4.19 -41.80
CA LEU B 183 44.81 3.66 -40.95
C LEU B 183 45.07 3.97 -39.48
N SER B 184 46.31 3.83 -39.03
CA SER B 184 46.61 4.12 -37.63
C SER B 184 46.31 5.57 -37.29
N TYR B 185 46.70 6.49 -38.17
CA TYR B 185 46.37 7.90 -37.96
C TYR B 185 44.86 8.13 -37.95
N PHE B 186 44.14 7.47 -38.87
CA PHE B 186 42.68 7.52 -38.84
C PHE B 186 42.13 7.12 -37.48
N PHE B 187 42.55 5.96 -36.98
CA PHE B 187 41.89 5.43 -35.79
C PHE B 187 42.30 6.17 -34.53
N HIS B 188 43.50 6.75 -34.48
CA HIS B 188 43.79 7.72 -33.44
C HIS B 188 42.86 8.94 -33.54
N LYS B 189 42.79 9.56 -34.71
CA LYS B 189 42.08 10.84 -34.79
C LYS B 189 40.56 10.68 -34.89
N SER B 190 40.06 9.47 -35.13
CA SER B 190 38.63 9.22 -35.21
C SER B 190 38.20 8.20 -34.16
N SER B 191 38.68 8.38 -32.92
CA SER B 191 38.15 7.60 -31.81
C SER B 191 36.65 7.78 -31.68
N GLN B 192 36.16 9.00 -31.91
CA GLN B 192 34.90 9.43 -31.31
C GLN B 192 33.74 8.58 -31.79
N GLU B 193 33.78 8.12 -33.05
CA GLU B 193 32.73 7.30 -33.60
C GLU B 193 32.84 5.84 -33.21
N PHE B 194 33.92 5.43 -32.54
CA PHE B 194 34.11 4.03 -32.18
C PHE B 194 34.04 3.78 -30.69
N LEU B 195 33.99 4.81 -29.86
CA LEU B 195 33.81 4.65 -28.43
C LEU B 195 32.36 4.98 -28.09
N GLY B 196 31.50 4.00 -28.35
CA GLY B 196 30.09 4.11 -28.06
C GLY B 196 29.65 3.18 -26.94
N ILE B 197 28.35 3.19 -26.70
CA ILE B 197 27.85 2.78 -25.39
C ILE B 197 27.94 1.27 -25.22
N GLN B 198 27.75 0.51 -26.30
CA GLN B 198 27.74 -0.95 -26.15
C GLN B 198 29.15 -1.49 -25.92
N GLU B 199 30.16 -0.88 -26.55
CA GLU B 199 31.54 -1.25 -26.27
C GLU B 199 31.96 -0.85 -24.85
N VAL B 200 31.49 0.30 -24.38
CA VAL B 200 31.71 0.67 -22.98
C VAL B 200 31.09 -0.37 -22.05
N ARG B 201 29.87 -0.82 -22.37
CA ARG B 201 29.25 -1.89 -21.60
C ARG B 201 30.10 -3.16 -21.62
N SER B 202 30.63 -3.51 -22.80
CA SER B 202 31.45 -4.71 -22.91
C SER B 202 32.71 -4.60 -22.06
N MET B 203 33.38 -3.45 -22.10
CA MET B 203 34.61 -3.32 -21.32
C MET B 203 34.32 -3.24 -19.82
N ILE B 204 33.20 -2.61 -19.44
CA ILE B 204 32.84 -2.59 -18.03
C ILE B 204 32.52 -3.99 -17.52
N GLU B 205 31.85 -4.82 -18.35
CA GLU B 205 31.55 -6.17 -17.89
C GLU B 205 32.77 -7.09 -17.94
N PHE B 206 33.75 -6.80 -18.81
CA PHE B 206 35.07 -7.41 -18.62
C PHE B 206 35.68 -7.00 -17.29
N MET B 207 35.53 -5.72 -16.91
CA MET B 207 36.08 -5.26 -15.63
C MET B 207 35.42 -5.97 -14.46
N GLU B 208 34.11 -6.21 -14.55
CA GLU B 208 33.38 -6.87 -13.46
C GLU B 208 33.98 -8.23 -13.13
N ARG B 209 34.61 -8.89 -14.12
CA ARG B 209 35.20 -10.19 -13.88
C ARG B 209 36.27 -10.13 -12.79
N SER B 210 36.91 -8.98 -12.61
CA SER B 210 37.99 -8.82 -11.66
C SER B 210 37.66 -7.85 -10.53
N PHE B 211 36.93 -6.78 -10.81
CA PHE B 211 36.78 -5.65 -9.90
C PHE B 211 35.31 -5.36 -9.63
N PRO B 212 34.53 -6.37 -9.19
CA PRO B 212 33.08 -6.25 -9.34
C PRO B 212 32.47 -5.20 -8.44
N ASP B 213 32.98 -5.08 -7.20
CA ASP B 213 32.46 -4.09 -6.27
C ASP B 213 32.91 -2.67 -6.61
N LEU B 214 34.13 -2.52 -7.14
CA LEU B 214 34.51 -1.26 -7.74
C LEU B 214 33.54 -0.85 -8.83
N VAL B 215 33.23 -1.78 -9.74
CA VAL B 215 32.30 -1.48 -10.83
C VAL B 215 30.93 -1.11 -10.28
N LYS B 216 30.46 -1.85 -9.27
CA LYS B 216 29.13 -1.62 -8.74
C LYS B 216 29.04 -0.26 -8.06
N GLU B 217 30.07 0.13 -7.32
CA GLU B 217 30.09 1.47 -6.73
C GLU B 217 30.11 2.54 -7.82
N VAL B 218 30.93 2.37 -8.85
CA VAL B 218 31.04 3.39 -9.88
C VAL B 218 29.71 3.56 -10.62
N THR B 219 29.04 2.44 -10.93
CA THR B 219 27.77 2.51 -11.63
C THR B 219 26.60 2.86 -10.73
N ARG B 220 26.89 2.95 -9.43
CA ARG B 220 25.86 3.47 -8.48
C ARG B 220 26.14 4.98 -8.38
N LEU B 221 27.33 5.42 -8.82
CA LEU B 221 27.63 6.86 -8.80
C LEU B 221 27.42 7.51 -10.16
N ILE B 222 27.66 6.79 -11.25
CA ILE B 222 27.82 7.39 -12.57
C ILE B 222 26.95 6.62 -13.56
N PRO B 223 26.02 7.27 -14.25
CA PRO B 223 25.24 6.57 -15.27
C PRO B 223 26.10 6.20 -16.48
N LEU B 224 25.63 5.17 -17.19
CA LEU B 224 26.47 4.55 -18.21
C LEU B 224 26.70 5.50 -19.38
N GLN B 225 25.67 6.28 -19.75
CA GLN B 225 25.83 7.25 -20.82
C GLN B 225 26.82 8.34 -20.43
N LYS B 226 26.74 8.84 -19.20
CA LYS B 226 27.69 9.86 -18.76
C LYS B 226 29.09 9.31 -18.62
N LEU B 227 29.23 8.04 -18.23
CA LEU B 227 30.53 7.40 -18.22
C LEU B 227 31.11 7.31 -19.63
N THR B 228 30.27 6.96 -20.61
CA THR B 228 30.72 6.95 -22.00
C THR B 228 31.14 8.34 -22.47
N GLU B 229 30.41 9.37 -22.04
CA GLU B 229 30.80 10.73 -22.38
C GLU B 229 32.14 11.11 -21.74
N ILE B 230 32.38 10.66 -20.51
CA ILE B 230 33.67 10.89 -19.88
C ILE B 230 34.79 10.21 -20.65
N PHE B 231 34.57 8.96 -21.08
CA PHE B 231 35.56 8.28 -21.91
C PHE B 231 35.81 9.01 -23.23
N LYS B 232 34.75 9.53 -23.85
CA LYS B 232 34.90 10.29 -25.09
C LYS B 232 35.72 11.55 -24.87
N ARG B 233 35.44 12.28 -23.78
CA ARG B 233 36.20 13.48 -23.48
C ARG B 233 37.64 13.19 -23.07
N LEU B 234 37.92 11.99 -22.55
CA LEU B 234 39.31 11.57 -22.40
C LEU B 234 39.96 11.33 -23.75
N VAL B 235 39.37 10.46 -24.58
CA VAL B 235 40.05 10.01 -25.80
C VAL B 235 40.01 11.04 -26.91
N GLN B 236 39.33 12.17 -26.70
CA GLN B 236 39.45 13.30 -27.62
C GLN B 236 40.89 13.77 -27.71
N GLU B 237 41.56 13.92 -26.57
CA GLU B 237 42.93 14.45 -26.49
C GLU B 237 43.97 13.33 -26.42
N GLN B 238 43.67 12.17 -27.02
CA GLN B 238 44.63 11.07 -27.12
C GLN B 238 45.06 10.56 -25.75
N ILE B 239 44.22 10.75 -24.73
CA ILE B 239 44.43 10.14 -23.42
C ILE B 239 43.96 8.70 -23.48
N SER B 240 44.86 7.76 -23.23
CA SER B 240 44.48 6.36 -23.23
C SER B 240 43.52 6.07 -22.09
N ILE B 241 42.62 5.12 -22.32
CA ILE B 241 41.82 4.56 -21.24
C ILE B 241 42.07 3.06 -21.19
N LYS B 242 43.29 2.64 -21.52
CA LYS B 242 43.69 1.27 -21.23
C LYS B 242 43.71 1.01 -19.73
N ASP B 243 44.19 1.96 -18.93
CA ASP B 243 44.38 1.75 -17.49
C ASP B 243 43.05 2.02 -16.78
N LEU B 244 42.14 1.05 -16.91
CA LEU B 244 40.78 1.24 -16.42
C LEU B 244 40.75 1.34 -14.90
N ARG B 245 41.68 0.67 -14.21
CA ARG B 245 41.63 0.64 -12.76
C ARG B 245 41.79 2.03 -12.17
N THR B 246 42.80 2.77 -12.64
CA THR B 246 43.06 4.10 -12.11
C THR B 246 41.89 5.06 -12.41
N ILE B 247 41.32 4.94 -13.61
CA ILE B 247 40.18 5.78 -13.97
C ILE B 247 39.00 5.50 -13.05
N LEU B 248 38.72 4.22 -12.80
CA LEU B 248 37.58 3.87 -11.96
C LEU B 248 37.81 4.30 -10.51
N GLU B 249 39.06 4.18 -10.02
CA GLU B 249 39.37 4.64 -8.68
C GLU B 249 39.17 6.14 -8.55
N SER B 250 39.66 6.91 -9.54
CA SER B 250 39.50 8.36 -9.49
C SER B 250 38.03 8.75 -9.56
N LEU B 251 37.25 8.07 -10.39
CA LEU B 251 35.81 8.32 -10.42
C LEU B 251 35.17 8.03 -9.07
N SER B 252 35.45 6.87 -8.48
CA SER B 252 34.74 6.48 -7.28
C SER B 252 35.13 7.35 -6.07
N GLU B 253 36.33 7.94 -6.10
CA GLU B 253 36.61 9.03 -5.17
C GLU B 253 35.80 10.28 -5.51
N TRP B 254 35.94 10.80 -6.73
CA TRP B 254 35.49 12.16 -7.01
C TRP B 254 33.99 12.26 -7.24
N ALA B 255 33.34 11.18 -7.68
CA ALA B 255 31.92 11.20 -8.01
C ALA B 255 31.03 10.95 -6.81
N GLN B 256 31.59 10.73 -5.62
CA GLN B 256 30.84 10.94 -4.38
C GLN B 256 30.28 12.36 -4.32
N THR B 257 31.04 13.33 -4.81
CA THR B 257 30.78 14.75 -4.53
C THR B 257 30.33 15.53 -5.76
N GLU B 258 30.93 15.26 -6.92
CA GLU B 258 30.72 16.08 -8.12
C GLU B 258 30.04 15.22 -9.19
N LYS B 259 28.97 15.76 -9.77
CA LYS B 259 28.20 15.03 -10.77
C LYS B 259 28.26 15.65 -12.16
N ASP B 260 28.86 16.83 -12.33
CA ASP B 260 29.13 17.34 -13.65
C ASP B 260 30.15 16.46 -14.37
N THR B 261 29.85 16.11 -15.62
CA THR B 261 30.70 15.16 -16.34
C THR B 261 32.08 15.75 -16.64
N VAL B 262 32.15 17.05 -16.93
CA VAL B 262 33.36 17.63 -17.50
C VAL B 262 34.40 17.85 -16.41
N LEU B 263 33.95 18.27 -15.22
CA LEU B 263 34.84 18.28 -14.07
C LEU B 263 35.34 16.87 -13.74
N LEU B 264 34.50 15.84 -13.95
CA LEU B 264 34.97 14.48 -13.77
C LEU B 264 36.08 14.13 -14.75
N THR B 265 35.95 14.58 -16.00
CA THR B 265 37.05 14.42 -16.96
C THR B 265 38.31 15.11 -16.47
N GLU B 266 38.15 16.31 -15.90
CA GLU B 266 39.33 17.08 -15.43
C GLU B 266 39.98 16.38 -14.23
N TYR B 267 39.19 15.74 -13.35
CA TYR B 267 39.78 15.00 -12.24
C TYR B 267 40.41 13.69 -12.68
N VAL B 268 39.86 13.04 -13.71
CA VAL B 268 40.52 11.87 -14.27
C VAL B 268 41.88 12.24 -14.85
N ARG B 269 41.96 13.37 -15.55
CA ARG B 269 43.26 13.87 -16.01
C ARG B 269 44.21 14.15 -14.84
N SER B 270 43.70 14.78 -13.80
CA SER B 270 44.56 15.10 -12.66
C SER B 270 44.94 13.87 -11.84
N SER B 271 44.26 12.74 -12.02
CA SER B 271 44.77 11.48 -11.48
C SER B 271 45.60 10.68 -12.48
N LEU B 272 45.54 10.99 -13.77
CA LEU B 272 46.51 10.50 -14.75
C LEU B 272 47.57 11.54 -15.08
N LYS B 273 47.89 12.39 -14.11
CA LYS B 273 49.18 13.07 -14.07
C LYS B 273 50.32 12.19 -14.57
N LEU B 274 50.41 10.97 -14.03
CA LEU B 274 51.55 10.10 -14.31
C LEU B 274 51.61 9.73 -15.78
N TYR B 275 50.48 9.28 -16.34
CA TYR B 275 50.44 8.91 -17.75
C TYR B 275 50.74 10.11 -18.64
N ILE B 276 50.18 11.29 -18.32
CA ILE B 276 50.42 12.46 -19.15
C ILE B 276 51.90 12.83 -19.13
N SER B 277 52.50 12.84 -17.95
CA SER B 277 53.90 13.21 -17.82
C SER B 277 54.80 12.24 -18.57
N PHE B 278 54.55 10.93 -18.42
CA PHE B 278 55.37 9.95 -19.13
C PHE B 278 55.17 10.04 -20.64
N LYS B 279 53.94 10.33 -21.07
CA LYS B 279 53.65 10.43 -22.50
C LYS B 279 54.43 11.59 -23.12
N PHE B 280 54.47 12.72 -22.43
CA PHE B 280 54.90 13.95 -23.09
C PHE B 280 56.34 14.35 -22.79
N SER B 281 56.90 13.93 -21.66
CA SER B 281 58.28 14.26 -21.35
C SER B 281 59.28 13.21 -21.83
N GLN B 282 58.82 12.10 -22.39
CA GLN B 282 59.67 11.00 -22.85
C GLN B 282 60.62 10.50 -21.75
N GLY B 283 60.12 10.48 -20.52
CA GLY B 283 60.83 9.80 -19.46
C GLY B 283 61.86 10.61 -18.71
N GLN B 284 61.87 11.93 -18.89
CA GLN B 284 63.04 12.75 -18.66
C GLN B 284 62.98 13.40 -17.28
N SER B 285 64.12 13.96 -16.87
CA SER B 285 64.15 14.85 -15.71
C SER B 285 63.32 16.10 -15.92
N ALA B 286 63.05 16.48 -17.17
CA ALA B 286 62.38 17.74 -17.45
C ALA B 286 61.48 17.57 -18.66
N ILE B 287 60.48 18.44 -18.75
CA ILE B 287 59.71 18.62 -19.98
C ILE B 287 59.77 20.08 -20.40
N SER B 288 59.76 20.30 -21.71
CA SER B 288 59.92 21.63 -22.29
C SER B 288 58.71 21.94 -23.14
N VAL B 289 58.02 23.04 -22.83
CA VAL B 289 56.72 23.36 -23.40
C VAL B 289 56.71 24.84 -23.78
N TYR B 290 55.57 25.30 -24.29
CA TYR B 290 55.23 26.71 -24.32
C TYR B 290 54.29 27.07 -23.18
N LEU B 291 54.50 28.25 -22.61
CA LEU B 291 53.58 28.85 -21.66
C LEU B 291 52.49 29.64 -22.39
N LEU B 292 51.57 30.21 -21.62
CA LEU B 292 50.71 31.28 -22.08
C LEU B 292 51.18 32.61 -21.47
N ASP B 293 50.40 33.67 -21.70
CA ASP B 293 50.55 34.93 -20.99
C ASP B 293 49.40 35.14 -20.00
N PRO B 294 49.67 35.66 -18.80
CA PRO B 294 48.60 35.80 -17.79
C PRO B 294 47.45 36.70 -18.23
N GLU B 295 47.71 37.68 -19.11
CA GLU B 295 46.63 38.50 -19.66
C GLU B 295 45.66 37.66 -20.47
N ILE B 296 46.19 36.69 -21.23
CA ILE B 296 45.31 35.81 -21.98
C ILE B 296 44.41 35.01 -21.05
N GLU B 297 44.97 34.49 -19.96
CA GLU B 297 44.15 33.78 -18.97
C GLU B 297 43.10 34.70 -18.36
N GLU B 298 43.47 35.94 -18.07
CA GLU B 298 42.55 36.86 -17.40
C GLU B 298 41.57 37.50 -18.37
N MET B 299 41.70 37.24 -19.67
CA MET B 299 40.60 37.46 -20.62
C MET B 299 39.87 36.18 -21.04
N ILE B 300 40.36 34.99 -20.66
CA ILE B 300 39.43 33.86 -20.58
C ILE B 300 38.50 34.02 -19.39
N ARG B 301 38.96 34.66 -18.32
CA ARG B 301 38.03 34.94 -17.22
C ARG B 301 36.87 35.84 -17.65
N GLY B 302 36.99 36.52 -18.79
CA GLY B 302 35.84 37.14 -19.44
C GLY B 302 34.80 36.17 -19.96
N ALA B 303 35.16 34.89 -20.13
CA ALA B 303 34.38 34.01 -20.99
C ALA B 303 33.17 33.40 -20.30
N ILE B 304 32.91 33.76 -19.05
CA ILE B 304 32.14 32.91 -18.16
C ILE B 304 30.68 32.91 -18.62
N LYS B 305 30.19 31.76 -19.06
CA LYS B 305 28.82 31.63 -19.53
C LYS B 305 28.49 30.15 -19.64
N GLN B 306 27.28 29.78 -19.23
CA GLN B 306 26.81 28.40 -19.25
C GLN B 306 25.55 28.33 -20.12
N THR B 307 25.58 27.48 -21.15
CA THR B 307 24.38 27.27 -22.00
C THR B 307 24.10 25.76 -22.07
N SER B 308 25.12 24.96 -22.39
CA SER B 308 24.96 23.49 -22.50
C SER B 308 26.32 22.82 -22.32
N ALA B 309 26.43 21.53 -22.65
CA ALA B 309 27.73 20.82 -22.59
C ALA B 309 28.51 21.14 -23.86
N GLY B 310 27.80 21.45 -24.95
CA GLY B 310 28.47 21.82 -26.21
C GLY B 310 28.50 23.33 -26.39
N SER B 311 28.30 24.08 -25.30
CA SER B 311 28.41 25.56 -25.38
C SER B 311 29.89 25.93 -25.56
N TYR B 312 30.17 26.91 -26.41
CA TYR B 312 31.57 27.34 -26.66
C TYR B 312 31.88 28.51 -25.72
N LEU B 313 32.96 29.23 -25.99
CA LEU B 313 33.37 30.35 -25.10
C LEU B 313 32.42 31.53 -25.34
N ALA B 314 32.39 32.49 -24.42
CA ALA B 314 31.57 33.70 -24.60
C ALA B 314 32.53 34.89 -24.70
N LEU B 315 33.12 35.13 -25.88
CA LEU B 315 34.18 36.17 -25.93
C LEU B 315 34.17 37.00 -27.22
N ASP B 316 34.67 38.23 -27.15
CA ASP B 316 34.88 39.09 -28.31
C ASP B 316 35.50 38.28 -29.45
N PRO B 317 34.84 38.21 -30.61
CA PRO B 317 35.29 37.28 -31.65
C PRO B 317 36.71 37.51 -32.12
N ASP B 318 37.17 38.76 -32.16
CA ASP B 318 38.43 39.09 -32.81
C ASP B 318 39.60 38.35 -32.17
N SER B 319 39.46 37.93 -30.91
CA SER B 319 40.54 37.22 -30.23
C SER B 319 40.87 35.89 -30.89
N VAL B 320 39.95 35.31 -31.67
CA VAL B 320 40.28 34.09 -32.39
C VAL B 320 41.38 34.35 -33.41
N ASN B 321 41.57 35.60 -33.82
CA ASN B 321 42.76 36.00 -34.55
C ASN B 321 43.89 36.46 -33.63
N LEU B 322 43.56 37.06 -32.48
CA LEU B 322 44.50 37.95 -31.81
C LEU B 322 45.65 37.18 -31.17
N ILE B 323 45.34 36.05 -30.54
CA ILE B 323 46.39 35.11 -30.13
C ILE B 323 47.05 34.49 -31.36
N LEU B 324 46.25 34.22 -32.40
CA LEU B 324 46.57 33.16 -33.34
C LEU B 324 47.75 33.52 -34.23
N LYS B 325 47.91 34.80 -34.55
CA LYS B 325 49.12 35.27 -35.23
C LYS B 325 50.37 34.92 -34.43
N SER B 326 50.40 35.30 -33.15
CA SER B 326 51.54 34.96 -32.31
C SER B 326 51.64 33.46 -32.07
N MET B 327 50.51 32.74 -32.16
CA MET B 327 50.55 31.28 -32.08
C MET B 327 51.31 30.68 -33.26
N ARG B 328 51.02 31.16 -34.48
CA ARG B 328 51.73 30.64 -35.64
C ARG B 328 53.18 31.12 -35.68
N ASN B 329 53.45 32.33 -35.20
CA ASN B 329 54.80 32.89 -35.22
C ASN B 329 55.64 32.51 -34.02
N THR B 330 55.08 31.78 -33.05
CA THR B 330 55.85 31.26 -31.93
C THR B 330 56.11 29.77 -32.02
N ILE B 331 55.19 29.00 -32.61
CA ILE B 331 55.32 27.55 -32.59
C ILE B 331 56.55 27.13 -33.39
N THR B 332 57.32 26.21 -32.83
CA THR B 332 58.26 25.42 -33.61
C THR B 332 57.54 24.27 -34.29
N PRO B 333 57.67 24.12 -35.61
CA PRO B 333 57.15 22.91 -36.26
C PRO B 333 57.97 21.69 -35.91
N THR B 334 57.44 20.87 -35.01
CA THR B 334 58.11 19.64 -34.64
C THR B 334 58.09 18.65 -35.80
N PRO B 335 59.11 17.74 -36.01
CA PRO B 335 59.15 16.88 -37.21
C PRO B 335 57.92 16.01 -37.50
N ALA B 336 57.70 15.68 -38.78
CA ALA B 336 56.57 14.78 -39.15
C ALA B 336 56.81 13.41 -38.54
N GLY B 337 55.92 12.96 -37.65
CA GLY B 337 56.14 11.68 -36.95
C GLY B 337 56.73 11.91 -35.57
N GLY B 338 57.45 13.02 -35.40
CA GLY B 338 58.01 13.36 -34.08
C GLY B 338 56.93 13.85 -33.13
N GLN B 339 57.15 13.73 -31.82
CA GLN B 339 56.12 14.09 -30.82
C GLN B 339 55.66 15.55 -31.02
N PRO B 340 54.33 15.90 -31.14
CA PRO B 340 53.96 17.31 -31.23
C PRO B 340 54.35 18.06 -29.96
N PRO B 341 54.44 19.38 -30.02
CA PRO B 341 54.73 20.15 -28.81
C PRO B 341 53.53 20.15 -27.87
N VAL B 342 53.76 20.68 -26.67
CA VAL B 342 52.82 20.55 -25.57
C VAL B 342 52.56 21.95 -25.00
N LEU B 343 51.30 22.23 -24.71
CA LEU B 343 50.86 23.54 -24.25
C LEU B 343 50.48 23.47 -22.78
N LEU B 344 51.08 24.33 -21.97
CA LEU B 344 50.83 24.38 -20.53
C LEU B 344 49.92 25.55 -20.21
N THR B 345 48.81 25.28 -19.55
CA THR B 345 47.80 26.27 -19.21
C THR B 345 47.56 26.26 -17.71
N ALA B 346 46.72 27.20 -17.26
CA ALA B 346 46.19 27.15 -15.91
C ALA B 346 45.17 26.01 -15.79
N ILE B 347 44.87 25.65 -14.54
CA ILE B 347 44.13 24.42 -14.27
C ILE B 347 42.71 24.51 -14.81
N ASP B 348 42.05 25.66 -14.58
CA ASP B 348 40.63 25.81 -14.85
C ASP B 348 40.34 26.14 -16.32
N VAL B 349 41.37 26.43 -17.12
CA VAL B 349 41.20 26.91 -18.48
C VAL B 349 41.68 25.90 -19.52
N ARG B 350 42.21 24.77 -19.07
CA ARG B 350 42.83 23.78 -19.99
C ARG B 350 41.89 23.29 -21.09
N ARG B 351 40.66 22.92 -20.75
CA ARG B 351 39.77 22.26 -21.68
C ARG B 351 39.24 23.24 -22.72
N TYR B 352 39.00 24.49 -22.33
CA TYR B 352 38.52 25.47 -23.28
C TYR B 352 39.59 25.83 -24.30
N VAL B 353 40.86 25.91 -23.86
CA VAL B 353 41.96 26.13 -24.80
C VAL B 353 42.03 24.98 -25.81
N ARG B 354 41.95 23.74 -25.32
CA ARG B 354 42.03 22.60 -26.22
C ARG B 354 40.86 22.57 -27.20
N LYS B 355 39.65 22.86 -26.71
CA LYS B 355 38.47 22.90 -27.57
C LYS B 355 38.56 24.03 -28.59
N LEU B 356 39.25 25.12 -28.24
CA LEU B 356 39.47 26.20 -29.20
C LEU B 356 40.42 25.77 -30.30
N ILE B 357 41.54 25.14 -29.94
CA ILE B 357 42.65 25.02 -30.88
C ILE B 357 42.56 23.74 -31.72
N GLU B 358 41.53 22.91 -31.51
CA GLU B 358 41.37 21.71 -32.32
C GLU B 358 40.98 22.01 -33.77
N THR B 359 40.43 23.20 -34.04
CA THR B 359 39.90 23.46 -35.37
C THR B 359 41.02 23.64 -36.40
N GLU B 360 42.10 24.34 -36.00
CA GLU B 360 43.25 24.53 -36.87
C GLU B 360 44.42 23.60 -36.53
N PHE B 361 44.71 23.42 -35.24
CA PHE B 361 45.85 22.62 -34.79
C PHE B 361 45.31 21.46 -33.95
N PRO B 362 44.82 20.40 -34.60
CA PRO B 362 44.44 19.20 -33.84
C PRO B 362 45.62 18.52 -33.18
N ASP B 363 46.84 18.78 -33.66
CA ASP B 363 48.04 18.10 -33.18
C ASP B 363 48.82 18.96 -32.20
N ILE B 364 48.13 19.64 -31.28
CA ILE B 364 48.75 20.21 -30.09
C ILE B 364 47.98 19.73 -28.87
N ALA B 365 48.70 19.14 -27.91
CA ALA B 365 48.08 18.57 -26.71
C ALA B 365 48.14 19.62 -25.60
N VAL B 366 46.98 20.09 -25.19
CA VAL B 366 46.88 21.06 -24.10
C VAL B 366 46.77 20.31 -22.78
N ILE B 367 47.67 20.61 -21.85
CA ILE B 367 47.57 20.18 -20.46
C ILE B 367 47.83 21.38 -19.55
N SER B 368 47.56 21.18 -18.26
CA SER B 368 47.66 22.24 -17.26
C SER B 368 48.61 21.80 -16.15
N TYR B 369 48.72 22.65 -15.12
CA TYR B 369 49.69 22.39 -14.06
C TYR B 369 49.32 21.15 -13.26
N GLN B 370 48.03 20.90 -13.09
CA GLN B 370 47.58 19.81 -12.22
C GLN B 370 47.79 18.45 -12.87
N GLU B 371 48.03 18.42 -14.17
CA GLU B 371 47.99 17.19 -14.95
C GLU B 371 49.38 16.60 -15.20
N ILE B 372 50.41 17.19 -14.62
CA ILE B 372 51.75 16.62 -14.64
C ILE B 372 52.12 16.16 -13.23
N LEU B 373 53.11 15.27 -13.17
CA LEU B 373 53.68 14.86 -11.89
C LEU B 373 54.26 16.08 -11.16
N PRO B 374 53.94 16.27 -9.88
CA PRO B 374 54.22 17.56 -9.24
C PRO B 374 55.69 17.73 -8.88
N GLU B 375 56.53 16.89 -9.47
CA GLU B 375 57.95 16.88 -9.15
C GLU B 375 58.82 17.21 -10.35
N ILE B 376 58.24 17.40 -11.53
CA ILE B 376 59.02 17.50 -12.75
C ILE B 376 59.35 18.97 -12.98
N ARG B 377 60.57 19.22 -13.47
CA ARG B 377 61.01 20.57 -13.78
C ARG B 377 60.76 20.89 -15.26
N ILE B 378 60.71 22.19 -15.54
CA ILE B 378 60.04 22.71 -16.73
C ILE B 378 60.97 23.72 -17.40
N GLN B 379 61.16 23.58 -18.71
CA GLN B 379 61.70 24.67 -19.51
C GLN B 379 60.55 25.38 -20.24
N PRO B 380 60.24 26.62 -19.90
CA PRO B 380 59.60 27.52 -20.88
C PRO B 380 60.46 27.66 -22.13
N LEU B 381 59.89 27.26 -23.26
CA LEU B 381 60.53 27.44 -24.56
C LEU B 381 60.06 28.70 -25.28
N GLY B 382 59.21 29.49 -24.67
CA GLY B 382 58.73 30.72 -25.27
C GLY B 382 57.30 31.01 -24.86
N ARG B 383 56.95 32.29 -24.88
CA ARG B 383 55.73 32.79 -24.26
C ARG B 383 54.98 33.67 -25.25
N ILE B 384 53.68 33.47 -25.34
CA ILE B 384 52.88 33.87 -26.51
C ILE B 384 52.05 35.09 -26.15
N GLN B 385 52.02 36.06 -27.06
CA GLN B 385 51.71 37.44 -26.73
C GLN B 385 50.80 37.98 -27.83
N ILE B 386 50.63 39.30 -27.90
CA ILE B 386 49.73 39.94 -28.87
C ILE B 386 48.31 39.43 -28.70
N ASN C 39 -9.17 -17.95 -48.09
CA ASN C 39 -10.39 -18.31 -47.40
C ASN C 39 -11.34 -17.12 -47.29
N PRO C 40 -12.54 -17.25 -47.88
CA PRO C 40 -13.61 -16.30 -47.55
C PRO C 40 -14.13 -16.40 -46.12
N ASP C 41 -13.86 -17.50 -45.43
CA ASP C 41 -14.05 -17.59 -43.99
C ASP C 41 -12.86 -17.04 -43.20
N ASP C 42 -12.03 -16.21 -43.83
CA ASP C 42 -10.90 -15.58 -43.18
C ASP C 42 -10.75 -14.17 -43.73
N TYR C 43 -9.83 -13.42 -43.13
CA TYR C 43 -9.50 -12.09 -43.62
C TYR C 43 -8.29 -12.16 -44.55
N SER C 44 -8.13 -11.10 -45.34
CA SER C 44 -7.01 -10.96 -46.24
C SER C 44 -6.27 -9.66 -45.94
N LEU C 45 -4.95 -9.70 -46.12
CA LEU C 45 -4.12 -8.54 -45.84
C LEU C 45 -3.96 -7.68 -47.10
N THR C 46 -3.95 -6.37 -46.91
CA THR C 46 -3.85 -5.45 -48.05
C THR C 46 -2.47 -5.58 -48.70
N LEU C 47 -2.46 -5.80 -50.02
CA LEU C 47 -1.22 -6.05 -50.73
C LEU C 47 -0.53 -4.73 -51.09
N PRO C 48 0.72 -4.51 -50.67
CA PRO C 48 1.29 -3.16 -50.67
C PRO C 48 1.42 -2.56 -52.06
N VAL C 49 2.11 -3.26 -52.96
CA VAL C 49 2.58 -2.69 -54.22
C VAL C 49 2.26 -3.68 -55.32
N ILE C 50 1.35 -3.31 -56.24
CA ILE C 50 0.89 -4.18 -57.31
C ILE C 50 1.32 -3.57 -58.63
N LEU C 51 1.88 -4.39 -59.52
CA LEU C 51 2.40 -3.96 -60.81
C LEU C 51 1.58 -4.60 -61.91
N GLU C 52 0.78 -3.79 -62.61
CA GLU C 52 -0.06 -4.26 -63.69
C GLU C 52 0.70 -4.20 -65.02
N LEU C 53 0.51 -5.25 -65.84
CA LEU C 53 1.15 -5.35 -67.14
C LEU C 53 0.11 -5.61 -68.22
N GLY C 54 0.34 -5.04 -69.41
CA GLY C 54 -0.34 -5.48 -70.61
C GLY C 54 0.22 -6.79 -71.14
N LYS C 55 -0.43 -7.27 -72.22
CA LYS C 55 -0.11 -8.61 -72.73
C LYS C 55 1.29 -8.68 -73.29
N ASP C 56 1.72 -7.64 -74.01
CA ASP C 56 3.03 -7.66 -74.66
C ASP C 56 4.16 -7.60 -73.62
N LEU C 57 4.02 -6.74 -72.61
CA LEU C 57 4.99 -6.71 -71.53
C LEU C 57 4.98 -8.02 -70.74
N SER C 58 3.82 -8.65 -70.58
CA SER C 58 3.75 -9.95 -69.91
C SER C 58 4.44 -11.04 -70.71
N LYS C 59 4.42 -10.96 -72.04
CA LYS C 59 5.24 -11.87 -72.83
C LYS C 59 6.71 -11.49 -72.80
N LEU C 60 7.04 -10.20 -72.65
CA LEU C 60 8.44 -9.80 -72.58
C LEU C 60 9.09 -10.26 -71.28
N ILE C 61 8.34 -10.28 -70.18
CA ILE C 61 8.90 -10.73 -68.91
C ILE C 61 9.07 -12.25 -68.84
N GLN C 62 8.71 -12.96 -69.92
CA GLN C 62 8.98 -14.39 -69.98
C GLN C 62 10.47 -14.67 -70.09
N HIS C 63 11.20 -13.83 -70.80
CA HIS C 63 12.52 -14.16 -71.33
C HIS C 63 13.62 -13.59 -70.45
N LYS C 64 14.81 -14.19 -70.57
CA LYS C 64 15.99 -13.66 -69.92
C LYS C 64 16.54 -12.46 -70.69
N THR C 65 17.34 -11.66 -69.99
CA THR C 65 17.83 -10.40 -70.52
C THR C 65 19.20 -10.61 -71.17
N LYS C 66 19.87 -9.51 -71.49
CA LYS C 66 21.15 -9.58 -72.19
C LYS C 66 22.19 -10.33 -71.36
N SER C 67 22.28 -10.01 -70.08
CA SER C 67 23.26 -10.62 -69.18
C SER C 67 22.80 -11.96 -68.63
N GLY C 68 21.73 -12.54 -69.18
CA GLY C 68 21.21 -13.80 -68.69
C GLY C 68 20.41 -13.72 -67.42
N GLN C 69 20.08 -12.51 -66.96
CA GLN C 69 19.39 -12.31 -65.69
C GLN C 69 17.89 -12.20 -65.89
N SER C 70 17.14 -12.55 -64.85
CA SER C 70 15.69 -12.41 -64.85
C SER C 70 15.27 -11.03 -64.34
N PHE C 71 14.19 -10.50 -64.92
CA PHE C 71 13.53 -9.35 -64.33
C PHE C 71 12.98 -9.67 -62.94
N VAL C 72 12.19 -10.75 -62.84
CA VAL C 72 11.42 -10.98 -61.63
C VAL C 72 12.27 -11.68 -60.59
N ASP C 73 13.25 -12.48 -61.02
CA ASP C 73 14.03 -13.31 -60.12
C ASP C 73 15.36 -12.70 -59.73
N ASP C 74 15.88 -11.77 -60.54
CA ASP C 74 17.12 -11.06 -60.23
C ASP C 74 16.90 -9.57 -59.99
N MET C 75 16.25 -8.87 -60.93
CA MET C 75 16.40 -7.42 -60.99
C MET C 75 15.66 -6.73 -59.84
N ILE C 76 14.47 -7.21 -59.49
CA ILE C 76 13.66 -6.58 -58.46
C ILE C 76 14.30 -6.72 -57.08
N PRO C 77 14.79 -7.91 -56.68
CA PRO C 77 15.53 -7.97 -55.41
C PRO C 77 16.77 -7.08 -55.37
N LYS C 78 17.50 -6.96 -56.48
CA LYS C 78 18.66 -6.08 -56.50
C LYS C 78 18.24 -4.62 -56.38
N MET C 79 17.11 -4.24 -57.01
CA MET C 79 16.54 -2.92 -56.78
C MET C 79 16.25 -2.69 -55.31
N ARG C 80 15.61 -3.66 -54.66
CA ARG C 80 15.26 -3.50 -53.26
C ARG C 80 16.50 -3.35 -52.39
N GLN C 81 17.52 -4.18 -52.63
CA GLN C 81 18.75 -4.09 -51.85
C GLN C 81 19.46 -2.77 -52.07
N ALA C 82 19.50 -2.29 -53.33
CA ALA C 82 20.15 -1.01 -53.61
C ALA C 82 19.42 0.14 -52.96
N LEU C 83 18.09 0.12 -52.99
CA LEU C 83 17.32 1.14 -52.29
C LEU C 83 17.58 1.10 -50.79
N TYR C 84 17.68 -0.10 -50.21
CA TYR C 84 17.96 -0.21 -48.78
C TYR C 84 19.34 0.31 -48.43
N GLN C 85 20.33 0.07 -49.29
CA GLN C 85 21.66 0.63 -49.08
C GLN C 85 21.67 2.15 -49.23
N ASP C 86 20.83 2.69 -50.12
CA ASP C 86 20.88 4.12 -50.43
C ASP C 86 20.12 4.94 -49.40
N ILE C 87 18.90 4.51 -49.05
CA ILE C 87 18.14 5.07 -47.95
C ILE C 87 17.68 3.93 -47.05
N GLY C 88 17.57 4.20 -45.76
CA GLY C 88 17.58 3.13 -44.79
C GLY C 88 16.24 2.45 -44.64
N ILE C 89 15.49 2.34 -45.73
CA ILE C 89 14.12 1.81 -45.70
C ILE C 89 14.08 0.56 -46.56
N ARG C 90 13.59 -0.54 -45.97
CA ARG C 90 13.41 -1.79 -46.71
C ARG C 90 11.99 -1.81 -47.26
N TYR C 91 11.85 -1.59 -48.57
CA TYR C 91 10.51 -1.50 -49.12
C TYR C 91 9.96 -2.90 -49.41
N PRO C 92 8.69 -3.15 -49.13
CA PRO C 92 8.17 -4.52 -49.16
C PRO C 92 7.99 -5.02 -50.58
N GLY C 93 7.87 -6.36 -50.68
CA GLY C 93 8.01 -7.01 -51.97
C GLY C 93 6.81 -6.81 -52.87
N ILE C 94 7.01 -7.13 -54.15
CA ILE C 94 6.23 -6.55 -55.24
C ILE C 94 5.36 -7.66 -55.83
N HIS C 95 4.10 -7.34 -56.06
CA HIS C 95 3.12 -8.29 -56.58
C HIS C 95 2.91 -7.99 -58.05
N VAL C 96 3.26 -8.96 -58.91
CA VAL C 96 3.24 -8.76 -60.36
C VAL C 96 2.07 -9.56 -60.93
N ARG C 97 1.13 -8.87 -61.54
CA ARG C 97 -0.02 -9.48 -62.21
C ARG C 97 0.11 -9.25 -63.71
N THR C 98 0.05 -10.33 -64.49
CA THR C 98 0.09 -10.24 -65.95
C THR C 98 -1.31 -9.99 -66.51
N ASP C 99 -1.35 -9.53 -67.77
CA ASP C 99 -2.53 -9.58 -68.61
C ASP C 99 -3.69 -8.75 -68.03
N SER C 100 -3.41 -7.47 -67.84
CA SER C 100 -4.42 -6.55 -67.33
C SER C 100 -5.55 -6.39 -68.35
N PRO C 101 -6.81 -6.47 -67.91
CA PRO C 101 -7.90 -5.92 -68.73
C PRO C 101 -7.78 -4.43 -69.00
N SER C 102 -7.19 -3.66 -68.08
CA SER C 102 -7.35 -2.21 -68.05
C SER C 102 -6.19 -1.47 -68.71
N LEU C 103 -5.26 -2.19 -69.32
CA LEU C 103 -4.08 -1.60 -69.95
C LEU C 103 -3.93 -2.09 -71.37
N GLU C 104 -3.44 -1.22 -72.24
CA GLU C 104 -2.87 -1.67 -73.49
C GLU C 104 -1.55 -2.39 -73.26
N GLY C 105 -1.06 -3.07 -74.30
CA GLY C 105 -0.08 -4.12 -74.09
C GLY C 105 1.29 -3.61 -73.69
N TYR C 106 1.64 -2.39 -74.11
CA TYR C 106 2.89 -1.76 -73.73
C TYR C 106 2.70 -0.71 -72.63
N ASP C 107 1.59 -0.77 -71.91
CA ASP C 107 1.31 0.16 -70.82
C ASP C 107 1.41 -0.56 -69.49
N TYR C 108 1.66 0.22 -68.43
CA TYR C 108 1.91 -0.33 -67.11
C TYR C 108 1.27 0.57 -66.07
N MET C 109 0.96 -0.01 -64.91
CA MET C 109 0.21 0.70 -63.88
C MET C 109 0.70 0.22 -62.53
N ILE C 110 0.79 1.15 -61.57
CA ILE C 110 1.30 0.87 -60.24
C ILE C 110 0.19 1.10 -59.22
N LEU C 111 0.06 0.19 -58.27
CA LEU C 111 -0.95 0.28 -57.23
C LEU C 111 -0.26 0.40 -55.88
N LEU C 112 -0.65 1.42 -55.11
CA LEU C 112 -0.24 1.57 -53.72
C LEU C 112 -1.37 1.09 -52.81
N ASN C 113 -1.13 -0.03 -52.11
CA ASN C 113 -2.10 -0.62 -51.19
C ASN C 113 -3.42 -0.93 -51.90
N GLU C 114 -3.31 -1.56 -53.07
CA GLU C 114 -4.44 -1.88 -53.95
C GLU C 114 -5.21 -0.64 -54.42
N VAL C 115 -4.59 0.53 -54.35
CA VAL C 115 -5.12 1.74 -54.98
C VAL C 115 -4.08 2.24 -55.98
N PRO C 116 -4.42 2.37 -57.26
CA PRO C 116 -3.45 2.84 -58.26
C PRO C 116 -2.92 4.24 -57.93
N TYR C 117 -1.62 4.43 -58.17
CA TYR C 117 -0.93 5.68 -57.87
C TYR C 117 -0.62 6.51 -59.10
N VAL C 118 -0.01 5.91 -60.12
CA VAL C 118 0.25 6.62 -61.38
C VAL C 118 0.24 5.60 -62.52
N ARG C 119 -0.33 6.03 -63.65
CA ARG C 119 -0.26 5.29 -64.90
C ARG C 119 0.97 5.70 -65.70
N GLY C 120 1.40 4.78 -66.58
CA GLY C 120 2.49 5.05 -67.48
C GLY C 120 2.14 4.62 -68.89
N LYS C 121 2.92 5.14 -69.84
CA LYS C 121 3.00 4.56 -71.18
C LYS C 121 4.46 4.34 -71.55
N ILE C 122 4.69 3.34 -72.38
CA ILE C 122 5.98 3.08 -73.00
C ILE C 122 5.77 3.08 -74.51
N PRO C 123 6.49 3.90 -75.27
CA PRO C 123 6.53 3.70 -76.73
C PRO C 123 7.08 2.33 -77.05
N PRO C 124 6.41 1.59 -77.95
CA PRO C 124 6.87 0.24 -78.27
C PRO C 124 8.24 0.27 -78.94
N HIS C 125 9.12 -0.62 -78.49
CA HIS C 125 10.41 -0.87 -79.14
C HIS C 125 11.25 0.41 -79.19
N HIS C 126 11.18 1.21 -78.14
CA HIS C 126 12.03 2.38 -77.96
C HIS C 126 12.68 2.32 -76.59
N VAL C 127 13.88 2.86 -76.49
CA VAL C 127 14.63 2.85 -75.24
C VAL C 127 14.92 4.29 -74.82
N LEU C 128 14.96 4.51 -73.52
CA LEU C 128 14.99 5.84 -72.94
C LEU C 128 16.42 6.14 -72.52
N THR C 129 17.02 7.16 -73.13
CA THR C 129 18.31 7.68 -72.68
C THR C 129 18.24 9.19 -72.55
N ASN C 130 18.77 9.71 -71.42
CA ASN C 130 18.83 11.17 -71.17
C ASN C 130 19.98 11.72 -72.00
N GLU C 131 19.70 12.57 -72.99
CA GLU C 131 20.72 13.06 -73.90
C GLU C 131 20.57 14.56 -74.12
N VAL C 132 21.70 15.20 -74.43
CA VAL C 132 21.80 16.65 -74.39
C VAL C 132 21.11 17.24 -75.62
N GLU C 133 20.77 18.53 -75.54
CA GLU C 133 19.96 19.21 -76.55
C GLU C 133 20.55 19.14 -77.96
N ASP C 134 21.82 18.73 -78.06
CA ASP C 134 22.51 18.63 -79.38
C ASP C 134 23.10 17.23 -79.53
N ASN C 135 23.04 16.43 -78.46
CA ASN C 135 23.54 15.03 -78.51
C ASN C 135 22.56 14.18 -79.34
N LEU C 136 21.27 14.46 -79.20
CA LEU C 136 20.25 13.74 -80.01
C LEU C 136 20.44 14.11 -81.48
N SER C 137 20.70 15.39 -81.76
CA SER C 137 20.87 15.86 -83.16
C SER C 137 22.22 15.41 -83.72
N ARG C 138 23.21 15.16 -82.84
CA ARG C 138 24.57 14.76 -83.29
C ARG C 138 24.47 13.52 -84.18
N TYR C 139 23.74 12.50 -83.75
CA TYR C 139 23.63 11.24 -84.52
C TYR C 139 22.22 11.09 -85.05
N ASN C 140 21.46 12.20 -85.13
CA ASN C 140 20.06 12.18 -85.63
C ASN C 140 19.31 11.02 -84.97
N LEU C 141 19.36 10.93 -83.63
CA LEU C 141 18.72 9.81 -82.91
C LEU C 141 17.20 9.90 -83.07
N PRO C 142 16.51 8.81 -83.48
CA PRO C 142 15.04 8.81 -83.57
C PRO C 142 14.39 8.78 -82.19
N PHE C 143 14.48 9.88 -81.44
CA PHE C 143 13.94 9.91 -80.06
C PHE C 143 12.46 10.31 -80.06
N ILE C 144 11.69 9.78 -79.10
CA ILE C 144 10.26 10.19 -78.97
C ILE C 144 10.21 11.18 -77.79
N THR C 145 9.78 12.42 -78.05
CA THR C 145 9.71 13.45 -76.98
C THR C 145 8.51 13.13 -76.07
N TYR C 146 8.70 12.24 -75.09
CA TYR C 146 7.62 11.89 -74.13
C TYR C 146 8.23 11.73 -72.74
N LYS C 147 7.93 12.67 -71.84
CA LYS C 147 8.42 12.56 -70.44
C LYS C 147 7.54 11.53 -69.73
N ASN C 148 8.03 10.29 -69.60
CA ASN C 148 7.24 9.21 -68.95
C ASN C 148 6.85 9.66 -67.55
N ALA C 149 7.81 10.15 -66.76
CA ALA C 149 7.50 10.66 -65.40
C ALA C 149 8.25 11.98 -65.17
N ALA C 150 8.30 12.44 -63.92
CA ALA C 150 9.06 13.67 -63.61
C ALA C 150 10.54 13.31 -63.49
N GLY C 151 10.85 12.04 -63.18
CA GLY C 151 12.25 11.59 -63.12
C GLY C 151 12.67 10.91 -64.41
N LEU C 152 11.71 10.62 -65.29
CA LEU C 152 12.03 9.91 -66.56
C LEU C 152 12.06 10.91 -67.71
N PRO C 153 13.17 11.01 -68.48
CA PRO C 153 13.31 12.01 -69.56
C PRO C 153 12.38 11.90 -70.77
N SER C 154 12.56 12.80 -71.74
CA SER C 154 11.71 12.81 -72.96
C SER C 154 12.55 12.50 -74.20
N ALA C 155 13.17 11.31 -74.24
CA ALA C 155 14.03 10.94 -75.39
C ALA C 155 14.00 9.42 -75.60
N TRP C 156 12.93 8.91 -76.20
CA TRP C 156 12.81 7.45 -76.43
C TRP C 156 13.42 7.08 -77.79
N VAL C 157 14.76 6.96 -77.84
CA VAL C 157 15.46 6.58 -79.09
C VAL C 157 15.07 5.15 -79.46
N SER C 158 14.95 4.83 -80.76
CA SER C 158 14.61 3.46 -81.20
C SER C 158 15.58 2.43 -80.59
N GLU C 159 15.10 1.22 -80.34
CA GLU C 159 15.95 0.15 -79.74
C GLU C 159 16.88 -0.45 -80.79
N ASP C 160 16.79 0.03 -82.04
CA ASP C 160 17.68 -0.46 -83.13
C ASP C 160 18.94 0.41 -83.17
N ALA C 161 19.03 1.43 -82.30
CA ALA C 161 20.22 2.30 -82.25
C ALA C 161 21.13 1.85 -81.10
N LYS C 162 20.79 0.75 -80.43
CA LYS C 162 21.59 0.23 -79.28
C LYS C 162 23.05 0.04 -79.72
N ALA C 163 23.28 -0.59 -80.88
CA ALA C 163 24.65 -0.88 -81.35
C ALA C 163 25.48 0.41 -81.43
N ILE C 164 24.92 1.47 -82.03
CA ILE C 164 25.64 2.77 -82.13
C ILE C 164 25.98 3.24 -80.71
N LEU C 165 25.01 3.20 -79.80
CA LEU C 165 25.21 3.68 -78.43
C LEU C 165 26.31 2.89 -77.72
N GLU C 166 26.47 1.61 -78.07
CA GLU C 166 27.53 0.81 -77.47
C GLU C 166 28.92 1.29 -77.90
N LYS C 167 29.06 1.66 -79.17
CA LYS C 167 30.31 2.28 -79.62
C LYS C 167 30.48 3.68 -79.05
N ALA C 168 29.38 4.43 -78.91
CA ALA C 168 29.44 5.85 -78.63
C ALA C 168 29.57 6.17 -77.14
N ALA C 169 29.74 5.14 -76.30
CA ALA C 169 29.93 5.30 -74.86
C ALA C 169 28.74 6.02 -74.21
N ILE C 170 27.55 5.77 -74.73
CA ILE C 170 26.31 6.27 -74.16
C ILE C 170 25.59 5.11 -73.49
N LYS C 171 25.36 5.21 -72.18
CA LYS C 171 24.57 4.22 -71.49
C LYS C 171 23.08 4.40 -71.81
N TYR C 172 22.41 3.29 -72.11
CA TYR C 172 21.01 3.26 -72.50
C TYR C 172 20.25 2.34 -71.56
N TRP C 173 18.93 2.52 -71.51
CA TRP C 173 18.07 1.67 -70.70
C TRP C 173 17.06 0.96 -71.60
N THR C 174 17.00 -0.36 -71.49
CA THR C 174 15.82 -1.16 -71.83
C THR C 174 14.60 -0.64 -71.10
N PRO C 175 13.41 -0.78 -71.68
CA PRO C 175 12.19 -0.34 -70.98
C PRO C 175 11.99 -1.02 -69.64
N LEU C 176 12.49 -2.24 -69.47
CA LEU C 176 12.47 -2.88 -68.15
C LEU C 176 13.28 -2.06 -67.14
N GLU C 177 14.45 -1.58 -67.56
CA GLU C 177 15.23 -0.69 -66.71
C GLU C 177 14.52 0.65 -66.49
N VAL C 178 13.71 1.09 -67.45
CA VAL C 178 12.92 2.30 -67.25
C VAL C 178 11.87 2.10 -66.17
N ILE C 179 11.20 0.94 -66.19
CA ILE C 179 10.30 0.56 -65.11
C ILE C 179 11.03 0.51 -63.77
N ILE C 180 12.23 -0.05 -63.75
CA ILE C 180 13.00 -0.10 -62.51
C ILE C 180 13.28 1.31 -62.00
N LEU C 181 13.70 2.21 -62.89
CA LEU C 181 13.99 3.58 -62.48
C LEU C 181 12.74 4.29 -61.97
N HIS C 182 11.59 4.07 -62.63
CA HIS C 182 10.37 4.73 -62.21
C HIS C 182 9.87 4.18 -60.87
N LEU C 183 10.03 2.88 -60.64
CA LEU C 183 9.76 2.32 -59.32
C LEU C 183 10.66 2.93 -58.25
N SER C 184 11.95 3.09 -58.57
CA SER C 184 12.86 3.71 -57.60
C SER C 184 12.42 5.14 -57.29
N TYR C 185 12.01 5.89 -58.32
CA TYR C 185 11.52 7.25 -58.11
C TYR C 185 10.27 7.26 -57.25
N PHE C 186 9.37 6.29 -57.48
CA PHE C 186 8.12 6.19 -56.70
C PHE C 186 8.46 5.89 -55.23
N PHE C 187 9.40 4.97 -54.99
CA PHE C 187 9.72 4.55 -53.60
C PHE C 187 10.33 5.74 -52.82
N HIS C 188 11.16 6.53 -53.49
CA HIS C 188 11.77 7.72 -52.83
C HIS C 188 10.67 8.77 -52.58
N LYS C 189 9.75 8.92 -53.52
CA LYS C 189 8.67 9.93 -53.37
C LYS C 189 7.70 9.49 -52.28
N SER C 190 7.39 8.18 -52.22
CA SER C 190 6.41 7.67 -51.22
C SER C 190 7.14 7.00 -50.05
N SER C 191 8.31 7.53 -49.65
CA SER C 191 9.01 7.00 -48.50
C SER C 191 8.09 6.91 -47.29
N GLN C 192 7.24 7.92 -47.10
CA GLN C 192 6.43 7.98 -45.89
C GLN C 192 5.50 6.79 -45.81
N GLU C 193 5.04 6.27 -46.94
CA GLU C 193 3.96 5.30 -46.95
C GLU C 193 4.43 3.89 -46.63
N PHE C 194 5.74 3.67 -46.51
CA PHE C 194 6.25 2.35 -46.16
C PHE C 194 6.98 2.30 -44.82
N LEU C 195 7.19 3.45 -44.17
CA LEU C 195 7.88 3.49 -42.88
C LEU C 195 6.83 3.65 -41.80
N GLY C 196 6.22 2.53 -41.41
CA GLY C 196 5.32 2.46 -40.29
C GLY C 196 5.88 1.67 -39.13
N ILE C 197 5.04 1.50 -38.11
CA ILE C 197 5.56 1.26 -36.77
C ILE C 197 6.14 -0.15 -36.65
N GLN C 198 5.58 -1.12 -37.37
CA GLN C 198 6.03 -2.50 -37.18
C GLN C 198 7.39 -2.74 -37.83
N GLU C 199 7.67 -2.09 -38.95
CA GLU C 199 9.01 -2.18 -39.55
C GLU C 199 10.06 -1.49 -38.69
N VAL C 200 9.70 -0.36 -38.08
CA VAL C 200 10.60 0.29 -37.13
C VAL C 200 10.89 -0.64 -35.96
N ARG C 201 9.87 -1.32 -35.44
CA ARG C 201 10.08 -2.32 -34.40
C ARG C 201 11.02 -3.42 -34.87
N SER C 202 10.83 -3.90 -36.10
CA SER C 202 11.69 -4.97 -36.61
C SER C 202 13.14 -4.54 -36.69
N MET C 203 13.41 -3.33 -37.17
CA MET C 203 14.80 -2.87 -37.23
C MET C 203 15.36 -2.57 -35.84
N ILE C 204 14.52 -2.10 -34.92
CA ILE C 204 14.98 -1.91 -33.55
C ILE C 204 15.38 -3.25 -32.93
N GLU C 205 14.64 -4.31 -33.20
CA GLU C 205 15.04 -5.60 -32.64
C GLU C 205 16.20 -6.23 -33.38
N PHE C 206 16.40 -5.89 -34.66
CA PHE C 206 17.65 -6.26 -35.32
C PHE C 206 18.84 -5.58 -34.66
N MET C 207 18.69 -4.32 -34.25
CA MET C 207 19.74 -3.67 -33.47
C MET C 207 19.91 -4.33 -32.11
N GLU C 208 18.80 -4.75 -31.47
CA GLU C 208 18.87 -5.52 -30.23
C GLU C 208 19.66 -6.81 -30.40
N ARG C 209 19.64 -7.38 -31.60
CA ARG C 209 20.44 -8.58 -31.84
C ARG C 209 21.93 -8.34 -31.58
N SER C 210 22.39 -7.11 -31.79
CA SER C 210 23.81 -6.78 -31.69
C SER C 210 24.12 -5.79 -30.58
N PHE C 211 23.26 -4.79 -30.38
CA PHE C 211 23.63 -3.61 -29.58
C PHE C 211 22.63 -3.36 -28.45
N PRO C 212 22.37 -4.38 -27.62
CA PRO C 212 21.06 -4.40 -26.93
C PRO C 212 20.92 -3.30 -25.89
N ASP C 213 21.99 -2.97 -25.18
CA ASP C 213 21.89 -2.00 -24.09
C ASP C 213 21.76 -0.56 -24.59
N LEU C 214 22.38 -0.24 -25.73
CA LEU C 214 22.07 1.01 -26.41
C LEU C 214 20.59 1.13 -26.72
N VAL C 215 20.01 0.06 -27.27
CA VAL C 215 18.58 0.06 -27.58
C VAL C 215 17.76 0.23 -26.31
N LYS C 216 18.15 -0.45 -25.23
CA LYS C 216 17.40 -0.37 -23.99
C LYS C 216 17.44 1.04 -23.40
N GLU C 217 18.60 1.70 -23.46
CA GLU C 217 18.68 3.09 -23.03
C GLU C 217 17.77 3.98 -23.88
N VAL C 218 17.83 3.83 -25.19
CA VAL C 218 17.06 4.71 -26.05
C VAL C 218 15.56 4.51 -25.83
N THR C 219 15.13 3.26 -25.73
CA THR C 219 13.70 2.97 -25.58
C THR C 219 13.18 3.15 -24.16
N ARG C 220 14.07 3.25 -23.17
CA ARG C 220 13.69 3.90 -21.93
C ARG C 220 13.51 5.41 -22.13
N LEU C 221 14.32 6.03 -22.99
CA LEU C 221 14.25 7.48 -23.13
C LEU C 221 13.18 7.96 -24.10
N ILE C 222 12.87 7.20 -25.15
CA ILE C 222 11.91 7.61 -26.17
C ILE C 222 10.94 6.46 -26.44
N PRO C 223 9.63 6.66 -26.28
CA PRO C 223 8.68 5.61 -26.65
C PRO C 223 8.62 5.41 -28.16
N LEU C 224 8.16 4.22 -28.55
CA LEU C 224 8.45 3.70 -29.88
C LEU C 224 7.78 4.55 -30.97
N GLN C 225 6.57 5.06 -30.69
CA GLN C 225 5.85 5.83 -31.70
C GLN C 225 6.58 7.11 -32.07
N LYS C 226 7.11 7.82 -31.07
CA LYS C 226 7.86 9.04 -31.35
C LYS C 226 9.17 8.73 -32.06
N LEU C 227 9.79 7.58 -31.77
CA LEU C 227 10.97 7.16 -32.51
C LEU C 227 10.63 6.91 -33.97
N THR C 228 9.50 6.26 -34.25
CA THR C 228 9.05 6.10 -35.62
C THR C 228 8.78 7.45 -36.28
N GLU C 229 8.23 8.40 -35.52
CA GLU C 229 8.01 9.74 -36.06
C GLU C 229 9.33 10.43 -36.39
N ILE C 230 10.35 10.25 -35.55
CA ILE C 230 11.68 10.77 -35.86
C ILE C 230 12.22 10.16 -37.15
N PHE C 231 12.07 8.84 -37.31
CA PHE C 231 12.53 8.21 -38.54
C PHE C 231 11.80 8.75 -39.77
N LYS C 232 10.49 8.96 -39.65
CA LYS C 232 9.72 9.53 -40.76
C LYS C 232 10.19 10.95 -41.07
N ARG C 233 10.43 11.77 -40.04
CA ARG C 233 10.89 13.13 -40.29
C ARG C 233 12.32 13.17 -40.83
N LEU C 234 13.12 12.14 -40.56
CA LEU C 234 14.42 12.02 -41.23
C LEU C 234 14.24 11.67 -42.70
N VAL C 235 13.52 10.59 -43.00
CA VAL C 235 13.42 10.12 -44.38
C VAL C 235 12.50 10.99 -45.22
N GLN C 236 11.86 11.99 -44.62
CA GLN C 236 11.20 13.03 -45.40
C GLN C 236 12.19 13.74 -46.31
N GLU C 237 13.36 14.11 -45.79
CA GLU C 237 14.38 14.81 -46.57
C GLU C 237 15.41 13.86 -47.17
N GLN C 238 15.02 12.60 -47.42
CA GLN C 238 15.87 11.62 -48.07
C GLN C 238 17.15 11.34 -47.27
N ILE C 239 17.11 11.53 -45.95
CA ILE C 239 18.21 11.14 -45.08
C ILE C 239 18.13 9.65 -44.82
N SER C 240 19.15 8.91 -45.24
CA SER C 240 19.15 7.48 -45.03
C SER C 240 19.21 7.14 -43.55
N ILE C 241 18.58 6.03 -43.19
CA ILE C 241 18.71 5.48 -41.84
C ILE C 241 19.28 4.07 -41.94
N LYS C 242 20.13 3.82 -42.93
CA LYS C 242 20.96 2.63 -42.90
C LYS C 242 21.94 2.65 -41.73
N ASP C 243 22.51 3.82 -41.42
CA ASP C 243 23.43 3.97 -40.30
C ASP C 243 22.62 4.18 -39.02
N LEU C 244 22.01 3.09 -38.54
CA LEU C 244 21.25 3.15 -37.30
C LEU C 244 22.15 3.44 -36.11
N ARG C 245 23.42 3.05 -36.19
CA ARG C 245 24.31 3.17 -35.05
C ARG C 245 24.51 4.63 -34.66
N THR C 246 24.84 5.48 -35.63
CA THR C 246 25.08 6.89 -35.34
C THR C 246 23.79 7.56 -34.86
N ILE C 247 22.65 7.18 -35.45
CA ILE C 247 21.37 7.72 -35.03
C ILE C 247 21.11 7.40 -33.57
N LEU C 248 21.35 6.14 -33.18
CA LEU C 248 21.09 5.75 -31.80
C LEU C 248 22.05 6.41 -30.83
N GLU C 249 23.32 6.57 -31.25
CA GLU C 249 24.27 7.30 -30.40
C GLU C 249 23.83 8.74 -30.18
N SER C 250 23.41 9.41 -31.25
CA SER C 250 22.97 10.80 -31.11
C SER C 250 21.72 10.91 -30.24
N LEU C 251 20.77 9.97 -30.42
CA LEU C 251 19.58 9.95 -29.58
C LEU C 251 19.93 9.75 -28.11
N SER C 252 20.77 8.77 -27.81
CA SER C 252 21.11 8.47 -26.43
C SER C 252 21.94 9.58 -25.79
N GLU C 253 22.64 10.39 -26.59
CA GLU C 253 23.16 11.65 -26.06
C GLU C 253 22.03 12.64 -25.77
N TRP C 254 21.23 12.99 -26.79
CA TRP C 254 20.46 14.24 -26.71
C TRP C 254 19.18 14.11 -25.91
N ALA C 255 18.60 12.91 -25.83
CA ALA C 255 17.29 12.72 -25.23
C ALA C 255 17.35 12.53 -23.71
N GLN C 256 18.55 12.58 -23.13
CA GLN C 256 18.68 12.85 -21.71
C GLN C 256 17.97 14.14 -21.33
N THR C 257 18.02 15.14 -22.20
CA THR C 257 17.58 16.49 -21.88
C THR C 257 16.31 16.91 -22.61
N GLU C 258 16.17 16.56 -23.89
CA GLU C 258 15.15 17.10 -24.76
C GLU C 258 14.22 15.99 -25.21
N LYS C 259 12.91 16.23 -25.09
CA LYS C 259 11.90 15.23 -25.43
C LYS C 259 11.06 15.60 -26.65
N ASP C 260 11.19 16.82 -27.18
CA ASP C 260 10.54 17.17 -28.43
C ASP C 260 11.10 16.35 -29.59
N THR C 261 10.20 15.82 -30.43
CA THR C 261 10.63 14.99 -31.55
C THR C 261 11.45 15.81 -32.55
N VAL C 262 11.10 17.08 -32.74
CA VAL C 262 11.62 17.83 -33.87
C VAL C 262 13.05 18.29 -33.60
N LEU C 263 13.34 18.72 -32.37
CA LEU C 263 14.71 19.02 -32.01
C LEU C 263 15.59 17.77 -32.07
N LEU C 264 15.03 16.61 -31.71
CA LEU C 264 15.79 15.37 -31.84
C LEU C 264 16.10 15.04 -33.29
N THR C 265 15.15 15.29 -34.19
CA THR C 265 15.45 15.19 -35.62
C THR C 265 16.57 16.15 -36.02
N GLU C 266 16.53 17.39 -35.52
CA GLU C 266 17.59 18.35 -35.83
C GLU C 266 18.95 17.85 -35.38
N TYR C 267 19.02 17.29 -34.17
CA TYR C 267 20.30 16.82 -33.65
C TYR C 267 20.79 15.56 -34.35
N VAL C 268 19.89 14.66 -34.74
CA VAL C 268 20.32 13.51 -35.55
C VAL C 268 20.90 13.97 -36.87
N ARG C 269 20.23 14.93 -37.53
CA ARG C 269 20.79 15.49 -38.75
C ARG C 269 22.17 16.13 -38.50
N SER C 270 22.30 16.90 -37.43
CA SER C 270 23.57 17.58 -37.17
C SER C 270 24.65 16.62 -36.69
N SER C 271 24.28 15.40 -36.28
CA SER C 271 25.25 14.35 -36.00
C SER C 271 25.55 13.47 -37.21
N LEU C 272 24.76 13.55 -38.27
CA LEU C 272 25.09 12.93 -39.55
C LEU C 272 25.77 13.91 -40.52
N LYS C 273 26.57 14.82 -39.96
CA LYS C 273 27.47 15.67 -40.74
C LYS C 273 28.15 14.92 -41.87
N LEU C 274 28.75 13.76 -41.57
CA LEU C 274 29.57 13.07 -42.54
C LEU C 274 28.75 12.62 -43.73
N TYR C 275 27.62 11.97 -43.48
CA TYR C 275 26.77 11.51 -44.57
C TYR C 275 26.25 12.68 -45.39
N ILE C 276 25.81 13.75 -44.72
CA ILE C 276 25.27 14.89 -45.45
C ILE C 276 26.34 15.52 -46.33
N SER C 277 27.54 15.71 -45.79
CA SER C 277 28.61 16.34 -46.55
C SER C 277 29.01 15.48 -47.74
N PHE C 278 29.14 14.17 -47.55
CA PHE C 278 29.53 13.31 -48.67
C PHE C 278 28.45 13.26 -49.73
N LYS C 279 27.17 13.28 -49.32
CA LYS C 279 26.10 13.31 -50.29
C LYS C 279 26.15 14.58 -51.12
N PHE C 280 26.39 15.72 -50.48
CA PHE C 280 26.06 17.00 -51.09
C PHE C 280 27.26 17.72 -51.71
N SER C 281 28.48 17.43 -51.26
CA SER C 281 29.66 17.98 -51.90
C SER C 281 30.18 17.08 -53.00
N GLN C 282 29.59 15.90 -53.20
CA GLN C 282 30.06 14.92 -54.18
C GLN C 282 31.53 14.58 -53.97
N GLY C 283 31.95 14.54 -52.71
CA GLY C 283 33.27 14.04 -52.36
C GLY C 283 34.38 15.07 -52.40
N GLN C 284 34.06 16.34 -52.53
CA GLN C 284 34.99 17.35 -53.01
C GLN C 284 35.60 18.12 -51.84
N SER C 285 36.64 18.89 -52.16
CA SER C 285 37.16 19.88 -51.21
C SER C 285 36.13 20.95 -50.86
N ALA C 286 35.14 21.18 -51.72
CA ALA C 286 34.22 22.29 -51.52
C ALA C 286 32.83 21.88 -52.01
N ILE C 287 31.82 22.57 -51.49
CA ILE C 287 30.42 22.22 -51.68
C ILE C 287 29.69 23.40 -52.30
N SER C 288 28.76 23.12 -53.20
CA SER C 288 28.32 24.07 -54.23
C SER C 288 26.86 24.41 -53.96
N VAL C 289 26.63 25.51 -53.27
CA VAL C 289 25.43 25.70 -52.45
C VAL C 289 24.85 27.08 -52.72
N TYR C 290 23.55 27.21 -52.48
CA TYR C 290 22.89 28.50 -52.38
C TYR C 290 22.78 28.94 -50.92
N LEU C 291 22.68 30.25 -50.73
CA LEU C 291 22.43 30.84 -49.42
C LEU C 291 21.02 31.42 -49.37
N LEU C 292 20.64 31.89 -48.17
CA LEU C 292 19.47 32.72 -47.99
C LEU C 292 19.86 34.20 -48.09
N ASP C 293 18.93 35.08 -47.70
CA ASP C 293 19.28 36.43 -47.30
C ASP C 293 19.02 36.65 -45.82
N PRO C 294 19.89 37.37 -45.12
CA PRO C 294 19.70 37.55 -43.67
C PRO C 294 18.40 38.24 -43.29
N GLU C 295 17.86 39.09 -44.17
CA GLU C 295 16.55 39.69 -43.89
C GLU C 295 15.45 38.63 -43.86
N ILE C 296 15.52 37.65 -44.76
CA ILE C 296 14.56 36.55 -44.72
C ILE C 296 14.71 35.76 -43.42
N GLU C 297 15.95 35.51 -43.00
CA GLU C 297 16.17 34.82 -41.74
C GLU C 297 15.59 35.62 -40.56
N GLU C 298 15.76 36.94 -40.58
CA GLU C 298 15.31 37.79 -39.48
C GLU C 298 13.83 38.17 -39.58
N MET C 299 13.14 37.78 -40.66
CA MET C 299 11.69 37.78 -40.66
C MET C 299 11.06 36.41 -40.49
N ILE C 300 11.88 35.34 -40.47
CA ILE C 300 11.40 34.04 -40.00
C ILE C 300 11.59 33.88 -38.48
N ARG C 301 12.25 34.85 -37.82
CA ARG C 301 11.93 35.09 -36.42
C ARG C 301 10.50 35.57 -36.20
N GLY C 302 9.80 35.99 -37.26
CA GLY C 302 8.35 36.09 -37.22
C GLY C 302 7.62 34.78 -37.06
N ALA C 303 8.28 33.64 -37.27
CA ALA C 303 7.59 32.36 -37.34
C ALA C 303 7.15 31.84 -35.98
N ILE C 304 7.50 32.54 -34.90
CA ILE C 304 7.40 31.96 -33.56
C ILE C 304 5.93 31.81 -33.19
N LYS C 305 5.43 30.57 -33.22
CA LYS C 305 4.12 30.25 -32.69
C LYS C 305 4.15 28.78 -32.26
N GLN C 306 4.34 28.54 -30.96
CA GLN C 306 4.76 27.23 -30.49
C GLN C 306 3.96 26.79 -29.26
N THR C 307 2.73 27.30 -29.11
CA THR C 307 1.98 27.08 -27.88
C THR C 307 1.61 25.60 -27.69
N SER C 308 1.22 24.93 -28.78
CA SER C 308 1.05 23.49 -28.76
C SER C 308 2.38 22.80 -29.03
N ALA C 309 2.35 21.49 -29.27
CA ALA C 309 3.59 20.71 -29.33
C ALA C 309 4.41 21.07 -30.56
N GLY C 310 3.76 21.13 -31.73
CA GLY C 310 4.41 21.63 -32.92
C GLY C 310 4.36 23.15 -33.03
N SER C 311 5.12 23.67 -33.98
CA SER C 311 5.13 25.09 -34.30
C SER C 311 4.50 25.32 -35.67
N TYR C 312 4.40 26.60 -36.05
CA TYR C 312 3.37 27.00 -37.00
C TYR C 312 3.57 28.42 -37.49
N LEU C 313 3.57 28.60 -38.82
CA LEU C 313 4.32 29.66 -39.49
C LEU C 313 3.45 30.91 -39.55
N ALA C 314 3.75 31.88 -38.69
CA ALA C 314 2.81 32.95 -38.36
C ALA C 314 3.33 34.25 -38.98
N LEU C 315 3.05 34.45 -40.28
CA LEU C 315 3.71 35.60 -40.96
C LEU C 315 2.77 36.29 -41.96
N ASP C 316 3.30 37.28 -42.68
CA ASP C 316 2.53 37.95 -43.75
C ASP C 316 2.40 36.95 -44.90
N PRO C 317 1.17 36.57 -45.31
CA PRO C 317 0.99 35.54 -46.34
C PRO C 317 1.38 35.96 -47.76
N ASP C 318 2.03 37.11 -47.93
CA ASP C 318 2.47 37.49 -49.26
C ASP C 318 3.91 37.08 -49.54
N SER C 319 4.71 36.86 -48.50
CA SER C 319 6.10 36.46 -48.69
C SER C 319 6.23 35.10 -49.36
N VAL C 320 5.18 34.28 -49.33
CA VAL C 320 5.19 33.01 -50.07
C VAL C 320 5.28 33.25 -51.57
N ASN C 321 4.92 34.44 -52.05
CA ASN C 321 5.31 34.86 -53.39
C ASN C 321 6.65 35.57 -53.42
N LEU C 322 7.00 36.31 -52.36
CA LEU C 322 8.02 37.36 -52.50
C LEU C 322 9.41 36.75 -52.65
N ILE C 323 9.72 35.73 -51.86
CA ILE C 323 10.96 34.99 -52.05
C ILE C 323 10.91 34.20 -53.35
N LEU C 324 9.77 33.60 -53.66
CA LEU C 324 9.71 32.50 -54.61
C LEU C 324 9.91 32.97 -56.05
N LYS C 325 9.47 34.19 -56.37
CA LYS C 325 9.89 34.81 -57.64
C LYS C 325 11.41 34.87 -57.75
N SER C 326 12.06 35.40 -56.70
CA SER C 326 13.51 35.40 -56.68
C SER C 326 14.09 33.99 -56.61
N MET C 327 13.34 33.04 -56.06
CA MET C 327 13.79 31.65 -56.06
C MET C 327 13.85 31.08 -57.47
N ARG C 328 12.79 31.29 -58.26
CA ARG C 328 12.79 30.77 -59.63
C ARG C 328 13.74 31.54 -60.54
N ASN C 329 14.04 32.79 -60.16
CA ASN C 329 14.98 33.62 -60.95
C ASN C 329 16.43 33.29 -60.56
N THR C 330 16.64 32.72 -59.37
CA THR C 330 18.03 32.47 -58.90
C THR C 330 18.46 31.04 -59.21
N ILE C 331 17.53 30.07 -59.29
CA ILE C 331 17.98 28.71 -59.53
C ILE C 331 18.66 28.61 -60.88
N THR C 332 19.82 27.97 -60.91
CA THR C 332 20.27 27.26 -62.10
C THR C 332 19.66 25.87 -62.16
N PRO C 333 19.03 25.48 -63.27
CA PRO C 333 18.70 24.07 -63.47
C PRO C 333 19.93 23.22 -63.69
N THR C 334 20.32 22.43 -62.69
CA THR C 334 21.46 21.50 -62.87
C THR C 334 21.19 20.59 -64.07
N PRO C 335 22.16 20.37 -64.98
CA PRO C 335 21.93 19.57 -66.20
C PRO C 335 21.09 18.30 -66.00
N ALA C 336 20.07 18.10 -66.83
CA ALA C 336 19.18 16.92 -66.71
C ALA C 336 19.99 15.66 -66.42
N GLY C 337 19.77 15.04 -65.25
CA GLY C 337 20.56 13.86 -64.85
C GLY C 337 21.61 14.25 -63.83
N GLY C 338 21.42 15.39 -63.16
CA GLY C 338 22.40 15.87 -62.15
C GLY C 338 21.73 16.19 -60.84
N GLN C 339 22.44 15.99 -59.72
CA GLN C 339 21.88 16.26 -58.37
C GLN C 339 21.44 17.73 -58.28
N PRO C 340 20.19 18.13 -57.89
CA PRO C 340 19.89 19.57 -57.77
C PRO C 340 20.78 20.23 -56.74
N PRO C 341 20.91 21.55 -56.79
CA PRO C 341 21.72 22.26 -55.80
C PRO C 341 21.03 22.30 -54.44
N VAL C 342 21.78 22.82 -53.47
CA VAL C 342 21.48 22.62 -52.06
C VAL C 342 21.48 23.99 -51.39
N LEU C 343 20.53 24.21 -50.49
CA LEU C 343 20.28 25.52 -49.90
C LEU C 343 20.76 25.52 -48.46
N LEU C 344 21.62 26.49 -48.13
CA LEU C 344 22.22 26.60 -46.81
C LEU C 344 21.55 27.71 -46.02
N THR C 345 21.06 27.37 -44.83
CA THR C 345 20.17 28.23 -44.08
C THR C 345 20.76 28.48 -42.70
N ALA C 346 20.11 29.35 -41.94
CA ALA C 346 20.41 29.45 -40.52
C ALA C 346 19.93 28.19 -39.79
N ILE C 347 20.47 27.99 -38.58
CA ILE C 347 20.35 26.70 -37.91
C ILE C 347 18.90 26.44 -37.53
N ASP C 348 18.23 27.44 -36.98
CA ASP C 348 16.92 27.25 -36.34
C ASP C 348 15.76 27.29 -37.33
N VAL C 349 16.00 27.70 -38.59
CA VAL C 349 14.93 27.93 -39.54
C VAL C 349 14.98 26.93 -40.70
N ARG C 350 15.85 25.92 -40.61
CA ARG C 350 16.05 25.00 -41.72
C ARG C 350 14.76 24.25 -42.04
N ARG C 351 14.11 23.70 -41.02
CA ARG C 351 12.97 22.83 -41.24
C ARG C 351 11.78 23.60 -41.79
N TYR C 352 11.59 24.84 -41.37
CA TYR C 352 10.49 25.64 -41.89
C TYR C 352 10.71 26.01 -43.34
N VAL C 353 11.97 26.30 -43.72
CA VAL C 353 12.31 26.50 -45.13
C VAL C 353 12.02 25.24 -45.93
N ARG C 354 12.42 24.08 -45.41
CA ARG C 354 12.20 22.83 -46.14
C ARG C 354 10.71 22.55 -46.31
N LYS C 355 9.92 22.80 -45.27
CA LYS C 355 8.47 22.65 -45.36
C LYS C 355 7.86 23.66 -46.33
N LEU C 356 8.46 24.85 -46.47
CA LEU C 356 7.94 25.83 -47.40
C LEU C 356 8.21 25.42 -48.84
N ILE C 357 9.43 24.99 -49.14
CA ILE C 357 9.85 24.86 -50.53
C ILE C 357 9.57 23.48 -51.10
N GLU C 358 9.01 22.57 -50.31
CA GLU C 358 8.65 21.25 -50.82
C GLU C 358 7.52 21.31 -51.84
N THR C 359 6.74 22.39 -51.84
CA THR C 359 5.50 22.39 -52.61
C THR C 359 5.77 22.47 -54.11
N GLU C 360 6.75 23.28 -54.51
CA GLU C 360 7.09 23.44 -55.93
C GLU C 360 8.34 22.66 -56.33
N PHE C 361 9.40 22.70 -55.51
CA PHE C 361 10.63 21.96 -55.77
C PHE C 361 10.87 21.00 -54.61
N PRO C 362 10.20 19.84 -54.60
CA PRO C 362 10.48 18.84 -53.55
C PRO C 362 11.88 18.26 -53.63
N ASP C 363 12.53 18.32 -54.79
CA ASP C 363 13.92 17.88 -54.94
C ASP C 363 14.89 19.04 -54.83
N ILE C 364 14.75 19.86 -53.80
CA ILE C 364 15.85 20.70 -53.32
C ILE C 364 16.04 20.47 -51.84
N ALA C 365 17.27 20.16 -51.44
CA ALA C 365 17.57 19.73 -50.08
C ALA C 365 17.99 20.94 -49.27
N VAL C 366 17.19 21.29 -48.26
CA VAL C 366 17.51 22.36 -47.35
C VAL C 366 18.32 21.80 -46.18
N ILE C 367 19.51 22.37 -45.95
CA ILE C 367 20.31 22.11 -44.75
C ILE C 367 20.77 23.45 -44.17
N SER C 368 21.31 23.39 -42.96
CA SER C 368 21.81 24.56 -42.26
C SER C 368 23.27 24.32 -41.89
N TYR C 369 23.84 25.27 -41.12
CA TYR C 369 25.30 25.31 -40.97
C TYR C 369 25.81 24.10 -40.22
N GLN C 370 25.01 23.57 -39.29
CA GLN C 370 25.49 22.60 -38.32
C GLN C 370 25.66 21.21 -38.91
N GLU C 371 25.09 20.96 -40.10
CA GLU C 371 24.95 19.60 -40.62
C GLU C 371 26.03 19.22 -41.62
N ILE C 372 27.02 20.09 -41.87
CA ILE C 372 28.13 19.78 -42.74
C ILE C 372 29.39 19.61 -41.90
N LEU C 373 30.38 18.94 -42.47
CA LEU C 373 31.67 18.82 -41.82
C LEU C 373 32.29 20.21 -41.64
N PRO C 374 32.72 20.58 -40.44
CA PRO C 374 33.08 21.98 -40.19
C PRO C 374 34.46 22.34 -40.73
N GLU C 375 35.02 21.50 -41.60
CA GLU C 375 36.26 21.79 -42.28
C GLU C 375 36.12 21.86 -43.79
N ILE C 376 34.93 21.60 -44.32
CA ILE C 376 34.70 21.54 -45.75
C ILE C 376 34.28 22.92 -46.23
N ARG C 377 34.65 23.26 -47.47
CA ARG C 377 34.61 24.64 -47.93
C ARG C 377 33.23 24.96 -48.48
N ILE C 378 32.74 26.15 -48.16
CA ILE C 378 31.42 26.59 -48.58
C ILE C 378 31.59 27.53 -49.77
N GLN C 379 30.94 27.20 -50.87
CA GLN C 379 30.96 28.04 -52.06
C GLN C 379 29.59 28.68 -52.25
N PRO C 380 29.40 29.94 -51.86
CA PRO C 380 28.16 30.64 -52.19
C PRO C 380 27.98 30.77 -53.70
N LEU C 381 26.89 30.18 -54.22
CA LEU C 381 26.52 30.33 -55.62
C LEU C 381 25.20 31.06 -55.80
N GLY C 382 24.68 31.69 -54.75
CA GLY C 382 23.27 32.04 -54.70
C GLY C 382 22.94 32.98 -53.56
N ARG C 383 22.22 34.06 -53.89
CA ARG C 383 21.88 35.11 -52.91
C ARG C 383 20.44 35.52 -53.16
N ILE C 384 19.51 34.83 -52.48
CA ILE C 384 18.13 34.77 -52.94
C ILE C 384 17.39 36.02 -52.48
N GLN C 385 17.33 37.02 -53.36
CA GLN C 385 16.90 38.38 -53.01
C GLN C 385 17.55 38.88 -51.71
N PRO D 40 -31.08 -31.16 -24.63
CA PRO D 40 -32.48 -30.79 -24.46
C PRO D 40 -32.88 -29.59 -25.32
N ASP D 41 -33.82 -28.79 -24.83
CA ASP D 41 -33.86 -27.38 -25.18
C ASP D 41 -32.57 -26.69 -24.75
N ASP D 42 -32.17 -25.70 -25.53
CA ASP D 42 -31.06 -24.83 -25.19
C ASP D 42 -31.40 -23.45 -25.74
N TYR D 43 -30.40 -22.60 -25.91
CA TYR D 43 -30.59 -21.37 -26.65
C TYR D 43 -30.20 -21.57 -28.11
N SER D 44 -30.71 -20.67 -28.96
CA SER D 44 -30.38 -20.64 -30.37
C SER D 44 -29.86 -19.26 -30.74
N LEU D 45 -28.93 -19.24 -31.69
CA LEU D 45 -28.30 -17.98 -32.09
C LEU D 45 -29.06 -17.37 -33.25
N THR D 46 -29.14 -16.03 -33.23
CA THR D 46 -29.92 -15.33 -34.24
C THR D 46 -29.25 -15.49 -35.60
N LEU D 47 -30.00 -15.98 -36.57
CA LEU D 47 -29.42 -16.29 -37.87
C LEU D 47 -29.37 -15.03 -38.73
N PRO D 48 -28.19 -14.62 -39.20
CA PRO D 48 -28.04 -13.26 -39.72
C PRO D 48 -28.84 -12.99 -40.99
N VAL D 49 -28.66 -13.82 -42.02
CA VAL D 49 -29.23 -13.58 -43.35
C VAL D 49 -29.85 -14.87 -43.84
N ILE D 50 -31.18 -14.88 -43.98
CA ILE D 50 -31.93 -16.03 -44.47
C ILE D 50 -32.57 -15.64 -45.79
N LEU D 51 -32.45 -16.51 -46.78
CA LEU D 51 -32.94 -16.25 -48.13
C LEU D 51 -34.07 -17.24 -48.42
N GLU D 52 -35.30 -16.74 -48.46
CA GLU D 52 -36.46 -17.58 -48.73
C GLU D 52 -36.71 -17.64 -50.22
N LEU D 53 -37.04 -18.83 -50.71
CA LEU D 53 -37.22 -19.07 -52.14
C LEU D 53 -38.58 -19.71 -52.37
N GLY D 54 -39.20 -19.34 -53.48
CA GLY D 54 -40.32 -20.10 -54.00
C GLY D 54 -39.87 -21.39 -54.66
N LYS D 55 -40.86 -22.16 -55.11
CA LYS D 55 -40.59 -23.53 -55.55
C LYS D 55 -39.74 -23.54 -56.81
N ASP D 56 -40.02 -22.63 -57.75
CA ASP D 56 -39.34 -22.65 -59.04
C ASP D 56 -37.87 -22.25 -58.90
N LEU D 57 -37.59 -21.20 -58.11
CA LEU D 57 -36.20 -20.85 -57.84
C LEU D 57 -35.48 -21.95 -57.06
N SER D 58 -36.21 -22.64 -56.17
CA SER D 58 -35.62 -23.74 -55.42
C SER D 58 -35.28 -24.92 -56.33
N LYS D 59 -36.06 -25.13 -57.39
CA LYS D 59 -35.65 -26.11 -58.40
C LYS D 59 -34.51 -25.60 -59.28
N LEU D 60 -34.45 -24.28 -59.51
CA LEU D 60 -33.40 -23.74 -60.36
C LEU D 60 -32.03 -23.82 -59.70
N ILE D 61 -31.97 -23.65 -58.37
CA ILE D 61 -30.68 -23.66 -57.69
C ILE D 61 -30.10 -25.06 -57.52
N GLN D 62 -30.80 -26.10 -57.97
CA GLN D 62 -30.21 -27.43 -58.03
C GLN D 62 -29.15 -27.53 -59.11
N HIS D 63 -29.37 -26.86 -60.24
CA HIS D 63 -28.63 -27.12 -61.47
C HIS D 63 -27.56 -26.05 -61.70
N LYS D 64 -26.58 -26.40 -62.50
CA LYS D 64 -25.45 -25.52 -62.77
C LYS D 64 -25.85 -24.44 -63.78
N THR D 65 -25.08 -23.36 -63.79
CA THR D 65 -25.41 -22.19 -64.58
C THR D 65 -24.73 -22.27 -65.95
N LYS D 66 -24.73 -21.15 -66.67
CA LYS D 66 -24.26 -21.16 -68.07
C LYS D 66 -22.80 -21.57 -68.16
N SER D 67 -21.95 -20.98 -67.32
CA SER D 67 -20.55 -21.39 -67.24
C SER D 67 -20.34 -22.60 -66.33
N GLY D 68 -21.41 -23.27 -65.92
CA GLY D 68 -21.31 -24.52 -65.19
C GLY D 68 -20.91 -24.40 -63.74
N GLN D 69 -20.87 -23.19 -63.20
CA GLN D 69 -20.57 -22.96 -61.79
C GLN D 69 -21.85 -22.78 -60.99
N SER D 70 -21.76 -23.09 -59.69
CA SER D 70 -22.95 -23.28 -58.86
C SER D 70 -23.37 -21.96 -58.23
N PHE D 71 -24.69 -21.80 -58.06
CA PHE D 71 -25.20 -20.67 -57.29
C PHE D 71 -24.72 -20.74 -55.85
N VAL D 72 -24.90 -21.88 -55.20
CA VAL D 72 -24.74 -21.93 -53.74
C VAL D 72 -23.27 -22.12 -53.37
N ASP D 73 -22.49 -22.78 -54.20
CA ASP D 73 -21.14 -23.17 -53.85
C ASP D 73 -20.07 -22.26 -54.45
N ASP D 74 -20.38 -21.56 -55.53
CA ASP D 74 -19.45 -20.61 -56.14
C ASP D 74 -19.95 -19.18 -56.07
N MET D 75 -21.17 -18.90 -56.53
CA MET D 75 -21.57 -17.52 -56.80
C MET D 75 -21.74 -16.72 -55.51
N ILE D 76 -22.33 -17.34 -54.48
CA ILE D 76 -22.49 -16.67 -53.19
C ILE D 76 -21.14 -16.44 -52.52
N PRO D 77 -20.24 -17.45 -52.45
CA PRO D 77 -18.89 -17.16 -51.95
C PRO D 77 -18.14 -16.12 -52.77
N LYS D 78 -18.30 -16.11 -54.10
CA LYS D 78 -17.64 -15.10 -54.91
C LYS D 78 -18.22 -13.71 -54.65
N MET D 79 -19.52 -13.61 -54.45
CA MET D 79 -20.13 -12.35 -54.00
C MET D 79 -19.51 -11.90 -52.69
N ARG D 80 -19.38 -12.81 -51.73
CA ARG D 80 -18.80 -12.44 -50.44
C ARG D 80 -17.36 -11.96 -50.61
N GLN D 81 -16.58 -12.67 -51.43
CA GLN D 81 -15.19 -12.29 -51.62
C GLN D 81 -15.07 -10.93 -52.31
N ALA D 82 -15.92 -10.67 -53.30
CA ALA D 82 -15.89 -9.38 -53.98
C ALA D 82 -16.31 -8.25 -53.04
N LEU D 83 -17.34 -8.49 -52.22
CA LEU D 83 -17.74 -7.49 -51.24
C LEU D 83 -16.62 -7.20 -50.26
N TYR D 84 -15.91 -8.24 -49.81
CA TYR D 84 -14.80 -8.04 -48.90
C TYR D 84 -13.65 -7.28 -49.57
N GLN D 85 -13.39 -7.55 -50.85
CA GLN D 85 -12.36 -6.82 -51.58
C GLN D 85 -12.74 -5.35 -51.81
N ASP D 86 -14.03 -5.07 -51.98
CA ASP D 86 -14.45 -3.69 -52.23
C ASP D 86 -14.58 -2.89 -50.95
N ILE D 87 -15.22 -3.46 -49.93
CA ILE D 87 -15.32 -2.83 -48.62
C ILE D 87 -14.91 -3.84 -47.55
N GLY D 88 -14.33 -3.33 -46.47
CA GLY D 88 -13.40 -4.12 -45.69
C GLY D 88 -14.04 -5.06 -44.69
N ILE D 89 -15.19 -5.64 -45.05
CA ILE D 89 -16.17 -6.13 -44.08
C ILE D 89 -16.35 -7.63 -44.30
N ARG D 90 -16.23 -8.39 -43.21
CA ARG D 90 -16.40 -9.84 -43.26
C ARG D 90 -17.88 -10.14 -43.00
N TYR D 91 -18.62 -10.45 -44.08
CA TYR D 91 -20.03 -10.78 -44.01
C TYR D 91 -20.23 -12.28 -43.73
N PRO D 92 -21.21 -12.63 -42.92
CA PRO D 92 -21.39 -14.03 -42.54
C PRO D 92 -21.94 -14.86 -43.70
N GLY D 93 -21.80 -16.17 -43.56
CA GLY D 93 -22.34 -17.06 -44.57
C GLY D 93 -23.85 -17.16 -44.49
N ILE D 94 -24.43 -17.67 -45.58
CA ILE D 94 -25.78 -17.33 -46.00
C ILE D 94 -26.68 -18.54 -45.80
N HIS D 95 -27.85 -18.32 -45.21
CA HIS D 95 -28.73 -19.40 -44.79
C HIS D 95 -29.84 -19.53 -45.83
N VAL D 96 -29.90 -20.67 -46.52
CA VAL D 96 -30.82 -20.88 -47.62
C VAL D 96 -31.89 -21.87 -47.19
N ARG D 97 -33.14 -21.42 -47.20
CA ARG D 97 -34.29 -22.29 -47.10
C ARG D 97 -35.04 -22.29 -48.43
N THR D 98 -35.25 -23.47 -48.99
CA THR D 98 -36.04 -23.65 -50.20
C THR D 98 -37.53 -23.75 -49.86
N ASP D 99 -38.36 -23.53 -50.88
CA ASP D 99 -39.77 -23.91 -50.89
C ASP D 99 -40.54 -23.21 -49.77
N SER D 100 -40.53 -21.88 -49.84
CA SER D 100 -41.29 -21.09 -48.88
C SER D 100 -42.78 -21.33 -49.09
N PRO D 101 -43.55 -21.57 -48.03
CA PRO D 101 -45.02 -21.53 -48.16
C PRO D 101 -45.54 -20.18 -48.62
N SER D 102 -44.87 -19.08 -48.26
CA SER D 102 -45.46 -17.75 -48.33
C SER D 102 -45.05 -17.00 -49.60
N LEU D 103 -44.36 -17.64 -50.54
CA LEU D 103 -43.94 -17.01 -51.77
C LEU D 103 -44.36 -17.87 -52.97
N GLU D 104 -44.74 -17.21 -54.06
CA GLU D 104 -44.84 -17.87 -55.36
C GLU D 104 -43.45 -18.20 -55.90
N GLY D 105 -43.44 -19.00 -56.97
CA GLY D 105 -42.28 -19.82 -57.28
C GLY D 105 -41.09 -19.02 -57.79
N TYR D 106 -41.35 -17.87 -58.40
CA TYR D 106 -40.29 -16.96 -58.83
C TYR D 106 -40.13 -15.77 -57.90
N ASP D 107 -40.57 -15.89 -56.65
CA ASP D 107 -40.48 -14.83 -55.67
C ASP D 107 -39.41 -15.18 -54.63
N TYR D 108 -38.86 -14.14 -54.00
CA TYR D 108 -37.77 -14.30 -53.06
C TYR D 108 -37.93 -13.31 -51.93
N MET D 109 -37.33 -13.64 -50.79
CA MET D 109 -37.41 -12.78 -49.61
C MET D 109 -36.09 -12.88 -48.84
N ILE D 110 -35.66 -11.75 -48.29
CA ILE D 110 -34.40 -11.63 -47.56
C ILE D 110 -34.72 -11.29 -46.11
N LEU D 111 -34.02 -11.95 -45.19
CA LEU D 111 -34.24 -11.77 -43.75
C LEU D 111 -33.01 -11.18 -43.10
N LEU D 112 -33.19 -10.09 -42.36
CA LEU D 112 -32.18 -9.53 -41.48
C LEU D 112 -32.47 -9.97 -40.05
N ASN D 113 -31.60 -10.80 -39.49
CA ASN D 113 -31.74 -11.32 -38.13
C ASN D 113 -33.08 -12.03 -37.94
N GLU D 114 -33.41 -12.90 -38.90
CA GLU D 114 -34.67 -13.64 -38.93
C GLU D 114 -35.89 -12.73 -38.97
N VAL D 115 -35.72 -11.48 -39.38
CA VAL D 115 -36.81 -10.56 -39.66
C VAL D 115 -36.73 -10.17 -41.13
N PRO D 116 -37.76 -10.43 -41.94
CA PRO D 116 -37.68 -10.13 -43.37
C PRO D 116 -37.46 -8.64 -43.64
N TYR D 117 -36.64 -8.35 -44.64
CA TYR D 117 -36.18 -7.00 -44.94
C TYR D 117 -36.83 -6.41 -46.17
N VAL D 118 -36.81 -7.13 -47.29
CA VAL D 118 -37.56 -6.74 -48.48
C VAL D 118 -37.97 -8.00 -49.23
N ARG D 119 -39.18 -7.99 -49.77
CA ARG D 119 -39.65 -9.04 -50.65
C ARG D 119 -39.28 -8.71 -52.09
N GLY D 120 -39.15 -9.75 -52.91
CA GLY D 120 -38.77 -9.58 -54.29
C GLY D 120 -39.66 -10.40 -55.21
N LYS D 121 -39.65 -10.01 -56.48
CA LYS D 121 -40.28 -10.77 -57.54
C LYS D 121 -39.31 -10.93 -58.70
N ILE D 122 -39.46 -12.04 -59.43
CA ILE D 122 -38.79 -12.25 -60.70
C ILE D 122 -39.87 -12.53 -61.75
N PRO D 123 -39.94 -11.76 -62.82
CA PRO D 123 -40.74 -12.17 -63.98
C PRO D 123 -40.23 -13.48 -64.56
N PRO D 124 -41.12 -14.43 -64.84
CA PRO D 124 -40.68 -15.74 -65.33
C PRO D 124 -39.99 -15.63 -66.68
N HIS D 125 -38.84 -16.30 -66.81
CA HIS D 125 -38.16 -16.46 -68.10
C HIS D 125 -37.80 -15.12 -68.72
N HIS D 126 -37.38 -14.17 -67.89
CA HIS D 126 -36.88 -12.88 -68.35
C HIS D 126 -35.54 -12.60 -67.71
N VAL D 127 -34.68 -11.88 -68.42
CA VAL D 127 -33.40 -11.43 -67.91
C VAL D 127 -33.34 -9.91 -67.97
N LEU D 128 -32.62 -9.32 -67.03
CA LEU D 128 -32.71 -7.88 -66.76
C LEU D 128 -31.55 -7.20 -67.46
N THR D 129 -31.84 -6.44 -68.50
CA THR D 129 -30.85 -5.87 -69.40
C THR D 129 -31.19 -4.40 -69.65
N ASN D 130 -30.41 -3.49 -69.05
CA ASN D 130 -30.71 -2.03 -69.19
C ASN D 130 -30.69 -1.63 -70.67
N GLU D 131 -31.83 -1.20 -71.21
CA GLU D 131 -31.92 -0.80 -72.65
C GLU D 131 -32.06 0.72 -72.74
N VAL D 132 -32.37 1.24 -73.94
CA VAL D 132 -32.47 2.73 -74.14
C VAL D 132 -33.93 3.11 -74.44
N GLU D 133 -34.89 2.22 -74.20
CA GLU D 133 -36.35 2.51 -74.37
C GLU D 133 -36.75 2.55 -75.86
N ASP D 134 -36.01 3.27 -76.72
CA ASP D 134 -36.32 3.28 -78.18
C ASP D 134 -36.03 1.87 -78.72
N ASN D 135 -35.09 1.17 -78.10
CA ASN D 135 -34.75 -0.22 -78.52
C ASN D 135 -36.02 -1.07 -78.56
N LEU D 136 -36.95 -0.86 -77.61
CA LEU D 136 -38.15 -1.69 -77.54
C LEU D 136 -38.96 -1.71 -78.83
N SER D 137 -38.82 -0.68 -79.67
CA SER D 137 -39.49 -0.65 -80.96
C SER D 137 -38.53 -0.65 -82.15
N ARG D 138 -37.22 -0.67 -81.93
CA ARG D 138 -36.29 -0.95 -83.01
C ARG D 138 -35.90 -2.42 -83.11
N TYR D 139 -36.26 -3.24 -82.13
CA TYR D 139 -35.93 -4.67 -82.15
C TYR D 139 -37.19 -5.53 -82.30
N THR D 145 -41.46 -3.91 -67.98
CA THR D 145 -40.80 -2.86 -67.22
C THR D 145 -41.07 -3.01 -65.73
N TYR D 146 -40.03 -3.27 -64.95
CA TYR D 146 -40.18 -3.50 -63.52
C TYR D 146 -38.89 -3.09 -62.82
N LYS D 147 -38.96 -2.00 -62.05
CA LYS D 147 -37.81 -1.49 -61.31
C LYS D 147 -37.84 -2.07 -59.90
N ASN D 148 -36.88 -2.94 -59.60
CA ASN D 148 -37.09 -4.00 -58.62
C ASN D 148 -36.62 -3.57 -57.23
N ALA D 149 -35.35 -3.18 -57.11
CA ALA D 149 -34.91 -2.23 -56.11
C ALA D 149 -34.42 -0.95 -56.78
N ALA D 150 -34.22 0.08 -55.96
CA ALA D 150 -33.98 1.42 -56.48
C ALA D 150 -32.60 1.59 -57.10
N GLY D 151 -31.72 0.61 -56.93
CA GLY D 151 -30.54 0.48 -57.78
C GLY D 151 -30.51 -0.80 -58.57
N LEU D 152 -31.66 -1.22 -59.09
CA LEU D 152 -31.72 -2.28 -60.09
C LEU D 152 -32.32 -1.76 -61.40
N PRO D 153 -31.87 -2.28 -62.54
CA PRO D 153 -32.49 -1.89 -63.81
C PRO D 153 -33.94 -2.35 -63.91
N SER D 154 -34.64 -1.76 -64.87
CA SER D 154 -36.10 -1.81 -64.91
C SER D 154 -36.61 -2.43 -66.20
N ALA D 155 -35.82 -3.33 -66.80
CA ALA D 155 -36.08 -3.81 -68.16
C ALA D 155 -35.88 -5.33 -68.17
N TRP D 156 -37.00 -6.06 -68.15
CA TRP D 156 -36.98 -7.52 -68.25
C TRP D 156 -37.39 -7.93 -69.65
N VAL D 157 -36.58 -8.77 -70.29
CA VAL D 157 -36.76 -9.17 -71.68
C VAL D 157 -36.63 -10.68 -71.77
N SER D 158 -37.48 -11.29 -72.59
CA SER D 158 -37.69 -12.73 -72.55
C SER D 158 -36.41 -13.49 -72.88
N GLU D 159 -36.11 -14.52 -72.08
CA GLU D 159 -34.75 -15.00 -71.91
C GLU D 159 -34.22 -15.74 -73.14
N ASP D 160 -35.06 -16.00 -74.14
CA ASP D 160 -34.65 -16.76 -75.31
C ASP D 160 -33.65 -16.03 -76.18
N ALA D 161 -33.42 -14.73 -75.95
CA ALA D 161 -32.85 -13.83 -76.94
C ALA D 161 -31.32 -13.75 -76.84
N LYS D 162 -30.68 -14.81 -76.34
CA LYS D 162 -29.33 -14.69 -75.78
C LYS D 162 -28.32 -14.33 -76.85
N ALA D 163 -28.38 -15.02 -77.99
CA ALA D 163 -27.41 -14.77 -79.06
C ALA D 163 -27.53 -13.35 -79.61
N ILE D 164 -28.75 -12.80 -79.62
CA ILE D 164 -28.94 -11.41 -80.03
C ILE D 164 -28.12 -10.48 -79.14
N LEU D 165 -28.21 -10.67 -77.82
CA LEU D 165 -27.53 -9.79 -76.89
C LEU D 165 -26.02 -10.01 -76.92
N GLU D 166 -25.58 -11.25 -77.15
CA GLU D 166 -24.14 -11.50 -77.26
C GLU D 166 -23.55 -10.88 -78.52
N LYS D 167 -24.28 -10.96 -79.65
CA LYS D 167 -23.79 -10.33 -80.88
C LYS D 167 -23.85 -8.80 -80.79
N ALA D 168 -24.86 -8.28 -80.10
CA ALA D 168 -25.10 -6.84 -80.04
C ALA D 168 -24.29 -6.15 -78.95
N ALA D 169 -23.38 -6.88 -78.30
CA ALA D 169 -22.50 -6.31 -77.25
C ALA D 169 -23.33 -5.78 -76.08
N ILE D 170 -24.43 -6.47 -75.78
CA ILE D 170 -25.33 -6.09 -74.71
C ILE D 170 -25.12 -7.04 -73.55
N LYS D 171 -24.74 -6.49 -72.40
CA LYS D 171 -24.54 -7.29 -71.21
C LYS D 171 -25.89 -7.72 -70.63
N TYR D 172 -25.98 -9.00 -70.28
CA TYR D 172 -27.19 -9.56 -69.70
C TYR D 172 -26.88 -10.17 -68.33
N TRP D 173 -27.91 -10.29 -67.51
CA TRP D 173 -27.82 -10.96 -66.21
C TRP D 173 -28.78 -12.12 -66.17
N THR D 174 -28.27 -13.29 -65.77
CA THR D 174 -29.08 -14.37 -65.21
C THR D 174 -29.94 -13.80 -64.08
N PRO D 175 -31.16 -14.30 -63.88
CA PRO D 175 -31.90 -13.93 -62.67
C PRO D 175 -31.19 -14.30 -61.38
N LEU D 176 -30.36 -15.36 -61.40
CA LEU D 176 -29.48 -15.62 -60.27
C LEU D 176 -28.50 -14.47 -60.06
N GLU D 177 -27.92 -13.94 -61.14
CA GLU D 177 -27.07 -12.76 -61.03
C GLU D 177 -27.85 -11.53 -60.59
N VAL D 178 -29.15 -11.45 -60.93
CA VAL D 178 -29.99 -10.36 -60.42
C VAL D 178 -30.17 -10.48 -58.91
N ILE D 179 -30.36 -11.71 -58.42
CA ILE D 179 -30.37 -11.95 -56.97
C ILE D 179 -29.05 -11.51 -56.36
N ILE D 180 -27.93 -11.83 -57.02
CA ILE D 180 -26.62 -11.41 -56.53
C ILE D 180 -26.55 -9.90 -56.42
N LEU D 181 -27.00 -9.19 -57.47
CA LEU D 181 -26.95 -7.74 -57.45
C LEU D 181 -27.82 -7.15 -56.35
N HIS D 182 -29.01 -7.72 -56.14
CA HIS D 182 -29.90 -7.18 -55.11
C HIS D 182 -29.36 -7.46 -53.72
N LEU D 183 -28.75 -8.62 -53.51
CA LEU D 183 -28.05 -8.89 -52.25
C LEU D 183 -26.91 -7.91 -52.03
N SER D 184 -26.14 -7.61 -53.08
CA SER D 184 -25.05 -6.64 -52.96
C SER D 184 -25.58 -5.27 -52.58
N TYR D 185 -26.69 -4.86 -53.20
CA TYR D 185 -27.33 -3.60 -52.82
C TYR D 185 -27.80 -3.63 -51.37
N PHE D 186 -28.35 -4.76 -50.93
CA PHE D 186 -28.69 -4.96 -49.52
C PHE D 186 -27.49 -4.70 -48.62
N PHE D 187 -26.37 -5.35 -48.90
CA PHE D 187 -25.25 -5.28 -47.97
C PHE D 187 -24.55 -3.92 -48.01
N HIS D 188 -24.59 -3.24 -49.15
CA HIS D 188 -24.19 -1.83 -49.17
C HIS D 188 -25.11 -0.98 -48.31
N LYS D 189 -26.43 -1.11 -48.50
CA LYS D 189 -27.36 -0.26 -47.77
C LYS D 189 -27.62 -0.76 -46.36
N SER D 190 -27.22 -1.99 -46.04
CA SER D 190 -27.30 -2.54 -44.70
C SER D 190 -25.93 -2.97 -44.19
N SER D 191 -24.91 -2.14 -44.39
CA SER D 191 -23.62 -2.39 -43.76
C SER D 191 -23.75 -2.40 -42.24
N GLN D 192 -24.52 -1.47 -41.69
CA GLN D 192 -24.29 -1.02 -40.32
C GLN D 192 -24.49 -2.15 -39.32
N GLU D 193 -25.42 -3.06 -39.60
CA GLU D 193 -25.74 -4.13 -38.67
C GLU D 193 -24.77 -5.30 -38.74
N PHE D 194 -23.80 -5.28 -39.64
CA PHE D 194 -22.81 -6.35 -39.73
C PHE D 194 -21.41 -5.93 -39.30
N LEU D 195 -21.19 -4.64 -39.05
CA LEU D 195 -19.94 -4.17 -38.46
C LEU D 195 -20.21 -3.90 -36.98
N GLY D 196 -20.15 -4.97 -36.19
CA GLY D 196 -20.23 -4.89 -34.75
C GLY D 196 -18.92 -5.26 -34.07
N ILE D 197 -18.99 -5.26 -32.74
CA ILE D 197 -17.77 -5.16 -31.95
C ILE D 197 -16.98 -6.47 -32.00
N GLN D 198 -17.67 -7.61 -32.09
CA GLN D 198 -16.96 -8.88 -32.09
C GLN D 198 -16.25 -9.11 -33.42
N GLU D 199 -16.85 -8.68 -34.53
CA GLU D 199 -16.17 -8.75 -35.82
C GLU D 199 -14.98 -7.79 -35.88
N VAL D 200 -15.12 -6.61 -35.28
CA VAL D 200 -13.98 -5.71 -35.14
C VAL D 200 -12.87 -6.38 -34.35
N ARG D 201 -13.22 -7.06 -33.26
CA ARG D 201 -12.22 -7.82 -32.51
C ARG D 201 -11.56 -8.89 -33.37
N SER D 202 -12.36 -9.60 -34.18
CA SER D 202 -11.79 -10.65 -35.02
C SER D 202 -10.79 -10.09 -36.02
N MET D 203 -11.13 -8.96 -36.65
CA MET D 203 -10.18 -8.38 -37.61
C MET D 203 -8.96 -7.77 -36.90
N ILE D 204 -9.13 -7.22 -35.70
CA ILE D 204 -7.98 -6.73 -34.95
C ILE D 204 -7.04 -7.87 -34.59
N GLU D 205 -7.58 -9.02 -34.21
CA GLU D 205 -6.71 -10.14 -33.84
C GLU D 205 -6.11 -10.84 -35.05
N PHE D 206 -6.76 -10.76 -36.21
CA PHE D 206 -6.07 -11.09 -37.45
C PHE D 206 -4.92 -10.13 -37.70
N MET D 207 -5.11 -8.84 -37.42
CA MET D 207 -4.04 -7.88 -37.63
C MET D 207 -2.87 -8.15 -36.69
N GLU D 208 -3.17 -8.54 -35.45
CA GLU D 208 -2.11 -8.78 -34.46
C GLU D 208 -1.11 -9.83 -34.94
N ARG D 209 -1.54 -10.74 -35.82
CA ARG D 209 -0.63 -11.72 -36.39
C ARG D 209 0.53 -11.08 -37.12
N SER D 210 0.33 -9.88 -37.67
CA SER D 210 1.33 -9.21 -38.49
C SER D 210 1.84 -7.91 -37.89
N PHE D 211 0.96 -7.14 -37.25
CA PHE D 211 1.27 -5.80 -36.77
C PHE D 211 0.99 -5.67 -35.27
N PRO D 212 1.53 -6.56 -34.44
CA PRO D 212 1.02 -6.65 -33.06
C PRO D 212 1.35 -5.41 -32.25
N ASP D 213 2.54 -4.84 -32.46
CA ASP D 213 2.96 -3.68 -31.68
C ASP D 213 2.24 -2.41 -32.14
N LEU D 214 1.95 -2.30 -33.44
CA LEU D 214 1.01 -1.29 -33.91
C LEU D 214 -0.34 -1.44 -33.23
N VAL D 215 -0.86 -2.66 -33.17
CA VAL D 215 -2.17 -2.90 -32.54
C VAL D 215 -2.14 -2.47 -31.07
N LYS D 216 -1.07 -2.82 -30.36
CA LYS D 216 -0.98 -2.48 -28.95
C LYS D 216 -0.88 -0.98 -28.74
N GLU D 217 -0.12 -0.29 -29.60
CA GLU D 217 -0.09 1.17 -29.54
C GLU D 217 -1.46 1.77 -29.78
N VAL D 218 -2.20 1.27 -30.77
CA VAL D 218 -3.52 1.82 -31.05
C VAL D 218 -4.46 1.59 -29.86
N THR D 219 -4.44 0.38 -29.29
CA THR D 219 -5.40 0.04 -28.24
C THR D 219 -4.99 0.59 -26.87
N ARG D 220 -3.76 1.07 -26.71
CA ARG D 220 -3.42 1.82 -25.50
C ARG D 220 -4.14 3.16 -25.47
N LEU D 221 -4.30 3.80 -26.62
CA LEU D 221 -4.95 5.10 -26.70
C LEU D 221 -6.46 5.00 -26.81
N ILE D 222 -6.96 3.95 -27.46
CA ILE D 222 -8.31 3.93 -28.01
C ILE D 222 -8.98 2.65 -27.54
N PRO D 223 -10.10 2.73 -26.84
CA PRO D 223 -10.86 1.52 -26.52
C PRO D 223 -11.50 0.91 -27.75
N LEU D 224 -11.81 -0.39 -27.64
CA LEU D 224 -12.28 -1.17 -28.79
C LEU D 224 -13.65 -0.68 -29.25
N GLN D 225 -14.50 -0.27 -28.32
CA GLN D 225 -15.81 0.26 -28.69
C GLN D 225 -15.68 1.53 -29.51
N LYS D 226 -14.78 2.43 -29.11
CA LYS D 226 -14.59 3.66 -29.89
C LYS D 226 -13.96 3.37 -31.25
N LEU D 227 -13.09 2.37 -31.34
CA LEU D 227 -12.54 1.96 -32.63
C LEU D 227 -13.63 1.42 -33.56
N THR D 228 -14.53 0.60 -33.01
CA THR D 228 -15.66 0.13 -33.79
C THR D 228 -16.56 1.29 -34.23
N GLU D 229 -16.73 2.28 -33.35
CA GLU D 229 -17.51 3.46 -33.72
C GLU D 229 -16.85 4.24 -34.86
N ILE D 230 -15.52 4.35 -34.83
CA ILE D 230 -14.81 4.99 -35.94
C ILE D 230 -15.03 4.21 -37.23
N PHE D 231 -14.96 2.87 -37.16
CA PHE D 231 -15.19 2.05 -38.35
C PHE D 231 -16.60 2.25 -38.89
N LYS D 232 -17.60 2.32 -38.00
CA LYS D 232 -18.97 2.57 -38.45
C LYS D 232 -19.10 3.95 -39.09
N ARG D 233 -18.46 4.96 -38.51
CA ARG D 233 -18.52 6.30 -39.09
C ARG D 233 -17.80 6.37 -40.43
N LEU D 234 -16.80 5.52 -40.64
CA LEU D 234 -16.21 5.41 -41.97
C LEU D 234 -17.17 4.76 -42.95
N VAL D 235 -17.67 3.56 -42.61
CA VAL D 235 -18.44 2.77 -43.57
C VAL D 235 -19.86 3.29 -43.73
N GLN D 236 -20.25 4.33 -42.98
CA GLN D 236 -21.48 5.05 -43.29
C GLN D 236 -21.44 5.64 -44.69
N GLU D 237 -20.32 6.26 -45.07
CA GLU D 237 -20.17 6.88 -46.38
C GLU D 237 -19.51 5.95 -47.40
N GLN D 238 -19.66 4.63 -47.22
CA GLN D 238 -19.15 3.63 -48.17
C GLN D 238 -17.63 3.74 -48.32
N ILE D 239 -16.95 4.26 -47.31
CA ILE D 239 -15.49 4.26 -47.28
C ILE D 239 -15.02 2.88 -46.85
N SER D 240 -14.29 2.20 -47.72
CA SER D 240 -13.81 0.87 -47.42
C SER D 240 -12.81 0.89 -46.28
N ILE D 241 -12.78 -0.19 -45.50
CA ILE D 241 -11.81 -0.34 -44.43
C ILE D 241 -10.99 -1.61 -44.65
N LYS D 242 -10.77 -1.96 -45.92
CA LYS D 242 -9.83 -3.03 -46.23
C LYS D 242 -8.40 -2.66 -45.85
N ASP D 243 -7.98 -1.42 -46.11
CA ASP D 243 -6.61 -1.01 -45.87
C ASP D 243 -6.45 -0.57 -44.42
N LEU D 244 -6.40 -1.57 -43.54
CA LEU D 244 -6.31 -1.29 -42.11
C LEU D 244 -5.03 -0.59 -41.74
N ARG D 245 -3.96 -0.81 -42.53
CA ARG D 245 -2.63 -0.31 -42.14
C ARG D 245 -2.62 1.22 -42.07
N THR D 246 -3.10 1.87 -43.12
CA THR D 246 -3.05 3.33 -43.16
C THR D 246 -3.95 3.93 -42.09
N ILE D 247 -5.12 3.32 -41.87
CA ILE D 247 -6.02 3.78 -40.81
C ILE D 247 -5.33 3.68 -39.45
N LEU D 248 -4.64 2.57 -39.20
CA LEU D 248 -3.99 2.39 -37.91
C LEU D 248 -2.82 3.35 -37.73
N GLU D 249 -2.07 3.60 -38.80
CA GLU D 249 -1.00 4.61 -38.73
C GLU D 249 -1.56 5.99 -38.41
N SER D 250 -2.66 6.37 -39.07
CA SER D 250 -3.26 7.67 -38.79
C SER D 250 -3.77 7.74 -37.36
N LEU D 251 -4.37 6.66 -36.88
CA LEU D 251 -4.79 6.61 -35.48
C LEU D 251 -3.60 6.79 -34.54
N SER D 252 -2.52 6.03 -34.78
CA SER D 252 -1.40 6.05 -33.84
C SER D 252 -0.66 7.38 -33.88
N GLU D 253 -0.73 8.11 -35.00
CA GLU D 253 -0.31 9.51 -35.00
C GLU D 253 -1.27 10.37 -34.19
N TRP D 254 -2.55 10.39 -34.56
CA TRP D 254 -3.43 11.47 -34.12
C TRP D 254 -3.94 11.28 -32.70
N ALA D 255 -4.03 10.04 -32.22
CA ALA D 255 -4.65 9.75 -30.93
C ALA D 255 -3.70 9.90 -29.75
N GLN D 256 -2.43 10.24 -30.00
CA GLN D 256 -1.63 10.90 -28.97
C GLN D 256 -2.31 12.16 -28.46
N THR D 257 -2.98 12.89 -29.37
CA THR D 257 -3.35 14.28 -29.14
C THR D 257 -4.85 14.48 -29.00
N GLU D 258 -5.65 13.77 -29.79
CA GLU D 258 -7.09 13.98 -29.84
C GLU D 258 -7.81 12.73 -29.36
N LYS D 259 -8.78 12.91 -28.47
CA LYS D 259 -9.55 11.79 -27.93
C LYS D 259 -10.99 11.80 -28.37
N ASP D 260 -11.45 12.84 -29.06
CA ASP D 260 -12.73 12.80 -29.74
C ASP D 260 -12.73 11.77 -30.87
N THR D 261 -13.77 10.95 -30.92
CA THR D 261 -13.89 9.95 -31.97
C THR D 261 -14.07 10.59 -33.34
N VAL D 262 -14.80 11.71 -33.40
CA VAL D 262 -15.27 12.23 -34.68
C VAL D 262 -14.14 12.92 -35.43
N LEU D 263 -13.33 13.68 -34.71
CA LEU D 263 -12.14 14.26 -35.32
C LEU D 263 -11.17 13.18 -35.80
N LEU D 264 -11.05 12.08 -35.03
CA LEU D 264 -10.21 10.98 -35.48
C LEU D 264 -10.73 10.32 -36.75
N THR D 265 -12.06 10.18 -36.86
CA THR D 265 -12.64 9.73 -38.12
C THR D 265 -12.32 10.68 -39.26
N GLU D 266 -12.41 11.99 -39.01
CA GLU D 266 -12.04 12.96 -40.03
C GLU D 266 -10.57 12.83 -40.43
N TYR D 267 -9.68 12.60 -39.46
CA TYR D 267 -8.26 12.47 -39.80
C TYR D 267 -7.98 11.18 -40.55
N VAL D 268 -8.70 10.09 -40.25
CA VAL D 268 -8.58 8.88 -41.06
C VAL D 268 -9.03 9.14 -42.48
N ARG D 269 -10.13 9.89 -42.65
CA ARG D 269 -10.57 10.27 -43.99
C ARG D 269 -9.48 11.07 -44.70
N SER D 270 -8.87 12.03 -44.00
CA SER D 270 -7.86 12.89 -44.60
C SER D 270 -6.55 12.16 -44.83
N SER D 271 -6.35 11.00 -44.19
CA SER D 271 -5.22 10.13 -44.50
C SER D 271 -5.55 9.11 -45.59
N LEU D 272 -6.82 8.92 -45.91
CA LEU D 272 -7.22 8.11 -47.05
C LEU D 272 -7.48 8.96 -48.30
N LYS D 273 -6.72 10.06 -48.45
CA LYS D 273 -6.70 10.85 -49.67
C LYS D 273 -6.66 10.01 -50.92
N LEU D 274 -5.72 9.06 -50.98
CA LEU D 274 -5.47 8.33 -52.21
C LEU D 274 -6.68 7.48 -52.59
N TYR D 275 -7.22 6.74 -51.62
CA TYR D 275 -8.38 5.90 -51.89
C TYR D 275 -9.59 6.74 -52.29
N ILE D 276 -9.82 7.85 -51.60
CA ILE D 276 -10.97 8.69 -51.94
C ILE D 276 -10.82 9.26 -53.34
N SER D 277 -9.63 9.76 -53.68
CA SER D 277 -9.42 10.36 -54.99
C SER D 277 -9.58 9.33 -56.10
N PHE D 278 -9.03 8.12 -55.92
CA PHE D 278 -9.18 7.10 -56.94
C PHE D 278 -10.63 6.65 -57.09
N LYS D 279 -11.37 6.57 -55.99
CA LYS D 279 -12.79 6.24 -56.09
C LYS D 279 -13.55 7.30 -56.87
N PHE D 280 -13.26 8.58 -56.62
CA PHE D 280 -14.19 9.63 -57.00
C PHE D 280 -13.84 10.35 -58.29
N SER D 281 -12.57 10.38 -58.70
CA SER D 281 -12.23 11.00 -59.98
C SER D 281 -12.21 10.00 -61.12
N GLN D 282 -12.40 8.71 -60.84
CA GLN D 282 -12.30 7.64 -61.82
C GLN D 282 -10.97 7.70 -62.57
N GLY D 283 -9.91 8.11 -61.85
CA GLY D 283 -8.57 8.15 -62.45
C GLY D 283 -8.34 9.39 -63.31
N GLN D 284 -9.18 10.42 -63.14
CA GLN D 284 -9.01 11.69 -63.91
C GLN D 284 -8.64 12.82 -62.95
N SER D 285 -8.88 14.07 -63.34
CA SER D 285 -8.56 15.23 -62.48
C SER D 285 -9.81 16.08 -62.25
N ALA D 286 -10.66 16.21 -63.29
CA ALA D 286 -11.89 17.02 -63.17
C ALA D 286 -12.97 16.45 -64.10
N ILE D 287 -13.83 15.57 -63.58
CA ILE D 287 -14.94 15.01 -64.39
C ILE D 287 -16.27 15.57 -63.87
N LEU D 292 -22.13 24.37 -54.84
CA LEU D 292 -21.68 24.84 -53.53
C LEU D 292 -21.53 26.36 -53.54
N ASP D 293 -21.97 27.01 -52.45
CA ASP D 293 -22.09 28.46 -52.41
C ASP D 293 -21.52 28.96 -51.09
N PRO D 294 -20.79 30.08 -51.11
CA PRO D 294 -20.20 30.59 -49.86
C PRO D 294 -21.20 30.96 -48.78
N GLU D 295 -22.42 31.37 -49.16
CA GLU D 295 -23.40 31.81 -48.18
C GLU D 295 -23.83 30.67 -47.26
N ILE D 296 -24.03 29.47 -47.82
CA ILE D 296 -24.33 28.31 -47.00
C ILE D 296 -23.17 28.00 -46.05
N GLU D 297 -21.94 28.11 -46.56
CA GLU D 297 -20.77 27.88 -45.71
C GLU D 297 -20.73 28.87 -44.55
N GLU D 298 -21.08 30.13 -44.82
CA GLU D 298 -21.05 31.17 -43.79
C GLU D 298 -22.31 31.19 -42.93
N MET D 299 -23.32 30.37 -43.24
CA MET D 299 -24.42 30.15 -42.31
C MET D 299 -24.34 28.82 -41.57
N ILE D 300 -23.39 27.95 -41.91
CA ILE D 300 -23.14 26.74 -41.11
C ILE D 300 -22.14 27.02 -39.99
N ARG D 301 -21.53 28.20 -39.95
CA ARG D 301 -20.97 28.69 -38.69
C ARG D 301 -22.03 28.88 -37.61
N GLY D 302 -23.31 28.92 -37.99
CA GLY D 302 -24.38 28.99 -37.00
C GLY D 302 -24.48 27.77 -36.12
N ALA D 303 -23.95 26.64 -36.55
CA ALA D 303 -24.22 25.35 -35.92
C ALA D 303 -23.22 25.04 -34.81
N ILE D 304 -22.60 26.06 -34.21
CA ILE D 304 -21.76 25.88 -33.03
C ILE D 304 -22.68 25.71 -31.82
N LYS D 305 -22.94 24.47 -31.44
CA LYS D 305 -23.32 24.12 -30.07
C LYS D 305 -22.54 22.87 -29.68
N GLN D 306 -21.76 22.96 -28.61
CA GLN D 306 -20.95 21.83 -28.15
C GLN D 306 -20.94 21.73 -26.63
N THR D 307 -22.00 22.18 -25.97
CA THR D 307 -22.04 22.15 -24.51
C THR D 307 -22.01 20.73 -23.98
N SER D 308 -22.76 19.83 -24.62
CA SER D 308 -22.81 18.42 -24.21
C SER D 308 -21.62 17.67 -24.81
N ALA D 309 -21.66 16.35 -24.73
CA ALA D 309 -20.55 15.53 -25.22
C ALA D 309 -20.46 15.54 -26.74
N GLY D 310 -21.56 15.89 -27.41
CA GLY D 310 -21.59 15.92 -28.88
C GLY D 310 -21.91 17.31 -29.40
N SER D 311 -22.03 17.45 -30.72
CA SER D 311 -22.38 18.76 -31.32
C SER D 311 -23.90 18.84 -31.56
N TYR D 312 -24.37 19.96 -32.11
CA TYR D 312 -25.83 20.14 -32.29
C TYR D 312 -26.09 21.01 -33.52
N LEU D 313 -26.83 20.48 -34.50
CA LEU D 313 -27.21 21.32 -35.68
C LEU D 313 -28.11 22.43 -35.16
N ALA D 314 -27.60 23.67 -35.10
CA ALA D 314 -28.38 24.75 -34.49
C ALA D 314 -28.64 25.80 -35.57
N LEU D 315 -29.78 25.65 -36.27
CA LEU D 315 -29.99 26.28 -37.57
C LEU D 315 -31.47 26.56 -37.73
N ASP D 316 -31.78 27.76 -38.24
CA ASP D 316 -33.10 28.06 -38.80
C ASP D 316 -33.59 26.92 -39.67
N PRO D 317 -34.74 26.33 -39.36
CA PRO D 317 -35.16 25.09 -40.04
C PRO D 317 -35.30 25.25 -41.54
N ASP D 318 -35.73 26.43 -42.01
CA ASP D 318 -36.17 26.58 -43.39
C ASP D 318 -35.05 26.30 -44.39
N SER D 319 -33.79 26.37 -43.95
CA SER D 319 -32.67 26.08 -44.84
C SER D 319 -32.66 24.63 -45.32
N VAL D 320 -33.34 23.72 -44.62
CA VAL D 320 -33.48 22.36 -45.11
C VAL D 320 -34.29 22.32 -46.42
N ASN D 321 -35.07 23.37 -46.68
CA ASN D 321 -35.65 23.59 -48.00
C ASN D 321 -34.75 24.41 -48.91
N LEU D 322 -33.92 25.29 -48.33
CA LEU D 322 -33.11 26.18 -49.16
C LEU D 322 -32.02 25.42 -49.91
N ILE D 323 -31.39 24.44 -49.24
CA ILE D 323 -30.44 23.59 -49.94
C ILE D 323 -31.16 22.70 -50.94
N LEU D 324 -32.30 22.14 -50.54
CA LEU D 324 -32.90 21.04 -51.30
C LEU D 324 -33.55 21.52 -52.59
N LYS D 325 -34.19 22.69 -52.53
CA LYS D 325 -34.80 23.29 -53.72
C LYS D 325 -33.76 23.53 -54.80
N SER D 326 -32.66 24.21 -54.45
CA SER D 326 -31.54 24.35 -55.38
C SER D 326 -30.85 23.02 -55.66
N MET D 327 -30.91 22.07 -54.72
CA MET D 327 -30.21 20.80 -54.92
C MET D 327 -30.81 20.00 -56.06
N ARG D 328 -32.14 19.90 -56.10
CA ARG D 328 -32.77 19.07 -57.13
C ARG D 328 -32.63 19.67 -58.52
N ASN D 329 -32.57 21.00 -58.62
CA ASN D 329 -32.41 21.67 -59.91
C ASN D 329 -30.96 21.77 -60.36
N THR D 330 -30.00 21.31 -59.56
CA THR D 330 -28.59 21.29 -59.96
C THR D 330 -28.10 19.92 -60.37
N ILE D 331 -28.66 18.85 -59.78
CA ILE D 331 -28.05 17.53 -59.91
C ILE D 331 -28.08 17.08 -61.36
N THR D 332 -26.97 16.54 -61.83
CA THR D 332 -26.96 15.74 -63.05
C THR D 332 -27.43 14.32 -62.73
N PRO D 333 -28.42 13.79 -63.45
CA PRO D 333 -28.68 12.35 -63.38
C PRO D 333 -27.61 11.55 -64.08
N THR D 334 -26.73 10.91 -63.31
CA THR D 334 -25.70 10.04 -63.92
C THR D 334 -26.39 8.75 -64.39
N PRO D 335 -25.98 8.13 -65.53
CA PRO D 335 -26.64 6.93 -66.06
C PRO D 335 -26.91 5.84 -65.02
N ALA D 336 -28.13 5.27 -65.03
CA ALA D 336 -28.49 4.21 -64.07
C ALA D 336 -27.44 3.11 -64.07
N GLY D 337 -26.81 2.85 -62.92
CA GLY D 337 -25.73 1.84 -62.85
C GLY D 337 -24.37 2.51 -62.90
N GLY D 338 -24.31 3.81 -62.62
CA GLY D 338 -23.03 4.55 -62.64
C GLY D 338 -22.66 5.08 -61.27
N GLN D 339 -22.18 6.32 -61.19
CA GLN D 339 -21.75 6.91 -59.90
C GLN D 339 -22.30 8.35 -59.80
N PRO D 340 -23.24 8.75 -58.88
CA PRO D 340 -23.67 10.14 -58.84
C PRO D 340 -22.51 11.08 -58.53
N PRO D 341 -22.63 12.36 -58.87
CA PRO D 341 -21.54 13.30 -58.64
C PRO D 341 -21.39 13.63 -57.15
N VAL D 342 -20.35 14.39 -56.87
CA VAL D 342 -19.68 14.37 -55.57
C VAL D 342 -19.58 15.80 -55.06
N LEU D 343 -19.86 15.98 -53.77
CA LEU D 343 -20.18 17.28 -53.19
C LEU D 343 -19.03 17.76 -52.31
N LEU D 344 -18.54 18.96 -52.59
CA LEU D 344 -17.32 19.48 -51.97
C LEU D 344 -17.70 20.52 -50.91
N THR D 345 -17.23 20.32 -49.68
CA THR D 345 -17.62 21.14 -48.55
C THR D 345 -16.37 21.71 -47.86
N ALA D 346 -16.60 22.59 -46.90
CA ALA D 346 -15.55 23.03 -46.01
C ALA D 346 -15.17 21.93 -45.02
N ILE D 347 -13.98 22.09 -44.41
CA ILE D 347 -13.30 20.96 -43.80
C ILE D 347 -14.05 20.48 -42.55
N ASP D 348 -14.45 21.42 -41.69
CA ASP D 348 -15.01 21.07 -40.39
C ASP D 348 -16.50 20.77 -40.43
N VAL D 349 -17.16 21.01 -41.57
CA VAL D 349 -18.61 20.90 -41.68
C VAL D 349 -19.03 19.73 -42.57
N ARG D 350 -18.08 18.86 -42.93
CA ARG D 350 -18.37 17.79 -43.89
C ARG D 350 -19.45 16.86 -43.36
N ARG D 351 -19.27 16.41 -42.11
CA ARG D 351 -20.22 15.44 -41.51
C ARG D 351 -21.63 16.04 -41.48
N TYR D 352 -21.76 17.33 -41.18
CA TYR D 352 -23.10 17.97 -41.07
C TYR D 352 -23.78 17.91 -42.43
N VAL D 353 -23.02 18.19 -43.49
CA VAL D 353 -23.57 18.13 -44.84
C VAL D 353 -24.02 16.72 -45.19
N ARG D 354 -23.16 15.74 -44.90
CA ARG D 354 -23.51 14.35 -45.22
C ARG D 354 -24.72 13.88 -44.41
N LYS D 355 -24.78 14.25 -43.13
CA LYS D 355 -25.94 13.91 -42.31
C LYS D 355 -27.21 14.60 -42.82
N LEU D 356 -27.06 15.79 -43.40
CA LEU D 356 -28.22 16.51 -43.90
C LEU D 356 -28.77 15.86 -45.17
N ILE D 357 -27.91 15.58 -46.15
CA ILE D 357 -28.40 15.32 -47.50
C ILE D 357 -28.62 13.83 -47.76
N GLU D 358 -28.33 12.96 -46.79
CA GLU D 358 -28.50 11.53 -47.00
C GLU D 358 -29.96 11.12 -47.15
N THR D 359 -30.90 11.95 -46.68
CA THR D 359 -32.26 11.48 -46.44
C THR D 359 -33.01 11.25 -47.75
N GLU D 360 -32.82 12.13 -48.74
CA GLU D 360 -33.44 11.98 -50.06
C GLU D 360 -32.48 11.43 -51.10
N PHE D 361 -31.22 11.86 -51.10
CA PHE D 361 -30.20 11.36 -52.02
C PHE D 361 -29.13 10.67 -51.19
N PRO D 362 -29.38 9.43 -50.76
CA PRO D 362 -28.38 8.73 -49.93
C PRO D 362 -27.09 8.38 -50.67
N ASP D 363 -27.13 8.29 -52.00
CA ASP D 363 -26.00 7.80 -52.78
C ASP D 363 -25.20 8.93 -53.40
N ILE D 364 -25.00 10.03 -52.66
CA ILE D 364 -24.15 11.12 -53.08
C ILE D 364 -23.16 11.43 -51.97
N ALA D 365 -21.88 11.44 -52.30
CA ALA D 365 -20.80 11.36 -51.34
C ALA D 365 -20.33 12.77 -51.00
N VAL D 366 -20.48 13.16 -49.74
CA VAL D 366 -19.94 14.43 -49.26
C VAL D 366 -18.49 14.21 -48.83
N ILE D 367 -17.58 14.98 -49.43
CA ILE D 367 -16.21 15.10 -48.95
C ILE D 367 -15.85 16.59 -48.87
N SER D 368 -14.72 16.85 -48.23
CA SER D 368 -14.22 18.21 -48.05
C SER D 368 -12.79 18.30 -48.61
N TYR D 369 -12.16 19.46 -48.41
CA TYR D 369 -10.95 19.79 -49.16
C TYR D 369 -9.79 18.89 -48.79
N GLN D 370 -9.71 18.45 -47.53
CA GLN D 370 -8.54 17.75 -47.03
C GLN D 370 -8.49 16.30 -47.49
N GLU D 371 -9.61 15.75 -47.99
CA GLU D 371 -9.74 14.32 -48.22
C GLU D 371 -9.45 13.92 -49.67
N ILE D 372 -9.01 14.85 -50.51
CA ILE D 372 -8.55 14.53 -51.85
C ILE D 372 -7.04 14.70 -51.92
N LEU D 373 -6.44 14.06 -52.92
CA LEU D 373 -5.02 14.23 -53.16
C LEU D 373 -4.72 15.70 -53.50
N PRO D 374 -3.70 16.30 -52.89
CA PRO D 374 -3.50 17.75 -53.05
C PRO D 374 -2.88 18.11 -54.40
N GLU D 375 -2.93 17.19 -55.34
CA GLU D 375 -2.46 17.44 -56.71
C GLU D 375 -3.56 17.29 -57.76
N ILE D 376 -4.77 16.91 -57.36
CA ILE D 376 -5.89 16.70 -58.28
C ILE D 376 -6.67 18.01 -58.41
N ARG D 377 -7.19 18.27 -59.60
CA ARG D 377 -7.67 19.61 -59.94
C ARG D 377 -9.13 19.80 -59.57
N ILE D 384 -24.53 27.28 -56.88
CA ILE D 384 -25.93 27.13 -56.49
C ILE D 384 -26.04 27.00 -54.98
N GLN D 385 -27.18 27.42 -54.44
CA GLN D 385 -27.34 27.52 -52.99
C GLN D 385 -28.65 26.91 -52.53
N ASN E 39 -35.06 -37.52 -1.10
CA ASN E 39 -35.10 -37.65 0.35
C ASN E 39 -36.13 -36.70 0.98
N PRO E 40 -37.03 -37.24 1.81
CA PRO E 40 -38.05 -36.41 2.46
C PRO E 40 -37.50 -35.49 3.54
N ASP E 41 -36.17 -35.48 3.75
CA ASP E 41 -35.55 -34.63 4.75
C ASP E 41 -34.50 -33.76 4.07
N ASP E 42 -34.95 -32.97 3.10
CA ASP E 42 -34.10 -31.98 2.43
C ASP E 42 -34.96 -30.74 2.25
N TYR E 43 -34.53 -29.87 1.35
CA TYR E 43 -35.42 -28.88 0.75
C TYR E 43 -35.90 -29.38 -0.61
N SER E 44 -37.00 -28.78 -1.08
CA SER E 44 -37.53 -29.03 -2.42
C SER E 44 -37.69 -27.71 -3.16
N LEU E 45 -37.51 -27.78 -4.48
CA LEU E 45 -37.52 -26.57 -5.30
C LEU E 45 -38.93 -26.33 -5.83
N THR E 46 -39.29 -25.05 -5.93
CA THR E 46 -40.66 -24.66 -6.25
C THR E 46 -41.00 -25.05 -7.69
N LEU E 47 -42.12 -25.75 -7.87
CA LEU E 47 -42.49 -26.24 -9.20
C LEU E 47 -43.19 -25.13 -9.98
N PRO E 48 -42.65 -24.70 -11.14
CA PRO E 48 -43.11 -23.44 -11.73
C PRO E 48 -44.56 -23.48 -12.19
N VAL E 49 -44.89 -24.45 -13.05
CA VAL E 49 -46.14 -24.41 -13.81
C VAL E 49 -46.74 -25.82 -13.77
N ILE E 50 -47.89 -25.95 -13.11
CA ILE E 50 -48.57 -27.24 -12.95
C ILE E 50 -49.91 -27.15 -13.65
N LEU E 51 -50.25 -28.20 -14.41
CA LEU E 51 -51.54 -28.29 -15.09
C LEU E 51 -52.31 -29.46 -14.50
N GLU E 52 -53.37 -29.17 -13.75
CA GLU E 52 -54.30 -30.19 -13.26
C GLU E 52 -55.43 -30.41 -14.26
N LEU E 53 -55.80 -31.68 -14.42
CA LEU E 53 -56.95 -32.07 -15.23
C LEU E 53 -57.89 -32.91 -14.38
N GLY E 54 -59.18 -32.77 -14.63
CA GLY E 54 -60.13 -33.78 -14.23
C GLY E 54 -60.08 -35.00 -15.14
N LYS E 55 -60.91 -35.99 -14.78
CA LYS E 55 -60.63 -37.37 -15.18
C LYS E 55 -60.75 -37.54 -16.70
N ASP E 56 -61.73 -36.89 -17.31
CA ASP E 56 -62.01 -37.12 -18.72
C ASP E 56 -60.89 -36.57 -19.61
N LEU E 57 -60.41 -35.37 -19.32
CA LEU E 57 -59.25 -34.85 -20.04
C LEU E 57 -58.01 -35.69 -19.79
N SER E 58 -57.87 -36.24 -18.58
CA SER E 58 -56.72 -37.07 -18.27
C SER E 58 -56.73 -38.37 -19.06
N LYS E 59 -57.91 -38.92 -19.35
CA LYS E 59 -58.00 -40.04 -20.28
C LYS E 59 -57.87 -39.60 -21.73
N LEU E 60 -58.27 -38.37 -22.05
CA LEU E 60 -58.12 -37.88 -23.42
C LEU E 60 -56.66 -37.67 -23.80
N ILE E 61 -55.83 -37.23 -22.85
CA ILE E 61 -54.41 -37.07 -23.13
C ILE E 61 -53.67 -38.40 -23.18
N GLN E 62 -54.37 -39.53 -22.98
CA GLN E 62 -53.74 -40.82 -23.17
C GLN E 62 -53.46 -41.10 -24.64
N HIS E 63 -54.37 -40.68 -25.52
CA HIS E 63 -54.43 -41.20 -26.88
C HIS E 63 -53.83 -40.21 -27.88
N LYS E 64 -53.42 -40.75 -29.02
CA LYS E 64 -52.81 -39.94 -30.06
C LYS E 64 -53.89 -39.17 -30.83
N THR E 65 -53.46 -38.11 -31.51
CA THR E 65 -54.37 -37.23 -32.22
C THR E 65 -54.49 -37.67 -33.68
N LYS E 66 -55.10 -36.82 -34.51
CA LYS E 66 -55.19 -37.10 -35.94
C LYS E 66 -53.80 -37.18 -36.58
N SER E 67 -52.94 -36.21 -36.27
CA SER E 67 -51.55 -36.26 -36.67
C SER E 67 -50.70 -37.12 -35.73
N GLY E 68 -51.34 -37.90 -34.86
CA GLY E 68 -50.65 -38.96 -34.16
C GLY E 68 -49.81 -38.53 -32.98
N GLN E 69 -49.95 -37.28 -32.53
CA GLN E 69 -49.00 -36.70 -31.60
C GLN E 69 -49.48 -36.90 -30.18
N SER E 70 -48.53 -36.94 -29.26
CA SER E 70 -48.85 -36.97 -27.83
C SER E 70 -48.95 -35.56 -27.29
N PHE E 71 -49.83 -35.39 -26.30
CA PHE E 71 -49.89 -34.14 -25.57
C PHE E 71 -48.56 -33.86 -24.86
N VAL E 72 -48.05 -34.86 -24.13
CA VAL E 72 -46.96 -34.59 -23.21
C VAL E 72 -45.61 -34.62 -23.93
N ASP E 73 -45.49 -35.41 -25.00
CA ASP E 73 -44.20 -35.68 -25.62
C ASP E 73 -43.95 -34.85 -26.88
N ASP E 74 -45.00 -34.38 -27.54
CA ASP E 74 -44.85 -33.58 -28.74
C ASP E 74 -45.38 -32.17 -28.57
N MET E 75 -46.62 -32.00 -28.11
CA MET E 75 -47.30 -30.72 -28.26
C MET E 75 -46.71 -29.67 -27.33
N ILE E 76 -46.39 -30.04 -26.11
CA ILE E 76 -45.85 -29.10 -25.13
C ILE E 76 -44.44 -28.66 -25.57
N PRO E 77 -43.54 -29.57 -25.96
CA PRO E 77 -42.23 -29.10 -26.45
C PRO E 77 -42.32 -28.21 -27.68
N LYS E 78 -43.24 -28.52 -28.61
CA LYS E 78 -43.39 -27.67 -29.78
C LYS E 78 -43.92 -26.30 -29.41
N MET E 79 -44.83 -26.25 -28.44
CA MET E 79 -45.25 -24.98 -27.87
C MET E 79 -44.07 -24.20 -27.33
N ARG E 80 -43.21 -24.87 -26.56
CA ARG E 80 -42.07 -24.19 -25.97
C ARG E 80 -41.16 -23.63 -27.05
N GLN E 81 -40.88 -24.43 -28.07
CA GLN E 81 -39.97 -23.98 -29.13
C GLN E 81 -40.57 -22.83 -29.92
N ALA E 82 -41.88 -22.89 -30.20
CA ALA E 82 -42.52 -21.80 -30.93
C ALA E 82 -42.53 -20.52 -30.10
N LEU E 83 -42.77 -20.63 -28.80
CA LEU E 83 -42.66 -19.46 -27.94
C LEU E 83 -41.25 -18.89 -27.96
N TYR E 84 -40.25 -19.76 -27.93
CA TYR E 84 -38.87 -19.28 -27.94
C TYR E 84 -38.52 -18.58 -29.25
N GLN E 85 -39.06 -19.07 -30.38
CA GLN E 85 -38.90 -18.35 -31.63
C GLN E 85 -39.67 -17.03 -31.64
N ASP E 86 -40.80 -16.96 -30.94
CA ASP E 86 -41.60 -15.74 -30.92
C ASP E 86 -41.06 -14.73 -29.91
N ILE E 87 -40.70 -15.18 -28.72
CA ILE E 87 -40.25 -14.33 -27.63
C ILE E 87 -38.93 -14.90 -27.13
N GLY E 88 -38.05 -14.04 -26.65
CA GLY E 88 -36.68 -14.44 -26.43
C GLY E 88 -36.45 -15.19 -25.13
N ILE E 89 -37.42 -16.00 -24.72
CA ILE E 89 -37.59 -16.45 -23.34
C ILE E 89 -37.52 -17.98 -23.32
N ARG E 90 -36.70 -18.53 -22.44
CA ARG E 90 -36.65 -19.98 -22.24
C ARG E 90 -37.69 -20.33 -21.20
N TYR E 91 -38.86 -20.83 -21.65
CA TYR E 91 -39.88 -21.14 -20.64
C TYR E 91 -39.71 -22.56 -20.10
N PRO E 92 -39.91 -22.74 -18.80
CA PRO E 92 -39.65 -24.05 -18.18
C PRO E 92 -40.69 -25.07 -18.56
N GLY E 93 -40.34 -26.34 -18.34
CA GLY E 93 -41.23 -27.44 -18.63
C GLY E 93 -42.37 -27.55 -17.64
N ILE E 94 -43.37 -28.33 -18.03
CA ILE E 94 -44.70 -28.31 -17.43
C ILE E 94 -44.93 -29.63 -16.71
N HIS E 95 -45.47 -29.54 -15.50
CA HIS E 95 -45.83 -30.70 -14.70
C HIS E 95 -47.33 -30.92 -14.80
N VAL E 96 -47.73 -32.06 -15.38
CA VAL E 96 -49.13 -32.36 -15.59
C VAL E 96 -49.53 -33.46 -14.62
N ARG E 97 -50.49 -33.17 -13.76
CA ARG E 97 -51.04 -34.11 -12.80
C ARG E 97 -52.47 -34.45 -13.17
N THR E 98 -52.75 -35.74 -13.31
CA THR E 98 -54.04 -36.22 -13.77
C THR E 98 -55.02 -36.32 -12.59
N ASP E 99 -56.30 -36.37 -12.92
CA ASP E 99 -57.36 -36.81 -12.02
C ASP E 99 -57.43 -35.92 -10.78
N SER E 100 -57.61 -34.63 -11.02
CA SER E 100 -57.70 -33.67 -9.93
C SER E 100 -58.97 -33.93 -9.12
N PRO E 101 -58.90 -33.96 -7.79
CA PRO E 101 -60.14 -33.98 -6.99
C PRO E 101 -61.03 -32.77 -7.23
N SER E 102 -60.46 -31.62 -7.59
CA SER E 102 -61.12 -30.32 -7.46
C SER E 102 -61.78 -29.87 -8.76
N LEU E 103 -61.79 -30.73 -9.78
CA LEU E 103 -62.25 -30.36 -11.11
C LEU E 103 -63.25 -31.40 -11.61
N GLU E 104 -64.22 -30.94 -12.40
CA GLU E 104 -64.95 -31.84 -13.27
C GLU E 104 -64.05 -32.35 -14.40
N GLY E 105 -64.54 -33.35 -15.11
CA GLY E 105 -63.68 -34.11 -16.00
C GLY E 105 -63.25 -33.35 -17.24
N TYR E 106 -64.04 -32.37 -17.66
CA TYR E 106 -63.71 -31.49 -18.77
C TYR E 106 -63.24 -30.11 -18.31
N ASP E 107 -62.78 -29.98 -17.06
CA ASP E 107 -62.20 -28.75 -16.56
C ASP E 107 -60.70 -28.91 -16.33
N TYR E 108 -60.00 -27.77 -16.36
CA TYR E 108 -58.55 -27.74 -16.27
C TYR E 108 -58.13 -26.50 -15.47
N MET E 109 -56.93 -26.57 -14.90
CA MET E 109 -56.43 -25.48 -14.08
C MET E 109 -54.91 -25.38 -14.25
N ILE E 110 -54.42 -24.14 -14.25
CA ILE E 110 -53.00 -23.84 -14.43
C ILE E 110 -52.45 -23.21 -13.16
N LEU E 111 -51.25 -23.64 -12.75
CA LEU E 111 -50.65 -23.23 -11.49
C LEU E 111 -49.39 -22.42 -11.76
N LEU E 112 -49.31 -21.24 -11.13
CA LEU E 112 -48.09 -20.44 -11.11
C LEU E 112 -47.38 -20.66 -9.78
N ASN E 113 -46.20 -21.28 -9.84
CA ASN E 113 -45.33 -21.44 -8.68
C ASN E 113 -46.07 -22.19 -7.56
N GLU E 114 -46.71 -23.30 -7.94
CA GLU E 114 -47.52 -24.13 -7.05
C GLU E 114 -48.70 -23.37 -6.46
N VAL E 115 -49.10 -22.26 -7.08
CA VAL E 115 -50.31 -21.53 -6.74
C VAL E 115 -51.19 -21.50 -7.98
N PRO E 116 -52.43 -22.00 -7.92
CA PRO E 116 -53.31 -21.92 -9.09
C PRO E 116 -53.54 -20.47 -9.51
N TYR E 117 -53.53 -20.25 -10.82
CA TYR E 117 -53.59 -18.91 -11.41
C TYR E 117 -54.89 -18.61 -12.11
N VAL E 118 -55.36 -19.50 -13.00
CA VAL E 118 -56.66 -19.34 -13.62
C VAL E 118 -57.21 -20.72 -13.97
N ARG E 119 -58.53 -20.87 -13.79
CA ARG E 119 -59.31 -22.05 -14.15
C ARG E 119 -59.84 -21.93 -15.57
N GLY E 120 -60.11 -23.08 -16.18
CA GLY E 120 -60.76 -23.13 -17.47
C GLY E 120 -61.87 -24.16 -17.50
N LYS E 121 -62.73 -24.04 -18.51
CA LYS E 121 -63.71 -25.04 -18.86
C LYS E 121 -63.66 -25.35 -20.34
N ILE E 122 -64.02 -26.58 -20.71
CA ILE E 122 -64.16 -27.01 -22.09
C ILE E 122 -65.57 -27.53 -22.30
N PRO E 123 -66.35 -26.98 -23.23
CA PRO E 123 -67.64 -27.58 -23.59
C PRO E 123 -67.46 -28.99 -24.12
N PRO E 124 -68.27 -29.95 -23.65
CA PRO E 124 -68.07 -31.35 -24.05
C PRO E 124 -68.31 -31.52 -25.54
N HIS E 125 -67.39 -32.24 -26.19
CA HIS E 125 -67.53 -32.65 -27.59
C HIS E 125 -67.69 -31.45 -28.52
N HIS E 126 -66.98 -30.38 -28.21
CA HIS E 126 -66.91 -29.18 -29.04
C HIS E 126 -65.46 -28.81 -29.26
N VAL E 127 -65.18 -28.21 -30.42
CA VAL E 127 -63.86 -27.67 -30.70
C VAL E 127 -63.99 -26.17 -30.97
N LEU E 128 -62.93 -25.44 -30.62
CA LEU E 128 -62.93 -23.98 -30.68
C LEU E 128 -62.24 -23.57 -31.96
N THR E 129 -62.99 -22.93 -32.86
CA THR E 129 -62.41 -22.20 -33.97
C THR E 129 -63.04 -20.82 -34.02
N ASN E 130 -62.22 -19.80 -34.22
CA ASN E 130 -62.75 -18.45 -34.42
C ASN E 130 -63.33 -18.36 -35.82
N GLU E 131 -64.65 -18.20 -35.89
CA GLU E 131 -65.28 -17.97 -37.21
C GLU E 131 -66.31 -16.84 -37.00
N VAL E 132 -66.49 -15.98 -37.99
CA VAL E 132 -67.40 -14.82 -37.82
C VAL E 132 -68.82 -15.36 -37.60
N GLU E 133 -69.67 -14.62 -36.90
CA GLU E 133 -71.08 -15.05 -36.73
C GLU E 133 -71.67 -15.33 -38.12
N ASP E 134 -71.32 -14.50 -39.10
CA ASP E 134 -71.76 -14.73 -40.50
C ASP E 134 -71.44 -16.18 -40.91
N ASN E 135 -70.20 -16.64 -40.66
CA ASN E 135 -69.82 -17.98 -41.08
C ASN E 135 -70.49 -19.06 -40.23
N LEU E 136 -70.46 -18.91 -38.91
CA LEU E 136 -71.18 -19.80 -38.00
C LEU E 136 -72.63 -20.03 -38.40
N SER E 137 -73.21 -19.16 -39.22
CA SER E 137 -74.54 -19.35 -39.77
C SER E 137 -74.55 -19.52 -41.28
N ARG E 138 -73.39 -19.51 -41.94
CA ARG E 138 -73.35 -19.67 -43.38
C ARG E 138 -73.18 -21.13 -43.80
N TYR E 139 -72.87 -22.03 -42.86
CA TYR E 139 -72.97 -23.46 -43.10
C TYR E 139 -74.03 -24.15 -42.26
N ASN E 140 -74.72 -23.41 -41.38
CA ASN E 140 -75.77 -23.92 -40.51
C ASN E 140 -75.22 -24.83 -39.40
N LEU E 141 -74.01 -24.55 -38.95
CA LEU E 141 -73.43 -25.29 -37.83
C LEU E 141 -73.86 -24.67 -36.50
N PRO E 142 -73.77 -25.43 -35.41
CA PRO E 142 -73.85 -24.82 -34.07
C PRO E 142 -72.74 -23.81 -33.83
N PHE E 143 -73.07 -22.79 -33.04
CA PHE E 143 -72.08 -21.97 -32.35
C PHE E 143 -72.46 -21.83 -30.89
N ILE E 144 -71.49 -22.02 -30.00
CA ILE E 144 -71.64 -21.74 -28.58
C ILE E 144 -70.65 -20.64 -28.22
N THR E 145 -71.17 -19.54 -27.68
CA THR E 145 -70.34 -18.39 -27.31
C THR E 145 -69.79 -18.63 -25.91
N TYR E 146 -68.47 -18.79 -25.82
CA TYR E 146 -67.81 -19.00 -24.53
C TYR E 146 -66.38 -18.49 -24.64
N LYS E 147 -66.13 -17.30 -24.12
CA LYS E 147 -64.90 -16.57 -24.38
C LYS E 147 -63.97 -16.78 -23.19
N ASN E 148 -63.08 -17.77 -23.30
CA ASN E 148 -62.60 -18.48 -22.12
C ASN E 148 -61.45 -17.74 -21.45
N ALA E 149 -60.43 -17.37 -22.22
CA ALA E 149 -59.60 -16.20 -21.94
C ALA E 149 -59.70 -15.20 -23.10
N ALA E 150 -58.95 -14.12 -22.99
CA ALA E 150 -59.29 -12.88 -23.67
C ALA E 150 -58.73 -12.82 -25.09
N GLY E 151 -57.54 -13.36 -25.31
CA GLY E 151 -56.96 -13.39 -26.64
C GLY E 151 -57.17 -14.72 -27.34
N LEU E 152 -58.35 -15.31 -27.17
CA LEU E 152 -58.65 -16.64 -27.67
C LEU E 152 -60.02 -16.64 -28.32
N PRO E 153 -60.28 -17.58 -29.22
CA PRO E 153 -61.57 -17.60 -29.92
C PRO E 153 -62.72 -17.92 -28.98
N SER E 154 -63.92 -17.65 -29.47
CA SER E 154 -65.14 -17.66 -28.65
C SER E 154 -66.26 -18.43 -29.33
N ALA E 155 -65.91 -19.41 -30.17
CA ALA E 155 -66.88 -20.04 -31.08
C ALA E 155 -66.65 -21.55 -31.04
N TRP E 156 -67.53 -22.25 -30.34
CA TRP E 156 -67.41 -23.69 -30.10
C TRP E 156 -68.40 -24.42 -30.99
N VAL E 157 -67.92 -25.43 -31.71
CA VAL E 157 -68.70 -26.15 -32.71
C VAL E 157 -68.54 -27.64 -32.45
N SER E 158 -69.63 -28.40 -32.61
CA SER E 158 -69.62 -29.79 -32.17
C SER E 158 -68.59 -30.58 -32.95
N GLU E 159 -67.78 -31.36 -32.22
CA GLU E 159 -66.50 -31.82 -32.76
C GLU E 159 -66.67 -32.88 -33.84
N ASP E 160 -67.90 -33.36 -34.05
CA ASP E 160 -68.23 -34.21 -35.19
C ASP E 160 -68.21 -33.48 -36.53
N ALA E 161 -68.11 -32.15 -36.55
CA ALA E 161 -68.14 -31.37 -37.78
C ALA E 161 -66.73 -31.07 -38.32
N LYS E 162 -65.74 -31.90 -38.00
CA LYS E 162 -64.34 -31.54 -38.32
C LYS E 162 -64.09 -31.54 -39.82
N ALA E 163 -64.52 -32.60 -40.51
CA ALA E 163 -64.31 -32.68 -41.95
C ALA E 163 -65.07 -31.59 -42.69
N ILE E 164 -66.22 -31.15 -42.15
CA ILE E 164 -66.91 -30.00 -42.71
C ILE E 164 -66.00 -28.77 -42.70
N LEU E 165 -65.35 -28.53 -41.56
CA LEU E 165 -64.49 -27.36 -41.44
C LEU E 165 -63.23 -27.49 -42.28
N GLU E 166 -62.74 -28.73 -42.46
CA GLU E 166 -61.62 -28.95 -43.37
C GLU E 166 -62.02 -28.68 -44.82
N LYS E 167 -63.25 -29.07 -45.20
CA LYS E 167 -63.72 -28.81 -46.56
C LYS E 167 -63.96 -27.33 -46.79
N ALA E 168 -64.41 -26.62 -45.77
CA ALA E 168 -64.59 -25.17 -45.84
C ALA E 168 -63.31 -24.41 -45.52
N ALA E 169 -62.18 -25.11 -45.37
CA ALA E 169 -60.87 -24.51 -45.17
C ALA E 169 -60.83 -23.63 -43.92
N ILE E 170 -61.55 -24.07 -42.88
CA ILE E 170 -61.54 -23.41 -41.58
C ILE E 170 -60.74 -24.28 -40.62
N LYS E 171 -59.66 -23.72 -40.08
CA LYS E 171 -58.88 -24.45 -39.09
C LYS E 171 -59.62 -24.49 -37.76
N TYR E 172 -59.64 -25.66 -37.15
CA TYR E 172 -60.23 -25.88 -35.84
C TYR E 172 -59.16 -26.44 -34.92
N TRP E 173 -59.40 -26.30 -33.62
CA TRP E 173 -58.44 -26.73 -32.60
C TRP E 173 -59.08 -27.80 -31.72
N THR E 174 -58.38 -28.93 -31.57
CA THR E 174 -58.65 -29.94 -30.55
C THR E 174 -58.73 -29.24 -29.19
N PRO E 175 -59.57 -29.72 -28.27
CA PRO E 175 -59.53 -29.16 -26.91
C PRO E 175 -58.17 -29.28 -26.25
N LEU E 176 -57.40 -30.30 -26.58
CA LEU E 176 -55.99 -30.34 -26.19
C LEU E 176 -55.21 -29.19 -26.83
N GLU E 177 -55.45 -28.93 -28.13
CA GLU E 177 -54.86 -27.76 -28.77
C GLU E 177 -55.41 -26.46 -28.18
N VAL E 178 -56.65 -26.48 -27.68
CA VAL E 178 -57.17 -25.32 -26.95
C VAL E 178 -56.40 -25.08 -25.66
N ILE E 179 -56.07 -26.16 -24.94
CA ILE E 179 -55.19 -26.05 -23.78
C ILE E 179 -53.85 -25.46 -24.20
N ILE E 180 -53.31 -25.93 -25.32
CA ILE E 180 -52.05 -25.40 -25.81
C ILE E 180 -52.16 -23.90 -26.07
N LEU E 181 -53.25 -23.48 -26.71
CA LEU E 181 -53.43 -22.05 -27.01
C LEU E 181 -53.54 -21.25 -25.73
N HIS E 182 -54.25 -21.78 -24.73
CA HIS E 182 -54.44 -21.03 -23.49
C HIS E 182 -53.14 -20.94 -22.71
N LEU E 183 -52.33 -22.01 -22.72
CA LEU E 183 -50.99 -21.95 -22.14
C LEU E 183 -50.13 -20.91 -22.86
N SER E 184 -50.22 -20.86 -24.19
CA SER E 184 -49.45 -19.87 -24.94
C SER E 184 -49.85 -18.46 -24.56
N TYR E 185 -51.17 -18.22 -24.42
CA TYR E 185 -51.63 -16.91 -23.97
C TYR E 185 -51.10 -16.60 -22.57
N PHE E 186 -51.10 -17.60 -21.68
CA PHE E 186 -50.48 -17.44 -20.37
C PHE E 186 -49.03 -16.98 -20.49
N PHE E 187 -48.24 -17.70 -21.29
CA PHE E 187 -46.80 -17.45 -21.27
C PHE E 187 -46.46 -16.14 -21.97
N HIS E 188 -47.27 -15.70 -22.93
CA HIS E 188 -47.16 -14.32 -23.40
C HIS E 188 -47.49 -13.33 -22.29
N LYS E 189 -48.63 -13.52 -21.61
CA LYS E 189 -49.06 -12.52 -20.59
C LYS E 189 -48.22 -12.62 -19.32
N SER E 190 -47.57 -13.76 -19.08
CA SER E 190 -46.80 -13.97 -17.85
C SER E 190 -45.32 -14.10 -18.17
N SER E 191 -44.82 -13.21 -19.03
CA SER E 191 -43.37 -13.09 -19.20
C SER E 191 -42.70 -12.72 -17.89
N GLN E 192 -43.31 -11.83 -17.11
CA GLN E 192 -42.58 -11.15 -16.05
C GLN E 192 -42.08 -12.12 -14.99
N GLU E 193 -42.85 -13.17 -14.72
CA GLU E 193 -42.52 -14.03 -13.59
C GLU E 193 -41.44 -15.06 -13.91
N PHE E 194 -41.04 -15.19 -15.18
CA PHE E 194 -40.08 -16.20 -15.57
C PHE E 194 -38.76 -15.63 -16.07
N LEU E 195 -38.67 -14.32 -16.22
CA LEU E 195 -37.42 -13.65 -16.58
C LEU E 195 -36.85 -13.03 -15.30
N GLY E 196 -36.17 -13.87 -14.52
CA GLY E 196 -35.30 -13.42 -13.46
C GLY E 196 -33.84 -13.71 -13.75
N ILE E 197 -33.00 -13.42 -12.74
CA ILE E 197 -31.64 -13.03 -13.04
C ILE E 197 -30.85 -14.24 -13.52
N GLN E 198 -31.17 -15.44 -13.04
CA GLN E 198 -30.37 -16.61 -13.37
C GLN E 198 -30.58 -17.06 -14.82
N GLU E 199 -31.80 -16.91 -15.36
CA GLU E 199 -32.01 -17.18 -16.77
C GLU E 199 -31.30 -16.16 -17.65
N VAL E 200 -31.28 -14.89 -17.24
CA VAL E 200 -30.50 -13.88 -17.94
C VAL E 200 -29.03 -14.26 -17.95
N ARG E 201 -28.51 -14.72 -16.80
CA ARG E 201 -27.14 -15.20 -16.74
C ARG E 201 -26.92 -16.38 -17.67
N SER E 202 -27.87 -17.31 -17.72
CA SER E 202 -27.73 -18.49 -18.58
C SER E 202 -27.64 -18.08 -20.05
N MET E 203 -28.49 -17.16 -20.48
CA MET E 203 -28.43 -16.76 -21.89
C MET E 203 -27.20 -15.92 -22.18
N ILE E 204 -26.76 -15.08 -21.24
CA ILE E 204 -25.52 -14.35 -21.44
C ILE E 204 -24.34 -15.32 -21.54
N GLU E 205 -24.35 -16.39 -20.75
CA GLU E 205 -23.25 -17.34 -20.76
C GLU E 205 -23.27 -18.24 -21.98
N PHE E 206 -24.45 -18.48 -22.55
CA PHE E 206 -24.50 -19.00 -23.91
C PHE E 206 -23.90 -18.03 -24.92
N MET E 207 -24.19 -16.73 -24.75
CA MET E 207 -23.68 -15.74 -25.69
C MET E 207 -22.16 -15.66 -25.63
N GLU E 208 -21.59 -15.81 -24.43
CA GLU E 208 -20.14 -15.69 -24.27
C GLU E 208 -19.39 -16.66 -25.19
N ARG E 209 -20.02 -17.79 -25.53
CA ARG E 209 -19.39 -18.76 -26.43
C ARG E 209 -19.05 -18.14 -27.78
N SER E 210 -19.81 -17.14 -28.22
CA SER E 210 -19.64 -16.56 -29.54
C SER E 210 -19.21 -15.11 -29.50
N PHE E 211 -19.71 -14.32 -28.56
CA PHE E 211 -19.54 -12.87 -28.59
C PHE E 211 -18.90 -12.38 -27.30
N PRO E 212 -17.74 -12.92 -26.92
CA PRO E 212 -17.29 -12.75 -25.53
C PRO E 212 -16.87 -11.32 -25.22
N ASP E 213 -16.21 -10.63 -26.15
CA ASP E 213 -15.76 -9.26 -25.87
C ASP E 213 -16.92 -8.27 -25.91
N LEU E 214 -17.92 -8.51 -26.77
CA LEU E 214 -19.17 -7.78 -26.68
C LEU E 214 -19.83 -7.95 -25.32
N VAL E 215 -19.91 -9.19 -24.84
CA VAL E 215 -20.49 -9.46 -23.52
C VAL E 215 -19.70 -8.74 -22.43
N LYS E 216 -18.37 -8.75 -22.54
CA LYS E 216 -17.53 -8.12 -21.54
C LYS E 216 -17.74 -6.61 -21.54
N GLU E 217 -17.87 -5.99 -22.71
CA GLU E 217 -18.21 -4.57 -22.77
C GLU E 217 -19.56 -4.30 -22.12
N VAL E 218 -20.56 -5.13 -22.42
CA VAL E 218 -21.90 -4.90 -21.88
C VAL E 218 -21.87 -5.00 -20.37
N THR E 219 -21.18 -5.99 -19.82
CA THR E 219 -21.13 -6.16 -18.38
C THR E 219 -20.16 -5.20 -17.69
N ARG E 220 -19.27 -4.54 -18.44
CA ARG E 220 -18.66 -3.31 -17.94
C ARG E 220 -19.67 -2.17 -17.84
N LEU E 221 -20.59 -2.09 -18.80
CA LEU E 221 -21.48 -0.93 -18.84
C LEU E 221 -22.72 -1.11 -17.97
N ILE E 222 -23.23 -2.33 -17.84
CA ILE E 222 -24.53 -2.59 -17.26
C ILE E 222 -24.39 -3.71 -16.22
N PRO E 223 -24.76 -3.48 -14.97
CA PRO E 223 -24.77 -4.58 -14.00
C PRO E 223 -25.85 -5.60 -14.32
N LEU E 224 -25.63 -6.81 -13.80
CA LEU E 224 -26.43 -7.95 -14.24
C LEU E 224 -27.89 -7.83 -13.81
N GLN E 225 -28.12 -7.33 -12.60
CA GLN E 225 -29.48 -7.09 -12.15
C GLN E 225 -30.17 -6.02 -13.00
N LYS E 226 -29.46 -4.93 -13.30
CA LYS E 226 -30.05 -3.89 -14.13
C LYS E 226 -30.24 -4.36 -15.57
N LEU E 227 -29.36 -5.22 -16.07
CA LEU E 227 -29.57 -5.83 -17.39
C LEU E 227 -30.82 -6.70 -17.41
N THR E 228 -31.02 -7.49 -16.36
CA THR E 228 -32.25 -8.28 -16.25
C THR E 228 -33.48 -7.38 -16.16
N GLU E 229 -33.36 -6.24 -15.48
CA GLU E 229 -34.44 -5.27 -15.43
C GLU E 229 -34.75 -4.70 -16.81
N ILE E 230 -33.71 -4.44 -17.62
CA ILE E 230 -33.90 -3.98 -18.99
C ILE E 230 -34.65 -5.04 -19.81
N PHE E 231 -34.26 -6.30 -19.67
CA PHE E 231 -34.96 -7.38 -20.38
C PHE E 231 -36.41 -7.47 -19.94
N LYS E 232 -36.68 -7.32 -18.64
CA LYS E 232 -38.05 -7.39 -18.14
C LYS E 232 -38.90 -6.26 -18.71
N ARG E 233 -38.36 -5.04 -18.72
CA ARG E 233 -39.10 -3.90 -19.25
C ARG E 233 -39.26 -3.96 -20.78
N LEU E 234 -38.38 -4.67 -21.48
CA LEU E 234 -38.64 -4.99 -22.88
C LEU E 234 -39.80 -5.97 -23.02
N VAL E 235 -39.74 -7.10 -22.34
CA VAL E 235 -40.73 -8.15 -22.58
C VAL E 235 -42.05 -7.79 -21.92
N GLN E 236 -42.10 -6.66 -21.24
CA GLN E 236 -43.39 -6.11 -20.78
C GLN E 236 -44.34 -5.85 -21.96
N GLU E 237 -43.85 -5.21 -23.03
CA GLU E 237 -44.66 -4.88 -24.19
C GLU E 237 -44.54 -5.92 -25.30
N GLN E 238 -44.27 -7.18 -24.94
CA GLN E 238 -44.19 -8.28 -25.90
C GLN E 238 -43.11 -8.05 -26.94
N ILE E 239 -42.08 -7.28 -26.59
CA ILE E 239 -40.91 -7.14 -27.45
C ILE E 239 -40.02 -8.36 -27.24
N SER E 240 -39.83 -9.14 -28.30
CA SER E 240 -38.98 -10.32 -28.21
C SER E 240 -37.52 -9.92 -28.00
N ILE E 241 -36.78 -10.79 -27.32
CA ILE E 241 -35.34 -10.62 -27.20
C ILE E 241 -34.63 -11.84 -27.78
N LYS E 242 -35.22 -12.43 -28.82
CA LYS E 242 -34.54 -13.48 -29.58
C LYS E 242 -33.27 -12.94 -30.25
N ASP E 243 -33.33 -11.72 -30.79
CA ASP E 243 -32.17 -11.12 -31.46
C ASP E 243 -31.30 -10.44 -30.40
N LEU E 244 -30.56 -11.28 -29.67
CA LEU E 244 -29.71 -10.76 -28.61
C LEU E 244 -28.59 -9.88 -29.16
N ARG E 245 -28.15 -10.14 -30.39
CA ARG E 245 -26.98 -9.43 -30.90
C ARG E 245 -27.25 -7.94 -31.01
N THR E 246 -28.37 -7.56 -31.64
CA THR E 246 -28.69 -6.15 -31.83
C THR E 246 -28.95 -5.47 -30.49
N ILE E 247 -29.59 -6.19 -29.56
CA ILE E 247 -29.82 -5.63 -28.22
C ILE E 247 -28.50 -5.31 -27.54
N LEU E 248 -27.55 -6.25 -27.61
CA LEU E 248 -26.26 -6.02 -26.95
C LEU E 248 -25.48 -4.90 -27.62
N GLU E 249 -25.54 -4.84 -28.95
CA GLU E 249 -24.88 -3.74 -29.66
C GLU E 249 -25.47 -2.39 -29.27
N SER E 250 -26.80 -2.30 -29.21
CA SER E 250 -27.44 -1.04 -28.84
C SER E 250 -27.10 -0.66 -27.40
N LEU E 251 -27.08 -1.65 -26.50
CA LEU E 251 -26.66 -1.36 -25.14
C LEU E 251 -25.23 -0.81 -25.12
N SER E 252 -24.32 -1.46 -25.83
CA SER E 252 -22.92 -1.06 -25.79
C SER E 252 -22.69 0.30 -26.43
N GLU E 253 -23.57 0.72 -27.35
CA GLU E 253 -23.60 2.12 -27.75
C GLU E 253 -24.12 3.00 -26.62
N TRP E 254 -25.35 2.76 -26.17
CA TRP E 254 -26.09 3.81 -25.48
C TRP E 254 -25.70 3.92 -24.01
N ALA E 255 -25.19 2.83 -23.43
CA ALA E 255 -24.83 2.83 -22.02
C ALA E 255 -23.43 3.38 -21.78
N GLN E 256 -22.75 3.82 -22.84
CA GLN E 256 -21.59 4.70 -22.68
C GLN E 256 -21.92 5.92 -21.84
N THR E 257 -23.12 6.46 -22.00
CA THR E 257 -23.51 7.71 -21.37
C THR E 257 -24.54 7.55 -20.27
N GLU E 258 -25.53 6.69 -20.46
CA GLU E 258 -26.75 6.70 -19.65
C GLU E 258 -26.86 5.41 -18.87
N LYS E 259 -27.15 5.53 -17.57
CA LYS E 259 -27.24 4.40 -16.65
C LYS E 259 -28.65 4.15 -16.14
N ASP E 260 -29.60 5.03 -16.44
CA ASP E 260 -31.00 4.73 -16.17
C ASP E 260 -31.46 3.53 -16.99
N THR E 261 -32.14 2.59 -16.33
CA THR E 261 -32.58 1.38 -17.02
C THR E 261 -33.65 1.68 -18.07
N VAL E 262 -34.53 2.64 -17.78
CA VAL E 262 -35.72 2.81 -18.61
C VAL E 262 -35.38 3.56 -19.89
N LEU E 263 -34.52 4.58 -19.79
CA LEU E 263 -34.07 5.26 -21.00
C LEU E 263 -33.29 4.31 -21.91
N LEU E 264 -32.48 3.42 -21.32
CA LEU E 264 -31.78 2.43 -22.12
C LEU E 264 -32.75 1.45 -22.78
N THR E 265 -33.82 1.08 -22.08
CA THR E 265 -34.88 0.29 -22.72
C THR E 265 -35.49 1.03 -23.90
N GLU E 266 -35.73 2.34 -23.74
CA GLU E 266 -36.25 3.13 -24.84
C GLU E 266 -35.30 3.14 -26.03
N TYR E 267 -33.98 3.25 -25.76
CA TYR E 267 -33.03 3.23 -26.86
C TYR E 267 -32.94 1.85 -27.52
N VAL E 268 -33.11 0.78 -26.74
CA VAL E 268 -33.18 -0.56 -27.34
C VAL E 268 -34.40 -0.67 -28.25
N ARG E 269 -35.53 -0.15 -27.82
CA ARG E 269 -36.72 -0.12 -28.69
C ARG E 269 -36.44 0.66 -29.96
N SER E 270 -35.80 1.84 -29.84
CA SER E 270 -35.57 2.68 -31.00
C SER E 270 -34.47 2.12 -31.91
N SER E 271 -33.68 1.17 -31.42
CA SER E 271 -32.79 0.40 -32.28
C SER E 271 -33.43 -0.89 -32.81
N LEU E 272 -34.57 -1.31 -32.26
CA LEU E 272 -35.33 -2.42 -32.83
C LEU E 272 -36.48 -1.94 -33.73
N LYS E 273 -36.24 -0.82 -34.43
CA LYS E 273 -37.15 -0.35 -35.48
C LYS E 273 -37.63 -1.47 -36.39
N LEU E 274 -36.71 -2.31 -36.88
CA LEU E 274 -37.07 -3.31 -37.88
C LEU E 274 -38.03 -4.34 -37.30
N TYR E 275 -37.71 -4.89 -36.12
CA TYR E 275 -38.59 -5.88 -35.53
C TYR E 275 -39.94 -5.29 -35.19
N ILE E 276 -39.97 -4.06 -34.65
CA ILE E 276 -41.26 -3.44 -34.32
C ILE E 276 -42.10 -3.22 -35.57
N SER E 277 -41.49 -2.73 -36.64
CA SER E 277 -42.22 -2.49 -37.87
C SER E 277 -42.77 -3.79 -38.46
N PHE E 278 -41.95 -4.85 -38.47
CA PHE E 278 -42.45 -6.12 -38.97
C PHE E 278 -43.56 -6.69 -38.09
N LYS E 279 -43.45 -6.51 -36.78
CA LYS E 279 -44.47 -7.02 -35.87
C LYS E 279 -45.81 -6.33 -36.11
N PHE E 280 -45.81 -5.01 -36.27
CA PHE E 280 -47.04 -4.24 -36.16
C PHE E 280 -47.64 -3.82 -37.51
N SER E 281 -46.82 -3.65 -38.55
CA SER E 281 -47.33 -3.28 -39.86
C SER E 281 -47.61 -4.49 -40.73
N GLN E 282 -47.32 -5.70 -40.24
CA GLN E 282 -47.90 -6.95 -40.73
C GLN E 282 -47.71 -7.10 -42.24
N GLY E 283 -46.53 -6.67 -42.72
CA GLY E 283 -46.07 -6.99 -44.06
C GLY E 283 -46.46 -6.01 -45.14
N GLN E 284 -46.96 -4.84 -44.78
CA GLN E 284 -47.63 -3.95 -45.71
C GLN E 284 -46.68 -2.85 -46.19
N SER E 285 -47.15 -2.11 -47.21
CA SER E 285 -46.52 -0.84 -47.55
C SER E 285 -46.59 0.16 -46.41
N ALA E 286 -47.50 -0.04 -45.47
CA ALA E 286 -47.98 1.01 -44.59
C ALA E 286 -48.31 0.39 -43.24
N ILE E 287 -48.40 1.23 -42.22
CA ILE E 287 -48.87 0.81 -40.91
C ILE E 287 -50.09 1.63 -40.53
N SER E 288 -51.09 0.96 -39.97
CA SER E 288 -52.40 1.56 -39.68
C SER E 288 -52.58 1.58 -38.17
N VAL E 289 -52.46 2.76 -37.58
CA VAL E 289 -52.32 2.94 -36.13
C VAL E 289 -53.38 3.92 -35.65
N TYR E 290 -53.40 4.16 -34.34
CA TYR E 290 -54.10 5.31 -33.79
C TYR E 290 -53.11 6.41 -33.42
N LEU E 291 -53.63 7.61 -33.18
CA LEU E 291 -52.84 8.72 -32.68
C LEU E 291 -53.49 9.30 -31.43
N LEU E 292 -52.76 10.22 -30.81
CA LEU E 292 -53.22 10.91 -29.62
C LEU E 292 -53.95 12.19 -30.03
N ASP E 293 -54.24 13.06 -29.05
CA ASP E 293 -54.40 14.47 -29.32
C ASP E 293 -53.24 15.26 -28.74
N PRO E 294 -52.74 16.28 -29.46
CA PRO E 294 -51.58 17.03 -28.94
C PRO E 294 -51.83 17.71 -27.61
N GLU E 295 -53.08 18.06 -27.30
CA GLU E 295 -53.41 18.53 -25.95
C GLU E 295 -53.17 17.44 -24.91
N ILE E 296 -53.50 16.19 -25.23
CA ILE E 296 -53.19 15.08 -24.33
C ILE E 296 -51.68 14.94 -24.16
N GLU E 297 -50.92 15.06 -25.25
CA GLU E 297 -49.48 14.99 -25.16
C GLU E 297 -48.92 16.11 -24.27
N GLU E 298 -49.47 17.32 -24.40
CA GLU E 298 -48.97 18.47 -23.65
C GLU E 298 -49.57 18.56 -22.25
N MET E 299 -50.49 17.68 -21.88
CA MET E 299 -50.86 17.51 -20.48
C MET E 299 -50.25 16.26 -19.84
N ILE E 300 -49.61 15.40 -20.63
CA ILE E 300 -48.78 14.35 -20.05
C ILE E 300 -47.33 14.82 -19.87
N ARG E 301 -46.98 16.01 -20.37
CA ARG E 301 -45.88 16.75 -19.75
C ARG E 301 -46.16 17.14 -18.31
N GLY E 302 -47.42 17.04 -17.86
CA GLY E 302 -47.70 17.20 -16.44
C GLY E 302 -47.08 16.12 -15.57
N ALA E 303 -46.72 14.98 -16.16
CA ALA E 303 -46.37 13.79 -15.38
C ALA E 303 -45.02 13.90 -14.69
N ILE E 304 -44.31 15.02 -14.85
CA ILE E 304 -42.91 15.09 -14.45
C ILE E 304 -42.80 14.99 -12.94
N LYS E 305 -41.84 14.19 -12.47
CA LYS E 305 -41.59 14.08 -11.00
C LYS E 305 -40.09 14.15 -10.75
N GLN E 306 -39.51 15.33 -10.96
CA GLN E 306 -38.04 15.52 -10.79
C GLN E 306 -37.72 15.62 -9.29
N THR E 307 -38.75 15.88 -8.47
CA THR E 307 -38.55 15.93 -7.00
C THR E 307 -38.15 14.54 -6.51
N SER E 308 -38.71 13.49 -7.11
CA SER E 308 -38.34 12.10 -6.75
C SER E 308 -37.27 11.58 -7.73
N ALA E 309 -36.64 10.45 -7.40
CA ALA E 309 -35.62 9.86 -8.31
C ALA E 309 -36.28 9.45 -9.63
N GLY E 310 -37.28 8.57 -9.56
CA GLY E 310 -38.00 8.15 -10.78
C GLY E 310 -39.10 9.13 -11.14
N SER E 311 -39.45 9.21 -12.43
CA SER E 311 -40.56 10.11 -12.86
C SER E 311 -41.91 9.41 -12.70
N TYR E 312 -42.33 9.14 -11.46
CA TYR E 312 -43.63 8.54 -11.17
C TYR E 312 -44.69 9.59 -11.47
N LEU E 313 -45.95 9.15 -11.46
CA LEU E 313 -47.00 9.80 -12.25
C LEU E 313 -47.59 10.94 -11.45
N ALA E 314 -47.38 12.17 -11.93
CA ALA E 314 -47.98 13.37 -11.34
C ALA E 314 -49.05 13.89 -12.31
N LEU E 315 -50.29 13.42 -12.13
CA LEU E 315 -51.30 13.53 -13.16
C LEU E 315 -52.68 13.65 -12.52
N ASP E 316 -53.47 14.60 -13.01
CA ASP E 316 -54.84 14.81 -12.58
C ASP E 316 -55.61 13.48 -12.49
N PRO E 317 -56.14 13.12 -11.32
CA PRO E 317 -56.75 11.79 -11.18
C PRO E 317 -57.94 11.54 -12.10
N ASP E 318 -58.77 12.55 -12.39
CA ASP E 318 -59.97 12.30 -13.19
C ASP E 318 -59.64 11.84 -14.60
N SER E 319 -58.47 12.22 -15.12
CA SER E 319 -58.14 11.96 -16.52
C SER E 319 -58.00 10.48 -16.83
N VAL E 320 -57.80 9.63 -15.82
CA VAL E 320 -57.75 8.19 -16.04
C VAL E 320 -59.10 7.68 -16.51
N ASN E 321 -60.18 8.41 -16.25
CA ASN E 321 -61.41 8.19 -16.98
C ASN E 321 -61.50 9.05 -18.24
N LEU E 322 -60.95 10.26 -18.19
CA LEU E 322 -61.31 11.29 -19.16
C LEU E 322 -60.72 10.99 -20.53
N ILE E 323 -59.46 10.54 -20.56
CA ILE E 323 -58.93 9.95 -21.80
C ILE E 323 -59.62 8.63 -22.09
N LEU E 324 -59.86 7.82 -21.07
CA LEU E 324 -60.10 6.40 -21.30
C LEU E 324 -61.47 6.17 -21.93
N LYS E 325 -62.45 7.01 -21.59
CA LYS E 325 -63.72 7.01 -22.31
C LYS E 325 -63.52 7.20 -23.81
N SER E 326 -62.73 8.20 -24.20
CA SER E 326 -62.43 8.39 -25.62
C SER E 326 -61.63 7.23 -26.19
N MET E 327 -60.93 6.47 -25.33
CA MET E 327 -60.37 5.20 -25.78
C MET E 327 -61.47 4.21 -26.13
N ARG E 328 -62.46 4.07 -25.24
CA ARG E 328 -63.38 2.94 -25.35
C ARG E 328 -64.32 3.08 -26.52
N ASN E 329 -64.66 4.32 -26.88
CA ASN E 329 -65.49 4.60 -28.04
C ASN E 329 -64.70 4.67 -29.34
N THR E 330 -63.38 4.49 -29.29
CA THR E 330 -62.56 4.55 -30.50
C THR E 330 -62.12 3.18 -31.00
N ILE E 331 -61.93 2.21 -30.09
CA ILE E 331 -61.22 0.98 -30.43
C ILE E 331 -61.99 0.19 -31.47
N THR E 332 -61.27 -0.31 -32.46
CA THR E 332 -61.75 -1.44 -33.25
C THR E 332 -61.50 -2.74 -32.52
N PRO E 333 -62.51 -3.58 -32.31
CA PRO E 333 -62.28 -4.94 -31.85
C PRO E 333 -61.63 -5.82 -32.90
N THR E 334 -60.34 -6.10 -32.73
CA THR E 334 -59.66 -7.06 -33.59
C THR E 334 -60.20 -8.47 -33.33
N PRO E 335 -60.25 -9.32 -34.36
CA PRO E 335 -60.57 -10.74 -34.13
C PRO E 335 -59.47 -11.46 -33.37
N ALA E 336 -59.87 -12.58 -32.75
CA ALA E 336 -59.18 -13.06 -31.55
C ALA E 336 -57.84 -13.71 -31.89
N GLY E 337 -57.68 -14.25 -33.10
CA GLY E 337 -56.48 -14.98 -33.45
C GLY E 337 -55.36 -14.08 -33.96
N GLY E 338 -55.73 -12.86 -34.35
CA GLY E 338 -54.75 -11.87 -34.77
C GLY E 338 -54.18 -11.09 -33.60
N GLN E 339 -54.09 -9.77 -33.78
CA GLN E 339 -53.44 -8.90 -32.76
C GLN E 339 -54.13 -7.53 -32.80
N PRO E 340 -54.16 -6.75 -31.70
CA PRO E 340 -54.88 -5.47 -31.65
C PRO E 340 -54.35 -4.28 -32.45
N PRO E 341 -55.15 -3.22 -32.70
CA PRO E 341 -54.66 -2.00 -33.36
C PRO E 341 -53.55 -1.34 -32.52
N VAL E 342 -52.68 -0.56 -33.18
CA VAL E 342 -51.51 0.01 -32.45
C VAL E 342 -51.77 1.47 -32.06
N LEU E 343 -51.08 1.98 -31.03
CA LEU E 343 -51.18 3.37 -30.64
C LEU E 343 -49.83 4.05 -30.88
N LEU E 344 -49.85 5.12 -31.66
CA LEU E 344 -48.64 5.87 -32.01
C LEU E 344 -48.63 7.17 -31.21
N THR E 345 -47.55 7.40 -30.47
CA THR E 345 -47.46 8.50 -29.53
C THR E 345 -46.24 9.36 -29.85
N ALA E 346 -46.12 10.47 -29.13
CA ALA E 346 -44.86 11.20 -29.14
C ALA E 346 -43.78 10.42 -28.40
N ILE E 347 -42.53 10.81 -28.64
CA ILE E 347 -41.40 9.92 -28.37
C ILE E 347 -41.27 9.68 -26.87
N ASP E 348 -41.38 10.73 -26.06
CA ASP E 348 -41.02 10.67 -24.65
C ASP E 348 -42.14 10.14 -23.76
N VAL E 349 -43.36 9.99 -24.28
CA VAL E 349 -44.53 9.67 -23.45
C VAL E 349 -45.07 8.28 -23.76
N ARG E 350 -44.34 7.49 -24.56
CA ARG E 350 -44.81 6.17 -24.95
C ARG E 350 -45.01 5.28 -23.72
N ARG E 351 -43.99 5.24 -22.86
CA ARG E 351 -43.99 4.32 -21.72
C ARG E 351 -45.05 4.69 -20.69
N TYR E 352 -45.30 5.99 -20.50
CA TYR E 352 -46.32 6.40 -19.54
C TYR E 352 -47.71 6.00 -20.03
N VAL E 353 -47.95 6.13 -21.35
CA VAL E 353 -49.20 5.69 -21.93
C VAL E 353 -49.38 4.18 -21.73
N ARG E 354 -48.33 3.40 -22.01
CA ARG E 354 -48.44 1.96 -21.83
C ARG E 354 -48.68 1.60 -20.36
N LYS E 355 -47.97 2.26 -19.44
CA LYS E 355 -48.14 1.97 -18.02
C LYS E 355 -49.54 2.35 -17.54
N LEU E 356 -50.15 3.36 -18.14
CA LEU E 356 -51.52 3.71 -17.77
C LEU E 356 -52.50 2.66 -18.29
N ILE E 357 -52.40 2.30 -19.58
CA ILE E 357 -53.50 1.63 -20.24
C ILE E 357 -53.41 0.12 -20.21
N GLU E 358 -52.35 -0.43 -19.62
CA GLU E 358 -52.26 -1.88 -19.47
C GLU E 358 -53.29 -2.43 -18.50
N THR E 359 -53.84 -1.59 -17.62
CA THR E 359 -54.61 -2.10 -16.49
C THR E 359 -55.95 -2.66 -16.94
N GLU E 360 -56.60 -2.00 -17.90
CA GLU E 360 -57.82 -2.50 -18.53
C GLU E 360 -57.56 -3.15 -19.88
N PHE E 361 -56.67 -2.59 -20.69
CA PHE E 361 -56.36 -3.07 -22.03
C PHE E 361 -54.90 -3.52 -22.04
N PRO E 362 -54.62 -4.73 -21.56
CA PRO E 362 -53.30 -5.32 -21.81
C PRO E 362 -53.02 -5.57 -23.28
N ASP E 363 -54.05 -5.64 -24.11
CA ASP E 363 -53.92 -5.83 -25.55
C ASP E 363 -53.93 -4.49 -26.28
N ILE E 364 -53.07 -3.57 -25.82
CA ILE E 364 -52.62 -2.44 -26.61
C ILE E 364 -51.11 -2.47 -26.66
N ALA E 365 -50.55 -2.39 -27.88
CA ALA E 365 -49.14 -2.07 -28.05
C ALA E 365 -49.01 -0.57 -28.29
N VAL E 366 -48.37 0.12 -27.34
CA VAL E 366 -48.00 1.52 -27.51
C VAL E 366 -46.60 1.60 -28.13
N ILE E 367 -46.49 2.33 -29.23
CA ILE E 367 -45.20 2.73 -29.79
C ILE E 367 -45.23 4.23 -30.06
N SER E 368 -44.05 4.79 -30.33
CA SER E 368 -43.90 6.19 -30.66
C SER E 368 -43.15 6.31 -31.99
N TYR E 369 -42.84 7.55 -32.38
CA TYR E 369 -42.38 7.82 -33.74
C TYR E 369 -41.01 7.20 -34.00
N GLN E 370 -40.17 7.13 -32.98
CA GLN E 370 -38.79 6.72 -33.15
C GLN E 370 -38.66 5.21 -33.35
N GLU E 371 -39.70 4.43 -33.03
CA GLU E 371 -39.65 2.98 -33.04
C GLU E 371 -40.18 2.38 -34.33
N ILE E 372 -40.54 3.20 -35.31
CA ILE E 372 -40.85 2.72 -36.65
C ILE E 372 -39.77 3.20 -37.61
N LEU E 373 -39.68 2.51 -38.75
CA LEU E 373 -38.82 2.94 -39.84
C LEU E 373 -39.29 4.30 -40.35
N PRO E 374 -38.39 5.27 -40.52
CA PRO E 374 -38.72 6.44 -41.35
C PRO E 374 -38.62 6.18 -42.84
N GLU E 375 -39.11 5.01 -43.29
CA GLU E 375 -39.54 4.84 -44.67
C GLU E 375 -41.01 4.46 -44.79
N ILE E 376 -41.70 4.24 -43.69
CA ILE E 376 -43.05 3.69 -43.76
C ILE E 376 -44.03 4.85 -43.82
N ARG E 377 -45.12 4.65 -44.55
CA ARG E 377 -46.22 5.60 -44.55
C ARG E 377 -47.22 5.24 -43.47
N ILE E 378 -47.54 6.20 -42.61
CA ILE E 378 -48.36 5.97 -41.43
C ILE E 378 -49.75 6.50 -41.71
N GLN E 379 -50.76 5.65 -41.50
CA GLN E 379 -52.12 5.98 -41.91
C GLN E 379 -52.88 6.54 -40.73
N PRO E 380 -53.14 7.85 -40.69
CA PRO E 380 -53.77 8.46 -39.50
C PRO E 380 -55.25 8.14 -39.44
N LEU E 381 -55.62 7.26 -38.50
CA LEU E 381 -57.01 6.80 -38.43
C LEU E 381 -57.49 6.66 -36.98
N GLY E 382 -56.85 7.33 -36.04
CA GLY E 382 -57.49 7.67 -34.78
C GLY E 382 -57.20 9.10 -34.39
N ARG E 383 -58.18 9.73 -33.73
CA ARG E 383 -58.19 11.16 -33.46
C ARG E 383 -58.60 11.41 -32.01
N ILE E 384 -57.95 10.70 -31.10
CA ILE E 384 -58.50 10.47 -29.76
C ILE E 384 -58.22 11.70 -28.91
N GLN E 385 -59.28 12.33 -28.39
CA GLN E 385 -59.15 13.60 -27.69
C GLN E 385 -59.58 13.47 -26.23
N ASP F 41 -14.16 -33.88 21.32
CA ASP F 41 -14.91 -33.17 22.40
C ASP F 41 -15.99 -34.09 22.96
N ASP F 42 -16.18 -34.08 24.28
CA ASP F 42 -17.22 -34.93 24.92
C ASP F 42 -18.50 -34.11 25.06
N TYR F 43 -18.51 -32.88 24.53
CA TYR F 43 -19.70 -32.00 24.69
C TYR F 43 -20.95 -32.64 24.06
N SER F 44 -22.07 -32.58 24.76
CA SER F 44 -23.33 -33.13 24.30
C SER F 44 -24.19 -32.03 23.70
N LEU F 45 -24.92 -32.37 22.65
CA LEU F 45 -25.57 -31.39 21.80
C LEU F 45 -27.02 -31.19 22.26
N THR F 46 -27.49 -29.95 22.15
CA THR F 46 -28.85 -29.64 22.57
C THR F 46 -29.85 -30.33 21.65
N LEU F 47 -30.77 -31.08 22.23
CA LEU F 47 -31.85 -31.69 21.45
C LEU F 47 -32.97 -30.67 21.27
N PRO F 48 -33.35 -30.32 20.04
CA PRO F 48 -34.46 -29.36 19.88
C PRO F 48 -35.79 -29.90 20.39
N VAL F 49 -36.23 -31.06 19.92
CA VAL F 49 -37.63 -31.46 20.00
C VAL F 49 -37.70 -32.90 20.51
N ILE F 50 -38.24 -33.07 21.72
CA ILE F 50 -38.20 -34.33 22.43
C ILE F 50 -39.64 -34.82 22.63
N LEU F 51 -39.88 -36.09 22.38
CA LEU F 51 -41.16 -36.71 22.70
C LEU F 51 -40.94 -37.74 23.82
N GLU F 52 -41.48 -37.43 24.99
CA GLU F 52 -41.59 -38.41 26.06
C GLU F 52 -42.90 -39.19 25.93
N LEU F 53 -42.81 -40.50 26.14
CA LEU F 53 -43.97 -41.38 26.15
C LEU F 53 -43.97 -42.17 27.44
N GLY F 54 -45.17 -42.43 27.98
CA GLY F 54 -45.34 -43.46 28.98
C GLY F 54 -45.33 -44.85 28.38
N LYS F 55 -45.44 -45.84 29.28
CA LYS F 55 -45.13 -47.22 28.91
C LYS F 55 -46.14 -47.75 27.90
N ASP F 56 -47.42 -47.41 28.06
CA ASP F 56 -48.47 -47.96 27.20
C ASP F 56 -48.37 -47.39 25.78
N LEU F 57 -48.10 -46.10 25.64
CA LEU F 57 -47.80 -45.55 24.32
C LEU F 57 -46.54 -46.16 23.73
N SER F 58 -45.55 -46.45 24.57
CA SER F 58 -44.29 -47.00 24.09
C SER F 58 -44.46 -48.43 23.57
N LYS F 59 -45.35 -49.22 24.18
CA LYS F 59 -45.71 -50.50 23.59
C LYS F 59 -46.64 -50.36 22.40
N LEU F 60 -47.48 -49.32 22.37
CA LEU F 60 -48.50 -49.24 21.34
C LEU F 60 -47.88 -48.87 19.98
N ILE F 61 -46.85 -48.01 19.99
CA ILE F 61 -46.19 -47.61 18.75
C ILE F 61 -45.24 -48.65 18.20
N GLN F 62 -45.12 -49.80 18.87
CA GLN F 62 -44.41 -50.92 18.27
C GLN F 62 -45.16 -51.50 17.08
N HIS F 63 -46.48 -51.46 17.10
CA HIS F 63 -47.31 -52.13 16.12
C HIS F 63 -47.76 -51.14 15.05
N LYS F 64 -48.10 -51.69 13.89
CA LYS F 64 -48.59 -50.88 12.79
C LYS F 64 -50.06 -50.52 13.00
N THR F 65 -50.51 -49.49 12.28
CA THR F 65 -51.83 -48.93 12.50
C THR F 65 -52.84 -49.61 11.59
N LYS F 66 -54.04 -49.04 11.49
CA LYS F 66 -55.13 -49.72 10.77
C LYS F 66 -54.76 -49.95 9.31
N SER F 67 -54.22 -48.93 8.66
CA SER F 67 -53.68 -49.07 7.31
C SER F 67 -52.26 -49.62 7.29
N GLY F 68 -51.76 -50.11 8.43
CA GLY F 68 -50.50 -50.82 8.46
C GLY F 68 -49.26 -49.96 8.38
N GLN F 69 -49.39 -48.65 8.49
CA GLN F 69 -48.25 -47.75 8.47
C GLN F 69 -47.79 -47.41 9.88
N SER F 70 -46.52 -47.07 10.01
CA SER F 70 -45.87 -46.94 11.30
C SER F 70 -46.00 -45.51 11.82
N PHE F 71 -46.07 -45.39 13.15
CA PHE F 71 -45.99 -44.08 13.78
C PHE F 71 -44.66 -43.40 13.48
N VAL F 72 -43.55 -44.10 13.70
CA VAL F 72 -42.26 -43.45 13.65
C VAL F 72 -41.77 -43.34 12.22
N ASP F 73 -42.17 -44.27 11.36
CA ASP F 73 -41.54 -44.46 10.07
C ASP F 73 -42.33 -43.85 8.92
N ASP F 74 -43.64 -43.67 9.08
CA ASP F 74 -44.44 -42.94 8.10
C ASP F 74 -45.05 -41.66 8.66
N MET F 75 -45.77 -41.73 9.78
CA MET F 75 -46.70 -40.66 10.12
C MET F 75 -45.96 -39.40 10.54
N ILE F 76 -44.87 -39.54 11.30
CA ILE F 76 -44.05 -38.38 11.67
C ILE F 76 -43.35 -37.81 10.44
N PRO F 77 -42.73 -38.64 9.58
CA PRO F 77 -42.21 -38.08 8.31
C PRO F 77 -43.28 -37.46 7.44
N LYS F 78 -44.48 -38.03 7.38
CA LYS F 78 -45.53 -37.42 6.56
C LYS F 78 -45.94 -36.08 7.15
N MET F 79 -46.02 -35.99 8.47
CA MET F 79 -46.26 -34.71 9.13
C MET F 79 -45.21 -33.68 8.75
N ARG F 80 -43.94 -34.08 8.82
CA ARG F 80 -42.86 -33.15 8.50
C ARG F 80 -42.93 -32.68 7.05
N GLN F 81 -43.18 -33.61 6.13
CA GLN F 81 -43.23 -33.25 4.72
C GLN F 81 -44.40 -32.33 4.43
N ALA F 82 -45.56 -32.60 5.05
CA ALA F 82 -46.70 -31.71 4.86
C ALA F 82 -46.42 -30.33 5.43
N LEU F 83 -45.78 -30.27 6.60
CA LEU F 83 -45.43 -28.97 7.18
C LEU F 83 -44.51 -28.20 6.24
N TYR F 84 -43.54 -28.88 5.64
CA TYR F 84 -42.67 -28.19 4.69
C TYR F 84 -43.43 -27.73 3.46
N GLN F 85 -44.39 -28.53 2.99
CA GLN F 85 -45.15 -28.12 1.80
C GLN F 85 -46.04 -26.92 2.08
N ASP F 86 -46.57 -26.81 3.30
CA ASP F 86 -47.51 -25.72 3.58
C ASP F 86 -46.76 -24.44 3.93
N ILE F 87 -45.75 -24.53 4.79
CA ILE F 87 -44.88 -23.40 5.09
C ILE F 87 -43.42 -23.83 4.95
N GLY F 88 -42.58 -22.90 4.50
CA GLY F 88 -41.34 -23.26 3.87
C GLY F 88 -40.19 -23.53 4.83
N ILE F 89 -40.49 -24.12 5.98
CA ILE F 89 -39.50 -24.34 7.03
C ILE F 89 -39.41 -25.83 7.30
N ARG F 90 -38.18 -26.36 7.30
CA ARG F 90 -37.94 -27.80 7.38
C ARG F 90 -37.84 -28.17 8.85
N TYR F 91 -38.92 -28.74 9.40
CA TYR F 91 -38.88 -28.79 10.86
C TYR F 91 -38.12 -30.04 11.33
N PRO F 92 -37.30 -29.88 12.36
CA PRO F 92 -36.25 -30.86 12.62
C PRO F 92 -36.80 -32.16 13.18
N GLY F 93 -35.98 -33.19 13.12
CA GLY F 93 -36.40 -34.53 13.42
C GLY F 93 -36.58 -34.77 14.91
N ILE F 94 -37.25 -35.87 15.22
CA ILE F 94 -37.95 -36.05 16.48
C ILE F 94 -37.22 -37.12 17.28
N HIS F 95 -37.02 -36.86 18.56
CA HIS F 95 -36.39 -37.82 19.47
C HIS F 95 -37.47 -38.46 20.32
N VAL F 96 -37.59 -39.79 20.20
CA VAL F 96 -38.58 -40.57 20.93
C VAL F 96 -37.86 -41.36 22.00
N ARG F 97 -38.23 -41.14 23.26
CA ARG F 97 -37.80 -41.95 24.37
C ARG F 97 -38.98 -42.75 24.88
N THR F 98 -38.84 -44.07 24.95
CA THR F 98 -39.89 -44.92 25.48
C THR F 98 -39.76 -45.00 26.99
N ASP F 99 -40.88 -45.37 27.63
CA ASP F 99 -40.89 -45.89 29.00
C ASP F 99 -40.32 -44.86 29.98
N SER F 100 -40.88 -43.66 29.95
CA SER F 100 -40.49 -42.64 30.91
C SER F 100 -40.95 -43.02 32.31
N PRO F 101 -40.09 -42.86 33.33
CA PRO F 101 -40.60 -42.87 34.72
C PRO F 101 -41.64 -41.79 34.98
N SER F 102 -41.55 -40.66 34.27
CA SER F 102 -42.16 -39.40 34.69
C SER F 102 -43.51 -39.15 34.02
N LEU F 103 -44.02 -40.11 33.25
CA LEU F 103 -45.39 -40.08 32.75
C LEU F 103 -46.07 -41.41 33.02
N GLU F 104 -47.37 -41.36 33.30
CA GLU F 104 -48.19 -42.55 33.21
C GLU F 104 -48.38 -42.96 31.75
N GLY F 105 -48.90 -44.18 31.56
CA GLY F 105 -48.60 -44.92 30.35
C GLY F 105 -49.26 -44.35 29.12
N TYR F 106 -50.38 -43.65 29.30
CA TYR F 106 -51.04 -42.93 28.23
C TYR F 106 -50.79 -41.43 28.28
N ASP F 107 -49.69 -41.00 28.90
CA ASP F 107 -49.29 -39.60 28.92
C ASP F 107 -48.09 -39.37 28.01
N TYR F 108 -47.97 -38.15 27.51
CA TYR F 108 -46.92 -37.77 26.58
C TYR F 108 -46.50 -36.34 26.87
N MET F 109 -45.29 -36.00 26.47
CA MET F 109 -44.75 -34.66 26.72
C MET F 109 -43.90 -34.25 25.54
N ILE F 110 -43.95 -32.96 25.21
CA ILE F 110 -43.14 -32.37 24.15
C ILE F 110 -42.18 -31.36 24.78
N LEU F 111 -40.92 -31.41 24.36
CA LEU F 111 -39.87 -30.55 24.91
C LEU F 111 -39.27 -29.68 23.80
N LEU F 112 -39.25 -28.38 24.04
CA LEU F 112 -38.57 -27.43 23.16
C LEU F 112 -37.23 -27.08 23.77
N ASN F 113 -36.15 -27.48 23.11
CA ASN F 113 -34.81 -27.14 23.54
C ASN F 113 -34.55 -27.63 24.97
N GLU F 114 -34.95 -28.87 25.22
CA GLU F 114 -34.77 -29.55 26.51
C GLU F 114 -35.48 -28.82 27.65
N VAL F 115 -36.46 -28.00 27.33
CA VAL F 115 -37.40 -27.42 28.29
C VAL F 115 -38.80 -27.88 27.92
N PRO F 116 -39.53 -28.54 28.81
CA PRO F 116 -40.89 -28.96 28.47
C PRO F 116 -41.78 -27.77 28.12
N TYR F 117 -42.62 -27.97 27.12
CA TYR F 117 -43.47 -26.94 26.55
C TYR F 117 -44.94 -27.11 26.93
N VAL F 118 -45.49 -28.31 26.75
CA VAL F 118 -46.81 -28.63 27.27
C VAL F 118 -46.86 -30.13 27.58
N ARG F 119 -47.55 -30.47 28.66
CA ARG F 119 -47.89 -31.85 28.96
C ARG F 119 -49.21 -32.23 28.31
N GLY F 120 -49.37 -33.52 28.05
CA GLY F 120 -50.53 -34.01 27.37
C GLY F 120 -51.07 -35.25 28.06
N LYS F 121 -52.32 -35.57 27.75
CA LYS F 121 -52.93 -36.81 28.19
C LYS F 121 -53.57 -37.50 26.99
N ILE F 122 -53.65 -38.82 27.07
CA ILE F 122 -54.58 -39.60 26.26
C ILE F 122 -55.45 -40.42 27.21
N PRO F 123 -56.77 -40.28 27.14
CA PRO F 123 -57.65 -41.28 27.77
C PRO F 123 -57.42 -42.66 27.17
N PRO F 124 -57.30 -43.67 28.01
CA PRO F 124 -57.14 -45.04 27.49
C PRO F 124 -58.37 -45.45 26.69
N HIS F 125 -58.15 -46.03 25.52
CA HIS F 125 -59.21 -46.62 24.72
C HIS F 125 -60.28 -45.59 24.35
N HIS F 126 -59.84 -44.35 24.07
CA HIS F 126 -60.70 -43.34 23.51
C HIS F 126 -60.07 -42.70 22.28
N VAL F 127 -60.91 -42.31 21.32
CA VAL F 127 -60.47 -41.64 20.13
C VAL F 127 -61.19 -40.29 20.03
N LEU F 128 -60.51 -39.33 19.42
CA LEU F 128 -60.79 -37.91 19.59
C LEU F 128 -61.60 -37.41 18.40
N THR F 129 -62.75 -36.80 18.68
CA THR F 129 -63.55 -36.16 17.65
C THR F 129 -63.77 -34.70 17.99
N ASN F 130 -63.55 -33.83 17.02
CA ASN F 130 -64.08 -32.47 17.09
C ASN F 130 -65.57 -32.57 16.80
N GLU F 131 -66.37 -32.56 17.85
CA GLU F 131 -67.81 -32.53 17.75
C GLU F 131 -68.37 -31.51 18.72
N VAL F 132 -69.56 -30.99 18.39
CA VAL F 132 -70.27 -30.06 19.34
C VAL F 132 -71.00 -30.97 20.34
N GLU F 133 -71.02 -30.59 21.62
CA GLU F 133 -71.62 -31.48 22.65
C GLU F 133 -73.13 -31.62 22.43
N ASP F 134 -73.77 -30.64 21.79
CA ASP F 134 -75.24 -30.72 21.50
C ASP F 134 -75.50 -31.90 20.55
N ASN F 135 -74.67 -32.03 19.50
CA ASN F 135 -74.84 -33.15 18.53
C ASN F 135 -74.53 -34.47 19.25
N LEU F 136 -73.49 -34.50 20.07
CA LEU F 136 -73.12 -35.74 20.82
C LEU F 136 -74.31 -36.18 21.69
N SER F 137 -74.98 -35.23 22.33
CA SER F 137 -76.14 -35.57 23.19
C SER F 137 -77.22 -36.30 22.37
N ARG F 138 -77.41 -35.91 21.10
CA ARG F 138 -78.47 -36.53 20.32
C ARG F 138 -78.20 -38.00 20.02
N TYR F 139 -77.01 -38.51 20.34
CA TYR F 139 -76.73 -39.91 20.12
C TYR F 139 -76.61 -40.71 21.40
N ASN F 140 -76.34 -40.05 22.53
CA ASN F 140 -76.35 -40.70 23.84
C ASN F 140 -75.39 -41.89 23.84
N LEU F 141 -74.13 -41.60 23.51
CA LEU F 141 -72.98 -42.45 23.75
C LEU F 141 -72.14 -41.87 24.88
N PRO F 142 -71.21 -42.66 25.44
CA PRO F 142 -70.35 -42.13 26.53
C PRO F 142 -69.27 -41.20 25.99
N PHE F 143 -69.31 -39.93 26.38
CA PHE F 143 -68.41 -38.92 25.83
C PHE F 143 -67.68 -38.20 26.96
N ILE F 144 -66.36 -38.05 26.80
CA ILE F 144 -65.47 -37.46 27.80
C ILE F 144 -64.87 -36.18 27.23
N THR F 145 -65.13 -35.05 27.89
CA THR F 145 -64.60 -33.76 27.48
C THR F 145 -63.16 -33.63 27.96
N TYR F 146 -62.21 -33.53 27.02
CA TYR F 146 -60.82 -33.22 27.37
C TYR F 146 -60.19 -32.46 26.21
N LYS F 147 -59.98 -31.15 26.39
CA LYS F 147 -59.33 -30.30 25.39
C LYS F 147 -57.82 -30.33 25.61
N ASN F 148 -57.09 -31.01 24.71
CA ASN F 148 -55.62 -31.15 24.87
C ASN F 148 -54.85 -29.84 24.68
N ALA F 149 -54.98 -29.22 23.50
CA ALA F 149 -54.32 -27.92 23.24
C ALA F 149 -55.45 -26.94 22.92
N ALA F 150 -55.14 -25.64 22.87
CA ALA F 150 -56.18 -24.61 22.61
C ALA F 150 -56.96 -24.97 21.33
N GLY F 151 -56.25 -25.28 20.25
CA GLY F 151 -56.93 -25.58 18.96
C GLY F 151 -57.13 -27.07 18.73
N LEU F 152 -56.77 -27.87 19.75
CA LEU F 152 -56.97 -29.33 19.65
C LEU F 152 -58.44 -29.67 20.00
N PRO F 153 -59.12 -30.67 19.35
CA PRO F 153 -60.49 -31.05 19.72
C PRO F 153 -60.68 -31.44 21.20
N SER F 154 -61.94 -31.45 21.68
CA SER F 154 -62.19 -31.70 23.12
C SER F 154 -63.27 -32.76 23.34
N ALA F 155 -63.17 -33.93 22.69
CA ALA F 155 -64.26 -34.89 22.86
C ALA F 155 -63.71 -36.30 22.65
N TRP F 156 -63.52 -37.03 23.73
CA TRP F 156 -62.88 -38.34 23.69
C TRP F 156 -63.93 -39.44 23.85
N VAL F 157 -63.89 -40.42 22.95
CA VAL F 157 -65.05 -41.22 22.59
C VAL F 157 -64.65 -42.69 22.64
N SER F 158 -65.54 -43.53 23.16
CA SER F 158 -65.17 -44.89 23.52
C SER F 158 -64.72 -45.66 22.28
N GLU F 159 -63.60 -46.38 22.41
CA GLU F 159 -62.95 -46.93 21.23
C GLU F 159 -63.75 -48.06 20.61
N ASP F 160 -64.80 -48.53 21.28
CA ASP F 160 -65.68 -49.54 20.71
C ASP F 160 -66.51 -49.00 19.56
N ALA F 161 -66.56 -47.68 19.38
CA ALA F 161 -67.55 -47.03 18.52
C ALA F 161 -67.03 -46.80 17.11
N LYS F 162 -66.05 -47.59 16.65
CA LYS F 162 -65.40 -47.27 15.39
C LYS F 162 -66.35 -47.44 14.22
N ALA F 163 -67.05 -48.58 14.15
CA ALA F 163 -67.98 -48.80 13.05
C ALA F 163 -69.14 -47.81 13.12
N ILE F 164 -69.55 -47.44 14.34
CA ILE F 164 -70.65 -46.49 14.50
C ILE F 164 -70.30 -45.17 13.81
N LEU F 165 -69.11 -44.64 14.08
CA LEU F 165 -68.71 -43.38 13.48
C LEU F 165 -68.40 -43.55 12.00
N GLU F 166 -67.87 -44.70 11.60
CA GLU F 166 -67.50 -44.91 10.20
C GLU F 166 -68.74 -44.96 9.31
N LYS F 167 -69.82 -45.57 9.78
CA LYS F 167 -71.11 -45.37 9.10
C LYS F 167 -71.63 -43.95 9.29
N ALA F 168 -71.42 -43.37 10.48
CA ALA F 168 -72.02 -42.09 10.83
C ALA F 168 -71.20 -40.90 10.39
N ALA F 169 -70.09 -41.12 9.68
CA ALA F 169 -69.40 -40.08 8.94
C ALA F 169 -68.95 -38.93 9.84
N ILE F 170 -68.60 -39.26 11.08
CA ILE F 170 -67.94 -38.33 11.99
C ILE F 170 -66.49 -38.75 12.15
N LYS F 171 -65.56 -37.88 11.75
CA LYS F 171 -64.15 -38.26 11.72
C LYS F 171 -63.59 -38.28 13.14
N TYR F 172 -62.87 -39.35 13.44
CA TYR F 172 -62.15 -39.51 14.69
C TYR F 172 -60.68 -39.73 14.38
N TRP F 173 -59.84 -39.48 15.37
CA TRP F 173 -58.40 -39.73 15.25
C TRP F 173 -58.00 -40.80 16.25
N THR F 174 -57.33 -41.85 15.77
CA THR F 174 -56.55 -42.74 16.61
C THR F 174 -55.55 -41.93 17.44
N PRO F 175 -55.24 -42.33 18.68
CA PRO F 175 -54.50 -41.43 19.58
C PRO F 175 -53.15 -41.03 19.02
N LEU F 176 -52.53 -41.90 18.23
CA LEU F 176 -51.29 -41.54 17.55
C LEU F 176 -51.49 -40.39 16.58
N GLU F 177 -52.58 -40.42 15.82
CA GLU F 177 -52.90 -39.27 14.98
C GLU F 177 -53.20 -38.04 15.82
N VAL F 178 -53.72 -38.20 17.04
CA VAL F 178 -53.89 -37.06 17.92
C VAL F 178 -52.55 -36.50 18.32
N ILE F 179 -51.57 -37.37 18.59
CA ILE F 179 -50.20 -36.92 18.79
C ILE F 179 -49.70 -36.15 17.58
N ILE F 180 -50.00 -36.66 16.39
CA ILE F 180 -49.59 -35.97 15.17
C ILE F 180 -50.18 -34.57 15.13
N LEU F 181 -51.47 -34.44 15.45
CA LEU F 181 -52.12 -33.15 15.43
C LEU F 181 -51.52 -32.21 16.47
N HIS F 182 -51.21 -32.71 17.66
CA HIS F 182 -50.69 -31.82 18.68
C HIS F 182 -49.28 -31.38 18.33
N LEU F 183 -48.48 -32.29 17.74
CA LEU F 183 -47.17 -31.91 17.22
C LEU F 183 -47.29 -30.85 16.12
N SER F 184 -48.26 -31.02 15.22
CA SER F 184 -48.45 -30.04 14.16
C SER F 184 -48.81 -28.68 14.74
N TYR F 185 -49.68 -28.66 15.76
CA TYR F 185 -50.00 -27.41 16.42
C TYR F 185 -48.77 -26.79 17.05
N PHE F 186 -47.94 -27.62 17.69
CA PHE F 186 -46.65 -27.17 18.21
C PHE F 186 -45.84 -26.47 17.12
N PHE F 187 -45.70 -27.12 15.97
CA PHE F 187 -44.81 -26.55 14.98
C PHE F 187 -45.41 -25.30 14.35
N HIS F 188 -46.75 -25.21 14.29
CA HIS F 188 -47.37 -23.94 13.89
C HIS F 188 -47.03 -22.83 14.88
N LYS F 189 -47.27 -23.07 16.17
CA LYS F 189 -47.20 -21.97 17.10
C LYS F 189 -45.76 -21.65 17.52
N SER F 190 -44.80 -22.50 17.19
CA SER F 190 -43.42 -22.27 17.53
C SER F 190 -42.54 -22.20 16.29
N SER F 191 -42.99 -21.48 15.25
CA SER F 191 -42.14 -21.30 14.07
C SER F 191 -40.84 -20.60 14.43
N GLN F 192 -40.92 -19.58 15.28
CA GLN F 192 -39.83 -18.60 15.35
C GLN F 192 -38.53 -19.25 15.81
N GLU F 193 -38.62 -20.27 16.65
CA GLU F 193 -37.44 -20.85 17.27
C GLU F 193 -36.70 -21.82 16.37
N PHE F 194 -37.21 -22.10 15.17
CA PHE F 194 -36.57 -23.04 14.27
C PHE F 194 -35.97 -22.37 13.05
N LEU F 195 -36.20 -21.07 12.86
CA LEU F 195 -35.65 -20.32 11.74
C LEU F 195 -34.48 -19.49 12.26
N GLY F 196 -33.33 -20.15 12.38
CA GLY F 196 -32.08 -19.49 12.68
C GLY F 196 -31.10 -19.51 11.52
N ILE F 197 -29.90 -19.00 11.81
CA ILE F 197 -29.03 -18.54 10.73
C ILE F 197 -28.47 -19.73 9.95
N GLN F 198 -28.22 -20.84 10.63
CA GLN F 198 -27.63 -21.98 9.94
C GLN F 198 -28.64 -22.68 9.03
N GLU F 199 -29.92 -22.72 9.42
CA GLU F 199 -30.94 -23.29 8.53
C GLU F 199 -31.18 -22.39 7.32
N VAL F 200 -31.16 -21.08 7.53
CA VAL F 200 -31.19 -20.14 6.40
C VAL F 200 -30.01 -20.39 5.48
N ARG F 201 -28.82 -20.60 6.05
CA ARG F 201 -27.66 -20.94 5.23
C ARG F 201 -27.89 -22.22 4.44
N SER F 202 -28.48 -23.24 5.08
CA SER F 202 -28.71 -24.50 4.39
C SER F 202 -29.64 -24.32 3.21
N MET F 203 -30.72 -23.56 3.39
CA MET F 203 -31.62 -23.35 2.26
C MET F 203 -31.00 -22.42 1.22
N ILE F 204 -30.16 -21.47 1.64
CA ILE F 204 -29.48 -20.61 0.67
C ILE F 204 -28.55 -21.43 -0.21
N GLU F 205 -27.84 -22.40 0.37
CA GLU F 205 -26.95 -23.20 -0.48
C GLU F 205 -27.73 -24.23 -1.28
N PHE F 206 -28.90 -24.66 -0.80
CA PHE F 206 -29.79 -25.45 -1.63
C PHE F 206 -30.23 -24.68 -2.86
N MET F 207 -30.51 -23.38 -2.70
CA MET F 207 -30.76 -22.51 -3.86
C MET F 207 -29.49 -22.32 -4.70
N GLU F 208 -28.32 -22.23 -4.06
CA GLU F 208 -27.07 -22.16 -4.79
C GLU F 208 -26.88 -23.36 -5.70
N ARG F 209 -27.47 -24.51 -5.34
CA ARG F 209 -27.45 -25.65 -6.25
C ARG F 209 -28.09 -25.33 -7.60
N SER F 210 -29.06 -24.42 -7.61
CA SER F 210 -29.83 -24.13 -8.82
C SER F 210 -29.66 -22.72 -9.32
N PHE F 211 -29.58 -21.72 -8.42
CA PHE F 211 -29.74 -20.32 -8.79
C PHE F 211 -28.55 -19.48 -8.35
N PRO F 212 -27.32 -19.85 -8.74
CA PRO F 212 -26.17 -19.43 -7.94
C PRO F 212 -25.90 -17.93 -8.04
N ASP F 213 -26.06 -17.34 -9.22
CA ASP F 213 -25.74 -15.92 -9.39
C ASP F 213 -26.81 -15.01 -8.79
N LEU F 214 -28.07 -15.45 -8.80
CA LEU F 214 -29.11 -14.79 -8.01
C LEU F 214 -28.73 -14.74 -6.54
N VAL F 215 -28.29 -15.88 -5.99
CA VAL F 215 -27.88 -15.94 -4.60
C VAL F 215 -26.70 -15.01 -4.37
N LYS F 216 -25.75 -14.98 -5.31
CA LYS F 216 -24.56 -14.16 -5.14
C LYS F 216 -24.89 -12.68 -5.14
N GLU F 217 -25.81 -12.24 -6.01
CA GLU F 217 -26.27 -10.86 -5.94
C GLU F 217 -26.95 -10.56 -4.61
N VAL F 218 -27.82 -11.48 -4.15
CA VAL F 218 -28.56 -11.21 -2.92
C VAL F 218 -27.61 -11.07 -1.74
N THR F 219 -26.62 -11.95 -1.66
CA THR F 219 -25.66 -11.90 -0.55
C THR F 219 -24.57 -10.84 -0.73
N ARG F 220 -24.42 -10.29 -1.93
CA ARG F 220 -23.74 -9.00 -2.07
C ARG F 220 -24.57 -7.88 -1.44
N LEU F 221 -25.89 -7.96 -1.54
CA LEU F 221 -26.71 -6.86 -1.00
C LEU F 221 -27.02 -7.00 0.48
N ILE F 222 -27.20 -8.22 0.98
CA ILE F 222 -27.75 -8.45 2.32
C ILE F 222 -26.85 -9.44 3.06
N PRO F 223 -26.29 -9.08 4.21
CA PRO F 223 -25.60 -10.07 5.04
C PRO F 223 -26.59 -11.05 5.65
N LEU F 224 -26.06 -12.22 6.02
CA LEU F 224 -26.90 -13.39 6.20
C LEU F 224 -27.83 -13.22 7.41
N GLN F 225 -27.35 -12.57 8.47
CA GLN F 225 -28.18 -12.38 9.65
C GLN F 225 -29.41 -11.52 9.34
N LYS F 226 -29.22 -10.45 8.57
CA LYS F 226 -30.34 -9.58 8.23
C LYS F 226 -31.33 -10.29 7.33
N LEU F 227 -30.82 -11.16 6.45
CA LEU F 227 -31.69 -11.98 5.61
C LEU F 227 -32.51 -12.95 6.45
N THR F 228 -31.88 -13.57 7.46
CA THR F 228 -32.62 -14.44 8.38
C THR F 228 -33.68 -13.66 9.14
N GLU F 229 -33.38 -12.43 9.54
CA GLU F 229 -34.38 -11.59 10.19
C GLU F 229 -35.55 -11.29 9.27
N ILE F 230 -35.27 -11.05 7.98
CA ILE F 230 -36.35 -10.86 7.00
C ILE F 230 -37.21 -12.12 6.87
N PHE F 231 -36.58 -13.29 6.82
CA PHE F 231 -37.35 -14.53 6.78
C PHE F 231 -38.22 -14.70 8.01
N LYS F 232 -37.69 -14.36 9.20
CA LYS F 232 -38.48 -14.47 10.41
C LYS F 232 -39.68 -13.54 10.39
N ARG F 233 -39.48 -12.30 9.93
CA ARG F 233 -40.61 -11.37 9.86
C ARG F 233 -41.61 -11.77 8.78
N LEU F 234 -41.16 -12.51 7.76
CA LEU F 234 -42.12 -13.12 6.83
C LEU F 234 -42.95 -14.21 7.50
N VAL F 235 -42.30 -15.17 8.16
CA VAL F 235 -43.02 -16.30 8.73
C VAL F 235 -43.76 -15.92 10.00
N GLN F 236 -43.61 -14.68 10.47
CA GLN F 236 -44.41 -14.19 11.59
C GLN F 236 -45.90 -14.28 11.28
N GLU F 237 -46.32 -13.83 10.09
CA GLU F 237 -47.73 -13.82 9.74
C GLU F 237 -48.18 -15.07 8.98
N GLN F 238 -47.50 -16.19 9.19
CA GLN F 238 -47.86 -17.46 8.55
C GLN F 238 -47.76 -17.36 7.02
N ILE F 239 -46.93 -16.45 6.52
CA ILE F 239 -46.60 -16.42 5.10
C ILE F 239 -45.55 -17.49 4.84
N SER F 240 -45.90 -18.46 4.00
CA SER F 240 -44.97 -19.54 3.68
C SER F 240 -43.75 -19.00 2.95
N ILE F 241 -42.62 -19.67 3.14
CA ILE F 241 -41.40 -19.32 2.43
C ILE F 241 -40.94 -20.53 1.60
N LYS F 242 -41.90 -21.31 1.12
CA LYS F 242 -41.58 -22.38 0.17
C LYS F 242 -41.02 -21.81 -1.14
N ASP F 243 -41.61 -20.72 -1.64
CA ASP F 243 -41.31 -20.21 -2.97
C ASP F 243 -40.08 -19.31 -2.89
N LEU F 244 -38.92 -19.95 -2.75
CA LEU F 244 -37.71 -19.19 -2.46
C LEU F 244 -37.34 -18.30 -3.63
N ARG F 245 -37.68 -18.71 -4.85
CA ARG F 245 -37.23 -17.99 -6.03
C ARG F 245 -37.80 -16.59 -6.06
N THR F 246 -39.13 -16.47 -5.87
CA THR F 246 -39.76 -15.15 -5.98
C THR F 246 -39.26 -14.23 -4.88
N ILE F 247 -39.06 -14.77 -3.68
CA ILE F 247 -38.54 -13.97 -2.57
C ILE F 247 -37.16 -13.44 -2.91
N LEU F 248 -36.29 -14.30 -3.45
CA LEU F 248 -34.94 -13.87 -3.77
C LEU F 248 -34.94 -12.87 -4.92
N GLU F 249 -35.81 -13.08 -5.91
CA GLU F 249 -35.93 -12.13 -7.01
C GLU F 249 -36.37 -10.77 -6.49
N SER F 250 -37.37 -10.75 -5.61
CA SER F 250 -37.87 -9.49 -5.07
C SER F 250 -36.81 -8.78 -4.26
N LEU F 251 -36.04 -9.52 -3.47
CA LEU F 251 -34.90 -8.93 -2.77
C LEU F 251 -33.92 -8.33 -3.76
N SER F 252 -33.57 -9.08 -4.81
CA SER F 252 -32.52 -8.63 -5.72
C SER F 252 -32.93 -7.41 -6.53
N GLU F 253 -34.24 -7.22 -6.74
CA GLU F 253 -34.72 -5.91 -7.18
C GLU F 253 -34.58 -4.88 -6.05
N TRP F 254 -35.25 -5.12 -4.93
CA TRP F 254 -35.58 -4.02 -4.02
C TRP F 254 -34.38 -3.63 -3.15
N ALA F 255 -33.47 -4.54 -2.92
CA ALA F 255 -32.32 -4.26 -2.06
C ALA F 255 -31.19 -3.58 -2.82
N GLN F 256 -31.37 -3.31 -4.12
CA GLN F 256 -30.53 -2.33 -4.81
C GLN F 256 -30.56 -0.98 -4.09
N THR F 257 -31.71 -0.60 -3.54
CA THR F 257 -31.90 0.74 -2.99
C THR F 257 -32.05 0.76 -1.48
N GLU F 258 -32.76 -0.20 -0.89
CA GLU F 258 -33.23 -0.09 0.49
C GLU F 258 -32.59 -1.19 1.32
N LYS F 259 -32.04 -0.81 2.47
CA LYS F 259 -31.34 -1.74 3.34
C LYS F 259 -32.05 -1.98 4.66
N ASP F 260 -33.09 -1.21 4.98
CA ASP F 260 -33.89 -1.47 6.16
C ASP F 260 -34.61 -2.81 6.03
N THR F 261 -34.57 -3.60 7.10
CA THR F 261 -35.11 -4.95 7.04
C THR F 261 -36.63 -4.94 6.83
N VAL F 262 -37.32 -3.98 7.43
CA VAL F 262 -38.78 -4.06 7.52
C VAL F 262 -39.42 -3.65 6.20
N LEU F 263 -38.88 -2.61 5.55
CA LEU F 263 -39.37 -2.26 4.23
C LEU F 263 -39.11 -3.38 3.23
N LEU F 264 -37.97 -4.07 3.36
CA LEU F 264 -37.71 -5.22 2.50
C LEU F 264 -38.71 -6.34 2.75
N THR F 265 -39.08 -6.57 4.02
CA THR F 265 -40.16 -7.52 4.31
C THR F 265 -41.45 -7.11 3.61
N GLU F 266 -41.78 -5.81 3.67
CA GLU F 266 -42.99 -5.33 3.01
C GLU F 266 -42.93 -5.56 1.50
N TYR F 267 -41.77 -5.32 0.88
CA TYR F 267 -41.69 -5.50 -0.57
C TYR F 267 -41.73 -6.98 -0.96
N VAL F 268 -41.19 -7.87 -0.11
CA VAL F 268 -41.36 -9.30 -0.36
C VAL F 268 -42.83 -9.69 -0.28
N ARG F 269 -43.55 -9.13 0.69
CA ARG F 269 -44.99 -9.36 0.74
C ARG F 269 -45.66 -8.88 -0.53
N SER F 270 -45.30 -7.68 -0.99
CA SER F 270 -45.96 -7.08 -2.14
C SER F 270 -45.55 -7.75 -3.46
N SER F 271 -44.47 -8.53 -3.46
CA SER F 271 -44.17 -9.42 -4.57
C SER F 271 -44.77 -10.81 -4.41
N LEU F 272 -45.28 -11.15 -3.23
CA LEU F 272 -46.09 -12.35 -3.06
C LEU F 272 -47.59 -12.06 -3.15
N LYS F 273 -47.97 -11.09 -3.99
CA LYS F 273 -49.36 -10.83 -4.32
C LYS F 273 -50.13 -12.13 -4.59
N LEU F 274 -49.59 -13.00 -5.44
CA LEU F 274 -50.31 -14.19 -5.85
C LEU F 274 -50.58 -15.11 -4.67
N TYR F 275 -49.54 -15.39 -3.88
CA TYR F 275 -49.71 -16.31 -2.76
C TYR F 275 -50.70 -15.77 -1.75
N ILE F 276 -50.60 -14.47 -1.42
CA ILE F 276 -51.52 -13.91 -0.43
C ILE F 276 -52.95 -13.94 -0.94
N SER F 277 -53.16 -13.54 -2.20
CA SER F 277 -54.52 -13.50 -2.73
C SER F 277 -55.13 -14.89 -2.79
N PHE F 278 -54.38 -15.88 -3.28
CA PHE F 278 -54.92 -17.24 -3.35
C PHE F 278 -55.14 -17.82 -1.96
N LYS F 279 -54.27 -17.49 -1.00
CA LYS F 279 -54.46 -17.98 0.36
C LYS F 279 -55.77 -17.44 0.96
N PHE F 280 -56.06 -16.16 0.75
CA PHE F 280 -57.09 -15.51 1.56
C PHE F 280 -58.44 -15.36 0.86
N SER F 281 -58.47 -15.30 -0.48
CA SER F 281 -59.72 -15.47 -1.21
C SER F 281 -59.97 -16.92 -1.62
N GLN F 282 -59.03 -17.83 -1.32
CA GLN F 282 -59.23 -19.29 -1.40
C GLN F 282 -59.77 -19.71 -2.76
N GLY F 283 -59.29 -19.04 -3.81
CA GLY F 283 -59.54 -19.44 -5.17
C GLY F 283 -60.78 -18.85 -5.80
N GLN F 284 -61.39 -17.85 -5.18
CA GLN F 284 -62.71 -17.35 -5.57
C GLN F 284 -62.56 -16.09 -6.41
N SER F 285 -63.68 -15.69 -7.02
CA SER F 285 -63.74 -14.43 -7.74
C SER F 285 -63.51 -13.23 -6.83
N ALA F 286 -63.74 -13.38 -5.53
CA ALA F 286 -63.83 -12.25 -4.62
C ALA F 286 -63.28 -12.66 -3.26
N ILE F 287 -62.87 -11.65 -2.49
CA ILE F 287 -62.19 -11.86 -1.21
C ILE F 287 -62.99 -11.15 -0.13
N SER F 288 -63.22 -11.86 0.98
CA SER F 288 -64.12 -11.39 2.04
C SER F 288 -63.27 -10.74 3.12
N VAL F 289 -63.28 -9.40 3.16
CA VAL F 289 -62.33 -8.63 3.95
C VAL F 289 -63.09 -7.66 4.84
N TYR F 290 -62.70 -7.58 6.11
CA TYR F 290 -62.98 -6.38 6.89
C TYR F 290 -62.11 -5.22 6.41
N LEU F 291 -62.54 -4.01 6.75
CA LEU F 291 -61.77 -2.81 6.48
C LEU F 291 -61.63 -1.99 7.76
N LEU F 292 -60.92 -0.88 7.64
CA LEU F 292 -60.60 -0.01 8.76
C LEU F 292 -61.62 1.12 8.83
N ASP F 293 -61.35 2.09 9.71
CA ASP F 293 -62.02 3.38 9.66
C ASP F 293 -60.99 4.48 9.39
N PRO F 294 -61.34 5.48 8.57
CA PRO F 294 -60.35 6.53 8.26
C PRO F 294 -59.87 7.28 9.48
N GLU F 295 -60.70 7.40 10.53
CA GLU F 295 -60.24 7.98 11.79
C GLU F 295 -59.16 7.10 12.43
N ILE F 296 -59.34 5.78 12.40
CA ILE F 296 -58.32 4.88 12.94
C ILE F 296 -57.03 4.98 12.13
N GLU F 297 -57.16 5.01 10.81
CA GLU F 297 -55.99 5.13 9.96
C GLU F 297 -55.25 6.44 10.22
N GLU F 298 -55.99 7.53 10.41
CA GLU F 298 -55.39 8.85 10.61
C GLU F 298 -54.99 9.10 12.06
N MET F 299 -55.29 8.18 12.99
CA MET F 299 -54.66 8.22 14.31
C MET F 299 -53.54 7.20 14.47
N ILE F 300 -53.35 6.29 13.51
CA ILE F 300 -52.17 5.45 13.52
C ILE F 300 -51.00 6.09 12.76
N ARG F 301 -51.23 7.22 12.09
CA ARG F 301 -50.11 8.11 11.79
C ARG F 301 -49.47 8.67 13.05
N GLY F 302 -50.14 8.57 14.20
CA GLY F 302 -49.50 8.85 15.48
C GLY F 302 -48.39 7.87 15.83
N ALA F 303 -48.33 6.72 15.15
CA ALA F 303 -47.46 5.63 15.58
C ALA F 303 -45.98 5.90 15.28
N ILE F 304 -45.67 6.97 14.56
CA ILE F 304 -44.29 7.26 14.16
C ILE F 304 -43.44 7.47 15.41
N LYS F 305 -42.52 6.54 15.67
CA LYS F 305 -41.43 6.76 16.61
C LYS F 305 -40.29 5.85 16.20
N GLN F 306 -39.30 6.41 15.50
CA GLN F 306 -38.24 5.61 14.87
C GLN F 306 -36.86 6.10 15.31
N THR F 307 -36.78 6.69 16.51
CA THR F 307 -35.51 7.23 16.98
C THR F 307 -34.47 6.12 17.17
N SER F 308 -34.88 4.99 17.73
CA SER F 308 -34.01 3.82 17.83
C SER F 308 -33.93 3.11 16.48
N ALA F 309 -33.21 1.99 16.46
CA ALA F 309 -32.89 1.34 15.20
C ALA F 309 -34.12 0.73 14.55
N GLY F 310 -35.09 0.29 15.34
CA GLY F 310 -36.38 -0.11 14.81
C GLY F 310 -37.54 0.68 15.37
N SER F 311 -38.76 0.24 15.08
CA SER F 311 -39.95 1.01 15.40
C SER F 311 -40.41 0.69 16.83
N TYR F 312 -41.42 1.43 17.29
CA TYR F 312 -41.70 1.53 18.71
C TYR F 312 -43.02 2.25 18.94
N LEU F 313 -43.92 1.64 19.71
CA LEU F 313 -45.35 1.86 19.59
C LEU F 313 -45.69 3.10 20.42
N ALA F 314 -45.80 4.24 19.77
CA ALA F 314 -45.96 5.53 20.44
C ALA F 314 -47.41 5.97 20.22
N LEU F 315 -48.28 5.58 21.15
CA LEU F 315 -49.71 5.45 20.91
C LEU F 315 -50.45 5.73 22.21
N ASP F 316 -51.54 6.50 22.11
CA ASP F 316 -52.47 6.72 23.22
C ASP F 316 -52.75 5.40 23.92
N PRO F 317 -52.42 5.29 25.21
CA PRO F 317 -52.58 4.01 25.91
C PRO F 317 -54.02 3.51 25.96
N ASP F 318 -55.00 4.40 26.07
CA ASP F 318 -56.40 3.96 26.14
C ASP F 318 -56.85 3.24 24.88
N SER F 319 -56.22 3.50 23.74
CA SER F 319 -56.60 2.86 22.49
C SER F 319 -56.37 1.35 22.50
N VAL F 320 -55.50 0.84 23.39
CA VAL F 320 -55.37 -0.60 23.54
C VAL F 320 -56.66 -1.21 24.05
N ASN F 321 -57.52 -0.42 24.67
CA ASN F 321 -58.89 -0.83 24.90
C ASN F 321 -59.82 -0.45 23.76
N LEU F 322 -59.56 0.67 23.08
CA LEU F 322 -60.63 1.36 22.35
C LEU F 322 -61.03 0.59 21.10
N ILE F 323 -60.07 0.07 20.35
CA ILE F 323 -60.39 -0.73 19.18
C ILE F 323 -61.04 -2.04 19.58
N LEU F 324 -60.56 -2.65 20.66
CA LEU F 324 -60.70 -4.09 20.85
C LEU F 324 -62.13 -4.47 21.22
N LYS F 325 -62.82 -3.63 21.98
CA LYS F 325 -64.24 -3.84 22.22
C LYS F 325 -65.03 -3.88 20.92
N SER F 326 -64.85 -2.87 20.07
CA SER F 326 -65.51 -2.87 18.77
C SER F 326 -64.99 -3.99 17.87
N MET F 327 -63.74 -4.43 18.10
CA MET F 327 -63.20 -5.56 17.37
C MET F 327 -63.95 -6.84 17.70
N ARG F 328 -64.22 -7.07 19.00
CA ARG F 328 -65.04 -8.22 19.39
C ARG F 328 -66.49 -8.06 18.96
N ASN F 329 -66.98 -6.83 18.86
CA ASN F 329 -68.33 -6.60 18.37
C ASN F 329 -68.43 -6.60 16.84
N THR F 330 -67.32 -6.75 16.13
CA THR F 330 -67.33 -6.86 14.68
C THR F 330 -67.10 -8.28 14.16
N ILE F 331 -66.30 -9.10 14.86
CA ILE F 331 -65.91 -10.40 14.34
C ILE F 331 -67.13 -11.31 14.22
N THR F 332 -67.22 -11.99 13.07
CA THR F 332 -68.33 -12.96 12.84
C THR F 332 -67.71 -14.33 12.57
N PRO F 333 -67.70 -15.26 13.55
CA PRO F 333 -67.07 -16.57 13.37
C PRO F 333 -67.66 -17.33 12.17
N THR F 334 -66.82 -18.07 11.45
CA THR F 334 -67.29 -18.84 10.26
C THR F 334 -67.01 -20.32 10.45
N PRO F 335 -67.85 -21.10 11.17
CA PRO F 335 -67.66 -22.53 11.32
C PRO F 335 -67.83 -23.23 9.97
N ALA F 336 -68.91 -22.91 9.24
CA ALA F 336 -69.11 -23.49 7.89
C ALA F 336 -67.94 -23.09 7.00
N GLY F 337 -67.10 -24.04 6.60
CA GLY F 337 -65.90 -23.73 5.80
C GLY F 337 -64.66 -23.71 6.67
N GLY F 338 -64.72 -23.03 7.82
CA GLY F 338 -63.57 -22.98 8.75
C GLY F 338 -62.66 -21.81 8.46
N GLN F 339 -62.75 -21.24 7.25
CA GLN F 339 -61.89 -20.09 6.84
C GLN F 339 -62.03 -18.96 7.85
N PRO F 340 -60.93 -18.50 8.49
CA PRO F 340 -60.99 -17.37 9.43
C PRO F 340 -61.22 -16.03 8.69
N PRO F 341 -61.77 -14.93 9.27
CA PRO F 341 -61.91 -13.70 8.50
C PRO F 341 -60.57 -13.01 8.29
N VAL F 342 -60.60 -11.98 7.45
CA VAL F 342 -59.42 -11.31 6.95
C VAL F 342 -59.57 -9.82 7.19
N LEU F 343 -58.50 -9.16 7.60
CA LEU F 343 -58.48 -7.72 7.78
C LEU F 343 -57.63 -7.08 6.68
N LEU F 344 -58.23 -6.15 5.94
CA LEU F 344 -57.55 -5.39 4.89
C LEU F 344 -57.29 -3.97 5.36
N THR F 345 -56.03 -3.54 5.28
CA THR F 345 -55.56 -2.32 5.93
C THR F 345 -54.93 -1.40 4.90
N ALA F 346 -54.57 -0.20 5.36
CA ALA F 346 -53.78 0.72 4.55
C ALA F 346 -52.35 0.21 4.41
N ILE F 347 -51.64 0.76 3.41
CA ILE F 347 -50.39 0.15 2.95
C ILE F 347 -49.31 0.26 4.02
N ASP F 348 -49.16 1.45 4.61
CA ASP F 348 -48.02 1.78 5.44
C ASP F 348 -48.18 1.34 6.89
N VAL F 349 -49.36 0.86 7.29
CA VAL F 349 -49.68 0.51 8.67
C VAL F 349 -49.84 -1.00 8.83
N ARG F 350 -49.47 -1.77 7.80
CA ARG F 350 -49.85 -3.18 7.73
C ARG F 350 -49.28 -3.97 8.90
N ARG F 351 -47.99 -3.78 9.18
CA ARG F 351 -47.34 -4.49 10.28
C ARG F 351 -47.83 -4.01 11.64
N TYR F 352 -48.16 -2.72 11.77
CA TYR F 352 -48.51 -2.18 13.07
C TYR F 352 -49.80 -2.80 13.57
N VAL F 353 -50.76 -3.00 12.67
CA VAL F 353 -52.03 -3.63 13.03
C VAL F 353 -51.80 -5.04 13.54
N ARG F 354 -50.98 -5.82 12.82
CA ARG F 354 -50.71 -7.19 13.22
C ARG F 354 -50.00 -7.25 14.57
N LYS F 355 -49.02 -6.35 14.78
CA LYS F 355 -48.33 -6.30 16.06
C LYS F 355 -49.28 -5.86 17.18
N LEU F 356 -50.29 -5.06 16.84
CA LEU F 356 -51.26 -4.62 17.82
C LEU F 356 -52.20 -5.75 18.24
N ILE F 357 -52.71 -6.50 17.26
CA ILE F 357 -53.85 -7.39 17.52
C ILE F 357 -53.42 -8.79 17.93
N GLU F 358 -52.11 -9.05 18.00
CA GLU F 358 -51.64 -10.40 18.28
C GLU F 358 -51.97 -10.85 19.69
N THR F 359 -52.24 -9.91 20.61
CA THR F 359 -52.40 -10.29 22.00
C THR F 359 -53.73 -11.01 22.22
N GLU F 360 -54.80 -10.53 21.60
CA GLU F 360 -56.12 -11.13 21.74
C GLU F 360 -56.53 -11.98 20.54
N PHE F 361 -56.28 -11.50 19.32
CA PHE F 361 -56.63 -12.21 18.08
C PHE F 361 -55.34 -12.49 17.33
N PRO F 362 -54.61 -13.54 17.70
CA PRO F 362 -53.57 -14.06 16.81
C PRO F 362 -54.11 -14.62 15.51
N ASP F 363 -55.38 -15.00 15.46
CA ASP F 363 -55.94 -15.73 14.33
C ASP F 363 -56.66 -14.80 13.37
N ILE F 364 -56.12 -13.59 13.17
CA ILE F 364 -56.49 -12.73 12.06
C ILE F 364 -55.21 -12.30 11.35
N ALA F 365 -55.16 -12.52 10.05
CA ALA F 365 -54.00 -12.19 9.23
C ALA F 365 -54.21 -10.82 8.60
N VAL F 366 -53.38 -9.87 8.96
CA VAL F 366 -53.51 -8.49 8.51
C VAL F 366 -52.79 -8.32 7.18
N ILE F 367 -53.50 -7.82 6.17
CA ILE F 367 -52.94 -7.52 4.86
C ILE F 367 -53.31 -6.11 4.46
N SER F 368 -52.65 -5.61 3.42
CA SER F 368 -52.89 -4.28 2.89
C SER F 368 -53.21 -4.38 1.40
N TYR F 369 -53.37 -3.21 0.77
CA TYR F 369 -53.83 -3.17 -0.62
C TYR F 369 -52.78 -3.74 -1.57
N GLN F 370 -51.51 -3.56 -1.24
CA GLN F 370 -50.44 -3.85 -2.18
C GLN F 370 -50.17 -5.35 -2.32
N GLU F 371 -50.69 -6.15 -1.39
CA GLU F 371 -50.39 -7.58 -1.34
C GLU F 371 -51.46 -8.46 -1.99
N ILE F 372 -52.49 -7.86 -2.59
CA ILE F 372 -53.50 -8.63 -3.28
C ILE F 372 -53.37 -8.39 -4.78
N LEU F 373 -53.92 -9.33 -5.55
CA LEU F 373 -54.02 -9.15 -6.99
C LEU F 373 -54.89 -7.93 -7.28
N PRO F 374 -54.44 -7.01 -8.13
CA PRO F 374 -55.23 -5.80 -8.37
C PRO F 374 -56.40 -6.05 -9.31
N GLU F 375 -56.76 -7.33 -9.51
CA GLU F 375 -57.91 -7.69 -10.32
C GLU F 375 -58.99 -8.39 -9.52
N ILE F 376 -58.74 -8.69 -8.27
CA ILE F 376 -59.63 -9.55 -7.50
C ILE F 376 -60.66 -8.69 -6.79
N ARG F 377 -61.87 -9.23 -6.64
CA ARG F 377 -63.01 -8.42 -6.26
C ARG F 377 -63.09 -8.35 -4.74
N ILE F 378 -63.41 -7.18 -4.23
CA ILE F 378 -63.31 -6.88 -2.81
C ILE F 378 -64.73 -6.92 -2.23
N GLN F 379 -64.92 -7.74 -1.19
CA GLN F 379 -66.17 -7.79 -0.45
C GLN F 379 -65.96 -7.12 0.91
N PRO F 380 -66.14 -5.80 1.01
CA PRO F 380 -65.79 -5.07 2.24
C PRO F 380 -66.81 -5.27 3.35
N LEU F 381 -66.70 -6.41 4.05
CA LEU F 381 -67.79 -6.95 4.85
C LEU F 381 -67.71 -6.33 6.25
N GLY F 382 -67.92 -5.01 6.29
CA GLY F 382 -67.81 -4.29 7.54
C GLY F 382 -66.69 -3.27 7.57
N ARG F 383 -67.05 -1.99 7.65
CA ARG F 383 -66.15 -0.95 8.11
C ARG F 383 -66.22 -0.83 9.63
N ILE F 384 -65.06 -0.83 10.28
CA ILE F 384 -65.00 -0.60 11.72
C ILE F 384 -65.36 0.85 12.02
N GLN F 385 -65.95 1.09 13.19
CA GLN F 385 -66.48 2.41 13.54
C GLN F 385 -65.71 3.04 14.69
N ILE F 386 -65.67 2.39 15.85
CA ILE F 386 -64.87 2.83 17.00
C ILE F 386 -65.14 4.30 17.35
N ASN G 39 6.24 -35.92 37.90
CA ASN G 39 7.67 -35.82 38.10
C ASN G 39 8.01 -34.75 39.14
N PRO G 40 8.99 -35.04 40.00
CA PRO G 40 9.50 -33.97 40.89
C PRO G 40 10.01 -32.76 40.14
N ASP G 41 10.94 -32.98 39.20
CA ASP G 41 11.32 -31.95 38.25
C ASP G 41 10.35 -31.94 37.06
N ASP G 42 9.13 -31.55 37.36
CA ASP G 42 8.28 -30.90 36.36
C ASP G 42 7.46 -29.83 37.08
N TYR G 43 6.38 -29.37 36.43
CA TYR G 43 5.33 -28.60 37.08
C TYR G 43 4.17 -29.51 37.47
N SER G 44 3.33 -29.00 38.37
CA SER G 44 2.07 -29.65 38.73
C SER G 44 0.92 -28.70 38.49
N LEU G 45 -0.21 -29.25 38.10
CA LEU G 45 -1.40 -28.45 37.81
C LEU G 45 -2.26 -28.34 39.07
N THR G 46 -2.85 -27.17 39.27
CA THR G 46 -3.66 -26.94 40.45
C THR G 46 -4.94 -27.77 40.37
N LEU G 47 -5.21 -28.52 41.43
CA LEU G 47 -6.36 -29.41 41.45
C LEU G 47 -7.61 -28.62 41.82
N PRO G 48 -8.64 -28.59 40.98
CA PRO G 48 -9.81 -27.74 41.28
C PRO G 48 -10.56 -28.17 42.52
N VAL G 49 -10.95 -29.44 42.61
CA VAL G 49 -11.97 -29.88 43.53
C VAL G 49 -11.44 -31.11 44.26
N ILE G 50 -11.16 -30.96 45.56
CA ILE G 50 -10.64 -32.02 46.40
C ILE G 50 -11.66 -32.31 47.48
N LEU G 51 -11.95 -33.59 47.71
CA LEU G 51 -12.93 -34.00 48.71
C LEU G 51 -12.19 -34.78 49.79
N GLU G 52 -12.07 -34.20 50.98
CA GLU G 52 -11.49 -34.88 52.13
C GLU G 52 -12.57 -35.63 52.90
N LEU G 53 -12.24 -36.86 53.32
CA LEU G 53 -13.13 -37.70 54.10
C LEU G 53 -12.42 -38.19 55.34
N GLY G 54 -13.16 -38.29 56.44
CA GLY G 54 -12.71 -39.02 57.60
C GLY G 54 -12.82 -40.53 57.43
N LYS G 55 -12.38 -41.25 58.47
CA LYS G 55 -12.09 -42.67 58.34
C LYS G 55 -13.36 -43.48 58.07
N ASP G 56 -14.45 -43.14 58.76
CA ASP G 56 -15.68 -43.90 58.62
C ASP G 56 -16.31 -43.68 57.25
N LEU G 57 -16.31 -42.44 56.76
CA LEU G 57 -16.76 -42.18 55.40
C LEU G 57 -15.87 -42.87 54.36
N SER G 58 -14.57 -42.96 54.63
CA SER G 58 -13.68 -43.70 53.74
C SER G 58 -13.99 -45.19 53.75
N LYS G 59 -14.44 -45.75 54.88
CA LYS G 59 -14.89 -47.13 54.88
C LYS G 59 -16.24 -47.29 54.20
N LEU G 60 -17.10 -46.28 54.28
CA LEU G 60 -18.41 -46.36 53.61
C LEU G 60 -18.27 -46.28 52.10
N ILE G 61 -17.33 -45.49 51.60
CA ILE G 61 -17.05 -45.46 50.16
C ILE G 61 -16.25 -46.65 49.68
N GLN G 62 -15.90 -47.58 50.59
CA GLN G 62 -15.36 -48.87 50.15
C GLN G 62 -16.43 -49.71 49.48
N HIS G 63 -17.68 -49.61 49.93
CA HIS G 63 -18.68 -50.64 49.67
C HIS G 63 -19.55 -50.24 48.49
N LYS G 64 -20.15 -51.24 47.85
CA LYS G 64 -21.24 -51.01 46.93
C LYS G 64 -22.55 -50.81 47.70
N THR G 65 -23.52 -50.19 47.02
CA THR G 65 -24.70 -49.68 47.68
C THR G 65 -25.84 -50.72 47.64
N LYS G 66 -27.05 -50.29 47.99
CA LYS G 66 -28.21 -51.17 47.85
C LYS G 66 -28.42 -51.58 46.40
N SER G 67 -28.36 -50.62 45.48
CA SER G 67 -28.38 -50.91 44.05
C SER G 67 -27.00 -51.26 43.49
N GLY G 68 -26.02 -51.50 44.34
CA GLY G 68 -24.77 -52.10 43.89
C GLY G 68 -23.83 -51.18 43.17
N GLN G 69 -24.10 -49.87 43.17
CA GLN G 69 -23.30 -48.92 42.42
C GLN G 69 -22.26 -48.27 43.33
N SER G 70 -21.16 -47.84 42.71
CA SER G 70 -20.02 -47.31 43.44
C SER G 70 -20.16 -45.80 43.62
N PHE G 71 -19.63 -45.30 44.74
CA PHE G 71 -19.54 -43.85 44.93
C PHE G 71 -18.65 -43.23 43.86
N VAL G 72 -17.45 -43.77 43.67
CA VAL G 72 -16.44 -43.05 42.90
C VAL G 72 -16.64 -43.27 41.41
N ASP G 73 -17.21 -44.42 41.03
CA ASP G 73 -17.35 -44.76 39.62
C ASP G 73 -18.74 -44.49 39.06
N ASP G 74 -19.76 -44.41 39.91
CA ASP G 74 -21.12 -44.21 39.44
C ASP G 74 -21.73 -42.89 39.88
N MET G 75 -21.71 -42.60 41.18
CA MET G 75 -22.53 -41.49 41.69
C MET G 75 -21.95 -40.14 41.29
N ILE G 76 -20.62 -40.00 41.34
CA ILE G 76 -19.97 -38.75 40.96
C ILE G 76 -20.12 -38.47 39.47
N PRO G 77 -19.90 -39.45 38.57
CA PRO G 77 -20.21 -39.20 37.16
C PRO G 77 -21.68 -38.85 36.90
N LYS G 78 -22.62 -39.48 37.61
CA LYS G 78 -24.02 -39.13 37.41
C LYS G 78 -24.31 -37.72 37.91
N MET G 79 -23.69 -37.31 39.03
CA MET G 79 -23.78 -35.93 39.48
C MET G 79 -23.26 -34.98 38.41
N ARG G 80 -22.11 -35.28 37.83
CA ARG G 80 -21.55 -34.40 36.81
C ARG G 80 -22.47 -34.32 35.60
N GLN G 81 -23.02 -35.46 35.17
CA GLN G 81 -23.89 -35.48 34.00
C GLN G 81 -25.18 -34.69 34.25
N ALA G 82 -25.75 -34.83 35.45
CA ALA G 82 -26.92 -34.04 35.79
C ALA G 82 -26.60 -32.56 35.85
N LEU G 83 -25.43 -32.19 36.39
CA LEU G 83 -25.02 -30.79 36.40
C LEU G 83 -24.90 -30.25 34.99
N TYR G 84 -24.33 -31.03 34.07
CA TYR G 84 -24.23 -30.58 32.69
C TYR G 84 -25.59 -30.44 32.03
N GLN G 85 -26.51 -31.36 32.33
CA GLN G 85 -27.86 -31.25 31.76
C GLN G 85 -28.61 -30.05 32.33
N ASP G 86 -28.36 -29.69 33.59
CA ASP G 86 -29.10 -28.61 34.21
C ASP G 86 -28.52 -27.25 33.84
N ILE G 87 -27.20 -27.10 33.91
CA ILE G 87 -26.52 -25.91 33.43
C ILE G 87 -25.37 -26.33 32.53
N GLY G 88 -25.08 -25.51 31.53
CA GLY G 88 -24.31 -25.96 30.38
C GLY G 88 -22.81 -25.96 30.59
N ILE G 89 -22.35 -26.26 31.81
CA ILE G 89 -20.93 -26.32 32.15
C ILE G 89 -20.60 -27.73 32.62
N ARG G 90 -19.52 -28.30 32.07
CA ARG G 90 -18.97 -29.55 32.56
C ARG G 90 -18.00 -29.24 33.70
N TYR G 91 -18.43 -29.53 34.94
CA TYR G 91 -17.57 -29.23 36.07
C TYR G 91 -16.52 -30.32 36.23
N PRO G 92 -15.27 -29.95 36.52
CA PRO G 92 -14.16 -30.89 36.36
C PRO G 92 -14.16 -31.96 37.44
N GLY G 93 -13.42 -33.02 37.17
CA GLY G 93 -13.48 -34.23 37.96
C GLY G 93 -12.85 -34.07 39.33
N ILE G 94 -13.11 -35.05 40.18
CA ILE G 94 -13.08 -34.90 41.63
C ILE G 94 -11.88 -35.66 42.16
N HIS G 95 -11.14 -35.04 43.07
CA HIS G 95 -10.05 -35.71 43.78
C HIS G 95 -10.54 -36.10 45.16
N VAL G 96 -10.57 -37.41 45.42
CA VAL G 96 -10.92 -37.95 46.73
C VAL G 96 -9.65 -38.49 47.37
N ARG G 97 -9.27 -37.93 48.51
CA ARG G 97 -8.22 -38.46 49.35
C ARG G 97 -8.84 -38.95 50.66
N THR G 98 -8.61 -40.22 50.98
CA THR G 98 -9.33 -40.87 52.06
C THR G 98 -8.64 -40.59 53.40
N ASP G 99 -9.38 -40.83 54.48
CA ASP G 99 -8.81 -41.04 55.81
C ASP G 99 -8.03 -39.80 56.28
N SER G 100 -8.74 -38.67 56.30
CA SER G 100 -8.07 -37.38 56.48
C SER G 100 -7.48 -37.30 57.89
N PRO G 101 -6.23 -36.86 58.03
CA PRO G 101 -5.74 -36.47 59.36
C PRO G 101 -6.54 -35.35 59.99
N SER G 102 -7.08 -34.45 59.18
CA SER G 102 -7.63 -33.19 59.66
C SER G 102 -9.15 -33.24 59.85
N LEU G 103 -9.75 -34.42 59.69
CA LEU G 103 -11.19 -34.59 59.80
C LEU G 103 -11.51 -35.72 60.77
N GLU G 104 -12.62 -35.56 61.49
CA GLU G 104 -13.25 -36.67 62.18
C GLU G 104 -13.87 -37.64 61.17
N GLY G 105 -14.26 -38.82 61.67
CA GLY G 105 -14.49 -39.95 60.78
C GLY G 105 -15.76 -39.84 59.97
N TYR G 106 -16.76 -39.12 60.49
CA TYR G 106 -17.97 -38.82 59.73
C TYR G 106 -18.01 -37.38 59.23
N ASP G 107 -16.86 -36.72 59.13
CA ASP G 107 -16.80 -35.35 58.66
C ASP G 107 -16.14 -35.29 57.28
N TYR G 108 -16.48 -34.24 56.53
CA TYR G 108 -16.00 -34.11 55.16
C TYR G 108 -15.74 -32.64 54.86
N MET G 109 -14.89 -32.40 53.87
CA MET G 109 -14.40 -31.07 53.56
C MET G 109 -14.21 -30.96 52.06
N ILE G 110 -14.50 -29.78 51.51
CA ILE G 110 -14.44 -29.53 50.08
C ILE G 110 -13.36 -28.49 49.82
N LEU G 111 -12.55 -28.72 48.79
CA LEU G 111 -11.45 -27.83 48.44
C LEU G 111 -11.68 -27.24 47.06
N LEU G 112 -11.66 -25.92 46.98
CA LEU G 112 -11.68 -25.20 45.71
C LEU G 112 -10.27 -24.74 45.38
N ASN G 113 -9.69 -25.32 44.32
CA ASN G 113 -8.36 -24.94 43.87
C ASN G 113 -7.32 -25.10 44.99
N GLU G 114 -7.35 -26.27 45.63
CA GLU G 114 -6.44 -26.63 46.73
C GLU G 114 -6.57 -25.71 47.94
N VAL G 115 -7.68 -24.99 48.05
CA VAL G 115 -8.03 -24.24 49.25
C VAL G 115 -9.36 -24.77 49.76
N PRO G 116 -9.45 -25.23 51.02
CA PRO G 116 -10.74 -25.68 51.54
C PRO G 116 -11.77 -24.56 51.53
N TYR G 117 -13.01 -24.92 51.15
CA TYR G 117 -14.07 -23.95 50.95
C TYR G 117 -15.16 -24.02 52.02
N VAL G 118 -15.67 -25.21 52.31
CA VAL G 118 -16.54 -25.42 53.47
C VAL G 118 -16.37 -26.87 53.93
N ARG G 119 -16.40 -27.06 55.25
CA ARG G 119 -16.60 -28.38 55.84
C ARG G 119 -18.09 -28.66 56.02
N GLY G 120 -18.44 -29.95 56.03
CA GLY G 120 -19.74 -30.38 56.46
C GLY G 120 -19.64 -31.57 57.39
N LYS G 121 -20.73 -31.79 58.13
CA LYS G 121 -20.80 -32.88 59.10
C LYS G 121 -22.08 -33.68 58.90
N ILE G 122 -22.01 -34.97 59.22
CA ILE G 122 -23.16 -35.87 59.15
C ILE G 122 -23.32 -36.58 60.49
N PRO G 123 -24.49 -36.49 61.14
CA PRO G 123 -24.77 -37.35 62.30
C PRO G 123 -24.71 -38.82 61.95
N PRO G 124 -24.03 -39.62 62.76
CA PRO G 124 -23.86 -41.04 62.46
C PRO G 124 -25.18 -41.78 62.41
N HIS G 125 -25.31 -42.67 61.42
CA HIS G 125 -26.45 -43.58 61.31
C HIS G 125 -27.77 -42.81 61.20
N HIS G 126 -27.73 -41.68 60.50
CA HIS G 126 -28.92 -40.93 60.12
C HIS G 126 -28.87 -40.63 58.64
N VAL G 127 -30.04 -40.56 58.03
CA VAL G 127 -30.17 -40.22 56.63
C VAL G 127 -30.99 -38.95 56.51
N LEU G 128 -30.72 -38.18 55.47
CA LEU G 128 -31.29 -36.84 55.32
C LEU G 128 -32.47 -36.90 54.36
N THR G 129 -33.64 -36.54 54.87
CA THR G 129 -34.81 -36.27 54.05
C THR G 129 -35.36 -34.90 54.42
N ASN G 130 -35.91 -34.23 53.41
CA ASN G 130 -36.61 -32.94 53.65
C ASN G 130 -38.08 -33.24 53.89
N GLU G 131 -38.48 -33.42 55.15
CA GLU G 131 -39.88 -33.59 55.49
C GLU G 131 -40.27 -32.54 56.52
N VAL G 132 -41.55 -32.19 56.53
CA VAL G 132 -42.03 -31.14 57.43
C VAL G 132 -42.06 -31.66 58.86
N GLU G 133 -41.77 -30.77 59.81
CA GLU G 133 -41.75 -31.17 61.25
C GLU G 133 -43.08 -31.81 61.63
N ASP G 134 -44.17 -31.35 61.02
CA ASP G 134 -45.52 -31.90 61.35
C ASP G 134 -45.50 -33.42 61.23
N ASN G 135 -45.06 -33.95 60.08
CA ASN G 135 -45.04 -35.42 59.85
C ASN G 135 -44.08 -36.08 60.84
N LEU G 136 -42.88 -35.54 61.02
CA LEU G 136 -41.86 -36.17 61.90
C LEU G 136 -42.34 -36.23 63.35
N SER G 137 -43.21 -35.30 63.76
CA SER G 137 -43.76 -35.31 65.13
C SER G 137 -45.05 -36.15 65.19
N ARG G 138 -45.80 -36.18 64.09
CA ARG G 138 -47.09 -36.94 64.04
C ARG G 138 -46.80 -38.44 64.25
N TYR G 139 -45.85 -38.99 63.49
CA TYR G 139 -45.56 -40.44 63.59
C TYR G 139 -44.40 -40.67 64.55
N ASN G 140 -44.07 -39.65 65.36
CA ASN G 140 -42.98 -39.76 66.38
C ASN G 140 -41.72 -40.37 65.73
N LEU G 141 -41.25 -39.77 64.65
CA LEU G 141 -40.07 -40.32 63.92
C LEU G 141 -38.79 -39.69 64.50
N PRO G 142 -37.59 -40.36 64.57
CA PRO G 142 -36.39 -39.64 65.00
C PRO G 142 -35.90 -38.62 63.98
N PHE G 143 -36.56 -37.48 63.90
CA PHE G 143 -35.92 -36.30 63.32
C PHE G 143 -34.84 -35.79 64.26
N ILE G 144 -33.76 -35.29 63.63
CA ILE G 144 -32.65 -34.58 64.34
C ILE G 144 -32.42 -33.35 63.45
N THR G 145 -32.84 -32.15 63.86
CA THR G 145 -32.78 -30.93 63.00
C THR G 145 -31.34 -30.46 62.80
N TYR G 146 -30.82 -30.54 61.57
CA TYR G 146 -29.44 -30.08 61.28
C TYR G 146 -29.35 -29.70 59.79
N LYS G 147 -28.80 -28.52 59.48
CA LYS G 147 -28.63 -28.11 58.06
C LYS G 147 -27.15 -28.19 57.68
N ASN G 148 -26.87 -28.66 56.45
CA ASN G 148 -25.47 -28.76 55.97
C ASN G 148 -25.12 -27.50 55.17
N ALA G 149 -26.10 -26.89 54.50
CA ALA G 149 -25.87 -25.66 53.71
C ALA G 149 -27.01 -24.68 53.92
N ALA G 150 -27.10 -23.64 53.07
CA ALA G 150 -28.13 -22.59 53.23
C ALA G 150 -29.50 -23.10 52.78
N GLY G 151 -29.54 -23.91 51.73
CA GLY G 151 -30.82 -24.46 51.24
C GLY G 151 -30.82 -25.98 51.26
N LEU G 152 -30.26 -26.58 52.31
CA LEU G 152 -30.15 -28.06 52.36
C LEU G 152 -31.27 -28.65 53.24
N PRO G 153 -31.81 -29.89 53.04
CA PRO G 153 -32.80 -30.44 53.97
C PRO G 153 -32.25 -30.55 55.39
N SER G 154 -33.18 -30.60 56.34
CA SER G 154 -32.85 -30.33 57.74
C SER G 154 -33.47 -31.37 58.67
N ALA G 155 -33.69 -32.59 58.18
CA ALA G 155 -34.42 -33.62 58.93
C ALA G 155 -33.69 -34.95 58.78
N TRP G 156 -32.99 -35.34 59.83
CA TRP G 156 -32.17 -36.55 59.83
C TRP G 156 -32.89 -37.64 60.60
N VAL G 157 -32.99 -38.83 60.01
CA VAL G 157 -33.74 -39.93 60.58
C VAL G 157 -32.85 -41.17 60.58
N SER G 158 -32.93 -41.95 61.66
CA SER G 158 -32.00 -43.04 61.86
C SER G 158 -32.14 -44.05 60.74
N GLU G 159 -31.00 -44.50 60.19
CA GLU G 159 -30.99 -45.12 58.88
C GLU G 159 -31.66 -46.49 58.88
N ASP G 160 -32.03 -46.99 60.06
CA ASP G 160 -32.78 -48.23 60.20
C ASP G 160 -34.24 -48.11 59.74
N ALA G 161 -34.75 -46.91 59.49
CA ALA G 161 -36.15 -46.70 59.18
C ALA G 161 -36.43 -46.67 57.68
N LYS G 162 -35.59 -47.32 56.86
CA LYS G 162 -35.67 -47.14 55.40
C LYS G 162 -36.96 -47.72 54.85
N ALA G 163 -37.32 -48.93 55.27
CA ALA G 163 -38.53 -49.55 54.78
C ALA G 163 -39.77 -48.77 55.22
N ILE G 164 -39.73 -48.14 56.39
CA ILE G 164 -40.79 -47.23 56.80
C ILE G 164 -40.94 -46.11 55.78
N LEU G 165 -39.83 -45.50 55.38
CA LEU G 165 -39.89 -44.35 54.49
C LEU G 165 -40.30 -44.75 53.08
N GLU G 166 -39.96 -45.97 52.66
CA GLU G 166 -40.45 -46.49 51.37
C GLU G 166 -41.95 -46.77 51.41
N LYS G 167 -42.46 -47.31 52.52
CA LYS G 167 -43.90 -47.55 52.59
C LYS G 167 -44.68 -46.25 52.68
N ALA G 168 -44.16 -45.26 53.39
CA ALA G 168 -44.72 -43.91 53.38
C ALA G 168 -44.17 -43.06 52.24
N ALA G 169 -43.35 -43.64 51.36
CA ALA G 169 -43.11 -43.08 50.02
C ALA G 169 -42.51 -41.68 50.10
N ILE G 170 -41.65 -41.46 51.10
CA ILE G 170 -40.87 -40.23 51.22
C ILE G 170 -39.43 -40.56 50.85
N LYS G 171 -38.91 -39.88 49.83
CA LYS G 171 -37.56 -40.16 49.36
C LYS G 171 -36.54 -39.61 50.34
N TYR G 172 -35.55 -40.44 50.65
CA TYR G 172 -34.46 -40.11 51.55
C TYR G 172 -33.14 -40.31 50.80
N TRP G 173 -32.09 -39.69 51.31
CA TRP G 173 -30.76 -39.82 50.72
C TRP G 173 -29.84 -40.47 51.74
N THR G 174 -29.16 -41.55 51.31
CA THR G 174 -27.98 -42.10 51.96
C THR G 174 -26.93 -41.01 52.18
N PRO G 175 -26.13 -41.09 53.23
CA PRO G 175 -25.16 -40.01 53.50
C PRO G 175 -24.21 -39.77 52.34
N LEU G 176 -23.90 -40.81 51.56
CA LEU G 176 -23.18 -40.60 50.32
C LEU G 176 -23.98 -39.76 49.34
N GLU G 177 -25.29 -40.02 49.20
CA GLU G 177 -26.12 -39.13 48.40
C GLU G 177 -26.22 -37.74 49.02
N VAL G 178 -26.07 -37.64 50.35
CA VAL G 178 -26.01 -36.33 50.98
C VAL G 178 -24.75 -35.58 50.55
N ILE G 179 -23.61 -36.28 50.50
CA ILE G 179 -22.39 -35.70 49.95
C ILE G 179 -22.62 -35.25 48.52
N ILE G 180 -23.29 -36.08 47.73
CA ILE G 180 -23.57 -35.73 46.33
C ILE G 180 -24.38 -34.44 46.28
N LEU G 181 -25.43 -34.33 47.10
CA LEU G 181 -26.27 -33.14 47.09
C LEU G 181 -25.51 -31.91 47.51
N HIS G 182 -24.65 -32.04 48.52
CA HIS G 182 -23.89 -30.87 48.97
C HIS G 182 -22.90 -30.43 47.91
N LEU G 183 -22.27 -31.39 47.22
CA LEU G 183 -21.42 -31.07 46.09
C LEU G 183 -22.20 -30.36 45.00
N SER G 184 -23.42 -30.84 44.73
CA SER G 184 -24.23 -30.23 43.68
C SER G 184 -24.56 -28.78 44.02
N TYR G 185 -24.92 -28.52 45.29
CA TYR G 185 -25.17 -27.15 45.71
C TYR G 185 -23.91 -26.31 45.57
N PHE G 186 -22.75 -26.87 45.91
CA PHE G 186 -21.48 -26.20 45.65
C PHE G 186 -21.35 -25.80 44.19
N PHE G 187 -21.57 -26.76 43.28
CA PHE G 187 -21.25 -26.51 41.87
C PHE G 187 -22.26 -25.56 41.23
N HIS G 188 -23.51 -25.55 41.70
CA HIS G 188 -24.39 -24.43 41.35
C HIS G 188 -23.85 -23.11 41.87
N LYS G 189 -23.50 -23.05 43.16
CA LYS G 189 -23.20 -21.77 43.76
C LYS G 189 -21.79 -21.27 43.44
N SER G 190 -20.95 -22.12 42.85
CA SER G 190 -19.59 -21.74 42.46
C SER G 190 -19.41 -21.88 40.96
N SER G 191 -20.39 -21.42 40.19
CA SER G 191 -20.24 -21.36 38.74
C SER G 191 -19.04 -20.50 38.34
N GLN G 192 -18.81 -19.40 39.06
CA GLN G 192 -17.86 -18.39 38.59
C GLN G 192 -16.47 -18.96 38.45
N GLU G 193 -16.11 -19.92 39.31
CA GLU G 193 -14.74 -20.38 39.40
C GLU G 193 -14.40 -21.43 38.35
N PHE G 194 -15.38 -21.91 37.58
CA PHE G 194 -15.13 -22.97 36.61
C PHE G 194 -15.33 -22.54 35.16
N LEU G 195 -15.87 -21.35 34.92
CA LEU G 195 -16.25 -20.93 33.57
C LEU G 195 -15.21 -19.93 33.08
N GLY G 196 -14.10 -20.48 32.59
CA GLY G 196 -13.01 -19.68 32.07
C GLY G 196 -12.87 -19.82 30.57
N ILE G 197 -11.83 -19.17 30.05
CA ILE G 197 -11.80 -18.85 28.63
C ILE G 197 -11.54 -20.11 27.82
N GLN G 198 -10.79 -21.06 28.36
CA GLN G 198 -10.50 -22.27 27.61
C GLN G 198 -11.71 -23.18 27.49
N GLU G 199 -12.55 -23.24 28.54
CA GLU G 199 -13.78 -24.03 28.45
C GLU G 199 -14.79 -23.40 27.48
N VAL G 200 -14.89 -22.06 27.51
CA VAL G 200 -15.70 -21.36 26.51
C VAL G 200 -15.19 -21.65 25.11
N ARG G 201 -13.86 -21.61 24.93
CA ARG G 201 -13.27 -21.94 23.64
C ARG G 201 -13.63 -23.35 23.20
N SER G 202 -13.55 -24.31 24.13
CA SER G 202 -13.88 -25.70 23.80
C SER G 202 -15.34 -25.85 23.38
N MET G 203 -16.26 -25.22 24.11
CA MET G 203 -17.66 -25.37 23.72
C MET G 203 -17.98 -24.62 22.44
N ILE G 204 -17.35 -23.47 22.20
CA ILE G 204 -17.55 -22.76 20.94
C ILE G 204 -17.04 -23.59 19.78
N GLU G 205 -15.92 -24.29 19.96
CA GLU G 205 -15.42 -25.10 18.85
C GLU G 205 -16.20 -26.39 18.67
N PHE G 206 -16.86 -26.89 19.72
CA PHE G 206 -17.91 -27.88 19.50
C PHE G 206 -19.05 -27.30 18.68
N MET G 207 -19.43 -26.05 18.96
CA MET G 207 -20.48 -25.40 18.19
C MET G 207 -20.09 -25.18 16.73
N GLU G 208 -18.81 -24.91 16.45
CA GLU G 208 -18.36 -24.75 15.07
C GLU G 208 -18.63 -26.00 14.24
N ARG G 209 -18.63 -27.18 14.88
CA ARG G 209 -18.86 -28.42 14.15
C ARG G 209 -20.23 -28.45 13.48
N SER G 210 -21.22 -27.78 14.08
CA SER G 210 -22.59 -27.91 13.65
C SER G 210 -23.18 -26.63 13.11
N PHE G 211 -22.85 -25.48 13.72
CA PHE G 211 -23.54 -24.22 13.43
C PHE G 211 -22.54 -23.16 13.02
N PRO G 212 -21.70 -23.45 12.02
CA PRO G 212 -20.42 -22.73 11.92
C PRO G 212 -20.60 -21.28 11.54
N ASP G 213 -21.56 -20.97 10.66
CA ASP G 213 -21.77 -19.58 10.27
C ASP G 213 -22.41 -18.77 11.39
N LEU G 214 -23.27 -19.38 12.20
CA LEU G 214 -23.72 -18.73 13.43
C LEU G 214 -22.55 -18.39 14.33
N VAL G 215 -21.67 -19.36 14.57
CA VAL G 215 -20.52 -19.11 15.44
C VAL G 215 -19.66 -18.00 14.86
N LYS G 216 -19.44 -18.02 13.55
CA LYS G 216 -18.58 -17.04 12.90
C LYS G 216 -19.18 -15.64 12.97
N GLU G 217 -20.50 -15.53 12.81
CA GLU G 217 -21.16 -14.24 13.01
C GLU G 217 -20.98 -13.76 14.43
N VAL G 218 -21.19 -14.64 15.41
CA VAL G 218 -21.12 -14.19 16.80
C VAL G 218 -19.71 -13.71 17.12
N THR G 219 -18.69 -14.45 16.67
CA THR G 219 -17.31 -14.11 16.98
C THR G 219 -16.76 -13.01 16.08
N ARG G 220 -17.42 -12.70 14.96
CA ARG G 220 -17.19 -11.41 14.32
C ARG G 220 -17.76 -10.28 15.16
N LEU G 221 -18.87 -10.52 15.86
CA LEU G 221 -19.46 -9.44 16.65
C LEU G 221 -18.82 -9.32 18.03
N ILE G 222 -18.35 -10.42 18.61
CA ILE G 222 -17.97 -10.46 20.01
C ILE G 222 -16.59 -11.10 20.11
N PRO G 223 -15.59 -10.41 20.65
CA PRO G 223 -14.34 -11.08 21.01
C PRO G 223 -14.52 -12.03 22.19
N LEU G 224 -13.61 -13.00 22.28
CA LEU G 224 -13.88 -14.19 23.07
C LEU G 224 -13.96 -13.87 24.56
N GLN G 225 -13.13 -12.94 25.03
CA GLN G 225 -13.13 -12.62 26.45
C GLN G 225 -14.46 -12.02 26.89
N LYS G 226 -15.01 -11.12 26.08
CA LYS G 226 -16.31 -10.54 26.41
C LYS G 226 -17.44 -11.56 26.31
N LEU G 227 -17.33 -12.52 25.38
CA LEU G 227 -18.30 -13.60 25.31
C LEU G 227 -18.26 -14.47 26.56
N THR G 228 -17.06 -14.79 27.04
CA THR G 228 -16.94 -15.51 28.30
C THR G 228 -17.50 -14.69 29.45
N GLU G 229 -17.31 -13.38 29.42
CA GLU G 229 -17.88 -12.50 30.43
C GLU G 229 -19.41 -12.54 30.39
N ILE G 230 -19.99 -12.60 29.19
CA ILE G 230 -21.43 -12.74 29.05
C ILE G 230 -21.89 -14.06 29.66
N PHE G 231 -21.18 -15.15 29.38
CA PHE G 231 -21.54 -16.43 29.98
C PHE G 231 -21.49 -16.37 31.50
N LYS G 232 -20.46 -15.72 32.04
CA LYS G 232 -20.33 -15.62 33.49
C LYS G 232 -21.48 -14.80 34.09
N ARG G 233 -21.82 -13.67 33.46
CA ARG G 233 -22.91 -12.85 34.00
C ARG G 233 -24.25 -13.55 33.88
N LEU G 234 -24.37 -14.47 32.92
CA LEU G 234 -25.55 -15.34 32.87
C LEU G 234 -25.57 -16.31 34.03
N VAL G 235 -24.50 -17.10 34.19
CA VAL G 235 -24.51 -18.16 35.19
C VAL G 235 -24.36 -17.63 36.60
N GLN G 236 -24.17 -16.32 36.75
CA GLN G 236 -24.29 -15.71 38.07
C GLN G 236 -25.68 -15.98 38.67
N GLU G 237 -26.74 -15.76 37.89
CA GLU G 237 -28.12 -15.89 38.36
C GLU G 237 -28.73 -17.26 38.04
N GLN G 238 -27.91 -18.31 37.93
CA GLN G 238 -28.38 -19.68 37.76
C GLN G 238 -29.20 -19.85 36.47
N ILE G 239 -28.94 -19.00 35.48
CA ILE G 239 -29.51 -19.17 34.13
C ILE G 239 -28.68 -20.18 33.36
N SER G 240 -29.30 -21.27 32.94
CA SER G 240 -28.60 -22.33 32.22
C SER G 240 -28.09 -21.82 30.88
N ILE G 241 -26.95 -22.36 30.43
CA ILE G 241 -26.50 -22.11 29.08
C ILE G 241 -26.32 -23.44 28.34
N LYS G 242 -27.16 -24.42 28.66
CA LYS G 242 -27.21 -25.64 27.85
C LYS G 242 -27.68 -25.34 26.43
N ASP G 243 -28.68 -24.46 26.28
CA ASP G 243 -29.24 -24.11 24.98
C ASP G 243 -28.37 -23.01 24.36
N LEU G 244 -27.21 -23.42 23.87
CA LEU G 244 -26.29 -22.46 23.28
C LEU G 244 -26.87 -21.84 22.03
N ARG G 245 -27.75 -22.56 21.34
CA ARG G 245 -28.27 -22.07 20.07
C ARG G 245 -29.04 -20.76 20.28
N THR G 246 -29.98 -20.76 21.22
CA THR G 246 -30.84 -19.60 21.38
C THR G 246 -30.02 -18.40 21.84
N ILE G 247 -29.07 -18.64 22.75
CA ILE G 247 -28.22 -17.56 23.24
C ILE G 247 -27.42 -16.95 22.10
N LEU G 248 -26.82 -17.80 21.26
CA LEU G 248 -25.99 -17.29 20.18
C LEU G 248 -26.82 -16.56 19.14
N GLU G 249 -28.02 -17.07 18.85
CA GLU G 249 -28.92 -16.37 17.92
C GLU G 249 -29.28 -15.00 18.47
N SER G 250 -29.61 -14.93 19.76
CA SER G 250 -29.98 -13.65 20.36
C SER G 250 -28.82 -12.67 20.32
N LEU G 251 -27.61 -13.15 20.61
CA LEU G 251 -26.45 -12.28 20.49
C LEU G 251 -26.31 -11.79 19.05
N SER G 252 -26.40 -12.70 18.08
CA SER G 252 -26.09 -12.37 16.70
C SER G 252 -27.11 -11.42 16.09
N GLU G 253 -28.34 -11.41 16.60
CA GLU G 253 -29.21 -10.27 16.37
C GLU G 253 -28.71 -9.03 17.12
N TRP G 254 -28.61 -9.11 18.45
CA TRP G 254 -28.64 -7.87 19.23
C TRP G 254 -27.29 -7.17 19.23
N ALA G 255 -26.21 -7.89 19.01
CA ALA G 255 -24.87 -7.32 19.07
C ALA G 255 -24.44 -6.68 17.76
N GLN G 256 -25.30 -6.68 16.74
CA GLN G 256 -25.14 -5.78 15.61
C GLN G 256 -25.03 -4.33 16.09
N THR G 257 -25.80 -3.97 17.12
CA THR G 257 -26.04 -2.57 17.46
C THR G 257 -25.41 -2.15 18.78
N GLU G 258 -25.48 -3.00 19.82
CA GLU G 258 -25.02 -2.65 21.15
C GLU G 258 -23.88 -3.55 21.56
N LYS G 259 -22.81 -2.95 22.09
CA LYS G 259 -21.56 -3.65 22.31
C LYS G 259 -21.21 -3.83 23.77
N ASP G 260 -21.96 -3.21 24.68
CA ASP G 260 -21.79 -3.46 26.11
C ASP G 260 -22.15 -4.90 26.46
N THR G 261 -21.31 -5.54 27.28
CA THR G 261 -21.50 -6.94 27.61
C THR G 261 -22.77 -7.16 28.42
N VAL G 262 -23.10 -6.24 29.31
CA VAL G 262 -24.14 -6.50 30.31
C VAL G 262 -25.53 -6.33 29.71
N LEU G 263 -25.69 -5.32 28.85
CA LEU G 263 -26.95 -5.17 28.12
C LEU G 263 -27.20 -6.35 27.19
N LEU G 264 -26.13 -6.89 26.59
CA LEU G 264 -26.26 -8.13 25.82
C LEU G 264 -26.66 -9.30 26.71
N THR G 265 -26.13 -9.35 27.93
CA THR G 265 -26.60 -10.34 28.91
C THR G 265 -28.10 -10.20 29.17
N GLU G 266 -28.57 -8.95 29.25
CA GLU G 266 -30.01 -8.71 29.51
C GLU G 266 -30.83 -9.17 28.30
N TYR G 267 -30.30 -9.03 27.08
CA TYR G 267 -31.02 -9.57 25.92
C TYR G 267 -30.98 -11.10 25.87
N VAL G 268 -29.89 -11.72 26.31
CA VAL G 268 -29.86 -13.18 26.37
C VAL G 268 -30.90 -13.69 27.36
N ARG G 269 -31.00 -13.02 28.51
CA ARG G 269 -32.06 -13.37 29.46
C ARG G 269 -33.43 -13.22 28.82
N SER G 270 -33.66 -12.12 28.11
CA SER G 270 -34.98 -11.87 27.54
C SER G 270 -35.27 -12.79 26.38
N SER G 271 -34.25 -13.44 25.82
CA SER G 271 -34.45 -14.49 24.83
C SER G 271 -34.56 -15.88 25.45
N LEU G 272 -34.23 -16.04 26.73
CA LEU G 272 -34.50 -17.29 27.44
C LEU G 272 -35.80 -17.25 28.25
N LYS G 273 -36.81 -16.54 27.73
CA LYS G 273 -38.16 -16.53 28.29
C LYS G 273 -38.68 -17.91 28.66
N LEU G 274 -38.60 -18.86 27.73
CA LEU G 274 -39.22 -20.17 27.97
C LEU G 274 -38.53 -20.90 29.12
N TYR G 275 -37.20 -20.93 29.12
CA TYR G 275 -36.50 -21.60 30.20
C TYR G 275 -36.76 -20.93 31.54
N ILE G 276 -36.74 -19.61 31.60
CA ILE G 276 -36.96 -18.92 32.87
C ILE G 276 -38.35 -19.22 33.40
N SER G 277 -39.36 -19.15 32.53
CA SER G 277 -40.73 -19.40 32.96
C SER G 277 -40.91 -20.83 33.44
N PHE G 278 -40.35 -21.81 32.71
CA PHE G 278 -40.51 -23.19 33.15
C PHE G 278 -39.76 -23.44 34.46
N LYS G 279 -38.59 -22.83 34.63
CA LYS G 279 -37.85 -23.01 35.85
C LYS G 279 -38.63 -22.48 37.04
N PHE G 280 -39.27 -21.32 36.88
CA PHE G 280 -39.76 -20.60 38.06
C PHE G 280 -41.24 -20.81 38.34
N SER G 281 -42.05 -21.14 37.33
CA SER G 281 -43.47 -21.41 37.55
C SER G 281 -43.77 -22.89 37.77
N GLN G 282 -42.77 -23.77 37.62
CA GLN G 282 -42.97 -25.22 37.65
C GLN G 282 -44.02 -25.68 36.64
N GLY G 283 -44.05 -25.02 35.48
CA GLY G 283 -44.80 -25.51 34.35
C GLY G 283 -46.25 -25.07 34.28
N GLN G 284 -46.65 -24.10 35.09
CA GLN G 284 -48.05 -23.88 35.45
C GLN G 284 -48.64 -22.74 34.63
N SER G 285 -49.96 -22.59 34.73
CA SER G 285 -50.65 -21.48 34.10
C SER G 285 -50.18 -20.13 34.62
N ALA G 286 -49.60 -20.12 35.83
CA ALA G 286 -49.34 -18.88 36.54
C ALA G 286 -48.08 -19.05 37.37
N ILE G 287 -47.46 -17.93 37.73
CA ILE G 287 -46.33 -17.90 38.64
C ILE G 287 -46.65 -17.00 39.82
N SER G 288 -46.20 -17.40 41.01
CA SER G 288 -46.37 -16.60 42.22
C SER G 288 -45.05 -15.92 42.57
N VAL G 289 -45.06 -14.59 42.54
CA VAL G 289 -43.85 -13.78 42.70
C VAL G 289 -44.14 -12.67 43.70
N TYR G 290 -43.07 -12.14 44.28
CA TYR G 290 -43.15 -10.85 44.97
C TYR G 290 -42.88 -9.72 43.99
N LEU G 291 -43.32 -8.53 44.36
CA LEU G 291 -43.05 -7.31 43.60
C LEU G 291 -42.21 -6.35 44.43
N LEU G 292 -41.69 -5.33 43.75
CA LEU G 292 -41.14 -4.16 44.42
C LEU G 292 -42.25 -3.16 44.74
N ASP G 293 -41.87 -2.08 45.43
CA ASP G 293 -42.68 -0.88 45.46
C ASP G 293 -42.22 0.09 44.37
N PRO G 294 -43.15 0.77 43.70
CA PRO G 294 -42.74 1.72 42.65
C PRO G 294 -41.86 2.85 43.16
N GLU G 295 -41.97 3.21 44.45
CA GLU G 295 -41.03 4.14 45.04
C GLU G 295 -39.61 3.57 45.03
N ILE G 296 -39.48 2.27 45.33
CA ILE G 296 -38.17 1.64 45.29
C ILE G 296 -37.60 1.67 43.86
N GLU G 297 -38.44 1.36 42.88
CA GLU G 297 -37.99 1.41 41.49
C GLU G 297 -37.57 2.82 41.08
N GLU G 298 -38.32 3.84 41.52
CA GLU G 298 -37.99 5.20 41.15
C GLU G 298 -36.92 5.84 42.05
N MET G 299 -36.46 5.15 43.08
CA MET G 299 -35.25 5.56 43.80
C MET G 299 -34.02 4.74 43.44
N ILE G 300 -34.18 3.66 42.67
CA ILE G 300 -33.02 2.99 42.08
C ILE G 300 -32.66 3.57 40.71
N ARG G 301 -33.49 4.46 40.16
CA ARG G 301 -32.98 5.42 39.18
C ARG G 301 -31.94 6.35 39.77
N GLY G 302 -31.82 6.42 41.09
CA GLY G 302 -30.65 7.04 41.69
C GLY G 302 -29.36 6.31 41.39
N ALA G 303 -29.43 4.99 41.13
CA ALA G 303 -28.20 4.19 40.93
C ALA G 303 -27.47 4.57 39.63
N ILE G 304 -27.97 5.59 38.93
CA ILE G 304 -27.32 6.01 37.64
C ILE G 304 -26.36 7.16 37.94
N LYS G 305 -25.07 6.86 38.10
CA LYS G 305 -24.06 7.93 38.33
C LYS G 305 -22.97 7.83 37.24
N GLN G 306 -23.10 8.62 36.18
CA GLN G 306 -22.14 8.54 35.05
C GLN G 306 -20.93 9.42 35.36
N THR G 307 -20.89 10.02 36.56
CA THR G 307 -19.70 10.81 36.96
C THR G 307 -18.58 9.82 37.34
N SER G 308 -18.95 8.55 37.59
CA SER G 308 -17.95 7.50 37.88
C SER G 308 -17.55 6.82 36.57
N ALA G 309 -16.75 5.76 36.64
CA ALA G 309 -16.35 5.01 35.43
C ALA G 309 -17.59 4.53 34.68
N GLY G 310 -18.46 3.79 35.36
CA GLY G 310 -19.71 3.31 34.72
C GLY G 310 -20.93 3.92 35.38
N SER G 311 -21.78 3.09 35.98
CA SER G 311 -22.99 3.59 36.69
C SER G 311 -22.88 3.26 38.19
N TYR G 312 -22.07 4.03 38.92
CA TYR G 312 -21.93 3.81 40.39
C TYR G 312 -23.34 3.75 40.96
N LEU G 313 -23.60 2.79 41.86
CA LEU G 313 -24.93 2.70 42.52
C LEU G 313 -24.99 3.86 43.52
N ALA G 314 -25.54 5.00 43.10
CA ALA G 314 -25.62 6.19 43.98
C ALA G 314 -26.88 6.12 44.82
N LEU G 315 -26.94 5.17 45.75
CA LEU G 315 -28.15 4.98 46.59
C LEU G 315 -27.86 5.52 47.99
N ASP G 316 -28.89 6.02 48.68
CA ASP G 316 -28.72 6.53 50.07
C ASP G 316 -28.04 5.40 50.90
N PRO G 317 -26.90 5.59 51.63
CA PRO G 317 -26.34 4.45 52.39
C PRO G 317 -27.33 3.76 53.31
N ASP G 318 -28.27 4.50 53.93
CA ASP G 318 -29.21 3.84 54.83
C ASP G 318 -30.06 2.80 54.10
N SER G 319 -30.25 2.97 52.78
CA SER G 319 -31.19 2.12 52.05
C SER G 319 -30.75 0.67 52.01
N VAL G 320 -29.46 0.40 52.19
CA VAL G 320 -28.98 -0.97 52.22
C VAL G 320 -29.56 -1.73 53.41
N ASN G 321 -29.98 -1.03 54.45
CA ASN G 321 -30.81 -1.64 55.46
C ASN G 321 -32.30 -1.47 55.19
N LEU G 322 -32.70 -0.28 54.71
CA LEU G 322 -34.15 0.04 54.56
C LEU G 322 -34.88 -1.07 53.81
N ILE G 323 -34.43 -1.40 52.61
CA ILE G 323 -35.16 -2.41 51.77
C ILE G 323 -34.99 -3.80 52.39
N LEU G 324 -33.90 -4.08 53.10
CA LEU G 324 -33.63 -5.46 53.61
C LEU G 324 -34.58 -5.83 54.75
N LYS G 325 -34.92 -4.91 55.66
CA LYS G 325 -35.88 -5.13 56.73
C LYS G 325 -37.27 -5.39 56.16
N SER G 326 -37.74 -4.50 55.29
CA SER G 326 -39.00 -4.74 54.60
C SER G 326 -38.92 -5.97 53.70
N MET G 327 -37.72 -6.33 53.24
CA MET G 327 -37.54 -7.63 52.60
C MET G 327 -37.74 -8.76 53.60
N ARG G 328 -37.13 -8.66 54.78
CA ARG G 328 -37.15 -9.78 55.72
C ARG G 328 -38.55 -9.98 56.30
N ASN G 329 -39.32 -8.89 56.43
CA ASN G 329 -40.71 -8.99 56.84
C ASN G 329 -41.66 -9.31 55.68
N THR G 330 -41.12 -9.50 54.47
CA THR G 330 -41.97 -9.90 53.32
C THR G 330 -41.65 -11.33 52.88
N ILE G 331 -40.36 -11.69 52.82
CA ILE G 331 -39.96 -13.03 52.28
C ILE G 331 -40.67 -14.16 53.03
N THR G 332 -41.40 -15.01 52.31
CA THR G 332 -42.02 -16.20 52.95
C THR G 332 -41.01 -17.36 52.86
N PRO G 333 -40.52 -18.00 53.95
CA PRO G 333 -39.50 -19.05 53.81
C PRO G 333 -40.05 -20.29 53.11
N THR G 334 -39.68 -20.45 51.84
CA THR G 334 -39.95 -21.70 51.14
C THR G 334 -39.07 -22.82 51.69
N PRO G 335 -39.56 -24.06 51.69
CA PRO G 335 -38.94 -25.11 52.50
C PRO G 335 -37.57 -25.50 51.97
N ALA G 336 -36.77 -26.05 52.87
CA ALA G 336 -35.34 -26.25 52.64
C ALA G 336 -35.15 -27.46 51.73
N GLY G 337 -34.79 -27.21 50.48
CA GLY G 337 -34.81 -28.22 49.43
C GLY G 337 -35.72 -27.88 48.28
N GLY G 338 -36.68 -26.97 48.51
CA GLY G 338 -37.69 -26.64 47.47
C GLY G 338 -37.34 -25.42 46.65
N GLN G 339 -38.30 -24.93 45.86
CA GLN G 339 -38.06 -23.77 44.96
C GLN G 339 -38.28 -22.46 45.70
N PRO G 340 -37.30 -21.54 45.72
CA PRO G 340 -37.44 -20.24 46.40
C PRO G 340 -38.36 -19.21 45.69
N PRO G 341 -38.91 -18.13 46.32
CA PRO G 341 -39.75 -17.20 45.56
C PRO G 341 -38.89 -16.27 44.72
N VAL G 342 -39.59 -15.49 43.89
CA VAL G 342 -38.99 -14.77 42.78
C VAL G 342 -39.41 -13.32 42.90
N LEU G 343 -38.47 -12.41 42.65
CA LEU G 343 -38.74 -10.98 42.75
C LEU G 343 -38.81 -10.39 41.36
N LEU G 344 -39.94 -9.76 41.05
CA LEU G 344 -40.25 -9.29 39.71
C LEU G 344 -40.10 -7.78 39.68
N THR G 345 -39.26 -7.28 38.77
CA THR G 345 -38.81 -5.89 38.81
C THR G 345 -39.13 -5.22 37.49
N ALA G 346 -38.85 -3.91 37.44
CA ALA G 346 -38.89 -3.21 36.17
C ALA G 346 -37.72 -3.63 35.29
N ILE G 347 -37.86 -3.34 34.00
CA ILE G 347 -37.00 -3.97 32.99
C ILE G 347 -35.56 -3.50 33.17
N ASP G 348 -35.36 -2.20 33.37
CA ASP G 348 -34.04 -1.60 33.35
C ASP G 348 -33.29 -1.76 34.66
N VAL G 349 -33.95 -2.23 35.72
CA VAL G 349 -33.37 -2.30 37.05
C VAL G 349 -33.13 -3.74 37.49
N ARG G 350 -33.30 -4.71 36.58
CA ARG G 350 -33.37 -6.11 36.97
C ARG G 350 -32.08 -6.56 37.64
N ARG G 351 -30.94 -6.26 37.00
CA ARG G 351 -29.65 -6.76 37.47
C ARG G 351 -29.24 -6.11 38.78
N TYR G 352 -29.57 -4.83 38.98
CA TYR G 352 -29.08 -4.10 40.14
C TYR G 352 -29.69 -4.67 41.41
N VAL G 353 -30.96 -5.07 41.36
CA VAL G 353 -31.61 -5.67 42.52
C VAL G 353 -30.92 -6.97 42.92
N ARG G 354 -30.65 -7.84 41.94
CA ARG G 354 -30.01 -9.12 42.25
C ARG G 354 -28.60 -8.92 42.79
N LYS G 355 -27.83 -8.01 42.20
CA LYS G 355 -26.50 -7.71 42.72
C LYS G 355 -26.57 -7.11 44.11
N LEU G 356 -27.64 -6.37 44.41
CA LEU G 356 -27.78 -5.75 45.72
C LEU G 356 -28.10 -6.78 46.79
N ILE G 357 -29.04 -7.70 46.50
CA ILE G 357 -29.57 -8.57 47.55
C ILE G 357 -28.80 -9.87 47.68
N GLU G 358 -27.77 -10.08 46.85
CA GLU G 358 -27.04 -11.34 46.90
C GLU G 358 -26.25 -11.48 48.20
N THR G 359 -25.98 -10.39 48.90
CA THR G 359 -25.11 -10.44 50.06
C THR G 359 -25.79 -11.15 51.22
N GLU G 360 -27.09 -10.91 51.42
CA GLU G 360 -27.86 -11.56 52.47
C GLU G 360 -28.71 -12.72 51.95
N PHE G 361 -29.38 -12.53 50.81
CA PHE G 361 -30.28 -13.54 50.23
C PHE G 361 -29.72 -13.92 48.87
N PRO G 362 -28.71 -14.80 48.83
CA PRO G 362 -28.25 -15.33 47.54
C PRO G 362 -29.28 -16.17 46.82
N ASP G 363 -30.26 -16.74 47.54
CA ASP G 363 -31.14 -17.76 46.98
C ASP G 363 -32.47 -17.17 46.55
N ILE G 364 -32.48 -15.96 45.99
CA ILE G 364 -33.64 -15.42 45.30
C ILE G 364 -33.21 -14.93 43.94
N ALA G 365 -33.90 -15.38 42.90
CA ALA G 365 -33.60 -14.99 41.53
C ALA G 365 -34.48 -13.79 41.17
N VAL G 366 -33.84 -12.66 40.92
CA VAL G 366 -34.54 -11.44 40.51
C VAL G 366 -34.67 -11.45 39.00
N ILE G 367 -35.91 -11.32 38.51
CA ILE G 367 -36.20 -11.20 37.08
C ILE G 367 -37.11 -10.00 36.88
N SER G 368 -37.28 -9.63 35.62
CA SER G 368 -38.16 -8.54 35.26
C SER G 368 -39.20 -9.05 34.25
N TYR G 369 -40.02 -8.12 33.75
CA TYR G 369 -41.14 -8.50 32.91
C TYR G 369 -40.69 -9.10 31.59
N GLN G 370 -39.54 -8.66 31.09
CA GLN G 370 -39.11 -9.04 29.75
C GLN G 370 -38.65 -10.49 29.68
N GLU G 371 -38.39 -11.12 30.83
CA GLU G 371 -37.82 -12.45 30.88
C GLU G 371 -38.87 -13.54 31.07
N ILE G 372 -40.15 -13.19 31.11
CA ILE G 372 -41.22 -14.15 31.31
C ILE G 372 -42.02 -14.27 30.03
N LEU G 373 -42.77 -15.36 29.93
CA LEU G 373 -43.72 -15.51 28.84
C LEU G 373 -44.74 -14.38 28.88
N PRO G 374 -45.00 -13.70 27.77
CA PRO G 374 -45.97 -12.59 27.80
C PRO G 374 -47.40 -13.09 27.80
N GLU G 375 -47.59 -14.37 28.10
CA GLU G 375 -48.92 -14.95 28.24
C GLU G 375 -49.19 -15.46 29.64
N ILE G 376 -48.20 -15.42 30.53
CA ILE G 376 -48.25 -16.15 31.78
C ILE G 376 -48.89 -15.26 32.83
N ARG G 377 -49.64 -15.88 33.73
CA ARG G 377 -50.54 -15.15 34.63
C ARG G 377 -49.77 -14.80 35.90
N ILE G 378 -49.73 -13.50 36.21
CA ILE G 378 -48.80 -12.97 37.20
C ILE G 378 -49.58 -12.72 38.48
N GLN G 379 -49.24 -13.46 39.53
CA GLN G 379 -49.91 -13.29 40.82
C GLN G 379 -48.98 -12.54 41.76
N PRO G 380 -49.33 -11.31 42.17
CA PRO G 380 -48.63 -10.70 43.30
C PRO G 380 -48.78 -11.54 44.55
N LEU G 381 -47.73 -11.56 45.37
CA LEU G 381 -47.79 -11.99 46.76
C LEU G 381 -47.37 -10.88 47.71
N GLY G 382 -47.76 -9.65 47.41
CA GLY G 382 -47.44 -8.51 48.23
C GLY G 382 -46.05 -7.95 47.95
N ARG G 383 -45.82 -6.70 48.34
CA ARG G 383 -44.54 -6.06 47.91
C ARG G 383 -43.78 -5.37 49.04
N ILE G 384 -42.73 -4.62 48.69
CA ILE G 384 -41.92 -3.86 49.69
C ILE G 384 -42.77 -2.69 50.18
N GLN G 385 -42.72 -2.39 51.48
CA GLN G 385 -43.58 -1.31 52.03
C GLN G 385 -42.75 -0.07 52.33
N ILE G 386 -41.64 0.13 51.62
CA ILE G 386 -40.83 1.37 51.80
C ILE G 386 -41.31 2.39 50.76
N PHE G 387 -41.82 3.54 51.22
CA PHE G 387 -42.37 4.55 50.29
C PHE G 387 -41.49 5.79 50.31
N ASN H 39 35.60 -25.78 29.99
CA ASN H 39 36.13 -25.82 28.64
C ASN H 39 36.66 -24.45 28.22
N PRO H 40 37.98 -24.32 28.10
CA PRO H 40 38.58 -23.01 27.80
C PRO H 40 38.44 -22.58 26.34
N ASP H 41 37.73 -23.35 25.52
CA ASP H 41 37.24 -22.88 24.22
C ASP H 41 35.80 -22.39 24.30
N ASP H 42 35.21 -22.35 25.49
CA ASP H 42 33.78 -22.13 25.66
C ASP H 42 33.56 -21.31 26.93
N TYR H 43 32.33 -20.83 27.08
CA TYR H 43 31.94 -20.05 28.25
C TYR H 43 31.31 -20.95 29.30
N SER H 44 31.23 -20.43 30.53
CA SER H 44 30.75 -21.18 31.67
C SER H 44 29.58 -20.44 32.30
N LEU H 45 28.61 -21.20 32.80
CA LEU H 45 27.34 -20.65 33.24
C LEU H 45 27.38 -20.37 34.73
N THR H 46 26.75 -19.28 35.14
CA THR H 46 26.74 -18.89 36.55
C THR H 46 25.94 -19.88 37.38
N LEU H 47 26.56 -20.39 38.44
CA LEU H 47 25.90 -21.43 39.25
C LEU H 47 24.97 -20.78 40.27
N PRO H 48 23.67 -21.13 40.27
CA PRO H 48 22.70 -20.38 41.09
C PRO H 48 22.94 -20.51 42.57
N VAL H 49 22.99 -21.75 43.07
CA VAL H 49 22.93 -22.03 44.50
C VAL H 49 24.01 -23.05 44.83
N ILE H 50 25.03 -22.63 45.58
CA ILE H 50 26.16 -23.47 45.97
C ILE H 50 26.14 -23.62 47.48
N LEU H 51 26.32 -24.83 47.97
CA LEU H 51 26.42 -25.10 49.40
C LEU H 51 27.82 -25.61 49.71
N GLU H 52 28.61 -24.78 50.41
CA GLU H 52 29.96 -25.15 50.84
C GLU H 52 29.91 -25.82 52.20
N LEU H 53 30.69 -26.88 52.35
CA LEU H 53 30.77 -27.63 53.61
C LEU H 53 32.22 -27.76 54.04
N GLY H 54 32.45 -27.70 55.35
CA GLY H 54 33.66 -28.19 55.95
C GLY H 54 33.71 -29.70 56.05
N LYS H 55 34.84 -30.19 56.57
CA LYS H 55 35.15 -31.61 56.49
C LYS H 55 34.17 -32.46 57.29
N ASP H 56 33.79 -31.99 58.48
CA ASP H 56 32.93 -32.80 59.35
C ASP H 56 31.52 -32.90 58.77
N LEU H 57 30.98 -31.80 58.24
CA LEU H 57 29.72 -31.87 57.52
C LEU H 57 29.84 -32.73 56.26
N SER H 58 30.99 -32.71 55.61
CA SER H 58 31.21 -33.59 54.46
C SER H 58 31.20 -35.06 54.86
N LYS H 59 31.66 -35.38 56.07
CA LYS H 59 31.50 -36.73 56.59
C LYS H 59 30.07 -37.03 57.02
N LEU H 60 29.34 -36.02 57.48
CA LEU H 60 27.94 -36.25 57.87
C LEU H 60 27.07 -36.54 56.66
N ILE H 61 27.36 -35.89 55.53
CA ILE H 61 26.53 -36.08 54.33
C ILE H 61 26.82 -37.38 53.62
N GLN H 62 27.76 -38.19 54.10
CA GLN H 62 27.96 -39.52 53.53
C GLN H 62 26.81 -40.45 53.89
N HIS H 63 26.27 -40.33 55.10
CA HIS H 63 25.53 -41.41 55.74
C HIS H 63 24.02 -41.16 55.65
N LYS H 64 23.28 -42.26 55.79
CA LYS H 64 21.83 -42.19 55.89
C LYS H 64 21.40 -41.75 57.28
N THR H 65 20.16 -41.27 57.38
CA THR H 65 19.63 -40.75 58.63
C THR H 65 18.90 -41.86 59.39
N LYS H 66 18.16 -41.50 60.43
CA LYS H 66 17.33 -42.46 61.15
C LYS H 66 16.30 -43.10 60.22
N SER H 67 15.61 -42.27 59.43
CA SER H 67 14.58 -42.74 58.52
C SER H 67 15.15 -43.27 57.21
N GLY H 68 16.45 -43.50 57.12
CA GLY H 68 17.04 -44.15 55.96
C GLY H 68 17.22 -43.25 54.76
N GLN H 69 17.05 -41.94 54.91
CA GLN H 69 16.93 -41.03 53.78
C GLN H 69 18.28 -40.41 53.44
N SER H 70 18.42 -40.02 52.18
CA SER H 70 19.62 -39.32 51.74
C SER H 70 19.46 -37.82 51.92
N PHE H 71 20.57 -37.15 52.24
CA PHE H 71 20.59 -35.69 52.22
C PHE H 71 20.35 -35.17 50.81
N VAL H 72 21.12 -35.67 49.84
CA VAL H 72 21.12 -35.05 48.52
C VAL H 72 19.99 -35.59 47.65
N ASP H 73 19.56 -36.83 47.86
CA ASP H 73 18.60 -37.48 46.99
C ASP H 73 17.17 -37.46 47.53
N ASP H 74 17.00 -37.28 48.85
CA ASP H 74 15.67 -37.21 49.44
C ASP H 74 15.35 -35.84 50.02
N MET H 75 16.20 -35.31 50.89
CA MET H 75 15.80 -34.15 51.67
C MET H 75 15.74 -32.89 50.82
N ILE H 76 16.71 -32.69 49.92
CA ILE H 76 16.73 -31.51 49.07
C ILE H 76 15.59 -31.54 48.05
N PRO H 77 15.35 -32.64 47.33
CA PRO H 77 14.17 -32.68 46.45
C PRO H 77 12.86 -32.48 47.19
N LYS H 78 12.73 -33.04 48.39
CA LYS H 78 11.50 -32.82 49.14
C LYS H 78 11.38 -31.38 49.58
N MET H 79 12.49 -30.74 49.95
CA MET H 79 12.49 -29.31 50.23
C MET H 79 11.99 -28.51 49.03
N ARG H 80 12.53 -28.82 47.85
CA ARG H 80 12.11 -28.10 46.66
C ARG H 80 10.63 -28.30 46.38
N GLN H 81 10.14 -29.53 46.53
CA GLN H 81 8.73 -29.82 46.27
C GLN H 81 7.83 -29.10 47.27
N ALA H 82 8.25 -29.05 48.54
CA ALA H 82 7.49 -28.30 49.54
C ALA H 82 7.49 -26.81 49.25
N LEU H 83 8.63 -26.26 48.79
CA LEU H 83 8.66 -24.87 48.39
C LEU H 83 7.70 -24.59 47.25
N TYR H 84 7.66 -25.49 46.27
CA TYR H 84 6.78 -25.31 45.12
C TYR H 84 5.31 -25.42 45.51
N GLN H 85 4.99 -26.33 46.44
CA GLN H 85 3.62 -26.42 46.91
C GLN H 85 3.22 -25.19 47.74
N ASP H 86 4.17 -24.61 48.48
CA ASP H 86 3.83 -23.51 49.39
C ASP H 86 3.77 -22.18 48.64
N ILE H 87 4.75 -21.92 47.79
CA ILE H 87 4.68 -20.81 46.85
C ILE H 87 5.01 -21.34 45.46
N GLY H 88 4.39 -20.75 44.44
CA GLY H 88 4.22 -21.44 43.18
C GLY H 88 5.44 -21.38 42.29
N ILE H 89 6.64 -21.42 42.87
CA ILE H 89 7.90 -21.35 42.15
C ILE H 89 8.69 -22.61 42.44
N ARG H 90 9.16 -23.27 41.38
CA ARG H 90 10.01 -24.46 41.51
C ARG H 90 11.46 -24.00 41.56
N TYR H 91 12.05 -24.03 42.74
CA TYR H 91 13.35 -23.42 42.97
C TYR H 91 14.47 -24.36 42.52
N PRO H 92 15.55 -23.82 41.95
CA PRO H 92 16.46 -24.65 41.16
C PRO H 92 17.28 -25.59 42.03
N GLY H 93 17.85 -26.59 41.37
CA GLY H 93 18.62 -27.60 42.07
C GLY H 93 19.97 -27.11 42.54
N ILE H 94 20.57 -27.89 43.42
CA ILE H 94 21.57 -27.41 44.37
C ILE H 94 22.91 -28.01 44.00
N HIS H 95 23.94 -27.17 44.02
CA HIS H 95 25.31 -27.63 43.82
C HIS H 95 26.00 -27.70 45.17
N VAL H 96 26.44 -28.91 45.54
CA VAL H 96 27.05 -29.17 46.83
C VAL H 96 28.53 -29.42 46.62
N ARG H 97 29.37 -28.58 47.23
CA ARG H 97 30.81 -28.73 47.20
C ARG H 97 31.30 -29.09 48.60
N THR H 98 32.03 -30.19 48.70
CA THR H 98 32.59 -30.65 49.96
C THR H 98 33.93 -29.99 50.24
N ASP H 99 34.33 -30.03 51.52
CA ASP H 99 35.72 -29.78 51.93
C ASP H 99 36.13 -28.36 51.57
N SER H 100 35.39 -27.40 52.11
CA SER H 100 35.69 -25.99 51.86
C SER H 100 37.02 -25.61 52.48
N PRO H 101 37.91 -24.93 51.75
CA PRO H 101 39.08 -24.32 52.40
C PRO H 101 38.71 -23.27 53.45
N SER H 102 37.60 -22.56 53.27
CA SER H 102 37.33 -21.33 54.00
C SER H 102 36.41 -21.57 55.20
N LEU H 103 36.09 -22.82 55.51
CA LEU H 103 35.10 -23.16 56.51
C LEU H 103 35.71 -24.15 57.50
N GLU H 104 35.33 -24.03 58.76
CA GLU H 104 35.52 -25.12 59.70
C GLU H 104 34.56 -26.27 59.37
N GLY H 105 34.83 -27.42 59.99
CA GLY H 105 34.15 -28.64 59.60
C GLY H 105 32.68 -28.66 60.00
N TYR H 106 32.33 -27.92 61.06
CA TYR H 106 30.94 -27.72 61.44
C TYR H 106 30.42 -26.35 61.02
N ASP H 107 31.07 -25.71 60.04
CA ASP H 107 30.56 -24.51 59.40
C ASP H 107 30.11 -24.81 57.97
N TYR H 108 29.21 -23.96 57.48
CA TYR H 108 28.61 -24.12 56.16
C TYR H 108 28.42 -22.74 55.55
N MET H 109 28.34 -22.70 54.23
CA MET H 109 28.23 -21.43 53.53
C MET H 109 27.35 -21.61 52.30
N ILE H 110 26.53 -20.60 52.01
CA ILE H 110 25.56 -20.62 50.93
C ILE H 110 25.93 -19.54 49.91
N LEU H 111 25.87 -19.90 48.62
CA LEU H 111 26.23 -18.98 47.54
C LEU H 111 25.02 -18.73 46.65
N LEU H 112 24.70 -17.45 46.43
CA LEU H 112 23.73 -17.03 45.44
C LEU H 112 24.45 -16.50 44.21
N ASN H 113 24.32 -17.21 43.09
CA ASN H 113 24.88 -16.79 41.81
C ASN H 113 26.40 -16.57 41.92
N GLU H 114 27.07 -17.56 42.52
CA GLU H 114 28.52 -17.56 42.73
C GLU H 114 28.99 -16.41 43.62
N VAL H 115 28.09 -15.82 44.41
CA VAL H 115 28.45 -14.93 45.49
C VAL H 115 27.94 -15.52 46.80
N PRO H 116 28.80 -15.77 47.79
CA PRO H 116 28.32 -16.23 49.09
C PRO H 116 27.36 -15.25 49.73
N TYR H 117 26.32 -15.78 50.35
CA TYR H 117 25.18 -14.99 50.82
C TYR H 117 25.15 -14.84 52.33
N VAL H 118 25.27 -15.94 53.07
CA VAL H 118 25.38 -15.88 54.53
C VAL H 118 26.20 -17.07 55.00
N ARG H 119 27.01 -16.85 56.03
CA ARG H 119 27.71 -17.92 56.73
C ARG H 119 26.84 -18.46 57.85
N GLY H 120 27.08 -19.73 58.21
CA GLY H 120 26.41 -20.33 59.33
C GLY H 120 27.39 -21.07 60.22
N LYS H 121 26.94 -21.34 61.44
CA LYS H 121 27.65 -22.22 62.36
C LYS H 121 26.68 -23.25 62.92
N ILE H 122 27.21 -24.42 63.25
CA ILE H 122 26.49 -25.47 63.96
C ILE H 122 27.28 -25.79 65.22
N PRO H 123 26.69 -25.72 66.40
CA PRO H 123 27.31 -26.33 67.59
C PRO H 123 27.51 -27.82 67.39
N PRO H 124 28.70 -28.33 67.70
CA PRO H 124 28.98 -29.74 67.42
C PRO H 124 28.08 -30.65 68.23
N HIS H 125 27.50 -31.64 67.57
CA HIS H 125 26.82 -32.75 68.25
C HIS H 125 25.69 -32.23 69.14
N HIS H 126 24.99 -31.20 68.66
CA HIS H 126 23.78 -30.72 69.28
C HIS H 126 22.68 -30.63 68.23
N VAL H 127 21.45 -30.87 68.66
CA VAL H 127 20.30 -30.88 67.77
C VAL H 127 19.32 -29.82 68.25
N LEU H 128 18.60 -29.22 67.32
CA LEU H 128 17.96 -27.95 67.54
C LEU H 128 16.49 -28.21 67.87
N THR H 129 16.08 -27.80 69.06
CA THR H 129 14.68 -27.78 69.44
C THR H 129 14.36 -26.41 70.01
N ASN H 130 13.20 -25.87 69.64
CA ASN H 130 12.66 -24.73 70.38
C ASN H 130 12.12 -25.22 71.72
N GLU H 131 12.77 -24.81 72.80
CA GLU H 131 12.23 -24.92 74.15
C GLU H 131 12.47 -23.62 74.90
N VAL H 132 11.61 -23.34 75.89
CA VAL H 132 11.86 -22.14 76.74
C VAL H 132 13.23 -22.30 77.41
N GLU H 133 14.11 -21.31 77.27
CA GLU H 133 15.50 -21.42 77.81
C GLU H 133 15.46 -21.53 79.33
N ASP H 134 14.48 -20.88 79.97
CA ASP H 134 14.34 -20.97 81.46
C ASP H 134 13.93 -22.39 81.83
N ASN H 135 13.08 -23.02 81.01
CA ASN H 135 12.67 -24.43 81.28
C ASN H 135 13.87 -25.35 81.06
N LEU H 136 14.75 -25.03 80.11
CA LEU H 136 15.96 -25.86 79.86
C LEU H 136 16.91 -25.77 81.06
N SER H 137 16.90 -24.64 81.77
CA SER H 137 17.72 -24.51 83.00
C SER H 137 17.08 -25.35 84.11
N ARG H 138 15.75 -25.49 84.10
CA ARG H 138 15.05 -26.34 85.10
C ARG H 138 15.23 -27.81 84.70
N TYR H 139 15.45 -28.08 83.40
CA TYR H 139 15.71 -29.46 82.94
C TYR H 139 17.19 -29.79 83.22
N ASN H 140 17.96 -28.77 83.63
CA ASN H 140 19.41 -28.95 83.94
C ASN H 140 20.11 -29.56 82.72
N LEU H 141 19.59 -29.28 81.51
CA LEU H 141 20.21 -29.79 80.31
C LEU H 141 21.19 -28.78 79.74
N PRO H 142 22.27 -29.24 79.11
CA PRO H 142 23.19 -28.31 78.45
C PRO H 142 22.62 -27.73 77.18
N PHE H 143 21.66 -26.82 77.31
CA PHE H 143 21.31 -25.95 76.20
C PHE H 143 22.46 -25.01 75.88
N ILE H 144 22.68 -24.77 74.59
CA ILE H 144 23.54 -23.69 74.12
C ILE H 144 22.70 -22.75 73.28
N THR H 145 22.69 -21.47 73.63
CA THR H 145 21.84 -20.50 72.96
C THR H 145 22.56 -20.01 71.70
N TYR H 146 21.97 -20.32 70.54
CA TYR H 146 22.50 -19.85 69.26
C TYR H 146 21.33 -19.76 68.29
N LYS H 147 20.78 -18.55 68.13
CA LYS H 147 19.75 -18.32 67.14
C LYS H 147 20.38 -18.15 65.76
N ASN H 148 19.91 -18.96 64.81
CA ASN H 148 20.71 -19.37 63.67
C ASN H 148 20.33 -18.62 62.40
N ALA H 149 19.03 -18.44 62.15
CA ALA H 149 18.52 -17.32 61.37
C ALA H 149 17.30 -16.75 62.07
N ALA H 150 16.70 -15.72 61.45
CA ALA H 150 15.72 -14.89 62.15
C ALA H 150 14.46 -15.66 62.48
N GLY H 151 14.21 -16.78 61.81
CA GLY H 151 12.99 -17.54 62.04
C GLY H 151 13.25 -18.90 62.67
N LEU H 152 14.34 -19.03 63.41
CA LEU H 152 14.79 -20.34 63.84
C LEU H 152 14.79 -20.45 65.36
N PRO H 153 14.68 -21.67 65.89
CA PRO H 153 14.87 -21.87 67.34
C PRO H 153 16.29 -21.57 67.78
N SER H 154 16.46 -21.41 69.09
CA SER H 154 17.67 -20.86 69.66
C SER H 154 18.23 -21.75 70.76
N ALA H 155 17.97 -23.05 70.70
CA ALA H 155 18.20 -23.95 71.83
C ALA H 155 18.84 -25.24 71.31
N TRP H 156 20.14 -25.38 71.53
CA TRP H 156 20.92 -26.52 71.07
C TRP H 156 21.20 -27.47 72.24
N VAL H 157 20.93 -28.76 72.02
CA VAL H 157 20.86 -29.73 73.11
C VAL H 157 21.72 -30.93 72.72
N SER H 158 22.47 -31.45 73.70
CA SER H 158 23.47 -32.46 73.41
C SER H 158 22.82 -33.73 72.89
N GLU H 159 23.40 -34.29 71.82
CA GLU H 159 22.68 -35.24 70.99
C GLU H 159 22.45 -36.58 71.66
N ASP H 160 23.02 -36.81 72.85
CA ASP H 160 22.72 -38.03 73.59
C ASP H 160 21.28 -38.10 74.08
N ALA H 161 20.52 -37.00 74.00
CA ALA H 161 19.20 -36.93 74.61
C ALA H 161 18.11 -37.34 73.63
N LYS H 162 18.44 -38.16 72.64
CA LYS H 162 17.49 -38.47 71.57
C LYS H 162 16.31 -39.28 72.10
N ALA H 163 16.60 -40.35 72.86
CA ALA H 163 15.52 -41.09 73.49
C ALA H 163 14.78 -40.24 74.50
N ILE H 164 15.50 -39.34 75.19
CA ILE H 164 14.86 -38.45 76.14
C ILE H 164 13.79 -37.62 75.43
N LEU H 165 14.17 -37.00 74.32
CA LEU H 165 13.24 -36.11 73.65
C LEU H 165 12.14 -36.89 72.95
N GLU H 166 12.45 -38.09 72.44
CA GLU H 166 11.47 -38.87 71.71
C GLU H 166 10.40 -39.45 72.63
N LYS H 167 10.78 -39.92 73.84
CA LYS H 167 9.74 -40.26 74.81
C LYS H 167 9.06 -39.01 75.36
N ALA H 168 9.81 -37.92 75.53
CA ALA H 168 9.26 -36.69 76.07
C ALA H 168 8.61 -35.82 75.00
N ALA H 169 8.52 -36.33 73.77
CA ALA H 169 7.68 -35.72 72.72
C ALA H 169 8.09 -34.29 72.44
N ILE H 170 9.39 -34.00 72.54
CA ILE H 170 9.95 -32.71 72.18
C ILE H 170 10.71 -32.87 70.87
N LYS H 171 10.26 -32.17 69.84
CA LYS H 171 10.82 -32.35 68.51
C LYS H 171 12.17 -31.67 68.43
N TYR H 172 13.15 -32.38 67.89
CA TYR H 172 14.46 -31.84 67.58
C TYR H 172 14.75 -32.08 66.09
N TRP H 173 15.68 -31.30 65.56
CA TRP H 173 16.07 -31.42 64.15
C TRP H 173 17.54 -31.77 64.05
N THR H 174 17.84 -32.81 63.26
CA THR H 174 19.17 -33.18 62.80
C THR H 174 19.87 -31.94 62.23
N PRO H 175 21.20 -31.82 62.38
CA PRO H 175 21.88 -30.70 61.70
C PRO H 175 21.68 -30.69 60.20
N LEU H 176 21.51 -31.86 59.57
CA LEU H 176 21.08 -31.89 58.19
C LEU H 176 19.70 -31.25 58.03
N GLU H 177 18.77 -31.58 58.92
CA GLU H 177 17.45 -30.96 58.88
C GLU H 177 17.52 -29.47 59.21
N VAL H 178 18.48 -29.05 60.05
CA VAL H 178 18.67 -27.63 60.32
C VAL H 178 19.16 -26.90 59.07
N ILE H 179 20.10 -27.51 58.34
CA ILE H 179 20.50 -26.96 57.04
C ILE H 179 19.30 -26.87 56.11
N ILE H 180 18.47 -27.90 56.08
CA ILE H 180 17.29 -27.88 55.21
C ILE H 180 16.38 -26.72 55.57
N LEU H 181 16.14 -26.52 56.86
CA LEU H 181 15.28 -25.43 57.30
C LEU H 181 15.88 -24.08 56.95
N HIS H 182 17.20 -23.92 57.13
CA HIS H 182 17.81 -22.64 56.84
C HIS H 182 17.77 -22.32 55.35
N LEU H 183 17.95 -23.35 54.51
CA LEU H 183 17.75 -23.19 53.07
C LEU H 183 16.30 -22.80 52.75
N SER H 184 15.33 -23.42 53.43
CA SER H 184 13.94 -23.08 53.17
C SER H 184 13.65 -21.62 53.51
N TYR H 185 14.18 -21.13 54.64
CA TYR H 185 14.03 -19.72 54.96
C TYR H 185 14.69 -18.83 53.92
N PHE H 186 15.87 -19.23 53.45
CA PHE H 186 16.48 -18.52 52.32
C PHE H 186 15.55 -18.43 51.12
N PHE H 187 15.00 -19.56 50.69
CA PHE H 187 14.25 -19.56 49.44
C PHE H 187 12.91 -18.86 49.57
N HIS H 188 12.30 -18.88 50.76
CA HIS H 188 11.16 -18.01 51.01
C HIS H 188 11.56 -16.54 50.90
N LYS H 189 12.62 -16.14 51.59
CA LYS H 189 12.90 -14.71 51.68
C LYS H 189 13.56 -14.18 50.42
N SER H 190 14.06 -15.06 49.56
CA SER H 190 14.81 -14.64 48.38
C SER H 190 14.16 -15.15 47.10
N SER H 191 12.84 -15.01 46.99
CA SER H 191 12.16 -15.34 45.74
C SER H 191 12.71 -14.51 44.58
N GLN H 192 12.99 -13.23 44.83
CA GLN H 192 13.07 -12.26 43.75
C GLN H 192 14.19 -12.57 42.78
N GLU H 193 15.30 -13.14 43.27
CA GLU H 193 16.43 -13.51 42.43
C GLU H 193 16.25 -14.83 41.70
N PHE H 194 15.14 -15.54 41.94
CA PHE H 194 14.81 -16.75 41.19
C PHE H 194 13.62 -16.58 40.26
N LEU H 195 12.92 -15.45 40.33
CA LEU H 195 11.84 -15.15 39.40
C LEU H 195 12.35 -14.15 38.37
N GLY H 196 13.06 -14.67 37.37
CA GLY H 196 13.32 -13.97 36.14
C GLY H 196 12.62 -14.59 34.95
N ILE H 197 12.91 -14.02 33.78
CA ILE H 197 11.94 -14.03 32.69
C ILE H 197 11.85 -15.43 32.08
N GLN H 198 12.95 -16.16 32.05
CA GLN H 198 12.94 -17.43 31.32
C GLN H 198 12.15 -18.50 32.06
N GLU H 199 12.17 -18.47 33.39
CA GLU H 199 11.31 -19.38 34.17
C GLU H 199 9.84 -19.03 34.03
N VAL H 200 9.51 -17.74 33.96
CA VAL H 200 8.15 -17.33 33.66
C VAL H 200 7.71 -17.86 32.31
N ARG H 201 8.57 -17.76 31.30
CA ARG H 201 8.26 -18.39 30.01
C ARG H 201 8.06 -19.89 30.15
N SER H 202 8.92 -20.56 30.92
CA SER H 202 8.81 -22.02 31.05
C SER H 202 7.48 -22.42 31.66
N MET H 203 7.04 -21.72 32.70
CA MET H 203 5.75 -22.07 33.29
C MET H 203 4.60 -21.68 32.39
N ILE H 204 4.73 -20.58 31.63
CA ILE H 204 3.67 -20.22 30.68
C ILE H 204 3.51 -21.30 29.61
N GLU H 205 4.63 -21.84 29.12
CA GLU H 205 4.55 -22.84 28.07
C GLU H 205 4.16 -24.22 28.62
N PHE H 206 4.39 -24.48 29.92
CA PHE H 206 3.65 -25.54 30.57
C PHE H 206 2.15 -25.28 30.58
N MET H 207 1.75 -24.03 30.84
CA MET H 207 0.33 -23.73 30.91
C MET H 207 -0.35 -23.92 29.55
N GLU H 208 0.37 -23.60 28.47
CA GLU H 208 -0.20 -23.74 27.13
C GLU H 208 -0.65 -25.17 26.85
N ARG H 209 -0.03 -26.15 27.51
CA ARG H 209 -0.36 -27.55 27.26
C ARG H 209 -1.82 -27.86 27.54
N SER H 210 -2.45 -27.09 28.43
CA SER H 210 -3.87 -27.22 28.75
C SER H 210 -4.69 -26.00 28.35
N PHE H 211 -4.16 -24.79 28.48
CA PHE H 211 -4.95 -23.58 28.39
C PHE H 211 -4.39 -22.65 27.32
N PRO H 212 -4.20 -23.13 26.08
CA PRO H 212 -3.35 -22.38 25.16
C PRO H 212 -3.99 -21.07 24.71
N ASP H 213 -5.30 -21.09 24.47
CA ASP H 213 -5.99 -19.87 24.02
C ASP H 213 -6.13 -18.87 25.17
N LEU H 214 -6.28 -19.35 26.40
CA LEU H 214 -6.11 -18.48 27.57
C LEU H 214 -4.74 -17.81 27.56
N VAL H 215 -3.68 -18.59 27.33
CA VAL H 215 -2.34 -18.02 27.34
C VAL H 215 -2.20 -16.96 26.26
N LYS H 216 -2.71 -17.24 25.07
CA LYS H 216 -2.59 -16.30 23.97
C LYS H 216 -3.38 -15.02 24.24
N GLU H 217 -4.57 -15.15 24.84
CA GLU H 217 -5.33 -13.97 25.25
C GLU H 217 -4.55 -13.15 26.28
N VAL H 218 -3.93 -13.81 27.25
CA VAL H 218 -3.17 -13.09 28.28
C VAL H 218 -2.00 -12.35 27.64
N THR H 219 -1.30 -13.00 26.71
CA THR H 219 -0.13 -12.40 26.09
C THR H 219 -0.49 -11.38 25.01
N ARG H 220 -1.75 -11.36 24.55
CA ARG H 220 -2.17 -10.26 23.67
C ARG H 220 -2.20 -8.94 24.44
N LEU H 221 -2.57 -8.99 25.71
CA LEU H 221 -2.72 -7.77 26.49
C LEU H 221 -1.40 -7.32 27.13
N ILE H 222 -0.55 -8.27 27.50
CA ILE H 222 0.55 -8.03 28.42
C ILE H 222 1.81 -8.61 27.82
N PRO H 223 2.86 -7.80 27.62
CA PRO H 223 4.16 -8.37 27.22
C PRO H 223 4.78 -9.18 28.35
N LEU H 224 5.68 -10.08 27.95
CA LEU H 224 6.16 -11.11 28.87
C LEU H 224 6.96 -10.49 30.02
N GLN H 225 7.74 -9.45 29.72
CA GLN H 225 8.55 -8.81 30.76
C GLN H 225 7.68 -8.18 31.83
N LYS H 226 6.62 -7.47 31.44
CA LYS H 226 5.72 -6.90 32.43
C LYS H 226 4.93 -7.98 33.17
N LEU H 227 4.65 -9.10 32.50
CA LEU H 227 4.03 -10.24 33.19
C LEU H 227 4.95 -10.80 34.27
N THR H 228 6.24 -10.91 33.98
CA THR H 228 7.20 -11.29 35.01
C THR H 228 7.25 -10.25 36.13
N GLU H 229 7.13 -8.96 35.77
CA GLU H 229 7.10 -7.92 36.79
C GLU H 229 5.88 -8.06 37.71
N ILE H 230 4.73 -8.41 37.12
CA ILE H 230 3.54 -8.70 37.91
C ILE H 230 3.78 -9.88 38.84
N PHE H 231 4.42 -10.94 38.33
CA PHE H 231 4.74 -12.08 39.19
C PHE H 231 5.67 -11.69 40.33
N LYS H 232 6.67 -10.86 40.06
CA LYS H 232 7.62 -10.45 41.09
C LYS H 232 6.92 -9.63 42.18
N ARG H 233 6.06 -8.69 41.78
CA ARG H 233 5.30 -7.93 42.77
C ARG H 233 4.27 -8.78 43.51
N LEU H 234 3.80 -9.88 42.90
CA LEU H 234 2.95 -10.83 43.63
C LEU H 234 3.73 -11.57 44.71
N VAL H 235 4.84 -12.22 44.32
CA VAL H 235 5.60 -13.02 45.27
C VAL H 235 6.47 -12.18 46.19
N GLN H 236 6.45 -10.85 46.03
CA GLN H 236 7.02 -9.97 47.04
C GLN H 236 6.38 -10.20 48.40
N GLU H 237 5.05 -10.31 48.45
CA GLU H 237 4.31 -10.45 49.69
C GLU H 237 4.02 -11.91 50.04
N GLN H 238 4.86 -12.83 49.59
CA GLN H 238 4.74 -14.25 49.91
C GLN H 238 3.42 -14.84 49.40
N ILE H 239 2.87 -14.25 48.34
CA ILE H 239 1.67 -14.77 47.70
C ILE H 239 2.05 -15.90 46.77
N SER H 240 1.51 -17.09 47.02
CA SER H 240 1.77 -18.22 46.15
C SER H 240 1.19 -17.96 44.76
N ILE H 241 1.88 -18.50 43.75
CA ILE H 241 1.40 -18.43 42.38
C ILE H 241 1.28 -19.85 41.82
N LYS H 242 0.94 -20.80 42.70
CA LYS H 242 0.66 -22.15 42.24
C LYS H 242 -0.58 -22.19 41.36
N ASP H 243 -1.64 -21.45 41.73
CA ASP H 243 -2.90 -21.47 40.99
C ASP H 243 -2.82 -20.46 39.83
N LEU H 244 -2.09 -20.86 38.79
CA LEU H 244 -1.92 -19.97 37.65
C LEU H 244 -3.23 -19.71 36.92
N ARG H 245 -4.17 -20.66 36.98
CA ARG H 245 -5.39 -20.53 36.20
C ARG H 245 -6.19 -19.31 36.63
N THR H 246 -6.42 -19.16 37.93
CA THR H 246 -7.22 -18.04 38.42
C THR H 246 -6.50 -16.71 38.17
N ILE H 247 -5.18 -16.70 38.34
CA ILE H 247 -4.41 -15.48 38.09
C ILE H 247 -4.57 -15.06 36.63
N LEU H 248 -4.45 -16.02 35.70
CA LEU H 248 -4.54 -15.69 34.28
C LEU H 248 -5.96 -15.29 33.89
N GLU H 249 -6.98 -15.93 34.48
CA GLU H 249 -8.35 -15.51 34.24
C GLU H 249 -8.59 -14.07 34.71
N SER H 250 -8.09 -13.74 35.90
CA SER H 250 -8.25 -12.38 36.41
C SER H 250 -7.50 -11.38 35.54
N LEU H 251 -6.31 -11.74 35.07
CA LEU H 251 -5.59 -10.89 34.12
C LEU H 251 -6.41 -10.66 32.87
N SER H 252 -6.96 -11.73 32.30
CA SER H 252 -7.70 -11.62 31.05
C SER H 252 -8.99 -10.85 31.21
N GLU H 253 -9.56 -10.81 32.42
CA GLU H 253 -10.59 -9.82 32.71
C GLU H 253 -10.03 -8.41 32.74
N TRP H 254 -9.09 -8.15 33.65
CA TRP H 254 -8.83 -6.77 34.05
C TRP H 254 -7.92 -6.04 33.08
N ALA H 255 -7.07 -6.77 32.36
CA ALA H 255 -6.07 -6.16 31.50
C ALA H 255 -6.59 -5.86 30.10
N GLN H 256 -7.85 -6.17 29.82
CA GLN H 256 -8.53 -5.53 28.69
C GLN H 256 -8.46 -4.01 28.80
N THR H 257 -8.52 -3.48 30.01
CA THR H 257 -8.68 -2.05 30.24
C THR H 257 -7.44 -1.38 30.80
N GLU H 258 -6.74 -2.04 31.73
CA GLU H 258 -5.66 -1.41 32.49
C GLU H 258 -4.35 -2.10 32.17
N LYS H 259 -3.32 -1.30 31.87
CA LYS H 259 -2.02 -1.82 31.47
C LYS H 259 -0.91 -1.54 32.47
N ASP H 260 -1.17 -0.73 33.51
CA ASP H 260 -0.20 -0.56 34.58
C ASP H 260 0.01 -1.87 35.33
N THR H 261 1.27 -2.22 35.56
CA THR H 261 1.59 -3.49 36.20
C THR H 261 1.06 -3.54 37.63
N VAL H 262 1.07 -2.42 38.33
CA VAL H 262 0.82 -2.43 39.76
C VAL H 262 -0.67 -2.59 40.05
N LEU H 263 -1.51 -1.91 39.27
CA LEU H 263 -2.95 -2.14 39.38
C LEU H 263 -3.31 -3.57 39.01
N LEU H 264 -2.63 -4.14 38.02
CA LEU H 264 -2.88 -5.53 37.67
C LEU H 264 -2.49 -6.46 38.82
N THR H 265 -1.38 -6.15 39.50
CA THR H 265 -1.04 -6.89 40.71
C THR H 265 -2.15 -6.79 41.75
N GLU H 266 -2.70 -5.58 41.93
CA GLU H 266 -3.79 -5.40 42.89
C GLU H 266 -5.00 -6.25 42.51
N TYR H 267 -5.35 -6.29 41.22
CA TYR H 267 -6.51 -7.08 40.81
C TYR H 267 -6.25 -8.58 40.92
N VAL H 268 -5.01 -9.02 40.71
CA VAL H 268 -4.68 -10.42 40.98
C VAL H 268 -4.88 -10.73 42.47
N ARG H 269 -4.45 -9.80 43.33
CA ARG H 269 -4.70 -10.00 44.75
C ARG H 269 -6.19 -10.11 45.03
N SER H 270 -6.98 -9.20 44.45
CA SER H 270 -8.40 -9.14 44.75
C SER H 270 -9.17 -10.30 44.13
N SER H 271 -8.58 -11.00 43.16
CA SER H 271 -9.14 -12.26 42.69
C SER H 271 -8.60 -13.47 43.44
N LEU H 272 -7.53 -13.32 44.22
CA LEU H 272 -7.10 -14.34 45.16
C LEU H 272 -7.61 -14.08 46.59
N LYS H 273 -8.80 -13.50 46.70
CA LYS H 273 -9.55 -13.47 47.96
C LYS H 273 -9.49 -14.79 48.72
N LEU H 274 -9.79 -15.89 48.02
CA LEU H 274 -9.95 -17.17 48.70
C LEU H 274 -8.63 -17.64 49.32
N TYR H 275 -7.55 -17.57 48.54
CA TYR H 275 -6.25 -17.96 49.07
C TYR H 275 -5.82 -17.05 50.21
N ILE H 276 -6.03 -15.73 50.08
CA ILE H 276 -5.60 -14.82 51.14
C ILE H 276 -6.34 -15.11 52.44
N SER H 277 -7.67 -15.29 52.35
CA SER H 277 -8.46 -15.55 53.54
C SER H 277 -8.07 -16.87 54.20
N PHE H 278 -7.89 -17.93 53.40
CA PHE H 278 -7.48 -19.20 54.00
C PHE H 278 -6.08 -19.11 54.60
N LYS H 279 -5.19 -18.37 53.95
CA LYS H 279 -3.82 -18.25 54.46
C LYS H 279 -3.80 -17.55 55.81
N PHE H 280 -4.58 -16.49 55.96
CA PHE H 280 -4.40 -15.62 57.13
C PHE H 280 -5.41 -15.85 58.24
N SER H 281 -6.61 -16.33 57.93
CA SER H 281 -7.59 -16.68 58.95
C SER H 281 -7.51 -18.15 59.36
N GLN H 282 -6.63 -18.93 58.71
CA GLN H 282 -6.20 -20.25 59.19
C GLN H 282 -7.40 -21.14 59.50
N GLY H 283 -8.43 -21.02 58.68
CA GLY H 283 -9.56 -21.93 58.73
C GLY H 283 -10.68 -21.54 59.67
N GLN H 284 -10.70 -20.31 60.18
CA GLN H 284 -11.61 -19.92 61.25
C GLN H 284 -12.83 -19.19 60.68
N SER H 285 -13.84 -19.05 61.54
CA SER H 285 -15.00 -18.22 61.22
C SER H 285 -14.63 -16.76 61.04
N ALA H 286 -13.51 -16.33 61.60
CA ALA H 286 -13.17 -14.92 61.68
C ALA H 286 -11.66 -14.77 61.57
N ILE H 287 -11.22 -13.58 61.22
CA ILE H 287 -9.81 -13.30 60.97
C ILE H 287 -9.36 -12.18 61.90
N SER H 288 -8.20 -12.36 62.51
CA SER H 288 -7.80 -11.59 63.69
C SER H 288 -6.75 -10.57 63.25
N VAL H 289 -7.21 -9.35 62.99
CA VAL H 289 -6.45 -8.37 62.22
C VAL H 289 -6.35 -7.08 63.03
N TYR H 290 -5.16 -6.48 63.04
CA TYR H 290 -5.05 -5.07 63.39
C TYR H 290 -5.63 -4.20 62.28
N LEU H 291 -6.07 -3.01 62.66
CA LEU H 291 -6.46 -1.97 61.71
C LEU H 291 -5.38 -0.89 61.64
N LEU H 292 -5.53 -0.02 60.64
CA LEU H 292 -5.01 1.33 60.74
C LEU H 292 -5.93 2.22 61.54
N ASP H 293 -5.43 3.39 61.89
CA ASP H 293 -6.19 4.55 62.38
C ASP H 293 -6.55 5.47 61.21
N PRO H 294 -7.75 6.04 61.21
CA PRO H 294 -8.16 6.87 60.07
C PRO H 294 -7.28 8.08 59.82
N GLU H 295 -6.63 8.60 60.86
CA GLU H 295 -5.69 9.70 60.68
C GLU H 295 -4.51 9.29 59.82
N ILE H 296 -4.00 8.07 60.02
CA ILE H 296 -2.90 7.57 59.19
C ILE H 296 -3.34 7.45 57.74
N GLU H 297 -4.54 6.92 57.51
CA GLU H 297 -5.03 6.81 56.14
C GLU H 297 -5.17 8.19 55.49
N GLU H 298 -5.66 9.18 56.25
CA GLU H 298 -5.87 10.51 55.69
C GLU H 298 -4.61 11.37 55.70
N MET H 299 -3.49 10.87 56.23
CA MET H 299 -2.19 11.47 55.93
C MET H 299 -1.40 10.68 54.91
N ILE H 300 -1.87 9.50 54.49
CA ILE H 300 -1.32 8.84 53.32
C ILE H 300 -2.00 9.27 52.03
N ARG H 301 -3.08 10.04 52.11
CA ARG H 301 -3.48 10.87 50.97
C ARG H 301 -2.43 11.92 50.61
N GLY H 302 -1.46 12.18 51.48
CA GLY H 302 -0.28 12.91 51.05
C GLY H 302 0.56 12.19 50.03
N ALA H 303 0.47 10.86 49.96
CA ALA H 303 1.35 10.10 49.04
C ALA H 303 0.70 10.03 47.65
N ILE H 304 0.84 11.09 46.84
CA ILE H 304 0.17 11.12 45.51
C ILE H 304 1.14 11.64 44.44
N LYS H 305 2.44 11.38 44.58
CA LYS H 305 3.40 11.78 43.51
C LYS H 305 3.55 10.64 42.52
N GLN H 306 2.88 10.74 41.36
CA GLN H 306 2.96 9.68 40.33
C GLN H 306 3.14 10.34 38.96
N THR H 307 4.00 11.36 38.87
CA THR H 307 4.13 12.09 37.61
C THR H 307 4.99 11.33 36.60
N SER H 308 6.01 10.62 37.09
CA SER H 308 6.87 9.81 36.21
C SER H 308 6.19 8.47 35.94
N ALA H 309 6.95 7.52 35.37
CA ALA H 309 6.47 6.16 35.26
C ALA H 309 6.19 5.51 36.61
N GLY H 310 6.77 6.03 37.68
CA GLY H 310 6.55 5.48 39.01
C GLY H 310 5.63 6.33 39.86
N SER H 311 5.05 5.72 40.89
CA SER H 311 4.61 6.45 42.08
C SER H 311 5.73 6.49 43.12
N TYR H 312 5.47 7.31 44.14
CA TYR H 312 6.49 7.46 45.20
C TYR H 312 5.75 7.47 46.52
N LEU H 313 6.43 7.93 47.55
CA LEU H 313 5.86 8.02 48.89
C LEU H 313 6.00 9.44 49.43
N ALA H 314 5.55 10.41 48.64
CA ALA H 314 5.95 11.81 48.78
C ALA H 314 5.39 12.45 50.04
N LEU H 315 6.16 12.43 51.12
CA LEU H 315 5.64 12.45 52.49
C LEU H 315 6.63 13.19 53.37
N ASP H 316 6.09 14.04 54.26
CA ASP H 316 6.82 14.57 55.39
C ASP H 316 7.65 13.47 56.03
N PRO H 317 8.99 13.61 56.04
CA PRO H 317 9.84 12.47 56.40
C PRO H 317 9.61 11.94 57.80
N ASP H 318 9.32 12.83 58.77
CA ASP H 318 9.31 12.44 60.17
C ASP H 318 8.25 11.38 60.47
N SER H 319 7.23 11.25 59.63
CA SER H 319 6.22 10.22 59.82
C SER H 319 6.79 8.80 59.70
N VAL H 320 7.95 8.65 59.05
CA VAL H 320 8.62 7.34 59.05
C VAL H 320 9.01 6.94 60.46
N ASN H 321 9.08 7.90 61.38
CA ASN H 321 9.20 7.62 62.79
C ASN H 321 7.85 7.47 63.47
N LEU H 322 6.82 8.19 63.01
CA LEU H 322 5.65 8.43 63.84
C LEU H 322 4.80 7.17 63.97
N ILE H 323 4.61 6.44 62.87
CA ILE H 323 3.83 5.20 62.93
C ILE H 323 4.57 4.14 63.72
N LEU H 324 5.89 4.07 63.54
CA LEU H 324 6.61 2.85 63.89
C LEU H 324 6.75 2.66 65.40
N LYS H 325 6.87 3.75 66.15
CA LYS H 325 6.83 3.64 67.61
C LYS H 325 5.51 3.02 68.09
N SER H 326 4.39 3.57 67.63
CA SER H 326 3.09 3.01 68.01
C SER H 326 2.91 1.60 67.45
N MET H 327 3.58 1.31 66.33
CA MET H 327 3.57 -0.05 65.80
C MET H 327 4.29 -1.02 66.73
N ARG H 328 5.45 -0.63 67.25
CA ARG H 328 6.18 -1.49 68.17
C ARG H 328 5.48 -1.62 69.51
N ASN H 329 4.78 -0.57 69.95
CA ASN H 329 4.00 -0.62 71.17
C ASN H 329 2.60 -1.20 70.97
N THR H 330 2.24 -1.57 69.74
CA THR H 330 1.00 -2.29 69.50
C THR H 330 1.19 -3.79 69.28
N ILE H 331 2.34 -4.20 68.72
CA ILE H 331 2.50 -5.57 68.25
C ILE H 331 2.44 -6.53 69.42
N THR H 332 1.68 -7.61 69.24
CA THR H 332 1.93 -8.87 69.95
C THR H 332 3.03 -9.66 69.25
N PRO H 333 4.06 -10.09 69.95
CA PRO H 333 4.83 -11.25 69.48
C PRO H 333 4.05 -12.55 69.61
N THR H 334 3.55 -13.04 68.47
CA THR H 334 3.10 -14.42 68.38
C THR H 334 4.28 -15.38 68.50
N PRO H 335 4.06 -16.56 69.07
CA PRO H 335 5.19 -17.33 69.62
C PRO H 335 6.12 -17.84 68.54
N ALA H 336 7.36 -18.14 68.97
CA ALA H 336 8.47 -18.39 68.06
C ALA H 336 8.33 -19.78 67.45
N GLY H 337 8.05 -19.85 66.14
CA GLY H 337 7.52 -21.06 65.55
C GLY H 337 6.48 -20.85 64.48
N GLY H 338 5.90 -19.65 64.40
CA GLY H 338 4.55 -19.50 63.90
C GLY H 338 4.45 -18.47 62.79
N GLN H 339 3.55 -17.50 62.93
CA GLN H 339 3.24 -16.62 61.81
C GLN H 339 2.59 -15.33 62.33
N PRO H 340 3.26 -14.14 62.31
CA PRO H 340 2.69 -12.91 62.93
C PRO H 340 1.31 -12.42 62.47
N PRO H 341 0.59 -11.59 63.26
CA PRO H 341 -0.77 -11.15 62.92
C PRO H 341 -0.88 -10.31 61.64
N VAL H 342 -2.10 -10.13 61.14
CA VAL H 342 -2.31 -9.40 59.86
C VAL H 342 -2.61 -7.93 60.14
N LEU H 343 -2.40 -7.05 59.15
CA LEU H 343 -2.74 -5.61 59.31
C LEU H 343 -3.74 -5.24 58.22
N LEU H 344 -5.01 -5.04 58.58
CA LEU H 344 -6.04 -4.61 57.60
C LEU H 344 -5.90 -3.11 57.34
N THR H 345 -5.79 -2.72 56.06
CA THR H 345 -5.62 -1.34 55.68
C THR H 345 -6.74 -0.93 54.73
N ALA H 346 -6.75 0.35 54.37
CA ALA H 346 -7.61 0.80 53.30
C ALA H 346 -7.12 0.27 51.96
N ILE H 347 -8.00 0.29 50.97
CA ILE H 347 -7.84 -0.57 49.80
C ILE H 347 -6.63 -0.12 48.98
N ASP H 348 -6.51 1.19 48.75
CA ASP H 348 -5.57 1.70 47.76
C ASP H 348 -4.14 1.83 48.28
N VAL H 349 -3.92 1.71 49.59
CA VAL H 349 -2.63 2.01 50.19
C VAL H 349 -1.96 0.79 50.79
N ARG H 350 -2.53 -0.40 50.56
CA ARG H 350 -2.00 -1.64 51.20
C ARG H 350 -0.58 -1.96 50.72
N ARG H 351 -0.28 -1.73 49.44
CA ARG H 351 1.02 -2.11 48.89
C ARG H 351 2.13 -1.17 49.36
N TYR H 352 1.82 0.13 49.50
CA TYR H 352 2.83 1.07 49.98
C TYR H 352 3.15 0.82 51.46
N VAL H 353 2.14 0.49 52.26
CA VAL H 353 2.38 0.11 53.65
C VAL H 353 3.26 -1.13 53.73
N ARG H 354 2.95 -2.15 52.92
CA ARG H 354 3.73 -3.38 52.98
C ARG H 354 5.17 -3.14 52.55
N LYS H 355 5.39 -2.33 51.51
CA LYS H 355 6.75 -1.97 51.11
C LYS H 355 7.45 -1.15 52.18
N LEU H 356 6.71 -0.35 52.95
CA LEU H 356 7.33 0.45 54.00
C LEU H 356 7.78 -0.44 55.16
N ILE H 357 6.92 -1.36 55.61
CA ILE H 357 7.13 -2.01 56.90
C ILE H 357 7.92 -3.31 56.78
N GLU H 358 8.31 -3.70 55.57
CA GLU H 358 9.20 -4.84 55.41
C GLU H 358 10.60 -4.56 55.96
N THR H 359 10.97 -3.29 56.11
CA THR H 359 12.33 -2.97 56.55
C THR H 359 12.53 -3.36 58.01
N GLU H 360 11.52 -3.17 58.86
CA GLU H 360 11.59 -3.56 60.25
C GLU H 360 10.88 -4.87 60.55
N PHE H 361 9.68 -5.07 60.01
CA PHE H 361 8.92 -6.32 60.19
C PHE H 361 8.65 -6.92 58.82
N PRO H 362 9.64 -7.62 58.26
CA PRO H 362 9.41 -8.27 56.95
C PRO H 362 8.38 -9.38 56.99
N ASP H 363 8.12 -9.97 58.16
CA ASP H 363 7.19 -11.09 58.31
C ASP H 363 5.84 -10.65 58.84
N ILE H 364 5.32 -9.51 58.38
CA ILE H 364 3.91 -9.17 58.53
C ILE H 364 3.36 -8.81 57.17
N ALA H 365 2.28 -9.49 56.77
CA ALA H 365 1.70 -9.33 55.44
C ALA H 365 0.55 -8.33 55.54
N VAL H 366 0.70 -7.19 54.89
CA VAL H 366 -0.29 -6.12 54.93
C VAL H 366 -1.30 -6.35 53.81
N ILE H 367 -2.58 -6.45 54.15
CA ILE H 367 -3.65 -6.63 53.19
C ILE H 367 -4.75 -5.61 53.46
N SER H 368 -5.67 -5.49 52.51
CA SER H 368 -6.74 -4.51 52.61
C SER H 368 -8.11 -5.18 52.48
N TYR H 369 -9.17 -4.37 52.44
CA TYR H 369 -10.52 -4.89 52.63
C TYR H 369 -10.94 -5.79 51.47
N GLN H 370 -10.45 -5.51 50.27
CA GLN H 370 -10.94 -6.15 49.06
C GLN H 370 -10.47 -7.59 48.92
N GLU H 371 -9.42 -7.97 49.66
CA GLU H 371 -8.68 -9.20 49.42
C GLU H 371 -9.09 -10.32 50.35
N ILE H 372 -10.10 -10.11 51.20
CA ILE H 372 -10.66 -11.16 52.02
C ILE H 372 -12.05 -11.51 51.53
N LEU H 373 -12.52 -12.70 51.91
CA LEU H 373 -13.87 -13.12 51.58
C LEU H 373 -14.88 -12.15 52.19
N PRO H 374 -15.85 -11.68 51.43
CA PRO H 374 -16.81 -10.71 51.98
C PRO H 374 -17.83 -11.36 52.90
N GLU H 375 -17.55 -12.59 53.34
CA GLU H 375 -18.38 -13.29 54.30
C GLU H 375 -17.67 -13.58 55.61
N ILE H 376 -16.39 -13.24 55.72
CA ILE H 376 -15.57 -13.60 56.88
C ILE H 376 -15.66 -12.47 57.89
N ARG H 377 -15.60 -12.84 59.18
CA ARG H 377 -15.82 -11.89 60.25
C ARG H 377 -14.50 -11.23 60.63
N ILE H 378 -14.54 -9.92 60.80
CA ILE H 378 -13.36 -9.15 61.20
C ILE H 378 -13.36 -9.02 62.72
N GLN H 379 -12.21 -9.33 63.33
CA GLN H 379 -11.96 -9.04 64.74
C GLN H 379 -11.00 -7.86 64.85
N PRO H 380 -11.50 -6.62 64.86
CA PRO H 380 -10.60 -5.46 64.90
C PRO H 380 -9.81 -5.39 66.21
N LEU H 381 -8.50 -5.59 66.12
CA LEU H 381 -7.70 -6.03 67.25
C LEU H 381 -6.64 -5.01 67.66
N GLY H 382 -6.24 -4.10 66.77
CA GLY H 382 -5.52 -2.91 67.17
C GLY H 382 -5.16 -2.01 66.00
N ASN I 39 50.73 -20.27 2.98
CA ASN I 39 50.48 -19.41 1.83
C ASN I 39 51.14 -18.05 2.05
N PRO I 40 52.18 -17.75 1.27
CA PRO I 40 52.74 -16.38 1.26
C PRO I 40 51.75 -15.32 0.80
N ASP I 41 50.70 -15.72 0.09
CA ASP I 41 49.88 -14.80 -0.70
C ASP I 41 48.41 -14.96 -0.28
N ASP I 42 48.16 -14.73 1.00
CA ASP I 42 46.82 -14.52 1.52
C ASP I 42 46.93 -13.44 2.59
N TYR I 43 45.91 -13.32 3.44
CA TYR I 43 45.98 -12.40 4.57
C TYR I 43 46.37 -13.14 5.84
N SER I 44 46.82 -12.38 6.83
CA SER I 44 47.22 -12.90 8.13
C SER I 44 46.45 -12.18 9.22
N LEU I 45 46.13 -12.91 10.28
CA LEU I 45 45.34 -12.37 11.37
C LEU I 45 46.26 -11.83 12.45
N THR I 46 45.86 -10.71 13.05
CA THR I 46 46.66 -10.09 14.11
C THR I 46 46.68 -10.96 15.36
N LEU I 47 47.87 -11.26 15.85
CA LEU I 47 48.02 -12.16 16.99
C LEU I 47 47.85 -11.39 18.30
N PRO I 48 46.89 -11.77 19.16
CA PRO I 48 46.58 -10.91 20.33
C PRO I 48 47.73 -10.77 21.31
N VAL I 49 48.27 -11.88 21.81
CA VAL I 49 49.20 -11.88 22.93
C VAL I 49 50.38 -12.77 22.56
N ILE I 50 51.55 -12.16 22.39
CA ILE I 50 52.78 -12.87 22.09
C ILE I 50 53.73 -12.65 23.26
N LEU I 51 54.37 -13.73 23.71
CA LEU I 51 55.35 -13.66 24.79
C LEU I 51 56.72 -14.04 24.23
N GLU I 52 57.61 -13.05 24.16
CA GLU I 52 58.96 -13.27 23.67
C GLU I 52 59.89 -13.67 24.81
N LEU I 53 60.76 -14.64 24.55
CA LEU I 53 61.67 -15.17 25.55
C LEU I 53 63.09 -15.12 25.04
N GLY I 54 64.03 -14.84 25.94
CA GLY I 54 65.44 -15.09 25.69
C GLY I 54 65.77 -16.57 25.78
N LYS I 55 67.05 -16.86 25.53
CA LYS I 55 67.50 -18.24 25.43
C LYS I 55 67.35 -18.96 26.77
N ASP I 56 67.65 -18.27 27.87
CA ASP I 56 67.67 -18.92 29.18
C ASP I 56 66.25 -19.28 29.62
N LEU I 57 65.30 -18.35 29.47
CA LEU I 57 63.91 -18.66 29.82
C LEU I 57 63.35 -19.74 28.90
N SER I 58 63.74 -19.72 27.63
CA SER I 58 63.24 -20.72 26.69
C SER I 58 63.75 -22.11 27.01
N LYS I 59 64.97 -22.22 27.53
CA LYS I 59 65.42 -23.51 28.06
C LYS I 59 64.78 -23.84 29.40
N LEU I 60 64.45 -22.82 30.20
CA LEU I 60 63.83 -23.08 31.50
C LEU I 60 62.42 -23.63 31.36
N ILE I 61 61.69 -23.21 30.32
CA ILE I 61 60.28 -23.54 30.22
C ILE I 61 60.09 -24.99 29.79
N GLN I 62 61.20 -25.72 29.58
CA GLN I 62 61.09 -27.11 29.15
C GLN I 62 60.55 -28.00 30.26
N HIS I 63 60.94 -27.74 31.50
CA HIS I 63 60.93 -28.73 32.57
C HIS I 63 59.73 -28.54 33.48
N LYS I 64 59.38 -29.61 34.18
CA LYS I 64 58.25 -29.60 35.09
C LYS I 64 58.61 -28.91 36.40
N THR I 65 57.58 -28.46 37.10
CA THR I 65 57.73 -27.54 38.22
C THR I 65 57.84 -28.32 39.52
N LYS I 66 57.74 -27.60 40.65
CA LYS I 66 57.76 -28.27 41.96
C LYS I 66 56.60 -29.24 42.09
N SER I 67 55.40 -28.80 41.73
CA SER I 67 54.21 -29.64 41.80
C SER I 67 54.05 -30.56 40.59
N GLY I 68 55.08 -30.71 39.76
CA GLY I 68 55.01 -31.57 38.60
C GLY I 68 54.27 -31.01 37.42
N GLN I 69 53.94 -29.72 37.42
CA GLN I 69 53.04 -29.15 36.44
C GLN I 69 53.83 -28.56 35.28
N SER I 70 53.17 -28.48 34.13
CA SER I 70 53.74 -27.78 32.98
C SER I 70 53.33 -26.31 33.02
N PHE I 71 54.24 -25.45 32.55
CA PHE I 71 53.90 -24.05 32.34
C PHE I 71 52.81 -23.91 31.28
N VAL I 72 53.01 -24.54 30.13
CA VAL I 72 52.17 -24.26 28.98
C VAL I 72 50.88 -25.05 29.03
N ASP I 73 50.89 -26.22 29.66
CA ASP I 73 49.75 -27.12 29.64
C ASP I 73 48.89 -27.03 30.88
N ASP I 74 49.43 -26.55 32.00
CA ASP I 74 48.70 -26.40 33.24
C ASP I 74 48.53 -24.95 33.66
N MET I 75 49.63 -24.19 33.74
CA MET I 75 49.57 -22.90 34.42
C MET I 75 48.80 -21.87 33.61
N ILE I 76 48.99 -21.85 32.30
CA ILE I 76 48.30 -20.88 31.44
C ILE I 76 46.80 -21.16 31.38
N PRO I 77 46.36 -22.41 31.18
CA PRO I 77 44.90 -22.68 31.26
C PRO I 77 44.28 -22.35 32.60
N LYS I 78 44.98 -22.63 33.71
CA LYS I 78 44.43 -22.27 35.02
C LYS I 78 44.39 -20.76 35.22
N MET I 79 45.40 -20.03 34.73
CA MET I 79 45.35 -18.58 34.72
C MET I 79 44.14 -18.07 33.96
N ARG I 80 43.91 -18.63 32.77
CA ARG I 80 42.75 -18.23 31.98
C ARG I 80 41.44 -18.52 32.71
N GLN I 81 41.35 -19.70 33.33
CA GLN I 81 40.14 -20.06 34.06
C GLN I 81 39.91 -19.12 35.24
N ALA I 82 40.97 -18.79 35.97
CA ALA I 82 40.86 -17.88 37.10
C ALA I 82 40.48 -16.48 36.66
N LEU I 83 41.05 -16.00 35.56
CA LEU I 83 40.67 -14.70 35.02
C LEU I 83 39.20 -14.69 34.63
N TYR I 84 38.73 -15.76 34.00
CA TYR I 84 37.33 -15.82 33.59
C TYR I 84 36.38 -15.87 34.79
N GLN I 85 36.77 -16.59 35.84
CA GLN I 85 35.96 -16.58 37.05
C GLN I 85 35.98 -15.21 37.74
N ASP I 86 37.10 -14.50 37.66
CA ASP I 86 37.28 -13.29 38.45
C ASP I 86 36.61 -12.09 37.79
N ILE I 87 36.83 -11.92 36.49
CA ILE I 87 36.09 -10.97 35.68
C ILE I 87 35.55 -11.69 34.46
N GLY I 88 34.40 -11.25 33.97
CA GLY I 88 33.60 -12.07 33.08
C GLY I 88 34.08 -11.99 31.64
N ILE I 89 35.39 -11.88 31.45
CA ILE I 89 36.01 -11.99 30.14
C ILE I 89 36.98 -13.17 30.18
N ARG I 90 36.84 -14.07 29.21
CA ARG I 90 37.78 -15.17 29.03
C ARG I 90 38.86 -14.74 28.04
N TYR I 91 40.06 -14.44 28.56
CA TYR I 91 41.18 -13.96 27.72
C TYR I 91 41.71 -15.11 26.87
N PRO I 92 42.23 -14.86 25.64
CA PRO I 92 42.65 -15.93 24.73
C PRO I 92 43.94 -16.69 25.07
N GLY I 93 44.36 -17.60 24.18
CA GLY I 93 45.58 -18.39 24.40
C GLY I 93 46.83 -17.55 24.26
N ILE I 94 47.93 -17.98 24.88
CA ILE I 94 49.18 -17.15 24.86
C ILE I 94 50.15 -17.67 23.79
N HIS I 95 50.32 -16.94 22.70
CA HIS I 95 51.30 -17.29 21.68
C HIS I 95 52.70 -17.18 22.29
N VAL I 96 53.40 -18.30 22.35
CA VAL I 96 54.73 -18.37 22.94
C VAL I 96 55.74 -18.56 21.82
N ARG I 97 56.66 -17.60 21.69
CA ARG I 97 57.84 -17.74 20.85
C ARG I 97 59.08 -17.79 21.73
N THR I 98 59.88 -18.84 21.55
CA THR I 98 61.14 -18.98 22.26
C THR I 98 62.25 -18.24 21.52
N ASP I 99 63.34 -17.97 22.26
CA ASP I 99 64.64 -17.64 21.68
C ASP I 99 64.57 -16.33 20.88
N SER I 100 64.19 -15.27 21.58
CA SER I 100 64.13 -13.94 20.97
C SER I 100 65.54 -13.48 20.60
N PRO I 101 65.74 -12.94 19.40
CA PRO I 101 66.99 -12.20 19.14
C PRO I 101 67.20 -11.01 20.05
N SER I 102 66.12 -10.36 20.50
CA SER I 102 66.19 -8.99 20.97
C SER I 102 66.28 -8.88 22.49
N LEU I 103 66.40 -10.00 23.20
CA LEU I 103 66.33 -10.01 24.66
C LEU I 103 67.52 -10.77 25.21
N GLU I 104 68.02 -10.31 26.37
CA GLU I 104 68.91 -11.13 27.18
C GLU I 104 68.14 -12.27 27.83
N GLY I 105 68.89 -13.23 28.37
CA GLY I 105 68.31 -14.54 28.68
C GLY I 105 67.36 -14.52 29.85
N TYR I 106 67.55 -13.58 30.78
CA TYR I 106 66.60 -13.33 31.85
C TYR I 106 65.76 -12.07 31.61
N ASP I 107 65.64 -11.64 30.36
CA ASP I 107 64.68 -10.60 30.00
C ASP I 107 63.54 -11.19 29.19
N TYR I 108 62.38 -10.54 29.26
CA TYR I 108 61.16 -11.04 28.64
C TYR I 108 60.34 -9.86 28.14
N MET I 109 59.48 -10.12 27.17
CA MET I 109 58.73 -9.07 26.51
C MET I 109 57.33 -9.57 26.16
N ILE I 110 56.34 -8.70 26.31
CA ILE I 110 54.95 -9.02 26.06
C ILE I 110 54.44 -8.16 24.91
N LEU I 111 53.68 -8.77 24.01
CA LEU I 111 53.12 -8.10 22.84
C LEU I 111 51.60 -8.11 22.92
N LEU I 112 50.99 -6.92 22.79
CA LEU I 112 49.55 -6.76 22.64
C LEU I 112 49.25 -6.48 21.17
N ASN I 113 48.56 -7.42 20.52
CA ASN I 113 48.18 -7.31 19.10
C ASN I 113 49.41 -7.07 18.22
N GLU I 114 50.45 -7.87 18.45
CA GLU I 114 51.74 -7.76 17.76
C GLU I 114 52.40 -6.40 17.96
N VAL I 115 52.01 -5.66 19.00
CA VAL I 115 52.72 -4.46 19.41
C VAL I 115 53.20 -4.69 20.85
N PRO I 116 54.51 -4.65 21.10
CA PRO I 116 54.99 -4.84 22.48
C PRO I 116 54.46 -3.76 23.42
N TYR I 117 54.12 -4.20 24.65
CA TYR I 117 53.44 -3.35 25.62
C TYR I 117 54.35 -2.93 26.76
N VAL I 118 55.06 -3.87 27.37
CA VAL I 118 56.11 -3.57 28.33
C VAL I 118 57.14 -4.69 28.28
N ARG I 119 58.41 -4.31 28.38
CA ARG I 119 59.50 -5.24 28.62
C ARG I 119 59.76 -5.39 30.12
N GLY I 120 60.32 -6.54 30.49
CA GLY I 120 60.55 -6.85 31.88
C GLY I 120 61.95 -7.40 32.10
N LYS I 121 62.37 -7.37 33.36
CA LYS I 121 63.67 -7.90 33.76
C LYS I 121 63.49 -8.83 34.96
N ILE I 122 64.36 -9.82 35.05
CA ILE I 122 64.40 -10.76 36.16
C ILE I 122 65.81 -10.73 36.75
N PRO I 123 65.98 -10.48 38.04
CA PRO I 123 67.24 -10.84 38.71
C PRO I 123 67.48 -12.33 38.62
N PRO I 124 68.69 -12.75 38.23
CA PRO I 124 68.95 -14.18 38.07
C PRO I 124 68.84 -14.92 39.40
N HIS I 125 68.14 -16.06 39.36
CA HIS I 125 68.16 -17.04 40.46
C HIS I 125 67.70 -16.42 41.77
N HIS I 126 66.71 -15.52 41.68
CA HIS I 126 66.03 -14.97 42.83
C HIS I 126 64.53 -15.10 42.63
N VAL I 127 63.80 -15.27 43.73
CA VAL I 127 62.36 -15.47 43.68
C VAL I 127 61.70 -14.35 44.48
N LEU I 128 60.48 -13.99 44.07
CA LEU I 128 59.83 -12.79 44.56
C LEU I 128 58.85 -13.19 45.65
N THR I 129 59.09 -12.70 46.87
CA THR I 129 58.04 -12.46 47.84
C THR I 129 58.18 -11.04 48.36
N ASN I 130 57.07 -10.32 48.44
CA ASN I 130 57.06 -9.03 49.12
C ASN I 130 57.10 -9.27 50.62
N GLU I 131 58.19 -8.88 51.25
CA GLU I 131 58.31 -8.91 52.71
C GLU I 131 58.95 -7.60 53.19
N VAL I 132 58.61 -7.23 54.42
CA VAL I 132 58.95 -5.91 54.93
C VAL I 132 60.44 -5.87 55.25
N GLU I 133 61.08 -4.72 55.02
CA GLU I 133 62.55 -4.58 55.24
C GLU I 133 62.94 -5.19 56.58
N ASP I 134 62.07 -5.12 57.58
CA ASP I 134 62.37 -5.68 58.94
C ASP I 134 62.67 -7.17 58.81
N ASN I 135 61.74 -7.95 58.26
CA ASN I 135 61.91 -9.42 58.14
C ASN I 135 63.17 -9.74 57.32
N LEU I 136 63.40 -9.01 56.22
CA LEU I 136 64.57 -9.27 55.35
C LEU I 136 65.86 -9.19 56.17
N SER I 137 65.97 -8.18 57.04
CA SER I 137 67.20 -8.01 57.85
C SER I 137 67.22 -9.01 59.01
N ARG I 138 66.05 -9.39 59.53
CA ARG I 138 65.97 -10.37 60.65
C ARG I 138 66.54 -11.72 60.18
N TYR I 139 65.96 -12.28 59.12
CA TYR I 139 66.42 -13.60 58.61
C TYR I 139 67.81 -13.44 57.99
N ASN I 140 68.28 -12.21 57.80
CA ASN I 140 69.61 -11.94 57.29
C ASN I 140 69.83 -12.67 55.95
N LEU I 141 68.93 -12.39 55.02
CA LEU I 141 68.89 -13.06 53.74
C LEU I 141 69.09 -12.08 52.59
N PRO I 142 69.94 -12.42 51.61
CA PRO I 142 70.51 -11.40 50.70
C PRO I 142 69.52 -10.90 49.66
N PHE I 143 68.68 -9.97 50.07
CA PHE I 143 67.55 -9.53 49.25
C PHE I 143 68.01 -8.62 48.12
N ILE I 144 67.34 -8.74 46.98
CA ILE I 144 67.31 -7.70 45.95
C ILE I 144 65.93 -7.07 45.96
N THR I 145 65.89 -5.74 45.97
CA THR I 145 64.65 -5.00 45.82
C THR I 145 64.41 -4.70 44.34
N TYR I 146 63.35 -5.28 43.79
CA TYR I 146 62.96 -5.01 42.40
C TYR I 146 61.45 -5.19 42.20
N SER I 154 58.42 -7.10 46.11
CA SER I 154 59.56 -6.23 45.85
C SER I 154 60.77 -6.66 46.67
N ALA I 155 60.85 -7.95 46.98
CA ALA I 155 61.99 -8.50 47.71
C ALA I 155 62.38 -9.83 47.06
N TRP I 156 63.50 -9.82 46.34
CA TRP I 156 63.98 -10.96 45.59
C TRP I 156 65.11 -11.64 46.36
N VAL I 157 65.00 -12.95 46.54
CA VAL I 157 65.81 -13.67 47.51
C VAL I 157 66.43 -14.88 46.82
N SER I 158 67.69 -15.17 47.15
CA SER I 158 68.46 -16.14 46.38
C SER I 158 67.86 -17.54 46.52
N GLU I 159 67.77 -18.23 45.38
CA GLU I 159 66.83 -19.34 45.23
C GLU I 159 67.24 -20.57 46.04
N ASP I 160 68.45 -20.58 46.62
CA ASP I 160 68.87 -21.68 47.49
C ASP I 160 68.10 -21.69 48.81
N ALA I 161 67.35 -20.64 49.12
CA ALA I 161 66.93 -20.36 50.49
C ALA I 161 65.57 -20.97 50.82
N LYS I 162 65.20 -22.06 50.13
CA LYS I 162 63.80 -22.46 50.08
C LYS I 162 63.30 -22.92 51.45
N ALA I 163 64.08 -23.76 52.12
CA ALA I 163 63.63 -24.35 53.38
C ALA I 163 63.43 -23.30 54.47
N ILE I 164 64.27 -22.26 54.48
CA ILE I 164 64.12 -21.18 55.46
C ILE I 164 62.75 -20.52 55.30
N LEU I 165 62.39 -20.16 54.06
CA LEU I 165 61.13 -19.48 53.81
C LEU I 165 59.93 -20.41 54.01
N GLU I 166 60.10 -21.69 53.72
CA GLU I 166 59.03 -22.66 53.97
C GLU I 166 58.76 -22.84 55.46
N LYS I 167 59.83 -22.85 56.27
CA LYS I 167 59.65 -22.89 57.72
C LYS I 167 59.08 -21.58 58.24
N ALA I 168 59.47 -20.45 57.64
CA ALA I 168 59.16 -19.13 58.17
C ALA I 168 57.79 -18.62 57.77
N ALA I 169 56.99 -19.46 57.11
CA ALA I 169 55.62 -19.12 56.71
C ALA I 169 55.60 -17.89 55.81
N ILE I 170 56.61 -17.77 54.96
CA ILE I 170 56.68 -16.74 53.94
C ILE I 170 56.42 -17.38 52.59
N LYS I 171 55.35 -16.95 51.92
CA LYS I 171 54.96 -17.54 50.65
C LYS I 171 55.90 -17.09 49.53
N TYR I 172 56.30 -18.04 48.69
CA TYR I 172 57.23 -17.80 47.61
C TYR I 172 56.58 -18.17 46.28
N TRP I 173 57.09 -17.56 45.21
CA TRP I 173 56.73 -17.93 43.85
C TRP I 173 57.99 -18.31 43.07
N THR I 174 57.95 -19.49 42.44
CA THR I 174 58.78 -19.78 41.27
C THR I 174 58.65 -18.70 40.21
N PRO I 175 59.70 -18.42 39.43
CA PRO I 175 59.63 -17.33 38.44
C PRO I 175 58.52 -17.50 37.42
N LEU I 176 58.15 -18.76 37.12
CA LEU I 176 57.02 -19.00 36.23
C LEU I 176 55.72 -18.43 36.80
N GLU I 177 55.51 -18.62 38.11
CA GLU I 177 54.35 -18.02 38.77
C GLU I 177 54.43 -16.49 38.78
N VAL I 178 55.65 -15.94 38.81
CA VAL I 178 55.80 -14.48 38.73
C VAL I 178 55.40 -13.97 37.36
N ILE I 179 55.81 -14.68 36.29
CA ILE I 179 55.34 -14.35 34.95
C ILE I 179 53.81 -14.44 34.87
N ILE I 180 53.24 -15.47 35.49
CA ILE I 180 51.78 -15.59 35.53
C ILE I 180 51.15 -14.38 36.19
N LEU I 181 51.71 -13.95 37.32
CA LEU I 181 51.18 -12.79 38.03
C LEU I 181 51.29 -11.52 37.18
N HIS I 182 52.40 -11.36 36.46
CA HIS I 182 52.57 -10.17 35.63
C HIS I 182 51.60 -10.18 34.46
N LEU I 183 51.35 -11.36 33.89
CA LEU I 183 50.29 -11.49 32.89
C LEU I 183 48.92 -11.12 33.47
N SER I 184 48.63 -11.58 34.69
CA SER I 184 47.34 -11.29 35.30
C SER I 184 47.17 -9.78 35.50
N TYR I 185 48.22 -9.10 35.96
CA TYR I 185 48.17 -7.64 36.07
C TYR I 185 47.96 -6.99 34.72
N PHE I 186 48.66 -7.48 33.69
CA PHE I 186 48.43 -6.98 32.33
C PHE I 186 46.96 -7.06 31.94
N PHE I 187 46.35 -8.23 32.11
CA PHE I 187 44.99 -8.41 31.61
C PHE I 187 43.96 -7.68 32.46
N HIS I 188 44.22 -7.52 33.77
CA HIS I 188 43.35 -6.65 34.57
C HIS I 188 43.44 -5.20 34.11
N LYS I 189 44.64 -4.66 33.98
CA LYS I 189 44.77 -3.26 33.58
C LYS I 189 44.63 -3.06 32.08
N SER I 190 44.62 -4.13 31.28
CA SER I 190 44.23 -4.04 29.89
C SER I 190 43.02 -4.89 29.58
N SER I 191 41.99 -4.83 30.44
CA SER I 191 40.69 -5.35 30.08
C SER I 191 40.16 -4.67 28.83
N GLN I 192 40.37 -3.36 28.70
CA GLN I 192 39.62 -2.56 27.75
C GLN I 192 39.88 -3.01 26.31
N GLU I 193 41.09 -3.46 26.02
CA GLU I 193 41.45 -3.83 24.66
C GLU I 193 41.00 -5.24 24.27
N PHE I 194 40.44 -6.00 25.20
CA PHE I 194 39.94 -7.35 24.92
C PHE I 194 38.43 -7.49 25.01
N LEU I 195 37.72 -6.40 25.35
CA LEU I 195 36.23 -6.48 25.33
C LEU I 195 35.74 -5.92 24.00
N GLY I 196 35.56 -6.78 23.00
CA GLY I 196 35.11 -6.34 21.66
C GLY I 196 33.71 -6.82 21.35
N ILE I 197 33.09 -6.28 20.30
CA ILE I 197 31.68 -6.63 19.96
C ILE I 197 31.54 -8.13 19.63
N GLN I 198 32.60 -8.75 19.10
CA GLN I 198 32.48 -10.18 18.68
C GLN I 198 32.48 -11.11 19.89
N GLU I 199 33.34 -10.86 20.88
CA GLU I 199 33.31 -11.66 22.11
C GLU I 199 32.01 -11.45 22.88
N VAL I 200 31.50 -10.21 22.87
CA VAL I 200 30.18 -9.96 23.42
C VAL I 200 29.14 -10.80 22.69
N ARG I 201 29.23 -10.85 21.37
CA ARG I 201 28.31 -11.68 20.60
C ARG I 201 28.42 -13.14 20.99
N SER I 202 29.65 -13.63 21.15
CA SER I 202 29.86 -15.03 21.50
C SER I 202 29.26 -15.38 22.85
N MET I 203 29.45 -14.51 23.85
CA MET I 203 28.88 -14.81 25.16
C MET I 203 27.36 -14.66 25.16
N ILE I 204 26.82 -13.71 24.39
CA ILE I 204 25.37 -13.59 24.29
C ILE I 204 24.76 -14.82 23.63
N GLU I 205 25.43 -15.36 22.61
CA GLU I 205 24.89 -16.56 21.97
C GLU I 205 25.11 -17.82 22.78
N PHE I 206 26.13 -17.84 23.67
CA PHE I 206 26.14 -18.86 24.72
C PHE I 206 24.94 -18.71 25.65
N MET I 207 24.56 -17.48 25.98
CA MET I 207 23.39 -17.25 26.83
C MET I 207 22.11 -17.71 26.14
N GLU I 208 22.03 -17.54 24.82
CA GLU I 208 20.83 -17.95 24.09
C GLU I 208 20.53 -19.43 24.27
N ARG I 209 21.56 -20.26 24.50
CA ARG I 209 21.35 -21.69 24.63
C ARG I 209 20.42 -22.03 25.79
N SER I 210 20.42 -21.21 26.83
CA SER I 210 19.65 -21.47 28.04
C SER I 210 18.55 -20.45 28.28
N PHE I 211 18.80 -19.19 27.96
CA PHE I 211 17.90 -18.11 28.35
C PHE I 211 17.44 -17.34 27.12
N PRO I 212 16.90 -18.01 26.11
CA PRO I 212 16.85 -17.38 24.77
C PRO I 212 15.89 -16.21 24.71
N ASP I 213 14.75 -16.30 25.39
CA ASP I 213 13.75 -15.25 25.28
C ASP I 213 14.17 -14.00 26.05
N LEU I 214 14.91 -14.16 27.15
CA LEU I 214 15.57 -13.03 27.77
C LEU I 214 16.50 -12.33 26.79
N VAL I 215 17.31 -13.10 26.07
CA VAL I 215 18.25 -12.53 25.12
C VAL I 215 17.50 -11.77 24.03
N LYS I 216 16.42 -12.37 23.52
CA LYS I 216 15.67 -11.75 22.43
C LYS I 216 14.99 -10.48 22.88
N GLU I 217 14.46 -10.46 24.11
CA GLU I 217 13.92 -9.23 24.69
C GLU I 217 15.00 -8.16 24.80
N VAL I 218 16.19 -8.53 25.29
CA VAL I 218 17.24 -7.54 25.47
C VAL I 218 17.66 -6.96 24.13
N THR I 219 17.81 -7.81 23.12
CA THR I 219 18.30 -7.38 21.82
C THR I 219 17.22 -6.74 20.95
N ARG I 220 15.94 -6.91 21.28
CA ARG I 220 14.93 -5.94 20.85
C ARG I 220 15.12 -4.61 21.56
N LEU I 221 15.54 -4.63 22.82
CA LEU I 221 15.66 -3.39 23.59
C LEU I 221 16.99 -2.66 23.37
N ILE I 222 18.08 -3.39 23.12
CA ILE I 222 19.41 -2.80 23.07
C ILE I 222 20.11 -3.30 21.81
N PRO I 223 20.55 -2.41 20.92
CA PRO I 223 21.48 -2.82 19.86
C PRO I 223 22.86 -3.16 20.42
N LEU I 224 23.59 -3.97 19.65
CA LEU I 224 24.70 -4.75 20.20
C LEU I 224 25.86 -3.83 20.61
N GLN I 225 26.10 -2.77 19.85
CA GLN I 225 27.20 -1.86 20.16
C GLN I 225 26.99 -1.18 21.50
N LYS I 226 25.76 -0.76 21.78
CA LYS I 226 25.49 -0.09 23.05
C LYS I 226 25.61 -1.05 24.22
N LEU I 227 25.25 -2.33 24.03
CA LEU I 227 25.49 -3.33 25.06
C LEU I 227 26.98 -3.53 25.31
N THR I 228 27.78 -3.56 24.24
CA THR I 228 29.22 -3.67 24.41
C THR I 228 29.77 -2.44 25.14
N GLU I 229 29.21 -1.25 24.86
CA GLU I 229 29.62 -0.05 25.59
C GLU I 229 29.26 -0.15 27.07
N ILE I 230 28.09 -0.72 27.38
CA ILE I 230 27.72 -0.94 28.78
C ILE I 230 28.71 -1.88 29.45
N PHE I 231 29.08 -2.97 28.77
CA PHE I 231 30.06 -3.90 29.35
C PHE I 231 31.40 -3.22 29.58
N LYS I 232 31.84 -2.38 28.64
CA LYS I 232 33.11 -1.68 28.82
C LYS I 232 33.05 -0.71 30.00
N ARG I 233 31.93 0.01 30.14
CA ARG I 233 31.78 0.90 31.29
C ARG I 233 31.65 0.12 32.61
N LEU I 234 31.20 -1.13 32.55
CA LEU I 234 31.24 -2.00 33.72
C LEU I 234 32.68 -2.36 34.09
N VAL I 235 33.41 -2.95 33.13
CA VAL I 235 34.74 -3.49 33.43
C VAL I 235 35.81 -2.41 33.52
N GLN I 236 35.45 -1.14 33.31
CA GLN I 236 36.36 -0.05 33.68
C GLN I 236 36.72 -0.09 35.16
N GLU I 237 35.73 -0.28 36.04
CA GLU I 237 35.96 -0.35 37.48
C GLU I 237 36.09 -1.79 37.98
N GLN I 238 36.56 -2.70 37.12
CA GLN I 238 36.87 -4.07 37.52
C GLN I 238 35.62 -4.80 38.03
N ILE I 239 34.44 -4.36 37.58
CA ILE I 239 33.18 -5.01 37.94
C ILE I 239 33.00 -6.22 37.04
N SER I 240 32.93 -7.41 37.65
CA SER I 240 32.81 -8.64 36.90
C SER I 240 31.49 -8.70 36.16
N ILE I 241 31.51 -9.35 35.00
CA ILE I 241 30.29 -9.66 34.28
C ILE I 241 30.18 -11.17 34.10
N LYS I 242 30.69 -11.92 35.08
CA LYS I 242 30.47 -13.37 35.07
C LYS I 242 28.99 -13.71 35.23
N ASP I 243 28.28 -12.98 36.08
CA ASP I 243 26.86 -13.26 36.35
C ASP I 243 26.02 -12.55 35.29
N LEU I 244 26.01 -13.15 34.09
CA LEU I 244 25.25 -12.56 32.99
C LEU I 244 23.75 -12.59 33.27
N ARG I 245 23.27 -13.58 34.05
CA ARG I 245 21.83 -13.68 34.27
C ARG I 245 21.29 -12.46 34.97
N THR I 246 21.93 -12.05 36.08
CA THR I 246 21.46 -10.91 36.83
C THR I 246 21.59 -9.63 36.02
N ILE I 247 22.69 -9.48 35.29
CA ILE I 247 22.91 -8.28 34.49
C ILE I 247 21.85 -8.16 33.40
N LEU I 248 21.56 -9.26 32.71
CA LEU I 248 20.58 -9.23 31.63
C LEU I 248 19.17 -9.04 32.15
N GLU I 249 18.85 -9.65 33.30
CA GLU I 249 17.55 -9.38 33.91
C GLU I 249 17.40 -7.91 34.28
N SER I 250 18.45 -7.31 34.85
CA SER I 250 18.37 -5.90 35.22
C SER I 250 18.22 -5.02 34.00
N LEU I 251 18.95 -5.32 32.92
CA LEU I 251 18.75 -4.58 31.67
C LEU I 251 17.31 -4.72 31.19
N SER I 252 16.79 -5.94 31.18
CA SER I 252 15.46 -6.17 30.62
C SER I 252 14.38 -5.51 31.47
N GLU I 253 14.64 -5.31 32.75
CA GLU I 253 13.79 -4.42 33.53
C GLU I 253 13.97 -2.96 33.09
N TRP I 254 15.20 -2.45 33.19
CA TRP I 254 15.39 -1.01 33.23
C TRP I 254 15.35 -0.37 31.84
N ALA I 255 15.65 -1.12 30.79
CA ALA I 255 15.69 -0.58 29.44
C ALA I 255 14.34 -0.56 28.76
N GLN I 256 13.29 -1.05 29.41
CA GLN I 256 11.93 -0.72 29.00
C GLN I 256 11.71 0.78 28.94
N THR I 257 12.28 1.53 29.89
CA THR I 257 11.98 2.93 30.09
C THR I 257 13.14 3.85 29.76
N GLU I 258 14.37 3.48 30.09
CA GLU I 258 15.53 4.32 29.92
C GLU I 258 16.48 3.67 28.93
N LYS I 259 16.95 4.46 27.95
CA LYS I 259 17.77 3.94 26.87
C LYS I 259 19.20 4.47 26.90
N ASP I 260 19.50 5.47 27.73
CA ASP I 260 20.86 6.00 27.80
C ASP I 260 21.80 4.95 28.35
N THR I 261 22.97 4.80 27.71
CA THR I 261 23.87 3.70 28.03
C THR I 261 24.43 3.82 29.44
N VAL I 262 24.69 5.04 29.89
CA VAL I 262 25.41 5.25 31.14
C VAL I 262 24.48 5.02 32.32
N LEU I 263 23.23 5.50 32.22
CA LEU I 263 22.25 5.17 33.24
C LEU I 263 21.97 3.68 33.30
N LEU I 264 21.97 2.99 32.15
CA LEU I 264 21.82 1.54 32.17
C LEU I 264 23.00 0.85 32.86
N THR I 265 24.22 1.36 32.66
CA THR I 265 25.36 0.89 33.44
C THR I 265 25.12 1.12 34.94
N GLU I 266 24.60 2.29 35.30
CA GLU I 266 24.31 2.58 36.70
C GLU I 266 23.28 1.60 37.27
N TYR I 267 22.25 1.27 36.51
CA TYR I 267 21.23 0.34 37.00
C TYR I 267 21.77 -1.09 37.09
N VAL I 268 22.68 -1.48 36.18
CA VAL I 268 23.33 -2.78 36.32
C VAL I 268 24.15 -2.83 37.60
N ARG I 269 24.88 -1.75 37.89
CA ARG I 269 25.59 -1.67 39.16
C ARG I 269 24.63 -1.78 40.35
N SER I 270 23.52 -1.06 40.29
CA SER I 270 22.59 -1.04 41.41
C SER I 270 21.79 -2.33 41.54
N SER I 271 21.78 -3.17 40.51
CA SER I 271 21.29 -4.54 40.65
C SER I 271 22.38 -5.53 41.03
N LEU I 272 23.65 -5.14 40.94
CA LEU I 272 24.76 -5.93 41.49
C LEU I 272 25.17 -5.45 42.89
N LYS I 273 24.19 -4.97 43.68
CA LYS I 273 24.38 -4.70 45.11
C LYS I 273 25.17 -5.79 45.81
N LEU I 274 24.77 -7.05 45.60
CA LEU I 274 25.35 -8.14 46.39
C LEU I 274 26.82 -8.31 46.09
N TYR I 275 27.19 -8.35 44.81
CA TYR I 275 28.60 -8.47 44.45
C TYR I 275 29.40 -7.27 44.92
N ILE I 276 28.85 -6.06 44.77
CA ILE I 276 29.59 -4.86 45.16
C ILE I 276 29.87 -4.86 46.65
N SER I 277 28.87 -5.20 47.47
CA SER I 277 29.09 -5.30 48.91
C SER I 277 30.08 -6.40 49.27
N PHE I 278 29.93 -7.58 48.65
CA PHE I 278 30.74 -8.73 49.05
C PHE I 278 32.21 -8.52 48.71
N LYS I 279 32.50 -7.86 47.59
CA LYS I 279 33.88 -7.62 47.22
C LYS I 279 34.59 -6.78 48.27
N PHE I 280 33.91 -5.76 48.79
CA PHE I 280 34.56 -4.69 49.53
C PHE I 280 34.46 -4.84 51.05
N SER I 281 33.44 -5.54 51.54
CA SER I 281 33.29 -5.73 52.98
C SER I 281 33.96 -7.01 53.47
N GLN I 282 34.51 -7.83 52.57
CA GLN I 282 35.22 -9.05 52.95
C GLN I 282 34.36 -9.97 53.81
N GLY I 283 33.07 -10.01 53.53
CA GLY I 283 32.19 -10.98 54.14
C GLY I 283 31.60 -10.57 55.48
N GLN I 284 31.72 -9.31 55.86
CA GLN I 284 31.57 -8.90 57.25
C GLN I 284 30.16 -8.33 57.48
N SER I 285 29.84 -8.14 58.76
CA SER I 285 28.69 -7.32 59.12
C SER I 285 28.83 -5.89 58.66
N ALA I 286 30.04 -5.42 58.40
CA ALA I 286 30.30 -3.99 58.23
C ALA I 286 31.42 -3.80 57.21
N ILE I 287 31.46 -2.61 56.65
CA ILE I 287 32.41 -2.26 55.60
C ILE I 287 33.21 -1.04 56.04
N SER I 288 34.50 -1.05 55.74
CA SER I 288 35.35 0.12 55.90
C SER I 288 35.31 0.93 54.61
N VAL I 289 34.74 2.14 54.69
CA VAL I 289 34.62 3.04 53.55
C VAL I 289 35.07 4.43 53.96
N TYR I 290 35.55 5.19 52.98
CA TYR I 290 35.62 6.64 53.09
C TYR I 290 34.30 7.27 52.64
N LEU I 291 34.20 8.60 52.79
CA LEU I 291 33.01 9.34 52.43
C LEU I 291 33.42 10.60 51.67
N LEU I 292 32.43 11.32 51.16
CA LEU I 292 32.59 12.72 50.77
C LEU I 292 31.91 13.64 51.78
N ASP I 293 31.93 14.94 51.46
CA ASP I 293 31.26 16.00 52.19
C ASP I 293 30.11 16.57 51.37
N PRO I 294 28.98 16.92 51.99
CA PRO I 294 27.84 17.42 51.22
C PRO I 294 28.13 18.69 50.44
N GLU I 295 29.08 19.52 50.91
CA GLU I 295 29.55 20.63 50.09
C GLU I 295 30.23 20.16 48.82
N ILE I 296 31.01 19.06 48.91
CA ILE I 296 31.62 18.48 47.71
C ILE I 296 30.55 18.02 46.73
N GLU I 297 29.51 17.35 47.25
CA GLU I 297 28.39 16.97 46.40
C GLU I 297 27.70 18.18 45.79
N GLU I 298 27.57 19.27 46.56
CA GLU I 298 26.85 20.45 46.08
C GLU I 298 27.73 21.36 45.22
N MET I 299 29.01 21.04 45.06
CA MET I 299 29.80 21.60 43.97
C MET I 299 30.04 20.61 42.83
N ILE I 300 29.66 19.34 42.98
CA ILE I 300 29.55 18.45 41.83
C ILE I 300 28.15 18.46 41.22
N ARG I 301 27.16 19.05 41.90
CA ARG I 301 26.01 19.57 41.17
C ARG I 301 26.37 20.70 40.22
N GLY I 302 27.56 21.29 40.36
CA GLY I 302 28.03 22.26 39.41
C GLY I 302 28.28 21.72 38.01
N ALA I 303 28.38 20.39 37.88
CA ALA I 303 29.08 19.78 36.75
C ALA I 303 28.17 19.56 35.55
N ILE I 304 26.92 20.02 35.60
CA ILE I 304 25.97 19.75 34.54
C ILE I 304 26.38 20.49 33.28
N LYS I 305 26.68 19.74 32.22
CA LYS I 305 26.74 20.29 30.86
C LYS I 305 26.39 19.16 29.90
N GLN I 306 25.12 19.11 29.48
CA GLN I 306 24.56 17.86 28.96
C GLN I 306 23.76 18.07 27.68
N THR I 307 23.99 19.18 26.95
CA THR I 307 23.14 19.51 25.82
C THR I 307 23.27 18.49 24.70
N SER I 308 24.50 18.03 24.43
CA SER I 308 24.72 16.97 23.45
C SER I 308 24.38 15.61 24.06
N ALA I 309 24.64 14.54 23.32
CA ALA I 309 24.21 13.21 23.72
C ALA I 309 25.01 12.65 24.89
N GLY I 310 26.12 13.30 25.27
CA GLY I 310 26.82 12.99 26.49
C GLY I 310 26.91 14.18 27.42
N SER I 311 27.39 13.92 28.64
CA SER I 311 27.69 14.95 29.61
C SER I 311 29.17 15.31 29.53
N TYR I 312 29.64 16.10 30.50
CA TYR I 312 30.90 16.82 30.34
C TYR I 312 31.34 17.47 31.65
N LEU I 313 32.59 17.21 32.05
CA LEU I 313 33.03 17.39 33.43
C LEU I 313 33.45 18.84 33.61
N ALA I 314 32.46 19.71 33.84
CA ALA I 314 32.53 21.12 33.46
C ALA I 314 32.66 21.93 34.74
N LEU I 315 33.90 22.15 35.16
CA LEU I 315 34.27 22.30 36.56
C LEU I 315 35.49 23.21 36.67
N ASP I 316 35.46 24.12 37.64
CA ASP I 316 36.63 24.89 38.05
C ASP I 316 37.85 23.98 38.11
N PRO I 317 38.88 24.26 37.32
CA PRO I 317 40.01 23.32 37.22
C PRO I 317 40.73 23.09 38.54
N ASP I 318 40.81 24.11 39.39
CA ASP I 318 41.67 24.03 40.57
C ASP I 318 41.25 22.91 41.52
N SER I 319 39.98 22.49 41.46
CA SER I 319 39.49 21.45 42.36
C SER I 319 40.19 20.11 42.15
N VAL I 320 40.80 19.89 40.97
CA VAL I 320 41.58 18.68 40.76
C VAL I 320 42.80 18.65 41.67
N ASN I 321 43.23 19.80 42.17
CA ASN I 321 44.14 19.84 43.32
C ASN I 321 43.41 19.91 44.65
N LEU I 322 42.23 20.54 44.69
CA LEU I 322 41.66 20.95 45.98
C LEU I 322 41.13 19.75 46.76
N ILE I 323 40.46 18.83 46.07
CA ILE I 323 40.16 17.53 46.69
C ILE I 323 41.42 16.72 46.89
N LEU I 324 42.35 16.80 45.93
CA LEU I 324 43.41 15.79 45.82
C LEU I 324 44.46 15.94 46.91
N LYS I 325 44.74 17.17 47.34
CA LYS I 325 45.57 17.38 48.52
C LYS I 325 44.99 16.70 49.74
N SER I 326 43.71 16.94 50.03
CA SER I 326 43.05 16.26 51.15
C SER I 326 42.93 14.77 50.92
N MET I 327 42.89 14.33 49.65
CA MET I 327 42.90 12.90 49.37
C MET I 327 44.22 12.26 49.76
N ARG I 328 45.35 12.88 49.38
CA ARG I 328 46.65 12.31 49.73
C ARG I 328 46.94 12.44 51.22
N ASN I 329 46.44 13.50 51.87
CA ASN I 329 46.60 13.64 53.31
C ASN I 329 45.53 12.91 54.10
N THR I 330 44.58 12.25 53.44
CA THR I 330 43.59 11.41 54.12
C THR I 330 43.92 9.93 54.02
N ILE I 331 44.57 9.49 52.94
CA ILE I 331 44.64 8.07 52.62
C ILE I 331 45.37 7.32 53.73
N THR I 332 44.80 6.20 54.15
CA THR I 332 45.55 5.16 54.81
C THR I 332 46.27 4.30 53.78
N PRO I 333 47.59 4.09 53.91
CA PRO I 333 48.26 3.16 52.99
C PRO I 333 47.87 1.73 53.29
N THR I 334 46.98 1.20 52.45
CA THR I 334 46.61 -0.20 52.55
C THR I 334 47.77 -1.10 52.15
N PRO I 335 47.90 -2.27 52.75
CA PRO I 335 49.08 -3.11 52.49
C PRO I 335 49.08 -3.65 51.06
N ALA I 336 50.28 -4.01 50.61
CA ALA I 336 50.55 -4.17 49.19
C ALA I 336 49.95 -5.49 48.71
N GLY I 337 48.88 -5.40 47.92
CA GLY I 337 48.09 -6.54 47.53
C GLY I 337 46.77 -6.68 48.26
N GLY I 338 46.60 -5.98 49.38
CA GLY I 338 45.49 -6.25 50.26
C GLY I 338 44.22 -5.52 49.87
N GLN I 339 43.62 -4.80 50.82
CA GLN I 339 42.27 -4.28 50.64
C GLN I 339 42.33 -2.77 50.42
N PRO I 340 42.07 -2.27 49.22
CA PRO I 340 42.01 -0.82 49.01
C PRO I 340 40.80 -0.22 49.71
N PRO I 341 40.81 1.07 49.97
CA PRO I 341 39.62 1.71 50.55
C PRO I 341 38.50 1.84 49.53
N VAL I 342 37.34 2.26 50.03
CA VAL I 342 36.15 2.45 49.22
C VAL I 342 35.60 3.85 49.49
N LEU I 343 35.20 4.54 48.43
CA LEU I 343 34.66 5.90 48.52
C LEU I 343 33.16 5.86 48.24
N LEU I 344 32.38 6.39 49.17
CA LEU I 344 30.92 6.41 49.05
C LEU I 344 30.45 7.81 48.69
N THR I 345 29.69 7.91 47.61
CA THR I 345 29.29 9.17 47.01
C THR I 345 27.76 9.24 46.91
N ALA I 346 27.26 10.39 46.47
CA ALA I 346 25.84 10.52 46.20
C ALA I 346 25.45 9.71 44.97
N ILE I 347 24.14 9.46 44.85
CA ILE I 347 23.65 8.49 43.86
C ILE I 347 23.87 9.02 42.45
N ASP I 348 23.57 10.29 42.21
CA ASP I 348 23.55 10.85 40.86
C ASP I 348 24.92 11.32 40.38
N VAL I 349 25.93 11.37 41.25
CA VAL I 349 27.24 11.93 40.91
C VAL I 349 28.33 10.87 40.90
N ARG I 350 27.95 9.59 40.99
CA ARG I 350 28.92 8.55 41.36
C ARG I 350 30.03 8.44 40.32
N ARG I 351 29.67 8.39 39.04
CA ARG I 351 30.61 8.00 37.99
C ARG I 351 31.68 9.06 37.76
N TYR I 352 31.33 10.34 37.91
CA TYR I 352 32.24 11.42 37.58
C TYR I 352 33.42 11.48 38.54
N VAL I 353 33.18 11.16 39.82
CA VAL I 353 34.26 11.09 40.79
C VAL I 353 35.28 10.03 40.37
N ARG I 354 34.80 8.84 40.01
CA ARG I 354 35.71 7.76 39.55
C ARG I 354 36.46 8.25 38.31
N LYS I 355 35.75 8.82 37.34
CA LYS I 355 36.39 9.25 36.10
C LYS I 355 37.43 10.33 36.37
N LEU I 356 37.24 11.13 37.41
CA LEU I 356 38.25 12.10 37.82
C LEU I 356 39.46 11.41 38.44
N ILE I 357 39.22 10.47 39.36
CA ILE I 357 40.28 10.05 40.28
C ILE I 357 41.07 8.85 39.76
N GLU I 358 40.73 8.33 38.58
CA GLU I 358 41.52 7.26 37.99
C GLU I 358 42.92 7.74 37.62
N THR I 359 43.12 9.05 37.49
CA THR I 359 44.34 9.55 36.88
C THR I 359 45.55 9.35 37.79
N GLU I 360 45.39 9.57 39.09
CA GLU I 360 46.43 9.28 40.06
C GLU I 360 46.22 7.98 40.83
N PHE I 361 44.99 7.71 41.27
CA PHE I 361 44.68 6.57 42.14
C PHE I 361 43.70 5.68 41.39
N PRO I 362 44.17 4.87 40.44
CA PRO I 362 43.25 3.95 39.75
C PRO I 362 42.70 2.86 40.65
N ASP I 363 43.37 2.51 41.73
CA ASP I 363 42.90 1.49 42.66
C ASP I 363 42.18 2.10 43.87
N ILE I 364 41.26 3.03 43.62
CA ILE I 364 40.23 3.38 44.59
C ILE I 364 38.87 3.27 43.89
N ALA I 365 37.97 2.50 44.49
CA ALA I 365 36.67 2.19 43.90
C ALA I 365 35.62 3.15 44.45
N VAL I 366 35.05 3.97 43.57
CA VAL I 366 33.93 4.84 43.93
C VAL I 366 32.62 4.07 43.72
N ILE I 367 31.80 4.01 44.77
CA ILE I 367 30.43 3.53 44.68
C ILE I 367 29.51 4.54 45.39
N SER I 368 28.21 4.37 45.19
CA SER I 368 27.20 5.27 45.72
C SER I 368 26.18 4.48 46.54
N TYR I 369 25.13 5.17 47.00
CA TYR I 369 24.26 4.59 48.01
C TYR I 369 23.48 3.39 47.49
N GLN I 370 23.11 3.42 46.21
CA GLN I 370 22.18 2.43 45.67
C GLN I 370 22.84 1.08 45.42
N GLU I 371 24.18 1.07 45.36
CA GLU I 371 24.94 -0.14 44.93
C GLU I 371 25.38 -1.05 46.08
N ILE I 372 25.02 -0.73 47.33
CA ILE I 372 25.38 -1.55 48.47
C ILE I 372 24.13 -2.24 49.01
N LEU I 373 24.36 -3.31 49.76
CA LEU I 373 23.26 -3.99 50.44
C LEU I 373 22.60 -3.04 51.43
N PRO I 374 21.27 -2.93 51.42
CA PRO I 374 20.62 -1.91 52.26
C PRO I 374 20.53 -2.32 53.73
N GLU I 375 21.30 -3.33 54.13
CA GLU I 375 21.34 -3.76 55.52
C GLU I 375 22.73 -3.63 56.14
N ILE I 376 23.73 -3.24 55.37
CA ILE I 376 25.12 -3.43 55.76
C ILE I 376 25.59 -2.20 56.52
N ARG I 377 26.44 -2.42 57.52
CA ARG I 377 26.76 -1.35 58.46
C ARG I 377 27.96 -0.58 57.94
N ILE I 378 27.88 0.74 58.05
CA ILE I 378 28.80 1.66 57.39
C ILE I 378 29.51 2.45 58.48
N GLN I 379 30.77 2.12 58.73
CA GLN I 379 31.63 2.98 59.51
C GLN I 379 32.22 4.05 58.59
N PRO I 380 31.96 5.34 58.83
CA PRO I 380 32.84 6.39 58.31
C PRO I 380 34.25 6.29 58.86
N LEU I 381 35.21 5.96 58.00
CA LEU I 381 36.59 5.74 58.42
C LEU I 381 37.45 6.97 58.17
N GLY I 382 36.86 8.07 57.77
CA GLY I 382 37.53 9.11 57.00
C GLY I 382 36.56 9.80 56.06
N ARG I 383 36.83 11.07 55.79
CA ARG I 383 35.91 11.90 55.02
C ARG I 383 36.65 13.14 54.52
N ILE I 384 36.54 13.41 53.23
CA ILE I 384 37.51 14.24 52.50
C ILE I 384 36.79 15.48 52.00
N GLN I 385 37.29 16.65 52.40
CA GLN I 385 37.04 17.89 51.66
C GLN I 385 38.17 18.89 51.87
N HIS J 20 -29.00 54.93 44.63
CA HIS J 20 -28.13 53.84 44.20
C HIS J 20 -27.75 52.94 45.37
N MET J 21 -27.60 53.55 46.55
CA MET J 21 -27.14 52.79 47.72
C MET J 21 -28.14 51.70 48.10
N LYS J 22 -29.43 52.04 48.13
CA LYS J 22 -30.44 51.08 48.58
C LYS J 22 -30.62 49.95 47.57
N GLU J 23 -30.51 50.25 46.27
CA GLU J 23 -30.58 49.20 45.26
C GLU J 23 -29.44 48.19 45.44
N LYS J 24 -28.21 48.69 45.62
CA LYS J 24 -27.08 47.79 45.80
C LYS J 24 -27.18 47.01 47.11
N ARG J 25 -27.66 47.65 48.17
CA ARG J 25 -27.82 46.93 49.43
C ARG J 25 -28.92 45.87 49.34
N ARG J 26 -29.98 46.11 48.59
CA ARG J 26 -31.02 45.10 48.43
C ARG J 26 -30.55 43.94 47.55
N LEU J 27 -29.76 44.24 46.52
CA LEU J 27 -29.10 43.17 45.77
C LEU J 27 -28.18 42.36 46.67
N LEU J 28 -27.42 43.03 47.54
CA LEU J 28 -26.57 42.33 48.50
C LEU J 28 -27.38 41.45 49.44
N GLU J 29 -28.53 41.95 49.90
CA GLU J 29 -29.35 41.18 50.82
C GLU J 29 -29.96 39.95 50.15
N ILE J 30 -30.43 40.09 48.90
CA ILE J 30 -30.99 38.93 48.22
C ILE J 30 -29.91 37.92 47.88
N GLU J 31 -28.71 38.39 47.53
CA GLU J 31 -27.59 37.46 47.35
C GLU J 31 -27.18 36.80 48.67
N GLN J 32 -27.29 37.52 49.79
CA GLN J 32 -27.01 36.92 51.09
C GLN J 32 -28.03 35.85 51.45
N GLU J 33 -29.30 36.08 51.10
CA GLU J 33 -30.32 35.05 51.29
C GLU J 33 -30.05 33.83 50.42
N LYS J 34 -29.64 34.05 49.17
CA LYS J 34 -29.22 32.94 48.31
C LYS J 34 -28.04 32.18 48.92
N LEU J 35 -27.07 32.92 49.49
CA LEU J 35 -25.92 32.27 50.11
C LEU J 35 -26.31 31.49 51.35
N ARG J 36 -27.28 31.98 52.13
CA ARG J 36 -27.80 31.21 53.24
C ARG J 36 -28.46 29.92 52.77
N GLU J 37 -29.25 30.00 51.69
CA GLU J 37 -29.80 28.79 51.09
C GLU J 37 -28.70 27.80 50.71
N LYS J 38 -27.68 28.28 50.00
CA LYS J 38 -26.62 27.39 49.51
C LYS J 38 -25.85 26.78 50.67
N GLU J 39 -25.56 27.58 51.70
CA GLU J 39 -24.79 27.07 52.83
C GLU J 39 -25.61 26.11 53.68
N ALA J 40 -26.92 26.32 53.81
CA ALA J 40 -27.75 25.31 54.45
C ALA J 40 -27.77 24.01 53.67
N GLU J 41 -27.89 24.09 52.33
CA GLU J 41 -27.87 22.88 51.52
C GLU J 41 -26.52 22.19 51.55
N ARG J 42 -25.44 22.95 51.77
CA ARG J 42 -24.13 22.35 51.96
C ARG J 42 -23.99 21.74 53.36
N ASP J 43 -24.56 22.39 54.37
CA ASP J 43 -24.38 21.93 55.74
C ASP J 43 -25.18 20.67 56.03
N LYS J 44 -26.36 20.53 55.41
CA LYS J 44 -27.08 19.26 55.54
C LYS J 44 -26.26 18.11 54.96
N VAL J 45 -25.64 18.31 53.81
CA VAL J 45 -24.81 17.28 53.21
C VAL J 45 -23.58 17.01 54.08
N LYS J 46 -22.99 18.06 54.64
CA LYS J 46 -21.85 17.89 55.53
C LYS J 46 -22.22 17.07 56.76
N ASN J 47 -23.37 17.37 57.36
CA ASN J 47 -23.81 16.62 58.54
C ASN J 47 -24.09 15.17 58.17
N HIS J 48 -24.73 14.93 57.03
CA HIS J 48 -24.97 13.57 56.58
C HIS J 48 -23.66 12.83 56.36
N TYR J 49 -22.67 13.51 55.79
CA TYR J 49 -21.39 12.87 55.46
C TYR J 49 -20.61 12.52 56.72
N MET J 50 -20.59 13.41 57.72
CA MET J 50 -19.94 13.06 58.99
C MET J 50 -20.70 11.97 59.74
N GLN J 51 -22.03 11.94 59.62
CA GLN J 51 -22.77 10.78 60.13
C GLN J 51 -22.34 9.50 59.44
N LYS J 52 -22.14 9.56 58.11
CA LYS J 52 -21.71 8.35 57.40
C LYS J 52 -20.33 7.90 57.84
N ILE J 53 -19.42 8.84 58.05
CA ILE J 53 -18.09 8.48 58.56
C ILE J 53 -18.17 7.86 59.95
N GLN J 54 -18.99 8.46 60.83
CA GLN J 54 -19.13 7.91 62.18
C GLN J 54 -19.74 6.51 62.16
N GLN J 55 -20.70 6.27 61.25
CA GLN J 55 -21.27 4.93 61.13
C GLN J 55 -20.25 3.94 60.57
N LEU J 56 -19.44 4.37 59.60
CA LEU J 56 -18.26 3.61 59.21
C LEU J 56 -17.43 3.21 60.42
N ARG J 57 -17.11 4.18 61.27
CA ARG J 57 -16.21 3.92 62.38
C ARG J 57 -16.84 2.97 63.38
N ASP J 58 -18.14 3.11 63.63
CA ASP J 58 -18.78 2.29 64.65
C ASP J 58 -19.09 0.89 64.15
N LEU J 59 -19.27 0.70 62.84
CA LEU J 59 -19.31 -0.64 62.28
C LEU J 59 -17.94 -1.28 62.14
N LEU J 60 -16.87 -0.48 62.03
CA LEU J 60 -15.54 -1.00 62.30
C LEU J 60 -15.42 -1.49 63.74
N ASP J 61 -15.92 -0.71 64.69
CA ASP J 61 -15.79 -1.08 66.09
C ASP J 61 -16.63 -2.31 66.44
N GLU J 62 -17.76 -2.51 65.76
CA GLU J 62 -18.61 -3.66 66.08
C GLU J 62 -17.91 -4.97 65.74
N GLY J 63 -17.21 -5.02 64.62
CA GLY J 63 -16.75 -6.29 64.09
C GLY J 63 -17.74 -6.89 63.11
N THR J 64 -18.13 -6.11 62.11
CA THR J 64 -18.92 -6.62 61.00
C THR J 64 -18.06 -7.43 60.05
N THR J 65 -18.66 -7.88 58.95
CA THR J 65 -17.96 -8.66 57.95
C THR J 65 -17.43 -7.72 56.85
N SER J 66 -16.93 -8.28 55.76
CA SER J 66 -16.32 -7.47 54.71
C SER J 66 -17.34 -6.90 53.75
N ASP J 67 -18.52 -7.54 53.60
CA ASP J 67 -19.63 -6.92 52.89
C ASP J 67 -19.90 -5.52 53.43
N ALA J 68 -20.01 -5.39 54.75
CA ALA J 68 -20.38 -4.11 55.34
C ALA J 68 -19.34 -3.05 55.02
N VAL J 69 -18.07 -3.37 55.20
CA VAL J 69 -17.04 -2.35 55.02
C VAL J 69 -16.93 -1.97 53.55
N LEU J 70 -16.98 -2.95 52.65
CA LEU J 70 -16.93 -2.65 51.22
C LEU J 70 -18.09 -1.76 50.82
N GLN J 71 -19.31 -2.11 51.23
CA GLN J 71 -20.48 -1.35 50.80
C GLN J 71 -20.46 0.07 51.38
N ILE J 72 -20.07 0.21 52.65
CA ILE J 72 -20.09 1.54 53.26
C ILE J 72 -18.99 2.41 52.70
N LYS J 73 -17.82 1.83 52.39
CA LYS J 73 -16.77 2.63 51.75
C LYS J 73 -17.19 3.04 50.34
N SER J 74 -17.88 2.15 49.62
CA SER J 74 -18.40 2.52 48.32
C SER J 74 -19.41 3.67 48.42
N TYR J 75 -20.30 3.61 49.41
CA TYR J 75 -21.28 4.68 49.59
C TYR J 75 -20.64 5.99 50.00
N ILE J 76 -19.55 5.93 50.78
CA ILE J 76 -18.81 7.14 51.11
C ILE J 76 -18.15 7.73 49.87
N LYS J 77 -17.54 6.88 49.03
CA LYS J 77 -16.99 7.36 47.77
C LYS J 77 -18.07 7.92 46.85
N VAL J 78 -19.30 7.42 46.97
CA VAL J 78 -20.42 8.00 46.24
C VAL J 78 -20.73 9.40 46.75
N VAL J 79 -20.95 9.54 48.06
CA VAL J 79 -21.39 10.83 48.60
C VAL J 79 -20.28 11.86 48.58
N ALA J 80 -19.04 11.44 48.36
CA ALA J 80 -17.94 12.40 48.18
C ALA J 80 -18.20 13.34 47.01
N VAL J 81 -18.71 12.80 45.89
CA VAL J 81 -18.86 13.65 44.71
C VAL J 81 -19.98 14.67 44.91
N GLN J 82 -21.05 14.30 45.63
CA GLN J 82 -22.07 15.28 45.96
C GLN J 82 -21.56 16.32 46.96
N LEU J 83 -20.73 15.89 47.91
CA LEU J 83 -20.07 16.87 48.78
C LEU J 83 -19.24 17.85 47.99
N SER J 84 -18.50 17.36 46.99
CA SER J 84 -17.66 18.24 46.17
C SER J 84 -18.50 19.16 45.30
N GLU J 85 -19.62 18.67 44.77
CA GLU J 85 -20.52 19.52 44.01
C GLU J 85 -21.12 20.62 44.89
N GLU J 86 -21.49 20.27 46.12
CA GLU J 86 -22.00 21.29 47.05
C GLU J 86 -20.93 22.32 47.38
N GLU J 87 -19.68 21.87 47.57
CA GLU J 87 -18.60 22.82 47.80
C GLU J 87 -18.39 23.74 46.61
N GLU J 88 -18.45 23.19 45.39
CA GLU J 88 -18.29 24.02 44.19
C GLU J 88 -19.42 25.03 44.05
N LYS J 89 -20.65 24.62 44.35
CA LYS J 89 -21.77 25.56 44.32
C LYS J 89 -21.61 26.64 45.39
N VAL J 90 -21.12 26.27 46.58
CA VAL J 90 -20.85 27.27 47.62
C VAL J 90 -19.78 28.25 47.15
N ASN J 91 -18.74 27.76 46.47
CA ASN J 91 -17.71 28.67 45.96
C ASN J 91 -18.27 29.60 44.90
N LYS J 92 -19.12 29.09 44.00
CA LYS J 92 -19.76 29.94 43.01
C LYS J 92 -20.63 31.00 43.68
N GLN J 93 -21.38 30.62 44.71
CA GLN J 93 -22.27 31.57 45.36
C GLN J 93 -21.49 32.59 46.18
N LYS J 94 -20.37 32.20 46.78
CA LYS J 94 -19.50 33.17 47.43
C LYS J 94 -18.87 34.13 46.42
N GLU J 95 -18.50 33.63 45.24
CA GLU J 95 -18.06 34.51 44.16
C GLU J 95 -19.12 35.55 43.82
N VAL J 96 -20.37 35.11 43.63
CA VAL J 96 -21.40 36.05 43.20
C VAL J 96 -21.75 37.02 44.32
N VAL J 97 -21.71 36.57 45.58
CA VAL J 97 -21.95 37.48 46.70
C VAL J 97 -20.82 38.49 46.83
N LEU J 98 -19.57 38.07 46.58
CA LEU J 98 -18.46 39.01 46.56
C LEU J 98 -18.63 40.03 45.44
N ALA J 99 -19.10 39.59 44.28
CA ALA J 99 -19.38 40.52 43.19
C ALA J 99 -20.48 41.51 43.57
N ALA J 100 -21.54 41.03 44.22
CA ALA J 100 -22.63 41.92 44.62
C ALA J 100 -22.18 42.93 45.66
N SER J 101 -21.37 42.49 46.64
CA SER J 101 -20.97 43.38 47.72
C SER J 101 -19.99 44.45 47.22
N LYS J 102 -19.09 44.08 46.31
CA LYS J 102 -18.29 45.06 45.59
C LYS J 102 -19.14 45.88 44.63
N GLU K 33 -50.82 35.44 30.41
CA GLU K 33 -52.00 34.89 29.75
C GLU K 33 -51.59 33.83 28.73
N LYS K 34 -50.40 34.02 28.14
CA LYS K 34 -49.69 32.89 27.53
C LYS K 34 -49.34 31.84 28.57
N LEU K 35 -48.85 32.28 29.74
CA LEU K 35 -48.40 31.33 30.76
C LEU K 35 -49.55 30.51 31.31
N ARG K 36 -50.73 31.12 31.45
CA ARG K 36 -51.92 30.36 31.81
C ARG K 36 -52.20 29.26 30.80
N GLU K 37 -52.15 29.59 29.51
CA GLU K 37 -52.40 28.60 28.46
C GLU K 37 -51.41 27.45 28.54
N LYS K 38 -50.12 27.77 28.68
CA LYS K 38 -49.10 26.72 28.63
C LYS K 38 -49.06 25.90 29.90
N GLU K 39 -49.36 26.50 31.06
CA GLU K 39 -49.51 25.71 32.28
C GLU K 39 -50.74 24.80 32.22
N ALA K 40 -51.84 25.26 31.60
CA ALA K 40 -52.97 24.36 31.39
C ALA K 40 -52.60 23.20 30.47
N GLU K 41 -51.87 23.49 29.40
CA GLU K 41 -51.46 22.45 28.47
C GLU K 41 -50.47 21.48 29.11
N ARG K 42 -49.69 21.96 30.08
CA ARG K 42 -48.84 21.06 30.87
C ARG K 42 -49.67 20.25 31.87
N ASP K 43 -50.68 20.86 32.48
CA ASP K 43 -51.43 20.18 33.54
C ASP K 43 -52.34 19.10 32.99
N LYS K 44 -52.89 19.27 31.79
CA LYS K 44 -53.63 18.18 31.17
C LYS K 44 -52.73 16.97 30.91
N VAL K 45 -51.51 17.20 30.43
CA VAL K 45 -50.57 16.10 30.20
C VAL K 45 -50.15 15.48 31.52
N LYS K 46 -49.95 16.30 32.55
CA LYS K 46 -49.61 15.77 33.88
C LYS K 46 -50.74 14.89 34.42
N ASN K 47 -51.99 15.33 34.26
CA ASN K 47 -53.12 14.54 34.73
C ASN K 47 -53.23 13.23 33.97
N HIS K 48 -53.04 13.27 32.65
CA HIS K 48 -53.02 12.03 31.88
C HIS K 48 -51.88 11.11 32.33
N TYR K 49 -50.73 11.69 32.64
CA TYR K 49 -49.57 10.89 33.05
C TYR K 49 -49.79 10.21 34.39
N MET K 50 -50.38 10.94 35.35
CA MET K 50 -50.74 10.30 36.63
C MET K 50 -51.87 9.29 36.48
N GLN K 51 -52.81 9.53 35.56
CA GLN K 51 -53.80 8.49 35.27
C GLN K 51 -53.14 7.23 34.73
N LYS K 52 -52.15 7.39 33.86
CA LYS K 52 -51.43 6.22 33.34
C LYS K 52 -50.62 5.52 34.42
N ILE K 53 -50.06 6.29 35.36
CA ILE K 53 -49.39 5.68 36.51
C ILE K 53 -50.38 4.87 37.35
N GLN K 54 -51.57 5.44 37.58
CA GLN K 54 -52.59 4.72 38.34
C GLN K 54 -53.03 3.45 37.62
N GLN K 55 -53.14 3.51 36.28
CA GLN K 55 -53.53 2.35 35.51
C GLN K 55 -52.44 1.29 35.52
N LEU K 56 -51.18 1.71 35.42
CA LEU K 56 -50.06 0.83 35.75
C LEU K 56 -50.28 0.13 37.07
N ARG K 57 -50.57 0.90 38.13
CA ARG K 57 -50.59 0.33 39.46
C ARG K 57 -51.74 -0.66 39.64
N ASP K 58 -52.92 -0.34 39.09
CA ASP K 58 -54.05 -1.22 39.30
C ASP K 58 -54.07 -2.40 38.33
N LEU K 59 -53.39 -2.32 37.18
CA LEU K 59 -53.10 -3.54 36.42
C LEU K 59 -51.99 -4.37 37.02
N LEU K 60 -51.07 -3.77 37.80
CA LEU K 60 -50.23 -4.56 38.68
C LEU K 60 -51.05 -5.31 39.72
N ASP K 61 -52.03 -4.62 40.33
CA ASP K 61 -52.81 -5.25 41.38
C ASP K 61 -53.76 -6.31 40.83
N GLU K 62 -54.26 -6.12 39.60
CA GLU K 62 -55.32 -6.99 39.10
C GLU K 62 -54.82 -8.40 38.85
N GLY K 63 -53.60 -8.55 38.33
CA GLY K 63 -53.16 -9.82 37.80
C GLY K 63 -53.43 -9.97 36.32
N THR K 64 -52.96 -9.02 35.52
CA THR K 64 -52.86 -9.20 34.08
C THR K 64 -51.65 -10.07 33.74
N THR K 65 -51.43 -10.25 32.44
CA THR K 65 -50.25 -10.95 31.94
C THR K 65 -49.14 -9.95 31.63
N SER K 66 -48.08 -10.43 30.98
CA SER K 66 -46.91 -9.58 30.78
C SER K 66 -47.07 -8.66 29.57
N ASP K 67 -47.88 -9.05 28.58
CA ASP K 67 -48.21 -8.16 27.48
C ASP K 67 -48.72 -6.81 27.98
N ALA K 68 -49.70 -6.83 28.89
CA ALA K 68 -50.33 -5.60 29.34
C ALA K 68 -49.31 -4.69 30.01
N VAL K 69 -48.50 -5.25 30.90
CA VAL K 69 -47.57 -4.43 31.67
C VAL K 69 -46.44 -3.92 30.79
N LEU K 70 -45.94 -4.76 29.87
CA LEU K 70 -44.92 -4.29 28.94
C LEU K 70 -45.43 -3.15 28.07
N GLN K 71 -46.64 -3.30 27.52
CA GLN K 71 -47.18 -2.26 26.65
C GLN K 71 -47.47 -0.98 27.43
N ILE K 72 -48.00 -1.10 28.64
CA ILE K 72 -48.30 0.11 29.40
C ILE K 72 -47.02 0.80 29.86
N LYS K 73 -45.97 0.03 30.18
CA LYS K 73 -44.69 0.66 30.51
C LYS K 73 -44.08 1.34 29.30
N SER K 74 -44.21 0.72 28.12
CA SER K 74 -43.76 1.38 26.90
C SER K 74 -44.52 2.67 26.65
N TYR K 75 -45.84 2.65 26.85
CA TYR K 75 -46.64 3.87 26.65
C TYR K 75 -46.33 4.93 27.68
N ILE K 76 -45.99 4.54 28.91
CA ILE K 76 -45.55 5.50 29.92
C ILE K 76 -44.21 6.12 29.53
N LYS K 77 -43.27 5.31 29.04
CA LYS K 77 -42.01 5.87 28.55
C LYS K 77 -42.24 6.76 27.34
N VAL K 78 -43.27 6.50 26.55
CA VAL K 78 -43.62 7.39 25.44
C VAL K 78 -44.13 8.72 25.97
N VAL K 79 -45.13 8.69 26.84
CA VAL K 79 -45.72 9.94 27.33
C VAL K 79 -44.78 10.69 28.26
N ALA K 80 -43.71 10.04 28.72
CA ALA K 80 -42.66 10.75 29.43
C ALA K 80 -42.05 11.86 28.58
N VAL K 81 -41.82 11.61 27.29
CA VAL K 81 -41.20 12.64 26.48
C VAL K 81 -42.16 13.80 26.26
N GLN K 82 -43.47 13.53 26.15
CA GLN K 82 -44.44 14.61 26.04
C GLN K 82 -44.54 15.41 27.34
N LEU K 83 -44.47 14.73 28.48
CA LEU K 83 -44.40 15.44 29.76
C LEU K 83 -43.17 16.33 29.82
N SER K 84 -42.02 15.83 29.36
CA SER K 84 -40.79 16.61 29.41
C SER K 84 -40.84 17.79 28.44
N GLU K 85 -41.43 17.60 27.26
CA GLU K 85 -41.62 18.71 26.32
C GLU K 85 -42.54 19.77 26.90
N GLU K 86 -43.62 19.37 27.57
CA GLU K 86 -44.50 20.35 28.19
C GLU K 86 -43.78 21.08 29.32
N GLU K 87 -42.98 20.38 30.11
CA GLU K 87 -42.17 21.04 31.13
C GLU K 87 -41.20 22.04 30.52
N GLU K 88 -40.56 21.66 29.40
CA GLU K 88 -39.64 22.57 28.73
C GLU K 88 -40.37 23.79 28.19
N LYS K 89 -41.57 23.61 27.66
CA LYS K 89 -42.37 24.76 27.21
C LYS K 89 -42.72 25.67 28.38
N VAL K 90 -43.07 25.08 29.52
CA VAL K 90 -43.38 25.89 30.71
C VAL K 90 -42.16 26.69 31.15
N ASN K 91 -40.98 26.06 31.13
CA ASN K 91 -39.76 26.78 31.50
C ASN K 91 -39.44 27.89 30.50
N LYS K 92 -39.61 27.62 29.20
CA LYS K 92 -39.39 28.66 28.20
C LYS K 92 -40.33 29.84 28.39
N GLN K 93 -41.60 29.57 28.70
CA GLN K 93 -42.55 30.66 28.91
C GLN K 93 -42.28 31.41 30.21
N LYS K 94 -41.80 30.71 31.25
CA LYS K 94 -41.37 31.39 32.47
C LYS K 94 -40.17 32.29 32.21
N GLU K 95 -39.26 31.88 31.32
CA GLU K 95 -38.09 32.70 31.01
C GLU K 95 -38.49 34.09 30.57
N VAL K 96 -39.40 34.20 29.59
CA VAL K 96 -39.81 35.51 29.10
C VAL K 96 -40.65 36.25 30.13
N VAL K 97 -41.50 35.52 30.87
CA VAL K 97 -42.14 36.05 32.06
C VAL K 97 -41.12 36.28 33.17
N LYS L 22 -53.09 57.77 3.72
CA LYS L 22 -54.03 57.40 2.69
C LYS L 22 -53.36 56.55 1.61
N GLU L 23 -52.05 56.75 1.42
CA GLU L 23 -51.26 55.80 0.64
C GLU L 23 -51.25 54.43 1.29
N LYS L 24 -51.10 54.38 2.62
CA LYS L 24 -51.04 53.10 3.31
C LYS L 24 -52.36 52.35 3.23
N ARG L 25 -53.48 53.07 3.20
CA ARG L 25 -54.78 52.43 3.00
C ARG L 25 -54.84 51.73 1.65
N ARG L 26 -54.34 52.38 0.58
CA ARG L 26 -54.36 51.76 -0.74
C ARG L 26 -53.37 50.59 -0.81
N LEU L 27 -52.22 50.71 -0.14
CA LEU L 27 -51.30 49.58 -0.09
C LEU L 27 -51.93 48.38 0.60
N LEU L 28 -52.62 48.61 1.73
CA LEU L 28 -53.32 47.51 2.38
C LEU L 28 -54.46 46.96 1.53
N GLU L 29 -55.12 47.83 0.75
CA GLU L 29 -56.19 47.36 -0.14
C GLU L 29 -55.64 46.43 -1.22
N ILE L 30 -54.51 46.80 -1.84
CA ILE L 30 -53.95 45.94 -2.88
C ILE L 30 -53.37 44.66 -2.27
N GLU L 31 -52.86 44.73 -1.04
CA GLU L 31 -52.45 43.51 -0.35
C GLU L 31 -53.65 42.61 -0.06
N GLN L 32 -54.79 43.19 0.33
CA GLN L 32 -56.01 42.40 0.49
C GLN L 32 -56.43 41.76 -0.82
N GLU L 33 -56.29 42.49 -1.94
CA GLU L 33 -56.66 41.93 -3.24
C GLU L 33 -55.78 40.74 -3.62
N LYS L 34 -54.46 40.88 -3.42
CA LYS L 34 -53.56 39.76 -3.68
C LYS L 34 -53.81 38.59 -2.73
N LEU L 35 -54.16 38.89 -1.47
CA LEU L 35 -54.52 37.85 -0.53
C LEU L 35 -55.76 37.10 -0.97
N ARG L 36 -56.76 37.82 -1.49
CA ARG L 36 -57.94 37.15 -2.05
C ARG L 36 -57.57 36.25 -3.21
N GLU L 37 -56.70 36.73 -4.11
CA GLU L 37 -56.25 35.90 -5.22
C GLU L 37 -55.62 34.60 -4.71
N LYS L 38 -54.68 34.72 -3.78
CA LYS L 38 -53.93 33.53 -3.37
C LYS L 38 -54.77 32.59 -2.50
N GLU L 39 -55.70 33.14 -1.71
CA GLU L 39 -56.61 32.29 -0.97
C GLU L 39 -57.59 31.56 -1.89
N ALA L 40 -58.03 32.20 -2.98
CA ALA L 40 -58.80 31.46 -3.98
C ALA L 40 -57.98 30.35 -4.61
N GLU L 41 -56.70 30.63 -4.92
CA GLU L 41 -55.85 29.61 -5.52
C GLU L 41 -55.59 28.46 -4.55
N ARG L 42 -55.61 28.73 -3.24
CA ARG L 42 -55.54 27.65 -2.27
C ARG L 42 -56.87 26.91 -2.13
N ASP L 43 -57.99 27.64 -2.17
CA ASP L 43 -59.28 27.05 -1.87
C ASP L 43 -59.74 26.14 -2.98
N LYS L 44 -59.39 26.45 -4.23
CA LYS L 44 -59.70 25.52 -5.31
C LYS L 44 -59.01 24.16 -5.09
N VAL L 45 -57.73 24.19 -4.71
CA VAL L 45 -57.01 22.94 -4.49
C VAL L 45 -57.56 22.21 -3.27
N LYS L 46 -57.90 22.95 -2.21
CA LYS L 46 -58.48 22.34 -1.01
C LYS L 46 -59.81 21.66 -1.34
N ASN L 47 -60.67 22.33 -2.11
CA ASN L 47 -61.96 21.77 -2.46
C ASN L 47 -61.79 20.53 -3.33
N HIS L 48 -60.87 20.59 -4.29
CA HIS L 48 -60.59 19.40 -5.13
C HIS L 48 -60.11 18.25 -4.22
N TYR L 49 -59.25 18.54 -3.24
CA TYR L 49 -58.68 17.51 -2.39
C TYR L 49 -59.75 16.84 -1.54
N MET L 50 -60.66 17.63 -0.97
CA MET L 50 -61.76 17.03 -0.21
C MET L 50 -62.73 16.26 -1.10
N GLN L 51 -62.97 16.75 -2.33
CA GLN L 51 -63.77 15.95 -3.27
C GLN L 51 -63.10 14.61 -3.55
N LYS L 52 -61.77 14.62 -3.67
CA LYS L 52 -61.02 13.37 -3.98
C LYS L 52 -61.10 12.44 -2.78
N ILE L 53 -61.04 12.98 -1.56
CA ILE L 53 -61.19 12.13 -0.37
C ILE L 53 -62.57 11.48 -0.34
N GLN L 54 -63.61 12.28 -0.62
CA GLN L 54 -64.97 11.72 -0.62
C GLN L 54 -65.13 10.66 -1.71
N GLN L 55 -64.50 10.87 -2.87
CA GLN L 55 -64.57 9.88 -3.94
C GLN L 55 -63.81 8.62 -3.57
N LEU L 56 -62.65 8.77 -2.92
CA LEU L 56 -61.99 7.64 -2.27
C LEU L 56 -62.97 6.85 -1.42
N ARG L 57 -63.67 7.55 -0.51
CA ARG L 57 -64.49 6.83 0.46
C ARG L 57 -65.67 6.13 -0.21
N ASP L 58 -66.31 6.78 -1.18
CA ASP L 58 -67.49 6.16 -1.75
C ASP L 58 -67.15 5.11 -2.80
N LEU L 59 -65.97 5.15 -3.42
CA LEU L 59 -65.54 3.99 -4.20
C LEU L 59 -65.00 2.85 -3.35
N LEU L 60 -64.51 3.15 -2.14
CA LEU L 60 -64.34 2.09 -1.14
C LEU L 60 -65.67 1.43 -0.79
N ASP L 61 -66.71 2.24 -0.61
CA ASP L 61 -68.03 1.69 -0.32
C ASP L 61 -68.60 0.93 -1.52
N GLU L 62 -68.26 1.35 -2.74
CA GLU L 62 -68.78 0.66 -3.93
C GLU L 62 -68.22 -0.76 -4.03
N GLY L 63 -66.95 -0.95 -3.69
CA GLY L 63 -66.29 -2.22 -3.95
C GLY L 63 -65.55 -2.31 -5.27
N THR L 64 -64.64 -1.37 -5.52
CA THR L 64 -63.77 -1.45 -6.68
C THR L 64 -62.67 -2.49 -6.44
N THR L 65 -61.76 -2.60 -7.41
CA THR L 65 -60.60 -3.46 -7.28
C THR L 65 -59.40 -2.65 -6.78
N SER L 66 -58.22 -3.27 -6.77
CA SER L 66 -57.08 -2.70 -6.04
C SER L 66 -56.32 -1.67 -6.88
N ASP L 67 -56.36 -1.80 -8.21
CA ASP L 67 -55.83 -0.75 -9.08
C ASP L 67 -56.38 0.62 -8.70
N ALA L 68 -57.70 0.71 -8.59
CA ALA L 68 -58.34 2.01 -8.38
C ALA L 68 -57.86 2.63 -7.08
N VAL L 69 -57.85 1.85 -6.00
CA VAL L 69 -57.52 2.42 -4.69
C VAL L 69 -56.04 2.76 -4.63
N LEU L 70 -55.17 1.89 -5.16
CA LEU L 70 -53.74 2.19 -5.15
C LEU L 70 -53.44 3.46 -5.94
N GLN L 71 -53.99 3.56 -7.15
CA GLN L 71 -53.71 4.73 -7.98
C GLN L 71 -54.30 6.00 -7.38
N ILE L 72 -55.50 5.93 -6.81
CA ILE L 72 -56.11 7.14 -6.27
C ILE L 72 -55.37 7.59 -5.02
N LYS L 73 -54.88 6.65 -4.20
CA LYS L 73 -54.08 7.04 -3.05
C LYS L 73 -52.75 7.64 -3.50
N SER L 74 -52.15 7.10 -4.56
CA SER L 74 -50.94 7.71 -5.10
C SER L 74 -51.19 9.13 -5.59
N TYR L 75 -52.29 9.34 -6.30
CA TYR L 75 -52.61 10.69 -6.80
C TYR L 75 -52.96 11.64 -5.67
N ILE L 76 -53.57 11.15 -4.60
CA ILE L 76 -53.78 11.98 -3.42
C ILE L 76 -52.45 12.39 -2.79
N LYS L 77 -51.51 11.45 -2.67
CA LYS L 77 -50.19 11.79 -2.17
C LYS L 77 -49.47 12.77 -3.09
N VAL L 78 -49.77 12.72 -4.39
CA VAL L 78 -49.22 13.70 -5.33
C VAL L 78 -49.79 15.08 -5.06
N VAL L 79 -51.13 15.19 -5.04
CA VAL L 79 -51.76 16.50 -4.90
C VAL L 79 -51.59 17.08 -3.50
N ALA L 80 -51.17 16.26 -2.55
CA ALA L 80 -50.85 16.76 -1.22
C ALA L 80 -49.75 17.81 -1.27
N VAL L 81 -48.72 17.60 -2.08
CA VAL L 81 -47.60 18.53 -2.08
C VAL L 81 -48.01 19.86 -2.69
N GLN L 82 -48.88 19.83 -3.71
CA GLN L 82 -49.39 21.07 -4.26
C GLN L 82 -50.30 21.79 -3.28
N LEU L 83 -51.12 21.05 -2.54
CA LEU L 83 -51.92 21.66 -1.48
C LEU L 83 -51.03 22.34 -0.43
N SER L 84 -49.94 21.67 -0.03
CA SER L 84 -49.06 22.22 0.98
C SER L 84 -48.29 23.44 0.46
N GLU L 85 -47.89 23.42 -0.81
CA GLU L 85 -47.26 24.59 -1.41
C GLU L 85 -48.23 25.77 -1.46
N GLU L 86 -49.50 25.51 -1.79
CA GLU L 86 -50.49 26.58 -1.76
C GLU L 86 -50.70 27.12 -0.35
N GLU L 87 -50.70 26.22 0.65
CA GLU L 87 -50.79 26.67 2.04
C GLU L 87 -49.61 27.54 2.42
N GLU L 88 -48.39 27.17 1.99
CA GLU L 88 -47.22 27.97 2.29
C GLU L 88 -47.27 29.33 1.61
N LYS L 89 -47.76 29.37 0.36
CA LYS L 89 -47.95 30.65 -0.31
C LYS L 89 -48.97 31.53 0.41
N VAL L 90 -50.05 30.91 0.89
CA VAL L 90 -51.04 31.65 1.68
C VAL L 90 -50.42 32.19 2.96
N ASN L 91 -49.58 31.40 3.62
CA ASN L 91 -48.95 31.86 4.85
C ASN L 91 -47.98 33.01 4.58
N LYS L 92 -47.21 32.93 3.50
CA LYS L 92 -46.35 34.05 3.11
C LYS L 92 -47.17 35.31 2.80
N GLN L 93 -48.29 35.14 2.11
CA GLN L 93 -49.12 36.31 1.78
C GLN L 93 -49.80 36.89 3.01
N LYS L 94 -50.15 36.04 3.98
CA LYS L 94 -50.65 36.53 5.26
C LYS L 94 -49.56 37.30 6.01
N GLU L 95 -48.31 36.83 5.94
CA GLU L 95 -47.19 37.60 6.48
C GLU L 95 -47.14 38.99 5.84
N VAL L 96 -47.22 39.06 4.52
CA VAL L 96 -47.05 40.34 3.84
C VAL L 96 -48.24 41.26 4.10
N VAL L 97 -49.44 40.69 4.18
CA VAL L 97 -50.63 41.48 4.50
C VAL L 97 -50.58 41.99 5.94
N LEU L 98 -50.08 41.18 6.87
CA LEU L 98 -49.87 41.64 8.23
C LEU L 98 -48.86 42.79 8.27
N ALA L 99 -47.79 42.69 7.48
CA ALA L 99 -46.85 43.80 7.37
C ALA L 99 -47.54 45.06 6.85
N ALA L 100 -48.38 44.92 5.81
CA ALA L 100 -49.08 46.07 5.26
C ALA L 100 -50.01 46.70 6.28
N SER L 101 -50.73 45.87 7.04
CA SER L 101 -51.67 46.39 8.03
C SER L 101 -50.94 47.07 9.20
N LYS L 102 -49.82 46.51 9.64
CA LYS L 102 -49.02 47.16 10.67
C LYS L 102 -48.43 48.47 10.17
N GLU L 103 -48.06 48.55 8.89
CA GLU L 103 -47.58 49.81 8.33
C GLU L 103 -48.69 50.83 8.18
N LEU L 104 -49.93 50.39 7.91
CA LEU L 104 -51.08 51.27 8.02
C LEU L 104 -51.22 51.83 9.42
N GLU L 105 -51.23 50.95 10.43
CA GLU L 105 -51.56 51.38 11.79
C GLU L 105 -50.40 52.12 12.47
N LYS L 106 -49.19 52.03 11.93
CA LYS L 106 -48.17 53.04 12.20
C LYS L 106 -48.60 54.41 11.72
N ALA L 107 -49.18 54.48 10.52
CA ALA L 107 -49.28 55.74 9.79
C ALA L 107 -50.42 56.60 10.32
N ILE M 30 -38.21 56.79 -25.30
CA ILE M 30 -37.49 55.99 -26.29
C ILE M 30 -37.65 54.50 -25.96
N GLU M 31 -38.01 54.21 -24.72
CA GLU M 31 -38.11 52.82 -24.28
C GLU M 31 -39.37 52.14 -24.78
N GLN M 32 -40.43 52.91 -25.04
CA GLN M 32 -41.62 52.34 -25.67
C GLN M 32 -41.32 51.89 -27.11
N GLU M 33 -40.49 52.66 -27.82
CA GLU M 33 -40.09 52.26 -29.17
C GLU M 33 -39.23 51.00 -29.14
N LYS M 34 -38.33 50.90 -28.15
CA LYS M 34 -37.59 49.65 -27.94
C LYS M 34 -38.53 48.49 -27.64
N LEU M 35 -39.56 48.74 -26.84
CA LEU M 35 -40.53 47.68 -26.53
C LEU M 35 -41.27 47.23 -27.78
N ARG M 36 -41.66 48.18 -28.65
CA ARG M 36 -42.29 47.80 -29.90
C ARG M 36 -41.35 46.99 -30.79
N GLU M 37 -40.08 47.40 -30.87
CA GLU M 37 -39.08 46.62 -31.59
C GLU M 37 -39.04 45.17 -31.07
N LYS M 38 -38.91 45.02 -29.76
CA LYS M 38 -38.71 43.68 -29.20
C LYS M 38 -39.98 42.84 -29.33
N GLU M 39 -41.16 43.46 -29.21
CA GLU M 39 -42.40 42.71 -29.35
C GLU M 39 -42.63 42.29 -30.80
N ALA M 40 -42.23 43.12 -31.77
CA ALA M 40 -42.28 42.67 -33.16
C ALA M 40 -41.32 41.52 -33.41
N GLU M 41 -40.10 41.61 -32.87
CA GLU M 41 -39.12 40.55 -33.07
C GLU M 41 -39.52 39.26 -32.38
N ARG M 42 -40.28 39.35 -31.29
CA ARG M 42 -40.85 38.15 -30.67
C ARG M 42 -42.04 37.62 -31.45
N ASP M 43 -42.88 38.51 -32.00
CA ASP M 43 -44.10 38.06 -32.66
C ASP M 43 -43.81 37.41 -34.00
N LYS M 44 -42.77 37.82 -34.70
CA LYS M 44 -42.37 37.10 -35.91
C LYS M 44 -41.97 35.66 -35.58
N VAL M 45 -41.20 35.46 -34.51
CA VAL M 45 -40.82 34.12 -34.08
C VAL M 45 -42.04 33.33 -33.61
N LYS M 46 -42.96 33.99 -32.91
CA LYS M 46 -44.20 33.33 -32.49
C LYS M 46 -45.01 32.86 -33.69
N ASN M 47 -45.13 33.70 -34.71
CA ASN M 47 -45.87 33.31 -35.91
C ASN M 47 -45.19 32.16 -36.62
N HIS M 48 -43.86 32.19 -36.72
CA HIS M 48 -43.14 31.05 -37.32
C HIS M 48 -43.36 29.77 -36.52
N TYR M 49 -43.35 29.87 -35.19
CA TYR M 49 -43.49 28.67 -34.36
C TYR M 49 -44.90 28.08 -34.48
N MET M 50 -45.92 28.93 -34.51
CA MET M 50 -47.27 28.42 -34.75
C MET M 50 -47.44 27.88 -36.18
N GLN M 51 -46.77 28.48 -37.16
CA GLN M 51 -46.75 27.87 -38.50
C GLN M 51 -46.14 26.47 -38.47
N LYS M 52 -45.04 26.31 -37.73
CA LYS M 52 -44.43 24.98 -37.64
C LYS M 52 -45.32 23.99 -36.92
N ILE M 53 -46.03 24.44 -35.88
CA ILE M 53 -46.99 23.57 -35.19
C ILE M 53 -48.10 23.14 -36.15
N GLN M 54 -48.64 24.10 -36.91
CA GLN M 54 -49.71 23.78 -37.84
C GLN M 54 -49.23 22.83 -38.93
N GLN M 55 -47.99 23.01 -39.40
CA GLN M 55 -47.46 22.12 -40.43
C GLN M 55 -47.22 20.71 -39.88
N LEU M 56 -46.69 20.61 -38.64
CA LEU M 56 -46.67 19.35 -37.93
C LEU M 56 -48.05 18.68 -37.93
N ARG M 57 -49.08 19.43 -37.52
CA ARG M 57 -50.40 18.84 -37.36
C ARG M 57 -50.97 18.40 -38.71
N ASP M 58 -50.74 19.19 -39.75
CA ASP M 58 -51.33 18.88 -41.05
C ASP M 58 -50.56 17.80 -41.80
N LEU M 59 -49.26 17.61 -41.51
CA LEU M 59 -48.56 16.44 -42.03
C LEU M 59 -48.84 15.18 -41.23
N LEU M 60 -49.22 15.31 -39.95
CA LEU M 60 -49.83 14.19 -39.24
C LEU M 60 -51.16 13.81 -39.89
N ASP M 61 -51.99 14.80 -40.22
CA ASP M 61 -53.29 14.50 -40.83
C ASP M 61 -53.15 13.96 -42.25
N GLU M 62 -52.11 14.37 -42.98
CA GLU M 62 -51.93 13.89 -44.35
C GLU M 62 -51.63 12.40 -44.40
N GLY M 63 -50.81 11.90 -43.48
CA GLY M 63 -50.19 10.60 -43.65
C GLY M 63 -48.85 10.69 -44.34
N THR M 64 -47.96 11.54 -43.83
CA THR M 64 -46.57 11.52 -44.23
C THR M 64 -45.85 10.35 -43.55
N THR M 65 -44.53 10.28 -43.76
CA THR M 65 -43.74 9.18 -43.24
C THR M 65 -43.18 9.57 -41.87
N SER M 66 -42.31 8.72 -41.31
CA SER M 66 -41.71 9.02 -40.02
C SER M 66 -40.50 9.94 -40.14
N ASP M 67 -39.83 9.93 -41.29
CA ASP M 67 -38.77 10.89 -41.55
C ASP M 67 -39.27 12.32 -41.34
N ALA M 68 -40.41 12.65 -41.95
CA ALA M 68 -40.93 14.02 -41.89
C ALA M 68 -41.22 14.43 -40.45
N VAL M 69 -41.90 13.56 -39.69
CA VAL M 69 -42.33 13.94 -38.34
C VAL M 69 -41.13 14.03 -37.41
N LEU M 70 -40.17 13.11 -37.52
CA LEU M 70 -38.96 13.20 -36.73
C LEU M 70 -38.19 14.49 -37.02
N GLN M 71 -38.04 14.83 -38.31
CA GLN M 71 -37.30 16.03 -38.66
C GLN M 71 -38.01 17.30 -38.17
N ILE M 72 -39.34 17.34 -38.32
CA ILE M 72 -40.05 18.54 -37.89
C ILE M 72 -40.07 18.65 -36.38
N LYS M 73 -40.13 17.53 -35.65
CA LYS M 73 -40.03 17.59 -34.20
C LYS M 73 -38.65 18.04 -33.76
N SER M 74 -37.59 17.60 -34.46
CA SER M 74 -36.26 18.11 -34.15
C SER M 74 -36.15 19.61 -34.40
N TYR M 75 -36.70 20.09 -35.52
CA TYR M 75 -36.66 21.53 -35.80
C TYR M 75 -37.52 22.34 -34.83
N ILE M 76 -38.63 21.76 -34.34
CA ILE M 76 -39.40 22.40 -33.28
C ILE M 76 -38.60 22.48 -31.99
N LYS M 77 -37.88 21.40 -31.65
CA LYS M 77 -37.00 21.44 -30.49
C LYS M 77 -35.89 22.47 -30.67
N VAL M 78 -35.46 22.71 -31.90
CA VAL M 78 -34.50 23.79 -32.17
C VAL M 78 -35.14 25.15 -31.91
N VAL M 79 -36.26 25.43 -32.57
CA VAL M 79 -36.86 26.76 -32.51
C VAL M 79 -37.50 27.06 -31.16
N ALA M 80 -37.68 26.05 -30.31
CA ALA M 80 -38.08 26.31 -28.93
C ALA M 80 -37.08 27.22 -28.22
N VAL M 81 -35.79 27.01 -28.45
CA VAL M 81 -34.78 27.81 -27.79
C VAL M 81 -34.79 29.25 -28.31
N GLN M 82 -35.06 29.42 -29.62
CA GLN M 82 -35.16 30.77 -30.15
C GLN M 82 -36.41 31.49 -29.63
N LEU M 83 -37.52 30.78 -29.52
CA LEU M 83 -38.71 31.34 -28.90
C LEU M 83 -38.45 31.74 -27.45
N SER M 84 -37.73 30.90 -26.70
CA SER M 84 -37.45 31.22 -25.30
C SER M 84 -36.50 32.40 -25.17
N GLU M 85 -35.51 32.50 -26.07
CA GLU M 85 -34.64 33.67 -26.08
C GLU M 85 -35.42 34.95 -26.39
N GLU M 86 -36.34 34.88 -27.34
CA GLU M 86 -37.18 36.05 -27.63
C GLU M 86 -38.05 36.41 -26.44
N GLU M 87 -38.61 35.41 -25.76
CA GLU M 87 -39.40 35.67 -24.55
C GLU M 87 -38.56 36.31 -23.46
N GLU M 88 -37.33 35.84 -23.27
CA GLU M 88 -36.45 36.43 -22.26
C GLU M 88 -36.09 37.87 -22.60
N LYS M 89 -35.84 38.15 -23.89
CA LYS M 89 -35.59 39.53 -24.31
C LYS M 89 -36.82 40.42 -24.07
N VAL M 90 -38.02 39.88 -24.35
CA VAL M 90 -39.25 40.62 -24.07
C VAL M 90 -39.39 40.90 -22.58
N ASN M 91 -39.06 39.91 -21.74
CA ASN M 91 -39.15 40.13 -20.30
C ASN M 91 -38.16 41.18 -19.81
N LYS M 92 -36.93 41.15 -20.33
CA LYS M 92 -35.96 42.20 -20.01
C LYS M 92 -36.46 43.58 -20.44
N GLN M 93 -37.04 43.66 -21.64
CA GLN M 93 -37.51 44.95 -22.12
C GLN M 93 -38.74 45.44 -21.34
N LYS M 94 -39.59 44.51 -20.90
CA LYS M 94 -40.69 44.88 -20.01
C LYS M 94 -40.17 45.36 -18.66
N GLU M 95 -39.10 44.74 -18.15
CA GLU M 95 -38.43 45.26 -16.96
C GLU M 95 -38.00 46.71 -17.18
N VAL M 96 -37.34 46.98 -18.31
CA VAL M 96 -36.79 48.31 -18.52
C VAL M 96 -37.89 49.34 -18.75
N VAL M 97 -38.97 48.94 -19.43
CA VAL M 97 -40.09 49.85 -19.67
C VAL M 97 -40.83 50.14 -18.36
N LEU M 98 -40.99 49.13 -17.51
CA LEU M 98 -41.60 49.37 -16.20
C LEU M 98 -40.73 50.29 -15.34
N ALA M 99 -39.41 50.11 -15.41
CA ALA M 99 -38.50 51.00 -14.69
C ALA M 99 -38.62 52.43 -15.20
N ALA M 100 -38.72 52.61 -16.51
CA ALA M 100 -38.84 53.95 -17.07
C ALA M 100 -40.21 54.56 -16.80
N SER M 101 -41.25 53.73 -16.64
CA SER M 101 -42.53 54.22 -16.17
C SER M 101 -42.46 54.68 -14.72
N LYS M 102 -41.72 53.94 -13.88
CA LYS M 102 -41.60 54.31 -12.48
C LYS M 102 -40.73 55.55 -12.27
N GLU M 103 -39.87 55.89 -13.23
CA GLU M 103 -39.45 57.27 -13.44
C GLU M 103 -40.66 58.19 -13.58
N GLU N 33 -5.87 60.45 -29.90
CA GLU N 33 -4.77 60.55 -30.85
C GLU N 33 -4.08 59.19 -31.01
N LYS N 34 -3.99 58.44 -29.92
CA LYS N 34 -3.61 57.03 -29.99
C LYS N 34 -4.75 56.15 -30.48
N LEU N 35 -6.00 56.58 -30.26
CA LEU N 35 -7.15 55.79 -30.73
C LEU N 35 -7.13 55.67 -32.24
N ARG N 36 -6.87 56.78 -32.95
CA ARG N 36 -6.80 56.73 -34.39
C ARG N 36 -5.59 55.93 -34.87
N GLU N 37 -4.48 55.99 -34.14
CA GLU N 37 -3.32 55.17 -34.46
C GLU N 37 -3.67 53.69 -34.41
N LYS N 38 -4.30 53.24 -33.33
CA LYS N 38 -4.62 51.82 -33.20
C LYS N 38 -5.73 51.40 -34.15
N GLU N 39 -6.67 52.31 -34.46
CA GLU N 39 -7.69 51.97 -35.45
C GLU N 39 -7.09 51.86 -36.86
N ALA N 40 -6.09 52.69 -37.18
CA ALA N 40 -5.36 52.51 -38.44
C ALA N 40 -4.61 51.19 -38.46
N GLU N 41 -3.97 50.83 -37.34
CA GLU N 41 -3.23 49.57 -37.28
C GLU N 41 -4.16 48.36 -37.37
N ARG N 42 -5.41 48.51 -36.93
CA ARG N 42 -6.41 47.48 -37.14
C ARG N 42 -6.92 47.47 -38.58
N ASP N 43 -7.10 48.65 -39.19
CA ASP N 43 -7.72 48.73 -40.50
C ASP N 43 -6.78 48.25 -41.59
N LYS N 44 -5.47 48.46 -41.43
CA LYS N 44 -4.52 47.86 -42.37
C LYS N 44 -4.61 46.33 -42.36
N VAL N 45 -4.71 45.74 -41.16
CA VAL N 45 -4.83 44.29 -41.07
C VAL N 45 -6.16 43.83 -41.64
N LYS N 46 -7.23 44.58 -41.39
CA LYS N 46 -8.53 44.25 -41.95
C LYS N 46 -8.50 44.28 -43.48
N ASN N 47 -7.88 45.31 -44.05
CA ASN N 47 -7.78 45.41 -45.51
C ASN N 47 -6.95 44.28 -46.08
N HIS N 48 -5.83 43.94 -45.45
CA HIS N 48 -5.04 42.79 -45.89
C HIS N 48 -5.82 41.50 -45.80
N TYR N 49 -6.61 41.33 -44.73
CA TYR N 49 -7.36 40.10 -44.53
C TYR N 49 -8.46 39.94 -45.57
N MET N 50 -9.17 41.04 -45.88
CA MET N 50 -10.16 40.98 -46.95
C MET N 50 -9.52 40.82 -48.33
N GLN N 51 -8.32 41.37 -48.55
CA GLN N 51 -7.57 41.02 -49.75
C GLN N 51 -7.28 39.53 -49.81
N LYS N 52 -6.93 38.92 -48.67
CA LYS N 52 -6.71 37.49 -48.64
C LYS N 52 -7.98 36.71 -48.94
N ILE N 53 -9.12 37.18 -48.43
CA ILE N 53 -10.39 36.54 -48.73
C ILE N 53 -10.71 36.64 -50.22
N GLN N 54 -10.49 37.82 -50.81
CA GLN N 54 -10.76 38.02 -52.23
C GLN N 54 -9.86 37.14 -53.09
N GLN N 55 -8.59 37.01 -52.71
CA GLN N 55 -7.68 36.18 -53.48
C GLN N 55 -8.02 34.70 -53.36
N LEU N 56 -8.37 34.25 -52.14
CA LEU N 56 -8.99 32.94 -51.99
C LEU N 56 -10.15 32.74 -52.95
N ARG N 57 -11.08 33.68 -52.97
CA ARG N 57 -12.32 33.49 -53.71
C ARG N 57 -12.08 33.46 -55.21
N ASP N 58 -11.18 34.32 -55.72
CA ASP N 58 -10.97 34.33 -57.16
C ASP N 58 -10.03 33.23 -57.64
N LEU N 59 -9.18 32.67 -56.76
CA LEU N 59 -8.50 31.44 -57.15
C LEU N 59 -9.41 30.22 -57.03
N LEU N 60 -10.43 30.27 -56.17
CA LEU N 60 -11.51 29.29 -56.25
C LEU N 60 -12.27 29.39 -57.57
N ASP N 61 -12.56 30.62 -58.00
CA ASP N 61 -13.26 30.80 -59.28
C ASP N 61 -12.38 30.43 -60.47
N GLU N 62 -11.06 30.58 -60.34
CA GLU N 62 -10.15 30.00 -61.32
C GLU N 62 -10.21 28.47 -61.29
N GLY N 63 -10.33 27.89 -60.10
CA GLY N 63 -10.51 26.45 -59.97
C GLY N 63 -9.23 25.68 -59.78
N THR N 64 -8.44 26.08 -58.78
CA THR N 64 -7.09 25.57 -58.60
C THR N 64 -7.13 24.16 -58.01
N THR N 65 -5.96 23.62 -57.70
CA THR N 65 -5.86 22.33 -57.02
C THR N 65 -5.78 22.55 -55.51
N SER N 66 -5.54 21.48 -54.76
CA SER N 66 -5.82 21.48 -53.33
C SER N 66 -4.68 22.06 -52.51
N ASP N 67 -3.45 21.98 -53.00
CA ASP N 67 -2.33 22.68 -52.37
C ASP N 67 -2.64 24.16 -52.15
N ALA N 68 -3.09 24.83 -53.21
CA ALA N 68 -3.31 26.28 -53.13
C ALA N 68 -4.37 26.62 -52.09
N VAL N 69 -5.50 25.91 -52.12
CA VAL N 69 -6.60 26.27 -51.23
C VAL N 69 -6.26 25.91 -49.78
N LEU N 70 -5.60 24.78 -49.56
CA LEU N 70 -5.16 24.44 -48.21
C LEU N 70 -4.20 25.48 -47.66
N GLN N 71 -3.21 25.89 -48.47
CA GLN N 71 -2.23 26.86 -47.99
C GLN N 71 -2.88 28.21 -47.71
N ILE N 72 -3.80 28.65 -48.59
CA ILE N 72 -4.43 29.95 -48.38
C ILE N 72 -5.36 29.91 -47.17
N LYS N 73 -6.05 28.78 -46.94
CA LYS N 73 -6.88 28.66 -45.76
C LYS N 73 -6.04 28.63 -44.49
N SER N 74 -4.88 27.97 -44.54
CA SER N 74 -3.95 28.01 -43.40
C SER N 74 -3.49 29.42 -43.11
N TYR N 75 -3.13 30.18 -44.16
CA TYR N 75 -2.68 31.55 -43.95
C TYR N 75 -3.81 32.46 -43.44
N ILE N 76 -5.04 32.23 -43.90
CA ILE N 76 -6.16 33.00 -43.39
C ILE N 76 -6.41 32.68 -41.91
N LYS N 77 -6.38 31.39 -41.55
CA LYS N 77 -6.59 31.03 -40.16
C LYS N 77 -5.45 31.52 -39.26
N VAL N 78 -4.21 31.57 -39.76
CA VAL N 78 -3.13 32.09 -38.95
C VAL N 78 -3.27 33.60 -38.75
N VAL N 79 -3.49 34.35 -39.83
CA VAL N 79 -3.64 35.80 -39.69
C VAL N 79 -4.93 36.20 -38.98
N ALA N 80 -5.86 35.25 -38.81
CA ALA N 80 -7.03 35.49 -37.98
C ALA N 80 -6.65 35.87 -36.56
N VAL N 81 -5.64 35.22 -35.99
CA VAL N 81 -5.29 35.52 -34.60
C VAL N 81 -4.68 36.90 -34.48
N GLN N 82 -3.91 37.35 -35.48
CA GLN N 82 -3.40 38.72 -35.48
C GLN N 82 -4.53 39.72 -35.65
N LEU N 83 -5.51 39.41 -36.50
CA LEU N 83 -6.70 40.26 -36.60
C LEU N 83 -7.41 40.37 -35.26
N SER N 84 -7.54 39.25 -34.55
CA SER N 84 -8.22 39.27 -33.25
C SER N 84 -7.41 40.04 -32.21
N GLU N 85 -6.09 39.94 -32.26
CA GLU N 85 -5.24 40.74 -31.37
C GLU N 85 -5.41 42.22 -31.64
N GLU N 86 -5.47 42.61 -32.92
CA GLU N 86 -5.72 44.01 -33.25
C GLU N 86 -7.09 44.47 -32.78
N GLU N 87 -8.10 43.61 -32.92
CA GLU N 87 -9.43 43.94 -32.40
C GLU N 87 -9.41 44.12 -30.88
N GLU N 88 -8.69 43.25 -30.18
CA GLU N 88 -8.59 43.38 -28.72
C GLU N 88 -7.87 44.66 -28.32
N LYS N 89 -6.81 45.03 -29.04
CA LYS N 89 -6.13 46.29 -28.75
C LYS N 89 -7.05 47.49 -29.01
N VAL N 90 -7.84 47.44 -30.08
CA VAL N 90 -8.81 48.49 -30.35
C VAL N 90 -9.84 48.58 -29.24
N ASN N 91 -10.30 47.42 -28.75
CA ASN N 91 -11.28 47.44 -27.66
C ASN N 91 -10.69 48.01 -26.37
N LYS N 92 -9.43 47.67 -26.06
CA LYS N 92 -8.76 48.26 -24.91
C LYS N 92 -8.64 49.77 -25.06
N GLN N 93 -8.28 50.24 -26.26
CA GLN N 93 -8.12 51.68 -26.48
C GLN N 93 -9.46 52.40 -26.44
N LYS N 94 -10.53 51.77 -26.91
CA LYS N 94 -11.87 52.33 -26.74
C LYS N 94 -12.27 52.38 -25.27
N GLU N 95 -11.90 51.36 -24.50
CA GLU N 95 -12.11 51.42 -23.05
C GLU N 95 -11.43 52.64 -22.45
N VAL N 96 -10.14 52.84 -22.76
CA VAL N 96 -9.39 53.90 -22.08
C VAL N 96 -9.84 55.27 -22.58
N VAL N 97 -10.17 55.40 -23.87
CA VAL N 97 -10.89 56.56 -24.37
C VAL N 97 -12.32 56.58 -23.85
N GLU O 31 22.07 64.04 -13.90
CA GLU O 31 21.43 62.87 -14.50
C GLU O 31 21.66 62.82 -16.00
N GLN O 32 21.70 63.99 -16.64
CA GLN O 32 21.95 64.06 -18.07
C GLN O 32 23.35 63.61 -18.43
N GLU O 33 24.34 63.89 -17.57
CA GLU O 33 25.71 63.52 -17.86
C GLU O 33 25.94 62.03 -17.69
N LYS O 34 25.31 61.43 -16.68
CA LYS O 34 25.25 59.97 -16.60
C LYS O 34 24.57 59.38 -17.82
N LEU O 35 23.52 60.03 -18.32
CA LEU O 35 22.85 59.55 -19.53
C LEU O 35 23.78 59.59 -20.73
N ARG O 36 24.57 60.67 -20.87
CA ARG O 36 25.54 60.74 -21.96
C ARG O 36 26.60 59.65 -21.84
N GLU O 37 27.11 59.42 -20.62
CA GLU O 37 28.08 58.35 -20.41
C GLU O 37 27.51 57.00 -20.82
N LYS O 38 26.28 56.70 -20.37
CA LYS O 38 25.73 55.37 -20.59
C LYS O 38 25.30 55.17 -22.04
N GLU O 39 24.83 56.23 -22.70
CA GLU O 39 24.57 56.14 -24.14
C GLU O 39 25.85 55.99 -24.94
N ALA O 40 26.95 56.61 -24.51
CA ALA O 40 28.24 56.35 -25.17
C ALA O 40 28.67 54.90 -24.99
N GLU O 41 28.52 54.36 -23.78
CA GLU O 41 28.89 52.97 -23.54
C GLU O 41 27.99 51.99 -24.28
N ARG O 42 26.73 52.38 -24.53
CA ARG O 42 25.85 51.58 -25.36
C ARG O 42 26.22 51.70 -26.84
N ASP O 43 26.62 52.88 -27.29
CA ASP O 43 26.95 53.09 -28.69
C ASP O 43 28.25 52.41 -29.06
N LYS O 44 29.20 52.31 -28.12
CA LYS O 44 30.38 51.49 -28.37
C LYS O 44 30.01 50.04 -28.64
N VAL O 45 29.10 49.49 -27.83
CA VAL O 45 28.68 48.10 -28.01
C VAL O 45 27.91 47.95 -29.32
N LYS O 46 27.07 48.93 -29.66
CA LYS O 46 26.33 48.90 -30.92
C LYS O 46 27.29 48.93 -32.11
N ASN O 47 28.30 49.79 -32.06
CA ASN O 47 29.25 49.88 -33.16
C ASN O 47 30.06 48.60 -33.30
N HIS O 48 30.48 48.01 -32.17
CA HIS O 48 31.16 46.72 -32.24
C HIS O 48 30.24 45.65 -32.82
N TYR O 49 28.96 45.67 -32.44
CA TYR O 49 28.03 44.65 -32.91
C TYR O 49 27.80 44.76 -34.42
N MET O 50 27.65 45.99 -34.94
CA MET O 50 27.55 46.16 -36.39
C MET O 50 28.85 45.85 -37.12
N GLN O 51 30.01 46.12 -36.51
CA GLN O 51 31.25 45.63 -37.08
C GLN O 51 31.26 44.10 -37.18
N LYS O 52 30.77 43.43 -36.14
CA LYS O 52 30.69 41.97 -36.17
C LYS O 52 29.70 41.48 -37.23
N ILE O 53 28.60 42.20 -37.42
CA ILE O 53 27.66 41.87 -38.48
C ILE O 53 28.33 42.00 -39.85
N GLN O 54 29.07 43.09 -40.05
CA GLN O 54 29.75 43.30 -41.33
C GLN O 54 30.79 42.22 -41.59
N GLN O 55 31.52 41.81 -40.55
CA GLN O 55 32.52 40.76 -40.70
C GLN O 55 31.85 39.41 -40.96
N LEU O 56 30.75 39.12 -40.26
CA LEU O 56 29.91 37.99 -40.62
C LEU O 56 29.58 37.97 -42.10
N ARG O 57 29.06 39.09 -42.63
CA ARG O 57 28.56 39.08 -44.00
C ARG O 57 29.69 38.93 -45.00
N ASP O 58 30.82 39.62 -44.77
CA ASP O 58 31.87 39.55 -45.78
C ASP O 58 32.72 38.29 -45.69
N LEU O 59 32.78 37.64 -44.52
CA LEU O 59 33.32 36.27 -44.49
C LEU O 59 32.34 35.22 -44.99
N LEU O 60 31.03 35.47 -44.95
CA LEU O 60 30.12 34.67 -45.75
C LEU O 60 30.41 34.83 -47.24
N ASP O 61 30.65 36.07 -47.68
CA ASP O 61 30.92 36.30 -49.10
C ASP O 61 32.28 35.72 -49.50
N GLU O 62 33.26 35.70 -48.60
CA GLU O 62 34.54 35.06 -48.90
C GLU O 62 34.38 33.55 -49.04
N GLY O 63 33.57 32.93 -48.18
CA GLY O 63 33.34 31.50 -48.27
C GLY O 63 34.28 30.66 -47.43
N THR O 64 34.36 30.99 -46.14
CA THR O 64 35.06 30.14 -45.19
C THR O 64 34.21 28.91 -44.83
N THR O 65 34.73 28.10 -43.91
CA THR O 65 34.14 26.81 -43.61
C THR O 65 33.19 26.94 -42.41
N SER O 66 32.70 25.80 -41.92
CA SER O 66 31.55 25.80 -41.03
C SER O 66 31.95 26.06 -39.58
N ASP O 67 33.19 25.74 -39.20
CA ASP O 67 33.74 26.25 -37.96
C ASP O 67 33.56 27.76 -37.86
N ALA O 68 33.95 28.48 -38.91
CA ALA O 68 33.93 29.94 -38.86
C ALA O 68 32.53 30.45 -38.61
N VAL O 69 31.55 29.94 -39.37
CA VAL O 69 30.20 30.47 -39.27
C VAL O 69 29.56 30.07 -37.94
N LEU O 70 29.77 28.83 -37.50
CA LEU O 70 29.22 28.40 -36.21
C LEU O 70 29.78 29.25 -35.08
N GLN O 71 31.11 29.44 -35.05
CA GLN O 71 31.71 30.18 -33.96
C GLN O 71 31.31 31.65 -34.00
N ILE O 72 31.25 32.25 -35.19
CA ILE O 72 30.89 33.67 -35.25
C ILE O 72 29.43 33.87 -34.89
N LYS O 73 28.56 32.93 -35.27
CA LYS O 73 27.16 33.01 -34.87
C LYS O 73 27.02 32.84 -33.36
N SER O 74 27.80 31.94 -32.77
CA SER O 74 27.79 31.79 -31.32
C SER O 74 28.24 33.08 -30.63
N TYR O 75 29.30 33.70 -31.14
CA TYR O 75 29.80 34.93 -30.53
C TYR O 75 28.84 36.10 -30.72
N ILE O 76 28.12 36.14 -31.85
CA ILE O 76 27.09 37.15 -32.03
C ILE O 76 25.93 36.93 -31.06
N LYS O 77 25.50 35.68 -30.88
CA LYS O 77 24.48 35.39 -29.87
C LYS O 77 24.97 35.73 -28.47
N VAL O 78 26.28 35.62 -28.23
CA VAL O 78 26.84 36.05 -26.95
C VAL O 78 26.73 37.55 -26.79
N VAL O 79 27.24 38.31 -27.75
CA VAL O 79 27.27 39.76 -27.61
C VAL O 79 25.87 40.36 -27.70
N ALA O 80 24.89 39.58 -28.16
CA ALA O 80 23.50 40.01 -28.06
C ALA O 80 23.09 40.25 -26.62
N VAL O 81 23.50 39.39 -25.69
CA VAL O 81 23.05 39.58 -24.31
C VAL O 81 23.72 40.79 -23.68
N GLN O 82 24.97 41.07 -24.04
CA GLN O 82 25.61 42.29 -23.56
C GLN O 82 24.98 43.54 -24.16
N LEU O 83 24.60 43.47 -25.44
CA LEU O 83 23.82 44.56 -26.04
C LEU O 83 22.51 44.78 -25.31
N SER O 84 21.84 43.68 -24.93
CA SER O 84 20.57 43.80 -24.23
C SER O 84 20.74 44.36 -22.82
N GLU O 85 21.81 43.97 -22.13
CA GLU O 85 22.11 44.57 -20.83
C GLU O 85 22.42 46.06 -20.96
N GLU O 86 23.16 46.46 -22.00
CA GLU O 86 23.40 47.88 -22.21
C GLU O 86 22.12 48.63 -22.51
N GLU O 87 21.22 48.04 -23.30
CA GLU O 87 19.91 48.64 -23.53
C GLU O 87 19.12 48.77 -22.23
N GLU O 88 19.18 47.75 -21.38
CA GLU O 88 18.47 47.80 -20.10
C GLU O 88 19.04 48.91 -19.21
N LYS O 89 20.36 49.08 -19.20
CA LYS O 89 20.97 50.17 -18.46
C LYS O 89 20.53 51.54 -19.03
N VAL O 90 20.45 51.63 -20.37
CA VAL O 90 19.99 52.87 -20.98
C VAL O 90 18.56 53.18 -20.56
N ASN O 91 17.70 52.16 -20.52
CA ASN O 91 16.33 52.36 -20.04
C ASN O 91 16.29 52.77 -18.58
N LYS O 92 17.13 52.14 -17.74
CA LYS O 92 17.19 52.52 -16.33
C LYS O 92 17.58 53.98 -16.16
N GLN O 93 18.56 54.44 -16.94
CA GLN O 93 18.97 55.84 -16.85
C GLN O 93 17.92 56.77 -17.43
N LYS O 94 17.24 56.35 -18.50
CA LYS O 94 16.18 57.18 -19.09
C LYS O 94 15.02 57.37 -18.11
N GLU O 95 14.67 56.32 -17.35
CA GLU O 95 13.61 56.46 -16.36
C GLU O 95 13.92 57.58 -15.37
N VAL O 96 15.12 57.58 -14.79
CA VAL O 96 15.45 58.57 -13.78
C VAL O 96 15.65 59.95 -14.42
N VAL O 97 16.19 60.03 -15.64
CA VAL O 97 16.38 61.32 -16.29
C VAL O 97 15.03 61.96 -16.63
N LEU O 98 14.07 61.17 -17.13
CA LEU O 98 12.76 61.69 -17.45
C LEU O 98 11.93 61.96 -16.20
N ALA O 99 12.20 61.27 -15.09
CA ALA O 99 11.71 61.71 -13.80
C ALA O 99 12.26 63.07 -13.42
N ALA O 100 13.57 63.28 -13.65
CA ALA O 100 14.17 64.57 -13.35
C ALA O 100 13.62 65.67 -14.26
N SER O 101 13.39 65.36 -15.53
CA SER O 101 12.70 66.26 -16.43
C SER O 101 11.24 66.45 -16.02
N GLU P 39 40.69 51.30 5.07
CA GLU P 39 41.55 51.60 3.93
C GLU P 39 43.01 51.36 4.26
N ALA P 40 43.39 51.64 5.50
CA ALA P 40 44.72 51.27 5.99
C ALA P 40 44.89 49.76 6.00
N GLU P 41 43.87 49.03 6.46
CA GLU P 41 43.95 47.56 6.48
C GLU P 41 43.96 46.99 5.07
N ARG P 42 43.36 47.69 4.10
CA ARG P 42 43.27 47.15 2.75
C ARG P 42 44.59 47.24 2.01
N ASP P 43 45.35 48.31 2.23
CA ASP P 43 46.50 48.60 1.37
C ASP P 43 47.67 47.66 1.64
N LYS P 44 47.85 47.25 2.90
CA LYS P 44 48.85 46.23 3.20
C LYS P 44 48.53 44.91 2.50
N VAL P 45 47.25 44.50 2.52
CA VAL P 45 46.85 43.28 1.82
C VAL P 45 47.03 43.42 0.33
N LYS P 46 46.72 44.60 -0.22
CA LYS P 46 46.92 44.86 -1.64
C LYS P 46 48.40 44.75 -2.02
N ASN P 47 49.28 45.35 -1.22
CA ASN P 47 50.71 45.29 -1.50
C ASN P 47 51.22 43.85 -1.40
N HIS P 48 50.76 43.11 -0.38
CA HIS P 48 51.13 41.71 -0.26
C HIS P 48 50.66 40.90 -1.47
N TYR P 49 49.44 41.19 -1.95
CA TYR P 49 48.88 40.44 -3.07
C TYR P 49 49.65 40.70 -4.35
N MET P 50 50.01 41.96 -4.62
CA MET P 50 50.83 42.24 -5.80
C MET P 50 52.25 41.70 -5.66
N GLN P 51 52.82 41.70 -4.45
CA GLN P 51 54.12 41.05 -4.24
C GLN P 51 54.03 39.57 -4.56
N LYS P 52 52.97 38.90 -4.11
CA LYS P 52 52.82 37.48 -4.40
C LYS P 52 52.58 37.22 -5.88
N ILE P 53 51.86 38.10 -6.57
CA ILE P 53 51.69 37.95 -8.02
C ILE P 53 53.04 38.05 -8.73
N GLN P 54 53.85 39.05 -8.34
CA GLN P 54 55.16 39.20 -8.97
C GLN P 54 56.05 38.01 -8.67
N GLN P 55 55.98 37.48 -7.44
CA GLN P 55 56.79 36.31 -7.10
C GLN P 55 56.32 35.06 -7.83
N LEU P 56 55.01 34.88 -7.97
CA LEU P 56 54.46 33.88 -8.88
C LEU P 56 55.08 33.99 -10.27
N ARG P 57 55.08 35.20 -10.84
CA ARG P 57 55.55 35.36 -12.21
C ARG P 57 57.04 35.06 -12.32
N ASP P 58 57.82 35.46 -11.31
CA ASP P 58 59.26 35.28 -11.40
C ASP P 58 59.69 33.85 -11.08
N LEU P 59 58.89 33.10 -10.29
CA LEU P 59 59.10 31.67 -10.17
C LEU P 59 58.57 30.87 -11.36
N LEU P 60 57.59 31.40 -12.10
CA LEU P 60 57.32 30.88 -13.44
C LEU P 60 58.52 31.07 -14.36
N ASP P 61 59.13 32.25 -14.31
CA ASP P 61 60.26 32.55 -15.20
C ASP P 61 61.50 31.75 -14.82
N GLU P 62 61.68 31.42 -13.53
CA GLU P 62 62.83 30.61 -13.13
C GLU P 62 62.75 29.20 -13.71
N GLY P 63 61.55 28.61 -13.72
CA GLY P 63 61.43 27.21 -14.09
C GLY P 63 61.49 26.27 -12.90
N THR P 64 60.63 26.50 -11.91
CA THR P 64 60.50 25.57 -10.79
C THR P 64 59.70 24.34 -11.22
N THR P 65 59.44 23.45 -10.26
CA THR P 65 58.62 22.27 -10.51
C THR P 65 57.16 22.58 -10.17
N SER P 66 56.31 21.55 -10.20
CA SER P 66 54.88 21.78 -10.14
C SER P 66 54.36 21.93 -8.72
N ASP P 67 55.07 21.39 -7.72
CA ASP P 67 54.76 21.69 -6.33
C ASP P 67 54.67 23.19 -6.10
N ALA P 68 55.68 23.93 -6.56
CA ALA P 68 55.73 25.37 -6.28
C ALA P 68 54.54 26.08 -6.89
N VAL P 69 54.23 25.79 -8.16
CA VAL P 69 53.17 26.53 -8.84
C VAL P 69 51.80 26.15 -8.28
N LEU P 70 51.59 24.86 -7.99
CA LEU P 70 50.32 24.44 -7.40
C LEU P 70 50.11 25.10 -6.04
N GLN P 71 51.12 25.09 -5.18
CA GLN P 71 50.96 25.67 -3.85
C GLN P 71 50.78 27.18 -3.91
N ILE P 72 51.54 27.86 -4.77
CA ILE P 72 51.43 29.31 -4.84
C ILE P 72 50.10 29.73 -5.44
N LYS P 73 49.60 28.97 -6.43
CA LYS P 73 48.29 29.27 -6.98
C LYS P 73 47.19 29.00 -5.96
N SER P 74 47.34 27.94 -5.16
CA SER P 74 46.37 27.68 -4.09
C SER P 74 46.36 28.82 -3.07
N TYR P 75 47.54 29.30 -2.67
CA TYR P 75 47.59 30.39 -1.71
C TYR P 75 47.10 31.71 -2.30
N ILE P 76 47.31 31.94 -3.60
CA ILE P 76 46.73 33.12 -4.24
C ILE P 76 45.21 33.04 -4.25
N LYS P 77 44.65 31.86 -4.57
CA LYS P 77 43.20 31.70 -4.47
C LYS P 77 42.70 31.85 -3.03
N VAL P 78 43.53 31.50 -2.05
CA VAL P 78 43.17 31.74 -0.65
C VAL P 78 43.11 33.23 -0.36
N VAL P 79 44.19 33.96 -0.67
CA VAL P 79 44.26 35.38 -0.34
C VAL P 79 43.34 36.22 -1.20
N ALA P 80 42.81 35.66 -2.29
CA ALA P 80 41.81 36.37 -3.07
C ALA P 80 40.58 36.71 -2.22
N VAL P 81 40.13 35.78 -1.38
CA VAL P 81 38.94 36.05 -0.59
C VAL P 81 39.23 37.11 0.47
N GLN P 82 40.45 37.13 1.02
CA GLN P 82 40.80 38.18 1.97
C GLN P 82 40.91 39.53 1.29
N LEU P 83 41.46 39.57 0.06
CA LEU P 83 41.44 40.80 -0.72
C LEU P 83 40.01 41.28 -0.96
N SER P 84 39.10 40.36 -1.29
CA SER P 84 37.72 40.74 -1.55
C SER P 84 37.02 41.23 -0.29
N GLU P 85 37.31 40.60 0.86
CA GLU P 85 36.76 41.07 2.13
C GLU P 85 37.28 42.47 2.47
N GLU P 86 38.57 42.72 2.23
CA GLU P 86 39.10 44.05 2.48
C GLU P 86 38.48 45.10 1.56
N GLU P 87 38.28 44.74 0.28
CA GLU P 87 37.60 45.65 -0.64
C GLU P 87 36.17 45.92 -0.20
N GLU P 88 35.46 44.89 0.26
CA GLU P 88 34.09 45.06 0.74
C GLU P 88 34.05 45.95 1.99
N LYS P 89 35.02 45.78 2.88
CA LYS P 89 35.10 46.66 4.04
C LYS P 89 35.38 48.11 3.62
N VAL P 90 36.22 48.31 2.61
CA VAL P 90 36.48 49.65 2.11
C VAL P 90 35.21 50.26 1.54
N ASN P 91 34.43 49.47 0.79
CA ASN P 91 33.17 49.99 0.26
C ASN P 91 32.16 50.30 1.36
N LYS P 92 32.06 49.43 2.37
CA LYS P 92 31.18 49.71 3.50
C LYS P 92 31.58 50.97 4.24
N GLN P 93 32.89 51.18 4.44
CA GLN P 93 33.33 52.40 5.12
C GLN P 93 33.13 53.63 4.25
N LYS P 94 33.28 53.50 2.92
CA LYS P 94 32.98 54.62 2.03
C LYS P 94 31.52 55.00 2.10
N GLU P 95 30.64 53.99 2.21
CA GLU P 95 29.24 54.27 2.55
C GLU P 95 29.13 55.01 3.88
N VAL P 96 29.75 54.47 4.94
CA VAL P 96 29.52 54.99 6.27
C VAL P 96 30.25 56.32 6.50
N VAL P 97 31.49 56.42 6.01
CA VAL P 97 32.28 57.65 6.19
C VAL P 97 31.72 58.76 5.30
N ARG Q 42 36.35 38.68 35.63
CA ARG Q 42 36.94 38.19 34.39
C ARG Q 42 38.46 38.12 34.53
N ASP Q 43 39.02 39.06 35.30
CA ASP Q 43 40.47 39.13 35.43
C ASP Q 43 41.05 37.90 36.10
N LYS Q 44 40.35 37.37 37.11
CA LYS Q 44 40.85 36.19 37.81
C LYS Q 44 40.92 34.98 36.88
N VAL Q 45 39.91 34.77 36.04
CA VAL Q 45 39.90 33.61 35.15
C VAL Q 45 40.96 33.75 34.07
N LYS Q 46 41.11 34.95 33.52
CA LYS Q 46 42.18 35.21 32.54
C LYS Q 46 43.55 34.97 33.16
N ASN Q 47 43.77 35.46 34.37
CA ASN Q 47 45.07 35.31 35.03
C ASN Q 47 45.35 33.83 35.31
N HIS Q 48 44.35 33.09 35.77
CA HIS Q 48 44.54 31.66 36.01
C HIS Q 48 44.80 30.90 34.72
N TYR Q 49 44.14 31.29 33.62
CA TYR Q 49 44.39 30.66 32.33
C TYR Q 49 45.81 30.89 31.85
N MET Q 50 46.31 32.12 31.98
CA MET Q 50 47.70 32.38 31.61
C MET Q 50 48.68 31.67 32.56
N GLN Q 51 48.34 31.53 33.84
CA GLN Q 51 49.16 30.73 34.75
C GLN Q 51 49.22 29.28 34.30
N LYS Q 52 48.08 28.73 33.86
CA LYS Q 52 48.09 27.35 33.36
C LYS Q 52 48.93 27.22 32.10
N ILE Q 53 48.86 28.21 31.20
CA ILE Q 53 49.72 28.19 30.02
C ILE Q 53 51.19 28.21 30.42
N GLN Q 54 51.54 29.07 31.38
CA GLN Q 54 52.94 29.15 31.82
C GLN Q 54 53.40 27.84 32.44
N GLN Q 55 52.54 27.22 33.26
CA GLN Q 55 52.90 25.95 33.88
C GLN Q 55 53.07 24.85 32.84
N LEU Q 56 52.16 24.81 31.86
CA LEU Q 56 52.23 23.78 30.79
C LEU Q 56 53.55 23.96 30.03
N ARG Q 57 53.92 25.22 29.73
CA ARG Q 57 55.19 25.49 29.03
C ARG Q 57 56.33 24.94 29.88
N ASP Q 58 56.33 25.25 31.18
CA ASP Q 58 57.38 24.74 32.10
C ASP Q 58 57.45 23.21 32.01
N LEU Q 59 56.32 22.52 32.16
CA LEU Q 59 56.31 21.03 32.15
C LEU Q 59 56.93 20.50 30.85
N LEU Q 60 56.48 21.03 29.71
CA LEU Q 60 56.99 20.56 28.38
C LEU Q 60 58.51 20.78 28.34
N ASP Q 61 58.97 21.98 28.69
CA ASP Q 61 60.42 22.30 28.58
C ASP Q 61 61.22 21.51 29.62
N GLU Q 62 60.63 21.24 30.80
CA GLU Q 62 61.41 20.58 31.85
C GLU Q 62 61.62 19.10 31.55
N GLY Q 63 60.60 18.43 31.03
CA GLY Q 63 60.70 17.02 30.69
C GLY Q 63 59.91 16.14 31.63
N THR Q 64 58.72 15.71 31.19
CA THR Q 64 57.88 14.80 31.95
C THR Q 64 57.34 13.70 31.04
N THR Q 65 56.39 12.91 31.55
CA THR Q 65 55.64 11.99 30.72
C THR Q 65 54.49 12.72 30.05
N SER Q 66 53.62 11.97 29.35
CA SER Q 66 52.71 12.56 28.38
C SER Q 66 51.27 12.64 28.87
N ASP Q 67 50.88 11.78 29.81
CA ASP Q 67 49.56 11.92 30.45
C ASP Q 67 49.41 13.31 31.05
N ALA Q 68 50.48 13.83 31.66
CA ALA Q 68 50.41 15.14 32.31
C ALA Q 68 50.05 16.22 31.31
N VAL Q 69 50.78 16.30 30.19
CA VAL Q 69 50.49 17.33 29.21
C VAL Q 69 49.15 17.08 28.53
N LEU Q 70 48.78 15.81 28.32
CA LEU Q 70 47.47 15.50 27.73
C LEU Q 70 46.34 16.06 28.59
N GLN Q 71 46.38 15.84 29.89
CA GLN Q 71 45.26 16.30 30.71
C GLN Q 71 45.37 17.76 31.12
N ILE Q 72 46.58 18.35 31.10
CA ILE Q 72 46.68 19.81 31.10
C ILE Q 72 45.95 20.39 29.90
N LYS Q 73 46.18 19.83 28.70
CA LYS Q 73 45.45 20.29 27.53
C LYS Q 73 43.95 20.01 27.65
N SER Q 74 43.59 18.91 28.30
CA SER Q 74 42.18 18.63 28.58
C SER Q 74 41.55 19.77 29.39
N TYR Q 75 42.19 20.17 30.48
CA TYR Q 75 41.64 21.26 31.28
C TYR Q 75 41.69 22.60 30.55
N ILE Q 76 42.71 22.82 29.71
CA ILE Q 76 42.78 24.07 28.95
C ILE Q 76 41.67 24.14 27.89
N LYS Q 77 41.26 22.99 27.34
CA LYS Q 77 40.05 22.98 26.52
C LYS Q 77 38.78 23.08 27.36
N VAL Q 78 38.81 22.61 28.60
CA VAL Q 78 37.69 22.84 29.51
C VAL Q 78 37.44 24.32 29.70
N VAL Q 79 38.50 25.08 30.00
CA VAL Q 79 38.31 26.46 30.46
C VAL Q 79 37.77 27.34 29.34
N ALA Q 80 38.21 27.10 28.10
CA ALA Q 80 37.81 27.95 26.99
C ALA Q 80 36.33 27.83 26.67
N VAL Q 81 35.69 26.72 27.04
CA VAL Q 81 34.27 26.71 27.34
C VAL Q 81 33.99 27.51 28.60
N ARG R 25 -9.11 48.82 48.62
CA ARG R 25 -8.64 49.86 49.53
C ARG R 25 -7.49 49.32 50.39
N ARG R 26 -6.65 50.24 50.88
CA ARG R 26 -5.63 49.93 51.88
C ARG R 26 -4.67 48.86 51.35
N LEU R 27 -4.09 49.14 50.18
CA LEU R 27 -3.33 48.12 49.47
C LEU R 27 -1.96 47.87 50.08
N LEU R 28 -1.38 48.88 50.73
CA LEU R 28 -0.03 48.76 51.26
C LEU R 28 0.02 48.00 52.58
N GLU R 29 -1.12 47.78 53.23
CA GLU R 29 -1.18 47.03 54.48
C GLU R 29 -1.50 45.55 54.25
N ILE R 30 -2.59 45.26 53.52
CA ILE R 30 -3.04 43.88 53.37
C ILE R 30 -2.05 43.08 52.52
N GLU R 31 -1.47 43.71 51.50
CA GLU R 31 -0.43 43.06 50.71
C GLU R 31 0.80 42.77 51.55
N GLN R 32 1.18 43.71 52.43
CA GLN R 32 2.32 43.47 53.32
C GLN R 32 2.04 42.32 54.29
N GLU R 33 0.81 42.24 54.79
CA GLU R 33 0.47 41.16 55.73
C GLU R 33 0.42 39.81 55.02
N LYS R 34 -0.09 39.78 53.79
CA LYS R 34 -0.02 38.57 52.99
C LYS R 34 1.42 38.18 52.67
N LEU R 35 2.29 39.18 52.44
CA LEU R 35 3.71 38.91 52.27
C LEU R 35 4.31 38.28 53.51
N ARG R 36 3.96 38.78 54.69
CA ARG R 36 4.43 38.17 55.93
C ARG R 36 3.93 36.74 56.07
N GLU R 37 2.66 36.50 55.73
CA GLU R 37 2.12 35.15 55.78
C GLU R 37 2.88 34.20 54.84
N LYS R 38 3.14 34.65 53.61
CA LYS R 38 3.83 33.80 52.65
C LYS R 38 5.28 33.57 53.04
N GLU R 39 5.93 34.59 53.63
CA GLU R 39 7.29 34.39 54.12
C GLU R 39 7.32 33.42 55.30
N ALA R 40 6.29 33.46 56.16
CA ALA R 40 6.19 32.45 57.21
C ALA R 40 6.00 31.04 56.63
N GLU R 41 5.15 30.93 55.60
CA GLU R 41 4.92 29.64 54.98
C GLU R 41 6.16 29.12 54.26
N ARG R 42 7.02 30.02 53.78
CA ARG R 42 8.30 29.60 53.24
C ARG R 42 9.28 29.22 54.36
N ASP R 43 9.27 29.97 55.45
CA ASP R 43 10.28 29.77 56.48
C ASP R 43 10.04 28.51 57.28
N LYS R 44 8.77 28.11 57.47
CA LYS R 44 8.51 26.82 58.09
C LYS R 44 9.08 25.68 57.26
N VAL R 45 8.89 25.73 55.93
CA VAL R 45 9.43 24.68 55.06
C VAL R 45 10.95 24.73 55.05
N LYS R 46 11.52 25.93 55.02
CA LYS R 46 12.98 26.07 55.04
C LYS R 46 13.57 25.50 56.33
N ASN R 47 12.94 25.80 57.47
CA ASN R 47 13.42 25.29 58.75
C ASN R 47 13.29 23.77 58.82
N HIS R 48 12.18 23.22 58.32
CA HIS R 48 12.05 21.77 58.26
C HIS R 48 13.11 21.16 57.35
N TYR R 49 13.42 21.81 56.23
CA TYR R 49 14.39 21.27 55.29
C TYR R 49 15.78 21.26 55.89
N MET R 50 16.16 22.33 56.59
CA MET R 50 17.45 22.33 57.29
C MET R 50 17.49 21.36 58.47
N GLN R 51 16.37 21.18 59.18
CA GLN R 51 16.32 20.14 60.21
C GLN R 51 16.56 18.76 59.61
N LYS R 52 15.93 18.48 58.47
CA LYS R 52 16.13 17.19 57.82
C LYS R 52 17.55 17.04 57.29
N ILE R 53 18.17 18.12 56.80
CA ILE R 53 19.58 18.06 56.44
C ILE R 53 20.44 17.72 57.65
N GLN R 54 20.15 18.35 58.80
CA GLN R 54 20.90 18.04 60.02
C GLN R 54 20.71 16.58 60.43
N GLN R 55 19.49 16.06 60.28
CA GLN R 55 19.24 14.66 60.61
C GLN R 55 19.95 13.73 59.63
N LEU R 56 19.95 14.06 58.35
CA LEU R 56 20.83 13.40 57.39
C LEU R 56 22.26 13.34 57.90
N ARG R 57 22.81 14.49 58.29
CA ARG R 57 24.23 14.55 58.61
C ARG R 57 24.54 13.78 59.89
N ASP R 58 23.69 13.86 60.91
CA ASP R 58 24.01 13.19 62.16
C ASP R 58 23.66 11.70 62.14
N LEU R 59 22.75 11.25 61.25
CA LEU R 59 22.63 9.82 60.97
C LEU R 59 23.73 9.28 60.06
N LEU R 60 24.35 10.13 59.24
CA LEU R 60 25.63 9.76 58.64
C LEU R 60 26.71 9.59 59.70
N ASP R 61 26.77 10.52 60.66
CA ASP R 61 27.80 10.45 61.69
C ASP R 61 27.56 9.30 62.65
N GLU R 62 26.29 8.92 62.88
CA GLU R 62 26.00 7.69 63.61
C GLU R 62 26.46 6.47 62.82
N GLY R 63 26.31 6.50 61.50
CA GLY R 63 26.78 5.40 60.68
C GLY R 63 25.71 4.34 60.41
N THR R 64 24.57 4.77 59.88
CA THR R 64 23.45 3.87 59.67
C THR R 64 23.71 2.97 58.45
N THR R 65 22.72 2.15 58.11
CA THR R 65 22.79 1.33 56.91
C THR R 65 22.13 2.06 55.75
N SER R 66 21.97 1.37 54.63
CA SER R 66 21.61 2.04 53.39
C SER R 66 20.11 2.30 53.28
N ASP R 67 19.27 1.49 53.96
CA ASP R 67 17.86 1.79 54.06
C ASP R 67 17.63 3.23 54.53
N ALA R 68 18.28 3.60 55.64
CA ALA R 68 18.04 4.90 56.23
C ALA R 68 18.42 6.02 55.27
N VAL R 69 19.63 5.92 54.69
CA VAL R 69 20.13 7.02 53.88
C VAL R 69 19.34 7.12 52.58
N LEU R 70 19.00 5.98 51.97
CA LEU R 70 18.16 6.01 50.77
C LEU R 70 16.80 6.63 51.06
N GLN R 71 16.16 6.23 52.17
CA GLN R 71 14.84 6.74 52.46
C GLN R 71 14.87 8.23 52.74
N ILE R 72 15.88 8.68 53.51
CA ILE R 72 15.93 10.09 53.87
C ILE R 72 16.31 10.94 52.67
N LYS R 73 17.19 10.45 51.79
CA LYS R 73 17.53 11.19 50.59
C LYS R 73 16.33 11.27 49.64
N SER R 74 15.56 10.19 49.55
CA SER R 74 14.32 10.23 48.78
C SER R 74 13.35 11.26 49.34
N TYR R 75 13.20 11.31 50.66
CA TYR R 75 12.31 12.29 51.28
C TYR R 75 12.81 13.71 51.11
N ILE R 76 14.14 13.91 51.12
CA ILE R 76 14.69 15.24 50.86
C ILE R 76 14.42 15.67 49.42
N LYS R 77 14.60 14.76 48.46
CA LYS R 77 14.23 15.06 47.08
C LYS R 77 12.74 15.31 46.95
N VAL R 78 11.92 14.69 47.80
CA VAL R 78 10.50 14.99 47.83
C VAL R 78 10.25 16.42 48.30
N VAL R 79 10.78 16.78 49.47
CA VAL R 79 10.51 18.10 50.03
C VAL R 79 11.20 19.21 49.25
N ALA R 80 12.13 18.87 48.37
CA ALA R 80 12.73 19.86 47.49
C ALA R 80 11.67 20.54 46.62
N VAL R 81 10.71 19.79 46.09
CA VAL R 81 9.76 20.39 45.16
C VAL R 81 8.81 21.33 45.89
N GLN R 82 8.43 20.98 47.13
CA GLN R 82 7.61 21.90 47.92
C GLN R 82 8.40 23.13 48.34
N LEU R 83 9.68 22.95 48.67
CA LEU R 83 10.54 24.11 48.93
C LEU R 83 10.60 25.03 47.72
N SER R 84 10.73 24.45 46.52
CA SER R 84 10.81 25.27 45.31
C SER R 84 9.48 25.96 45.02
N GLU R 85 8.35 25.28 45.28
CA GLU R 85 7.05 25.93 45.12
C GLU R 85 6.90 27.10 46.08
N GLU R 86 7.33 26.93 47.33
CA GLU R 86 7.27 28.02 48.29
C GLU R 86 8.18 29.18 47.89
N GLU R 87 9.38 28.86 47.39
CA GLU R 87 10.26 29.91 46.90
C GLU R 87 9.64 30.67 45.74
N GLU R 88 9.00 29.96 44.80
CA GLU R 88 8.36 30.61 43.67
C GLU R 88 7.20 31.49 44.14
N LYS R 89 6.43 31.02 45.11
CA LYS R 89 5.34 31.83 45.65
C LYS R 89 5.87 33.09 46.33
N VAL R 90 6.99 32.96 47.07
CA VAL R 90 7.61 34.12 47.70
C VAL R 90 8.09 35.11 46.65
N ASN R 91 8.69 34.62 45.56
CA ASN R 91 9.15 35.51 44.51
C ASN R 91 7.98 36.23 43.82
N LYS R 92 6.90 35.50 43.56
CA LYS R 92 5.70 36.12 42.98
C LYS R 92 5.14 37.18 43.92
N GLN R 93 5.10 36.89 45.23
CA GLN R 93 4.54 37.84 46.18
C GLN R 93 5.43 39.06 46.35
N LYS R 94 6.76 38.88 46.29
CA LYS R 94 7.66 40.03 46.27
C LYS R 94 7.48 40.87 45.01
N GLU R 95 7.26 40.22 43.86
CA GLU R 95 6.90 40.95 42.65
C GLU R 95 5.65 41.80 42.87
N VAL R 96 4.58 41.19 43.40
CA VAL R 96 3.31 41.89 43.46
C VAL R 96 3.34 43.00 44.51
N VAL R 97 4.06 42.79 45.62
CA VAL R 97 4.23 43.86 46.61
C VAL R 97 5.10 44.98 46.05
N LEU R 98 6.12 44.63 45.27
CA LEU R 98 7.04 45.65 44.76
C LEU R 98 6.35 46.64 43.83
N ALA R 99 5.31 46.20 43.12
CA ALA R 99 4.33 47.10 42.54
C ALA R 99 3.64 47.94 43.63
#